data_9GA4
#
_entry.id   9GA4
#
_cell.length_a   1.00
_cell.length_b   1.00
_cell.length_c   1.00
_cell.angle_alpha   90.00
_cell.angle_beta   90.00
_cell.angle_gamma   90.00
#
_symmetry.space_group_name_H-M   'P 1'
#
loop_
_entity.id
_entity.type
_entity.pdbx_description
1 polymer 'UvrABC system protein A'
2 polymer 'UvrABC system protein B'
3 polymer DNA
4 non-polymer 'ZINC ION'
#
loop_
_entity_poly.entity_id
_entity_poly.type
_entity_poly.pdbx_seq_one_letter_code
_entity_poly.pdbx_strand_id
1 'polypeptide(L)'
;MGHHHHHHHHHHSSGHIEGRHMADRLIVKGAREHNLRSVDLDLPRDALIVFTGLSGSGKSSLAFDTIFAEGQRRYVESLS
AYARQFLGQMDKPDVDFIEGLSPAVSIDQKSTNRNPRSTVGTITEVYDYLRLLYARAGTPHCPTCGERVARQTPQQIVDQ
VLAMPEGTRFLVLAPVVRTRKGEFADLFDKLNAQGYSRVRVDGVVHPLTDPPKLKKQEKHDIEVVVDRLTVKAAAKRRLT
DSVETALNLADGIVVLEFVDHELGAPHREQRFSEKLACPNGHALAVDDLEPRSFSFNSPYGACPECSGLGIRKEVDPELV
VPDPDRTLAQGAVAPWSNGHTAEYFTRMMAGLGEALGFDVDTPWRKLPAKARKAILEGADEQVHVRYRNRYGRTRSYYAD
FEGVLAFLQRKMSQTESEQMKERYEGFMRDVPCPVCAGTRLKPEILAVTLAGESKGEHGAKSIAEVCELSIADCADFLNA
LTLGPREQAIAGQVLKEIRSRLGFLLDVGLEYLSLSRAAATLSGGEAQRIRLATQIGSGLVGVLYVLDEPSIGLHQRDNR
RLIETLTRLRDLGNTLIVVEHDEDTIEHADWIVDIGPGAGEHGGRIVHSGPYDELLRNKDSITGAYLSGRESIEIPAIRR
SVDPRRQLTVVGAREHNLRGIDVSFPLGVLTSVTGVSGSGKSTLVNDILAAVLANRLNGARQVPGRHTRVTGLDYLDKLV
RVDQSPIGRTPRSNPATYTGVFDKIRTLFAATTEAKVRGYQPGRFSFNVKGGRCEACTGDGTIKIEMNFLPDVYVPCEVC
QGARYNRETLEVHYKGKTVSEVLDMSIEEAAEFFEPIAGVHRYLRTLVDVGLGYVRLGQPAPTLSGGEAQRVKLASELQK
RSTGRTVYILDEPTTGLHFDDIRKLLNVINGLVDKGNTVIVIEHNLDVIKTSDWIIDLGPEGGAGGGTVVAQGTPEDVAA
VPASYTGKFLAEVVGGGASAATSRSNRRRNVSA
;
A,B
2 'polypeptide(L)'
;MGHHHHHHHHHHSSGHIEGRHMVRAGGHFEVVSPHAPAGDQPAAIDELERRINAGERDVVLLGATGTGKSATTAWLIERL
QRPTLVMAPNKTLAAQLANELREMLPHNAVEYFVSYYDYYQPEAYIAQTDTYIEKDSSINDDVERLRHSATSALLSRRDV
VVVASVSCIYGLGTPQSYLDRSVELKVGEEVPRDGLLRLLVDVQYTRNDMSFTRGSFRVRGDTVEIIPSYEELAVRIEFF
GDEIEALYYLHPLTGEVIRQVDSLRIFPATHYVAGPERMAHAVSAIEEELAERLAELESQGKLLEAQRLRMRTNYDIEMM
RQVGFCSGIENYSRHIDGRGPGTPPATLLDYFPEDFLLVIDESHVTVPQIGGMYEGDISRKRNLVEYGFRLPSACDNRPL
TWEEFADRIGQTVYLSATPGPYELSQTGGEFVEQVIRPTGLVDPKVVVKPTKGQIDDLIGEIRTRADADQRVLVTTLTKK
MAEDLTDYLLEMGIRVRYLHSEVDTLRRVELLRQLRLGDYDVLVGINLLREGLDLPEVSLVAILDADKEGFLRSSRSLIQ
TIGRAARNVSGEVHMYADKITDSMREAIDETERRRAKQIAYNEANGIDPQPLRKKIADILDQVYREADDTAVVEVGGSGR
NASRGRRAQGEPGRAVSAGVFEGRDTSAMPRAELADLIKDLTAQMMAAARDLQFELAARFRDEIADLKRELRGMDAAGLK
;
C,D
3 'polydeoxyribonucleotide'
;(DT)(DA)(DG)(DT)(DC)(DA)(DC)(DA)(DT)(DC)(DA)(DG)(DT)(DG)(DA)(DT)(DC)(DA)(DG)(DT)
(DG)(DG)(DT)(DT)(DC)(DC)(DG)(DG)(DA)(DA)(DC)(DC)(DA)(DC)(DT)(DG)(DA)(DT)(DC)(DA)
(DC)(DT)
;
E,F
#
loop_
_chem_comp.id
_chem_comp.type
_chem_comp.name
_chem_comp.formula
DA DNA linking 2'-DEOXYADENOSINE-5'-MONOPHOSPHATE 'C10 H14 N5 O6 P'
DC DNA linking 2'-DEOXYCYTIDINE-5'-MONOPHOSPHATE 'C9 H14 N3 O7 P'
DG DNA linking 2'-DEOXYGUANOSINE-5'-MONOPHOSPHATE 'C10 H14 N5 O7 P'
DT DNA linking THYMIDINE-5'-MONOPHOSPHATE 'C10 H15 N2 O8 P'
ZN non-polymer 'ZINC ION' 'Zn 2'
#
# COMPACT_ATOMS: atom_id res chain seq x y z
N MET A 22 -9.94 -37.38 17.56
CA MET A 22 -9.18 -36.14 17.71
C MET A 22 -7.68 -36.43 17.75
N ALA A 23 -7.09 -36.62 16.57
CA ALA A 23 -5.67 -36.91 16.49
C ALA A 23 -4.86 -35.67 16.89
N ASP A 24 -3.72 -35.94 17.55
CA ASP A 24 -2.83 -34.87 17.99
C ASP A 24 -1.45 -35.04 17.38
N ARG A 25 -1.38 -35.31 16.08
CA ARG A 25 -0.12 -35.57 15.40
C ARG A 25 0.02 -34.66 14.19
N LEU A 26 1.22 -34.12 14.01
CA LEU A 26 1.61 -33.42 12.80
C LEU A 26 2.72 -34.22 12.12
N ILE A 27 2.70 -34.26 10.79
CA ILE A 27 3.62 -35.11 10.03
C ILE A 27 4.38 -34.26 9.03
N VAL A 28 5.70 -34.45 8.99
CA VAL A 28 6.56 -33.75 8.03
C VAL A 28 7.40 -34.80 7.31
N LYS A 29 7.41 -34.74 5.98
CA LYS A 29 8.07 -35.75 5.15
C LYS A 29 8.93 -35.07 4.10
N GLY A 30 10.09 -35.67 3.83
CA GLY A 30 10.89 -35.27 2.68
C GLY A 30 11.59 -33.95 2.79
N ALA A 31 11.66 -33.35 3.98
CA ALA A 31 12.31 -32.07 4.14
C ALA A 31 13.80 -32.20 3.78
N ARG A 32 14.25 -31.33 2.86
CA ARG A 32 15.65 -31.31 2.44
C ARG A 32 16.11 -29.87 2.31
N GLU A 33 17.17 -29.54 3.05
CA GLU A 33 17.75 -28.19 3.02
C GLU A 33 19.15 -28.27 3.60
N HIS A 34 20.16 -28.00 2.77
CA HIS A 34 21.57 -28.02 3.17
C HIS A 34 21.90 -29.43 3.68
N ASN A 35 22.48 -29.57 4.88
CA ASN A 35 22.79 -30.89 5.40
C ASN A 35 21.54 -31.70 5.73
N LEU A 36 20.42 -31.05 6.00
CA LEU A 36 19.19 -31.77 6.28
C LEU A 36 18.65 -32.42 5.01
N ARG A 37 18.16 -33.65 5.16
CA ARG A 37 17.72 -34.43 4.01
C ARG A 37 16.79 -35.54 4.48
N SER A 38 15.70 -35.72 3.74
CA SER A 38 14.75 -36.82 3.94
C SER A 38 14.32 -36.94 5.41
N VAL A 39 13.77 -35.85 5.92
CA VAL A 39 13.30 -35.80 7.30
C VAL A 39 11.82 -36.16 7.32
N ASP A 40 11.48 -37.23 8.03
CA ASP A 40 10.09 -37.68 8.18
C ASP A 40 9.84 -37.84 9.67
N LEU A 41 9.28 -36.80 10.30
CA LEU A 41 9.09 -36.81 11.75
C LEU A 41 7.66 -36.42 12.10
N ASP A 42 7.24 -36.88 13.26
CA ASP A 42 5.91 -36.62 13.80
C ASP A 42 6.03 -35.74 15.05
N LEU A 43 5.28 -34.64 15.05
CA LEU A 43 5.23 -33.71 16.17
C LEU A 43 3.95 -33.97 16.94
N PRO A 44 4.03 -34.46 18.18
CA PRO A 44 2.82 -34.61 19.00
C PRO A 44 2.31 -33.26 19.48
N ARG A 45 1.02 -33.24 19.81
CA ARG A 45 0.37 -32.07 20.37
C ARG A 45 0.01 -32.35 21.83
N ASP A 46 -0.52 -31.33 22.50
CA ASP A 46 -0.82 -31.37 23.93
C ASP A 46 0.41 -31.67 24.78
N ALA A 47 1.59 -31.44 24.22
CA ALA A 47 2.85 -31.67 24.93
C ALA A 47 3.93 -30.83 24.28
N LEU A 48 4.99 -30.56 25.04
CA LEU A 48 6.13 -29.81 24.55
C LEU A 48 7.12 -30.73 23.86
N ILE A 49 7.62 -30.28 22.70
CA ILE A 49 8.61 -31.03 21.94
C ILE A 49 9.81 -30.11 21.69
N VAL A 50 11.00 -30.61 21.97
CA VAL A 50 12.23 -29.84 21.87
C VAL A 50 13.18 -30.55 20.92
N PHE A 51 13.71 -29.82 19.94
CA PHE A 51 14.78 -30.30 19.09
C PHE A 51 16.11 -29.95 19.73
N THR A 52 16.99 -30.93 19.85
CA THR A 52 18.33 -30.75 20.38
C THR A 52 19.34 -30.87 19.26
N GLY A 53 20.58 -30.47 19.56
CA GLY A 53 21.64 -30.52 18.59
C GLY A 53 22.57 -29.33 18.75
N LEU A 54 23.32 -29.06 17.69
CA LEU A 54 24.28 -27.96 17.68
C LEU A 54 24.00 -27.03 16.50
N SER A 55 24.54 -25.82 16.59
CA SER A 55 24.38 -24.82 15.55
C SER A 55 25.09 -25.31 14.29
N GLY A 56 24.31 -25.66 13.27
CA GLY A 56 24.84 -26.21 12.04
C GLY A 56 24.48 -27.66 11.78
N SER A 57 23.71 -28.28 12.65
CA SER A 57 23.29 -29.67 12.46
C SER A 57 21.99 -29.78 11.67
N GLY A 58 21.39 -28.65 11.26
CA GLY A 58 20.14 -28.66 10.54
C GLY A 58 18.91 -28.53 11.40
N LYS A 59 19.05 -28.57 12.73
CA LYS A 59 17.89 -28.40 13.60
C LYS A 59 17.28 -27.01 13.45
N SER A 60 18.12 -25.97 13.37
CA SER A 60 17.61 -24.62 13.23
C SER A 60 16.96 -24.40 11.87
N SER A 61 17.51 -25.03 10.81
CA SER A 61 16.90 -24.91 9.49
C SER A 61 15.51 -25.52 9.47
N LEU A 62 15.35 -26.72 10.05
CA LEU A 62 14.04 -27.34 10.11
C LEU A 62 13.08 -26.56 11.01
N ALA A 63 13.57 -26.04 12.13
CA ALA A 63 12.69 -25.31 13.04
C ALA A 63 12.21 -24.01 12.41
N PHE A 64 13.07 -23.33 11.66
CA PHE A 64 12.77 -21.99 11.16
C PHE A 64 12.21 -22.00 9.73
N ASP A 65 12.97 -22.50 8.77
CA ASP A 65 12.71 -22.22 7.36
C ASP A 65 12.18 -23.42 6.58
N THR A 66 11.63 -24.43 7.26
CA THR A 66 10.99 -25.54 6.56
C THR A 66 9.54 -25.73 6.97
N ILE A 67 9.20 -25.54 8.24
CA ILE A 67 7.83 -25.71 8.71
C ILE A 67 7.09 -24.39 8.74
N PHE A 68 7.65 -23.40 9.44
CA PHE A 68 7.03 -22.08 9.48
C PHE A 68 6.97 -21.46 8.09
N ALA A 69 8.05 -21.63 7.31
CA ALA A 69 8.05 -21.11 5.95
C ALA A 69 6.99 -21.77 5.09
N GLU A 70 6.85 -23.10 5.21
CA GLU A 70 5.83 -23.81 4.44
C GLU A 70 4.43 -23.34 4.82
N GLY A 71 4.17 -23.22 6.12
CA GLY A 71 2.86 -22.76 6.55
C GLY A 71 2.57 -21.33 6.09
N GLN A 72 3.55 -20.45 6.20
CA GLN A 72 3.38 -19.07 5.76
C GLN A 72 3.09 -19.00 4.27
N ARG A 73 3.86 -19.76 3.46
CA ARG A 73 3.65 -19.75 2.02
C ARG A 73 2.26 -20.29 1.66
N ARG A 74 1.87 -21.42 2.27
CA ARG A 74 0.55 -21.98 2.01
C ARG A 74 -0.55 -21.04 2.44
N TYR A 75 -0.29 -20.18 3.43
CA TYR A 75 -1.29 -19.20 3.83
C TYR A 75 -1.37 -18.02 2.86
N VAL A 76 -0.22 -17.55 2.38
CA VAL A 76 -0.23 -16.27 1.67
C VAL A 76 -0.50 -16.47 0.17
N GLU A 77 -0.02 -17.57 -0.41
CA GLU A 77 -0.08 -17.73 -1.87
C GLU A 77 -1.50 -17.82 -2.41
N SER A 78 -2.50 -18.02 -1.54
CA SER A 78 -3.86 -18.21 -2.02
C SER A 78 -4.42 -16.94 -2.66
N LEU A 79 -4.28 -15.80 -1.98
CA LEU A 79 -4.93 -14.57 -2.41
C LEU A 79 -3.93 -13.42 -2.43
N SER A 80 -4.05 -12.57 -3.46
CA SER A 80 -3.24 -11.36 -3.58
C SER A 80 -4.03 -10.11 -3.95
N ALA A 81 -5.22 -10.23 -4.55
CA ALA A 81 -5.96 -9.06 -5.00
C ALA A 81 -6.41 -8.19 -3.84
N TYR A 82 -6.85 -8.80 -2.74
CA TYR A 82 -7.37 -8.04 -1.60
C TYR A 82 -6.25 -7.20 -0.99
N ALA A 83 -6.56 -5.95 -0.67
CA ALA A 83 -5.57 -5.03 -0.13
C ALA A 83 -5.52 -5.05 1.39
N ARG A 84 -5.42 -6.26 1.96
CA ARG A 84 -5.14 -6.42 3.38
C ARG A 84 -4.03 -7.45 3.56
N GLN A 85 -3.93 -8.38 2.61
CA GLN A 85 -2.86 -9.36 2.59
C GLN A 85 -1.98 -9.22 1.35
N PHE A 86 -2.22 -8.18 0.54
CA PHE A 86 -1.35 -7.92 -0.61
C PHE A 86 0.07 -7.56 -0.19
N LEU A 87 0.24 -7.10 1.05
CA LEU A 87 1.59 -6.79 1.55
C LEU A 87 2.43 -8.06 1.67
N GLY A 88 1.80 -9.22 1.68
CA GLY A 88 2.52 -10.48 1.65
C GLY A 88 2.89 -10.89 0.23
N GLN A 89 3.51 -12.07 0.15
CA GLN A 89 4.01 -12.73 -1.06
C GLN A 89 5.34 -12.18 -1.55
N MET A 90 5.91 -11.14 -0.92
CA MET A 90 7.32 -10.84 -1.14
C MET A 90 8.25 -11.92 -0.58
N ASP A 91 7.86 -12.60 0.49
CA ASP A 91 8.67 -13.69 1.01
C ASP A 91 8.70 -14.84 0.01
N LYS A 92 9.88 -15.45 -0.15
CA LYS A 92 10.10 -16.50 -1.14
C LYS A 92 10.74 -17.71 -0.47
N PRO A 93 9.97 -18.47 0.30
CA PRO A 93 10.52 -19.68 0.91
C PRO A 93 10.74 -20.78 -0.12
N ASP A 94 11.64 -21.70 0.21
CA ASP A 94 11.99 -22.83 -0.65
C ASP A 94 11.88 -24.11 0.16
N VAL A 95 10.67 -24.67 0.23
CA VAL A 95 10.41 -25.93 0.92
C VAL A 95 9.64 -26.83 -0.04
N ASP A 96 9.96 -28.13 0.00
CA ASP A 96 9.30 -29.09 -0.88
C ASP A 96 7.80 -29.18 -0.60
N PHE A 97 7.42 -29.66 0.59
CA PHE A 97 6.02 -29.82 0.96
C PHE A 97 5.88 -30.28 2.41
N ILE A 98 4.76 -29.93 3.03
CA ILE A 98 4.40 -30.41 4.36
C ILE A 98 2.89 -30.53 4.44
N GLU A 99 2.41 -31.70 4.84
CA GLU A 99 0.98 -31.97 4.93
C GLU A 99 0.51 -32.02 6.37
N GLY A 100 -0.77 -31.73 6.57
CA GLY A 100 -1.36 -31.76 7.90
C GLY A 100 -0.78 -30.74 8.85
N LEU A 101 -0.54 -29.52 8.38
CA LEU A 101 0.05 -28.47 9.18
C LEU A 101 -1.05 -27.55 9.74
N SER A 102 -0.62 -26.61 10.58
CA SER A 102 -1.48 -25.60 11.15
C SER A 102 -0.78 -24.25 11.02
N PRO A 103 -1.52 -23.15 11.04
CA PRO A 103 -0.88 -21.84 10.95
C PRO A 103 -0.04 -21.55 12.17
N ALA A 104 1.28 -21.56 12.01
CA ALA A 104 2.22 -21.44 13.12
C ALA A 104 2.73 -20.01 13.22
N VAL A 105 3.22 -19.66 14.41
CA VAL A 105 3.76 -18.34 14.68
C VAL A 105 5.18 -18.50 15.22
N SER A 106 6.11 -17.74 14.65
CA SER A 106 7.50 -17.79 15.06
C SER A 106 7.79 -16.72 16.11
N ILE A 107 8.68 -17.07 17.05
CA ILE A 107 9.06 -16.18 18.13
C ILE A 107 10.59 -16.12 18.13
N ASP A 108 11.14 -15.04 17.60
CA ASP A 108 12.58 -14.85 17.56
C ASP A 108 12.87 -13.36 17.39
N GLN A 109 14.10 -12.98 17.68
CA GLN A 109 14.50 -11.59 17.55
C GLN A 109 14.50 -11.17 16.08
N LYS A 110 14.17 -9.90 15.85
CA LYS A 110 14.14 -9.32 14.51
C LYS A 110 15.32 -8.35 14.41
N SER A 111 16.32 -8.71 13.61
CA SER A 111 17.53 -7.90 13.46
C SER A 111 17.26 -6.82 12.41
N THR A 112 16.52 -5.79 12.82
CA THR A 112 16.24 -4.66 11.96
C THR A 112 17.40 -3.66 11.91
N ASN A 113 18.40 -3.82 12.78
CA ASN A 113 19.61 -3.01 12.87
C ASN A 113 19.36 -1.60 13.37
N ARG A 114 18.10 -1.21 13.58
CA ARG A 114 17.76 0.12 14.09
C ARG A 114 16.29 0.14 14.47
N ASN A 115 15.97 0.84 15.54
CA ASN A 115 14.57 1.06 15.92
C ASN A 115 14.34 2.47 16.45
N PRO A 116 14.74 3.53 15.72
CA PRO A 116 14.46 4.88 16.23
C PRO A 116 13.00 5.27 16.07
N ARG A 117 12.40 4.95 14.93
CA ARG A 117 11.01 5.32 14.68
C ARG A 117 10.03 4.43 15.43
N SER A 118 10.48 3.29 15.95
CA SER A 118 9.62 2.34 16.65
C SER A 118 10.06 2.29 18.11
N THR A 119 9.35 3.04 18.96
CA THR A 119 9.61 2.98 20.39
C THR A 119 9.07 1.68 20.97
N VAL A 120 9.43 1.43 22.23
CA VAL A 120 9.00 0.20 22.89
C VAL A 120 7.48 0.14 23.02
N GLY A 121 6.82 1.31 23.06
CA GLY A 121 5.37 1.33 23.14
C GLY A 121 4.70 0.77 21.90
N THR A 122 5.24 1.07 20.72
CA THR A 122 4.63 0.59 19.48
C THR A 122 4.79 -0.92 19.33
N ILE A 123 5.95 -1.46 19.72
CA ILE A 123 6.19 -2.89 19.58
C ILE A 123 5.36 -3.70 20.57
N THR A 124 4.86 -3.08 21.63
CA THR A 124 3.98 -3.74 22.58
C THR A 124 2.52 -3.33 22.39
N GLU A 125 2.18 -2.76 21.23
CA GLU A 125 0.80 -2.48 20.79
C GLU A 125 0.02 -1.60 21.76
N VAL A 126 0.70 -0.85 22.62
CA VAL A 126 -0.02 0.04 23.53
C VAL A 126 -0.29 1.42 22.94
N TYR A 127 0.43 1.83 21.89
CA TYR A 127 0.28 3.18 21.36
C TYR A 127 -1.10 3.40 20.73
N ASP A 128 -1.51 2.51 19.83
CA ASP A 128 -2.83 2.68 19.21
C ASP A 128 -3.94 2.55 20.25
N TYR A 129 -3.79 1.63 21.20
CA TYR A 129 -4.81 1.47 22.23
C TYR A 129 -4.91 2.71 23.11
N LEU A 130 -3.77 3.36 23.42
CA LEU A 130 -3.85 4.51 24.31
C LEU A 130 -4.46 5.68 23.55
N ARG A 131 -4.22 5.75 22.24
CA ARG A 131 -4.85 6.76 21.41
C ARG A 131 -6.37 6.57 21.39
N LEU A 132 -6.83 5.33 21.24
CA LEU A 132 -8.27 5.09 21.30
C LEU A 132 -8.84 5.41 22.67
N LEU A 133 -8.09 5.11 23.73
CA LEU A 133 -8.53 5.45 25.08
C LEU A 133 -8.65 6.96 25.26
N TYR A 134 -7.69 7.70 24.72
CA TYR A 134 -7.76 9.16 24.75
C TYR A 134 -8.98 9.66 23.98
N ALA A 135 -9.25 9.08 22.82
CA ALA A 135 -10.39 9.50 22.03
C ALA A 135 -11.71 9.11 22.68
N ARG A 136 -11.71 8.10 23.55
CA ARG A 136 -12.93 7.60 24.15
C ARG A 136 -13.56 8.63 25.10
N ALA A 137 -12.79 9.12 26.07
CA ALA A 137 -13.28 10.03 27.10
C ALA A 137 -12.75 11.44 26.93
N GLY A 138 -12.65 11.89 25.67
CA GLY A 138 -12.13 13.20 25.30
C GLY A 138 -12.95 14.38 25.76
N THR A 139 -12.42 15.17 26.69
CA THR A 139 -13.04 16.41 27.14
C THR A 139 -12.03 17.53 27.04
N PRO A 140 -12.38 18.58 26.41
CA PRO A 140 -11.40 19.68 26.11
C PRO A 140 -11.33 20.73 27.23
N HIS A 141 -12.05 20.49 28.32
CA HIS A 141 -12.26 21.47 29.39
C HIS A 141 -12.98 22.67 28.78
N CYS A 142 -12.23 23.69 28.40
CA CYS A 142 -12.80 24.84 27.72
C CYS A 142 -13.30 24.48 26.31
N GLN A 152 -25.36 7.88 23.20
CA GLN A 152 -26.71 8.45 23.28
C GLN A 152 -27.76 7.36 23.17
N THR A 153 -28.96 7.64 23.66
CA THR A 153 -30.08 6.72 23.64
C THR A 153 -31.33 7.47 24.09
N PRO A 154 -32.51 7.02 23.67
CA PRO A 154 -33.75 7.61 24.22
C PRO A 154 -33.83 7.49 25.74
N GLN A 155 -33.21 6.46 26.32
CA GLN A 155 -33.14 6.38 27.78
C GLN A 155 -32.37 7.57 28.34
N GLN A 156 -31.27 7.96 27.68
CA GLN A 156 -30.55 9.17 28.07
C GLN A 156 -31.40 10.41 27.86
N ILE A 157 -32.29 10.38 26.86
CA ILE A 157 -33.20 11.51 26.65
C ILE A 157 -34.17 11.64 27.83
N VAL A 158 -34.64 10.50 28.35
CA VAL A 158 -35.74 10.53 29.31
C VAL A 158 -35.30 10.54 30.78
N ASP A 159 -34.11 10.02 31.11
CA ASP A 159 -33.76 9.90 32.52
C ASP A 159 -33.55 11.26 33.18
N GLN A 160 -33.02 12.24 32.42
CA GLN A 160 -32.77 13.54 33.02
C GLN A 160 -34.06 14.32 33.24
N VAL A 161 -35.04 14.19 32.34
CA VAL A 161 -36.33 14.84 32.56
C VAL A 161 -37.11 14.11 33.64
N LEU A 162 -36.87 12.80 33.80
CA LEU A 162 -37.45 12.09 34.94
C LEU A 162 -36.86 12.59 36.24
N ALA A 163 -35.55 12.86 36.27
CA ALA A 163 -34.91 13.41 37.44
C ALA A 163 -35.11 14.91 37.58
N MET A 164 -35.75 15.54 36.60
CA MET A 164 -35.97 16.99 36.65
C MET A 164 -36.91 17.34 37.80
N PRO A 165 -36.54 18.28 38.66
CA PRO A 165 -37.45 18.70 39.74
C PRO A 165 -38.73 19.30 39.17
N GLU A 166 -39.84 19.02 39.85
CA GLU A 166 -41.13 19.49 39.41
C GLU A 166 -41.36 20.95 39.81
N GLY A 167 -42.18 21.64 39.02
CA GLY A 167 -42.50 23.02 39.30
C GLY A 167 -41.39 24.01 39.07
N THR A 168 -40.44 23.68 38.21
CA THR A 168 -39.30 24.55 37.91
C THR A 168 -39.45 25.12 36.50
N ARG A 169 -39.24 26.43 36.38
CA ARG A 169 -39.33 27.10 35.09
C ARG A 169 -38.01 26.95 34.33
N PHE A 170 -38.09 26.50 33.08
CA PHE A 170 -36.90 26.25 32.27
C PHE A 170 -37.22 26.60 30.82
N LEU A 171 -36.26 26.38 29.94
CA LEU A 171 -36.43 26.63 28.51
C LEU A 171 -35.84 25.47 27.72
N VAL A 172 -36.37 25.28 26.51
CA VAL A 172 -35.89 24.25 25.59
C VAL A 172 -34.86 24.88 24.67
N LEU A 173 -33.69 24.27 24.56
CA LEU A 173 -32.58 24.80 23.79
C LEU A 173 -32.19 23.81 22.70
N ALA A 174 -31.91 24.33 21.50
CA ALA A 174 -31.53 23.51 20.35
C ALA A 174 -30.30 24.10 19.68
N PRO A 175 -29.09 23.75 20.16
CA PRO A 175 -27.84 24.24 19.54
C PRO A 175 -27.54 23.54 18.21
N VAL A 176 -28.15 24.05 17.13
CA VAL A 176 -28.07 23.41 15.83
C VAL A 176 -27.12 24.11 14.87
N VAL A 177 -26.62 25.30 15.21
CA VAL A 177 -25.71 26.05 14.35
C VAL A 177 -24.42 26.29 15.13
N ARG A 178 -24.03 25.30 15.93
CA ARG A 178 -22.88 25.40 16.83
C ARG A 178 -21.64 25.92 16.13
N THR A 179 -20.99 26.92 16.74
CA THR A 179 -19.72 27.48 16.32
C THR A 179 -19.72 28.00 14.88
N ARG A 180 -20.90 28.16 14.29
CA ARG A 180 -21.02 28.75 12.96
C ARG A 180 -21.47 30.21 13.12
N LYS A 181 -20.52 31.04 13.51
CA LYS A 181 -20.80 32.46 13.74
C LYS A 181 -21.03 33.19 12.43
N GLY A 182 -21.91 34.18 12.48
CA GLY A 182 -22.18 35.00 11.31
C GLY A 182 -23.63 35.43 11.29
N GLU A 183 -23.93 36.32 10.34
CA GLU A 183 -25.29 36.80 10.16
C GLU A 183 -26.18 35.68 9.62
N PHE A 184 -27.34 35.50 10.23
CA PHE A 184 -28.26 34.44 9.83
C PHE A 184 -29.68 34.97 9.71
N ALA A 185 -29.83 36.12 9.03
CA ALA A 185 -31.17 36.60 8.70
C ALA A 185 -31.87 35.67 7.72
N ASP A 186 -31.11 35.08 6.79
CA ASP A 186 -31.67 34.05 5.93
C ASP A 186 -32.15 32.86 6.73
N LEU A 187 -31.38 32.46 7.76
CA LEU A 187 -31.84 31.40 8.65
C LEU A 187 -33.06 31.83 9.45
N PHE A 188 -33.14 33.12 9.81
CA PHE A 188 -34.34 33.61 10.50
C PHE A 188 -35.57 33.47 9.60
N ASP A 189 -35.43 33.84 8.32
CA ASP A 189 -36.53 33.69 7.38
C ASP A 189 -36.88 32.22 7.17
N LYS A 190 -35.87 31.36 7.10
CA LYS A 190 -36.11 29.93 6.93
C LYS A 190 -36.85 29.35 8.13
N LEU A 191 -36.43 29.73 9.34
CA LEU A 191 -37.11 29.25 10.54
C LEU A 191 -38.52 29.80 10.64
N ASN A 192 -38.74 31.04 10.17
CA ASN A 192 -40.09 31.58 10.12
C ASN A 192 -40.97 30.78 9.17
N ALA A 193 -40.37 30.14 8.16
CA ALA A 193 -41.14 29.30 7.25
C ALA A 193 -41.74 28.10 7.96
N GLN A 194 -41.01 27.44 8.85
CA GLN A 194 -41.61 26.37 9.64
C GLN A 194 -42.39 26.90 10.84
N GLY A 195 -42.31 28.20 11.11
CA GLY A 195 -43.13 28.83 12.12
C GLY A 195 -42.92 28.31 13.53
N TYR A 196 -41.67 28.17 13.95
CA TYR A 196 -41.36 27.78 15.32
C TYR A 196 -41.76 28.83 16.35
N SER A 197 -41.83 30.09 15.95
CA SER A 197 -42.25 31.25 16.74
C SER A 197 -41.29 31.58 17.88
N ARG A 198 -40.22 30.80 18.06
CA ARG A 198 -39.26 31.03 19.14
C ARG A 198 -37.85 30.92 18.58
N VAL A 199 -36.90 31.60 19.22
CA VAL A 199 -35.50 31.55 18.84
C VAL A 199 -34.67 32.05 20.01
N ARG A 200 -33.40 31.66 20.04
CA ARG A 200 -32.49 32.11 21.08
C ARG A 200 -31.09 32.17 20.52
N VAL A 201 -30.42 33.30 20.73
CA VAL A 201 -29.06 33.53 20.23
C VAL A 201 -28.19 34.02 21.37
N ASP A 202 -27.07 33.35 21.60
CA ASP A 202 -26.08 33.72 22.61
C ASP A 202 -26.70 33.89 24.00
N GLY A 203 -27.80 33.19 24.26
CA GLY A 203 -28.46 33.23 25.54
C GLY A 203 -29.69 34.12 25.61
N VAL A 204 -29.87 35.02 24.65
CA VAL A 204 -31.02 35.92 24.66
C VAL A 204 -32.15 35.28 23.86
N VAL A 205 -33.37 35.44 24.36
CA VAL A 205 -34.56 34.79 23.81
C VAL A 205 -35.34 35.82 23.01
N HIS A 206 -35.95 35.39 21.92
CA HIS A 206 -36.72 36.26 21.06
C HIS A 206 -37.77 35.44 20.34
N PRO A 207 -38.84 36.07 19.86
CA PRO A 207 -39.77 35.37 18.96
C PRO A 207 -39.28 35.41 17.52
N LEU A 208 -39.77 34.45 16.74
CA LEU A 208 -39.42 34.43 15.31
C LEU A 208 -40.03 35.62 14.58
N THR A 209 -41.23 36.04 15.00
CA THR A 209 -41.85 37.22 14.40
C THR A 209 -41.10 38.49 14.74
N ASP A 210 -40.33 38.49 15.83
CA ASP A 210 -39.55 39.64 16.27
C ASP A 210 -38.12 39.19 16.53
N PRO A 211 -37.35 38.91 15.48
CA PRO A 211 -35.98 38.43 15.66
C PRO A 211 -35.01 39.58 15.86
N PRO A 212 -33.93 39.35 16.60
CA PRO A 212 -32.93 40.40 16.79
C PRO A 212 -32.02 40.53 15.55
N LYS A 213 -31.31 41.65 15.50
CA LYS A 213 -30.40 41.90 14.39
C LYS A 213 -29.16 41.02 14.50
N LEU A 214 -28.68 40.55 13.35
CA LEU A 214 -27.50 39.71 13.27
C LEU A 214 -26.53 40.31 12.26
N LYS A 215 -25.24 40.29 12.60
CA LYS A 215 -24.18 40.79 11.74
C LYS A 215 -23.18 39.68 11.45
N LYS A 216 -22.64 39.68 10.24
CA LYS A 216 -21.70 38.62 9.84
C LYS A 216 -20.42 38.69 10.66
N GLN A 217 -19.92 39.90 10.93
CA GLN A 217 -18.66 40.05 11.66
C GLN A 217 -18.78 39.54 13.09
N GLU A 218 -19.89 39.85 13.76
CA GLU A 218 -20.05 39.47 15.15
C GLU A 218 -20.26 37.96 15.30
N LYS A 219 -19.85 37.45 16.45
CA LYS A 219 -20.03 36.05 16.78
C LYS A 219 -21.49 35.77 17.13
N HIS A 220 -22.05 34.73 16.52
CA HIS A 220 -23.46 34.37 16.76
C HIS A 220 -23.57 32.84 16.76
N ASP A 221 -23.57 32.26 17.96
CA ASP A 221 -23.86 30.84 18.12
C ASP A 221 -25.35 30.68 18.32
N ILE A 222 -26.00 29.95 17.42
CA ILE A 222 -27.45 29.84 17.41
C ILE A 222 -27.86 28.58 18.15
N GLU A 223 -28.63 28.76 19.23
CA GLU A 223 -29.29 27.66 19.94
C GLU A 223 -30.78 28.04 20.02
N VAL A 224 -31.52 27.70 18.97
CA VAL A 224 -32.88 28.18 18.82
C VAL A 224 -33.78 27.53 19.87
N VAL A 225 -34.55 28.36 20.57
CA VAL A 225 -35.54 27.83 21.51
C VAL A 225 -36.68 27.21 20.73
N VAL A 226 -37.03 25.97 21.06
CA VAL A 226 -38.13 25.29 20.40
C VAL A 226 -39.39 25.45 21.25
N ASP A 227 -39.20 25.67 22.55
CA ASP A 227 -40.32 25.81 23.47
C ASP A 227 -39.87 26.57 24.71
N ARG A 228 -40.58 27.64 25.03
CA ARG A 228 -40.41 28.34 26.32
C ARG A 228 -41.28 27.68 27.38
N LEU A 229 -41.01 26.40 27.59
CA LEU A 229 -41.87 25.52 28.36
C LEU A 229 -41.63 25.70 29.87
N THR A 230 -42.18 24.80 30.66
CA THR A 230 -41.94 24.75 32.09
C THR A 230 -42.27 23.35 32.58
N VAL A 231 -41.63 22.95 33.68
CA VAL A 231 -41.80 21.61 34.21
C VAL A 231 -43.09 21.53 35.03
N LYS A 232 -44.17 21.12 34.38
CA LYS A 232 -45.45 20.90 35.04
C LYS A 232 -45.97 19.50 34.74
N ALA A 233 -47.12 19.19 35.32
CA ALA A 233 -47.72 17.88 35.15
C ALA A 233 -48.21 17.69 33.71
N ALA A 234 -48.06 16.47 33.20
CA ALA A 234 -48.50 16.10 31.86
C ALA A 234 -47.88 16.98 30.78
N ALA A 235 -46.64 17.41 30.99
CA ALA A 235 -45.93 18.27 30.05
C ALA A 235 -44.98 17.50 29.15
N LYS A 236 -44.68 16.25 29.48
CA LYS A 236 -43.58 15.53 28.83
C LYS A 236 -43.74 15.40 27.32
N ARG A 237 -44.96 15.45 26.79
CA ARG A 237 -45.14 15.33 25.36
C ARG A 237 -44.67 16.59 24.61
N ARG A 238 -44.87 17.77 25.21
CA ARG A 238 -44.39 19.00 24.57
C ARG A 238 -42.87 19.06 24.58
N LEU A 239 -42.24 18.67 25.69
CA LEU A 239 -40.78 18.57 25.72
C LEU A 239 -40.30 17.52 24.73
N THR A 240 -41.02 16.40 24.61
CA THR A 240 -40.64 15.38 23.64
C THR A 240 -40.66 15.93 22.21
N ASP A 241 -41.71 16.68 21.87
CA ASP A 241 -41.79 17.29 20.55
C ASP A 241 -40.65 18.29 20.33
N SER A 242 -40.47 19.21 21.28
CA SER A 242 -39.46 20.25 21.15
C SER A 242 -38.04 19.70 21.20
N VAL A 243 -37.85 18.49 21.71
CA VAL A 243 -36.54 17.86 21.68
C VAL A 243 -36.33 17.07 20.40
N GLU A 244 -37.33 16.28 19.98
CA GLU A 244 -37.20 15.50 18.76
C GLU A 244 -37.11 16.38 17.51
N THR A 245 -37.62 17.61 17.56
CA THR A 245 -37.44 18.52 16.44
C THR A 245 -35.96 18.69 16.11
N ALA A 246 -35.15 19.02 17.11
CA ALA A 246 -33.71 19.14 16.92
C ALA A 246 -32.99 17.80 16.95
N LEU A 247 -33.64 16.74 17.44
CA LEU A 247 -33.06 15.41 17.29
C LEU A 247 -33.06 14.96 15.84
N ASN A 248 -34.10 15.34 15.09
CA ASN A 248 -34.16 15.02 13.66
C ASN A 248 -33.58 16.13 12.80
N LEU A 249 -33.41 17.34 13.32
CA LEU A 249 -32.82 18.43 12.57
C LEU A 249 -31.30 18.49 12.78
N ALA A 250 -30.86 18.45 14.03
CA ALA A 250 -29.45 18.52 14.37
C ALA A 250 -28.83 17.14 14.64
N ASP A 251 -29.56 16.07 14.36
CA ASP A 251 -29.07 14.69 14.47
C ASP A 251 -28.69 14.35 15.92
N GLY A 252 -29.67 14.45 16.81
CA GLY A 252 -29.56 13.86 18.13
C GLY A 252 -28.90 14.72 19.19
N ILE A 253 -28.96 16.04 19.09
CA ILE A 253 -28.35 16.94 20.07
C ILE A 253 -29.36 18.03 20.46
N VAL A 254 -29.67 18.11 21.76
CA VAL A 254 -30.44 19.23 22.29
C VAL A 254 -29.85 19.62 23.66
N VAL A 255 -30.46 20.63 24.27
CA VAL A 255 -30.01 21.13 25.57
C VAL A 255 -31.22 21.60 26.36
N LEU A 256 -31.23 21.28 27.65
CA LEU A 256 -32.18 21.86 28.59
C LEU A 256 -31.48 22.93 29.42
N GLU A 257 -32.25 23.89 29.91
CA GLU A 257 -31.65 25.03 30.60
C GLU A 257 -32.58 25.50 31.72
N PHE A 258 -32.12 25.32 32.96
CA PHE A 258 -32.79 25.93 34.10
C PHE A 258 -32.78 27.45 33.97
N VAL A 259 -33.93 28.08 34.18
CA VAL A 259 -34.06 29.53 34.04
C VAL A 259 -34.66 30.18 35.27
N ASP A 260 -35.05 29.40 36.29
CA ASP A 260 -35.54 29.96 37.54
C ASP A 260 -34.81 29.46 38.79
N HIS A 261 -34.17 28.28 38.74
CA HIS A 261 -33.48 27.74 39.90
C HIS A 261 -31.97 27.65 39.74
N GLU A 262 -31.50 27.11 38.62
CA GLU A 262 -30.09 27.00 38.24
C GLU A 262 -29.25 26.45 39.40
N LEU A 263 -29.52 25.19 39.74
CA LEU A 263 -28.74 24.51 40.78
C LEU A 263 -27.52 23.86 40.12
N GLY A 264 -26.34 24.39 40.41
CA GLY A 264 -25.10 23.86 39.84
C GLY A 264 -24.31 24.86 39.02
N ALA A 265 -24.97 25.91 38.54
CA ALA A 265 -24.34 26.92 37.71
C ALA A 265 -25.20 28.18 37.77
N PRO A 266 -24.63 29.34 37.42
CA PRO A 266 -25.47 30.55 37.35
C PRO A 266 -26.66 30.40 36.43
N HIS A 267 -26.48 29.72 35.30
CA HIS A 267 -27.59 29.28 34.44
C HIS A 267 -27.31 27.81 34.13
N ARG A 268 -27.77 26.93 35.02
CA ARG A 268 -27.46 25.50 34.91
C ARG A 268 -28.13 24.93 33.68
N GLU A 269 -27.36 24.20 32.87
CA GLU A 269 -27.86 23.58 31.66
C GLU A 269 -27.41 22.14 31.58
N GLN A 270 -28.21 21.34 30.87
CA GLN A 270 -27.97 19.91 30.70
C GLN A 270 -27.89 19.59 29.22
N ARG A 271 -26.95 18.71 28.87
CA ARG A 271 -26.61 18.41 27.49
C ARG A 271 -27.20 17.06 27.07
N PHE A 272 -27.79 17.04 25.88
CA PHE A 272 -28.43 15.86 25.28
C PHE A 272 -27.85 15.62 23.90
N SER A 273 -26.52 15.55 23.84
CA SER A 273 -25.81 15.34 22.58
C SER A 273 -25.87 13.88 22.15
N ASP A 288 -9.15 28.38 23.67
CA ASP A 288 -8.32 27.68 22.69
C ASP A 288 -8.90 26.31 22.40
N LEU A 289 -10.07 26.27 21.78
CA LEU A 289 -10.74 25.01 21.45
C LEU A 289 -10.71 24.81 19.94
N GLU A 290 -9.89 23.86 19.48
CA GLU A 290 -9.83 23.48 18.07
C GLU A 290 -10.07 21.98 17.98
N PRO A 291 -11.35 21.58 17.87
CA PRO A 291 -11.63 20.13 17.83
C PRO A 291 -11.06 19.43 16.60
N ARG A 292 -11.39 19.93 15.40
CA ARG A 292 -10.99 19.37 14.11
C ARG A 292 -10.91 17.85 14.13
N SER A 293 -9.78 17.30 13.69
CA SER A 293 -9.56 15.86 13.68
C SER A 293 -8.40 15.51 14.60
N PHE A 294 -8.36 14.24 15.00
CA PHE A 294 -7.32 13.73 15.88
C PHE A 294 -6.34 12.90 15.09
N SER A 295 -5.05 13.20 15.25
CA SER A 295 -4.00 12.49 14.54
C SER A 295 -2.72 12.53 15.36
N PHE A 296 -1.80 11.61 15.06
CA PHE A 296 -0.55 11.52 15.78
C PHE A 296 0.64 11.56 14.83
N ASN A 297 0.49 10.96 13.65
CA ASN A 297 1.57 10.88 12.67
C ASN A 297 1.39 11.85 11.51
N SER A 298 0.44 12.79 11.61
CA SER A 298 0.23 13.74 10.53
C SER A 298 0.92 15.05 10.83
N PRO A 299 1.43 15.75 9.80
CA PRO A 299 2.07 17.05 10.04
C PRO A 299 1.13 18.10 10.61
N TYR A 300 -0.18 17.93 10.45
CA TYR A 300 -1.13 18.88 11.03
C TYR A 300 -1.04 18.90 12.55
N GLY A 301 -0.86 17.73 13.16
CA GLY A 301 -0.86 17.61 14.61
C GLY A 301 0.36 16.95 15.19
N ALA A 302 1.54 17.23 14.64
CA ALA A 302 2.80 16.68 15.14
C ALA A 302 3.81 17.81 15.34
N CYS A 303 4.84 17.53 16.14
CA CYS A 303 5.87 18.52 16.39
C CYS A 303 6.68 18.77 15.11
N PRO A 304 6.97 20.02 14.77
CA PRO A 304 7.77 20.29 13.57
C PRO A 304 9.18 19.73 13.61
N GLU A 305 9.74 19.51 14.80
CA GLU A 305 11.11 19.04 14.94
C GLU A 305 11.21 17.54 15.11
N CYS A 306 10.54 16.97 16.12
CA CYS A 306 10.60 15.54 16.34
C CYS A 306 9.94 14.74 15.22
N SER A 307 9.05 15.37 14.45
CA SER A 307 8.46 14.80 13.24
C SER A 307 7.70 13.50 13.51
N GLY A 308 7.29 13.26 14.75
CA GLY A 308 6.51 12.09 15.07
C GLY A 308 7.32 10.83 15.29
N LEU A 309 6.98 10.10 16.34
CA LEU A 309 7.58 8.80 16.66
C LEU A 309 9.08 8.90 16.89
N GLY A 310 9.55 10.08 17.32
CA GLY A 310 10.95 10.25 17.67
C GLY A 310 11.11 11.02 18.97
N ILE A 311 11.72 10.39 19.97
CA ILE A 311 11.89 11.01 21.29
C ILE A 311 13.37 10.92 21.66
N ARG A 312 13.98 12.07 21.93
CA ARG A 312 15.38 12.13 22.35
C ARG A 312 15.51 12.20 23.86
N LYS A 313 14.89 11.25 24.57
CA LYS A 313 15.07 11.16 26.02
C LYS A 313 16.23 10.24 26.39
N GLU A 314 16.41 9.17 25.61
CA GLU A 314 17.54 8.25 25.77
C GLU A 314 17.53 7.57 27.14
N VAL A 315 18.65 6.95 27.52
CA VAL A 315 18.67 6.12 28.72
C VAL A 315 19.09 6.92 29.94
N ASP A 316 20.20 7.66 29.86
CA ASP A 316 20.72 8.36 31.03
C ASP A 316 21.79 9.35 30.62
N PRO A 317 21.86 10.52 31.26
CA PRO A 317 22.96 11.45 31.03
C PRO A 317 24.20 11.00 31.79
N GLU A 318 25.27 11.80 31.67
CA GLU A 318 26.54 11.57 32.36
C GLU A 318 27.23 10.31 31.84
N LEU A 319 26.60 9.62 30.88
CA LEU A 319 27.12 8.34 30.42
C LEU A 319 28.37 8.48 29.56
N VAL A 320 28.70 9.70 29.09
CA VAL A 320 29.93 9.88 28.35
C VAL A 320 31.15 9.69 29.24
N VAL A 321 31.16 10.31 30.42
CA VAL A 321 32.22 10.09 31.40
C VAL A 321 31.56 9.84 32.76
N PRO A 322 30.97 8.67 32.97
CA PRO A 322 30.39 8.33 34.28
C PRO A 322 31.34 7.64 35.23
N ASP A 323 32.62 7.53 34.87
CA ASP A 323 33.60 6.82 35.69
C ASP A 323 34.34 7.80 36.57
N PRO A 324 34.21 7.72 37.90
CA PRO A 324 35.02 8.55 38.80
C PRO A 324 36.28 7.87 39.33
N ASP A 325 36.66 6.68 38.84
CA ASP A 325 37.80 6.00 39.39
C ASP A 325 38.75 5.41 38.36
N ARG A 326 38.45 5.48 37.07
CA ARG A 326 39.33 4.90 36.07
C ARG A 326 40.60 5.74 35.91
N THR A 327 41.55 5.18 35.15
CA THR A 327 42.73 5.93 34.75
C THR A 327 42.38 6.74 33.51
N LEU A 328 42.40 8.07 33.65
CA LEU A 328 41.93 8.94 32.57
C LEU A 328 42.85 8.85 31.35
N ALA A 329 44.14 8.59 31.55
CA ALA A 329 45.05 8.43 30.42
C ALA A 329 44.76 7.16 29.62
N GLN A 330 43.91 6.27 30.15
CA GLN A 330 43.51 5.05 29.46
C GLN A 330 42.14 5.21 28.79
N GLY A 331 41.87 6.38 28.23
CA GLY A 331 40.69 6.60 27.42
C GLY A 331 39.36 6.43 28.13
N ALA A 332 39.06 7.34 29.07
CA ALA A 332 37.78 7.30 29.75
C ALA A 332 36.63 7.57 28.77
N VAL A 333 36.84 8.50 27.83
CA VAL A 333 35.80 8.84 26.87
C VAL A 333 35.99 8.02 25.61
N ALA A 334 34.87 7.58 25.02
CA ALA A 334 34.93 6.68 23.87
C ALA A 334 35.67 7.26 22.67
N PRO A 335 35.42 8.51 22.25
CA PRO A 335 36.22 9.05 21.14
C PRO A 335 37.71 9.14 21.45
N TRP A 336 38.09 9.17 22.72
CA TRP A 336 39.50 9.23 23.10
C TRP A 336 40.17 7.86 23.03
N SER A 337 39.44 6.81 22.66
CA SER A 337 39.96 5.46 22.66
C SER A 337 39.81 4.76 21.31
N ASN A 338 39.62 5.51 20.23
CA ASN A 338 39.37 4.89 18.94
C ASN A 338 40.62 4.18 18.43
N GLY A 339 40.48 3.55 17.26
CA GLY A 339 41.62 2.87 16.66
C GLY A 339 42.73 3.83 16.27
N HIS A 340 42.36 4.99 15.71
CA HIS A 340 43.34 5.98 15.30
C HIS A 340 42.98 7.35 15.86
N THR A 341 41.68 7.60 16.06
CA THR A 341 41.22 8.88 16.58
C THR A 341 41.50 9.04 18.07
N ALA A 342 41.91 7.96 18.75
CA ALA A 342 42.20 8.02 20.17
C ALA A 342 43.19 9.14 20.50
N GLU A 343 44.40 9.05 19.97
CA GLU A 343 45.38 10.12 20.16
C GLU A 343 44.91 11.41 19.49
N TYR A 344 44.18 11.28 18.36
CA TYR A 344 43.69 12.45 17.64
C TYR A 344 42.85 13.37 18.51
N PHE A 345 42.19 12.83 19.52
CA PHE A 345 41.47 13.67 20.48
C PHE A 345 42.19 13.82 21.82
N THR A 346 42.94 12.79 22.24
CA THR A 346 43.69 12.88 23.47
C THR A 346 44.68 14.03 23.45
N ARG A 347 45.18 14.40 22.26
CA ARG A 347 46.16 15.48 22.19
C ARG A 347 45.59 16.78 22.77
N MET A 348 44.56 17.36 22.14
CA MET A 348 44.10 18.61 22.72
C MET A 348 43.27 18.41 23.97
N MET A 349 42.76 17.21 24.25
CA MET A 349 42.05 17.06 25.51
C MET A 349 43.01 17.05 26.70
N ALA A 350 44.17 16.41 26.54
CA ALA A 350 45.22 16.53 27.54
C ALA A 350 45.77 17.95 27.60
N GLY A 351 45.84 18.63 26.46
CA GLY A 351 46.23 20.02 26.49
C GLY A 351 45.29 20.88 27.32
N LEU A 352 43.98 20.68 27.12
CA LEU A 352 42.99 21.41 27.92
C LEU A 352 43.03 20.99 29.38
N GLY A 353 43.31 19.71 29.65
CA GLY A 353 43.47 19.28 31.04
C GLY A 353 44.64 19.96 31.73
N GLU A 354 45.76 20.09 31.02
CA GLU A 354 46.90 20.82 31.57
C GLU A 354 46.56 22.30 31.76
N ALA A 355 45.83 22.88 30.79
CA ALA A 355 45.50 24.30 30.89
C ALA A 355 44.57 24.57 32.07
N LEU A 356 43.49 23.79 32.21
CA LEU A 356 42.55 24.02 33.29
C LEU A 356 43.15 23.67 34.65
N GLY A 357 43.78 22.49 34.75
CA GLY A 357 44.47 22.13 35.97
C GLY A 357 44.07 20.80 36.58
N PHE A 358 43.36 19.95 35.83
CA PHE A 358 43.01 18.62 36.31
C PHE A 358 43.93 17.59 35.65
N ASP A 359 44.26 16.55 36.40
CA ASP A 359 45.32 15.62 36.00
C ASP A 359 44.88 14.77 34.82
N VAL A 360 45.87 14.20 34.13
CA VAL A 360 45.63 13.44 32.91
C VAL A 360 45.36 11.95 33.20
N ASP A 361 45.86 11.44 34.33
CA ASP A 361 45.72 10.01 34.63
C ASP A 361 45.08 9.72 35.98
N THR A 362 45.01 10.70 36.88
CA THR A 362 44.52 10.42 38.23
C THR A 362 43.02 10.15 38.22
N PRO A 363 42.57 9.14 38.96
CA PRO A 363 41.12 8.89 39.05
C PRO A 363 40.39 10.06 39.69
N TRP A 364 39.11 10.20 39.30
CA TRP A 364 38.27 11.32 39.72
C TRP A 364 37.71 11.16 41.13
N ARG A 365 38.23 10.24 41.95
CA ARG A 365 37.84 10.16 43.35
C ARG A 365 38.91 10.69 44.29
N LYS A 366 40.19 10.50 43.96
CA LYS A 366 41.23 11.28 44.62
C LYS A 366 41.04 12.77 44.31
N LEU A 367 40.74 13.08 43.05
CA LEU A 367 40.24 14.39 42.67
C LEU A 367 38.75 14.49 43.00
N PRO A 368 38.22 15.70 43.10
CA PRO A 368 36.78 15.85 43.28
C PRO A 368 36.01 15.45 42.02
N ALA A 369 34.69 15.34 42.18
CA ALA A 369 33.82 15.15 41.02
C ALA A 369 33.79 16.38 40.12
N LYS A 370 34.33 17.50 40.60
CA LYS A 370 34.44 18.69 39.76
C LYS A 370 35.29 18.41 38.53
N ALA A 371 36.21 17.45 38.60
CA ALA A 371 36.96 17.06 37.41
C ALA A 371 36.04 16.50 36.33
N ARG A 372 35.13 15.59 36.72
CA ARG A 372 34.16 15.06 35.77
C ARG A 372 33.22 16.16 35.28
N LYS A 373 32.79 17.04 36.17
CA LYS A 373 31.90 18.12 35.75
C LYS A 373 32.58 19.07 34.77
N ALA A 374 33.86 19.39 35.00
CA ALA A 374 34.61 20.30 34.16
C ALA A 374 35.14 19.64 32.89
N ILE A 375 35.14 18.31 32.82
CA ILE A 375 35.34 17.66 31.53
C ILE A 375 34.01 17.51 30.79
N LEU A 376 32.88 17.57 31.50
CA LEU A 376 31.58 17.63 30.85
C LEU A 376 31.35 19.00 30.21
N GLU A 377 31.53 20.08 30.99
CA GLU A 377 31.34 21.43 30.46
C GLU A 377 32.55 21.97 29.74
N GLY A 378 33.76 21.59 30.15
CA GLY A 378 34.96 22.04 29.45
C GLY A 378 35.12 23.55 29.52
N ALA A 379 35.65 24.11 28.44
CA ALA A 379 35.87 25.55 28.34
C ALA A 379 35.92 25.93 26.87
N ASP A 380 35.77 27.22 26.61
CA ASP A 380 35.78 27.76 25.26
C ASP A 380 37.21 27.90 24.75
N GLU A 381 37.37 28.59 23.62
CA GLU A 381 38.66 28.89 23.00
C GLU A 381 39.37 27.64 22.51
N GLN A 382 40.38 27.81 21.67
CA GLN A 382 41.13 26.71 21.10
C GLN A 382 42.62 26.91 21.35
N VAL A 383 43.37 25.81 21.27
CA VAL A 383 44.81 25.82 21.45
C VAL A 383 45.46 25.09 20.29
N HIS A 384 46.75 25.39 20.07
CA HIS A 384 47.49 24.76 19.00
C HIS A 384 47.68 23.27 19.30
N VAL A 385 47.33 22.42 18.33
CA VAL A 385 47.38 20.97 18.54
C VAL A 385 47.43 20.25 17.20
N ARG A 386 48.33 19.27 17.08
CA ARG A 386 48.44 18.44 15.89
C ARG A 386 49.29 17.21 16.16
N TYR A 387 48.81 16.03 15.77
CA TYR A 387 49.52 14.79 16.02
C TYR A 387 49.18 13.77 14.94
N ARG A 388 50.00 12.73 14.85
CA ARG A 388 49.79 11.64 13.92
C ARG A 388 49.20 10.43 14.61
N ASN A 389 48.39 9.67 13.88
CA ASN A 389 47.75 8.47 14.39
C ASN A 389 48.59 7.24 14.09
N ARG A 390 48.06 6.09 14.49
CA ARG A 390 48.74 4.81 14.20
C ARG A 390 48.65 4.47 12.72
N TYR A 391 47.56 4.84 12.05
CA TYR A 391 47.34 4.49 10.65
C TYR A 391 48.23 5.25 9.69
N GLY A 392 48.91 6.30 10.14
CA GLY A 392 49.81 7.06 9.30
C GLY A 392 49.23 8.35 8.74
N ARG A 393 47.91 8.53 8.81
CA ARG A 393 47.29 9.75 8.33
C ARG A 393 47.57 10.90 9.29
N THR A 394 47.10 12.09 8.91
CA THR A 394 47.27 13.28 9.73
C THR A 394 46.01 14.13 9.58
N ARG A 395 45.14 14.11 10.59
CA ARG A 395 43.93 14.91 10.61
C ARG A 395 44.11 16.07 11.58
N SER A 396 43.57 17.23 11.20
CA SER A 396 43.67 18.45 11.99
C SER A 396 42.27 18.80 12.51
N TYR A 397 41.93 18.28 13.69
CA TYR A 397 40.65 18.57 14.32
C TYR A 397 40.77 19.90 15.08
N TYR A 398 40.71 20.99 14.32
CA TYR A 398 40.87 22.34 14.85
C TYR A 398 39.48 22.95 15.00
N ALA A 399 38.94 22.89 16.21
CA ALA A 399 37.62 23.43 16.50
C ALA A 399 37.51 23.73 17.98
N ASP A 400 36.50 24.51 18.33
CA ASP A 400 36.24 24.88 19.72
C ASP A 400 35.09 24.02 20.25
N PHE A 401 35.33 23.36 21.37
CA PHE A 401 34.34 22.47 21.98
C PHE A 401 34.16 22.84 23.45
N GLU A 402 32.91 22.86 23.89
CA GLU A 402 32.58 23.16 25.28
C GLU A 402 32.34 21.86 26.06
N GLY A 403 33.46 21.23 26.43
CA GLY A 403 33.40 19.96 27.13
C GLY A 403 32.93 18.85 26.21
N VAL A 404 32.88 17.64 26.78
CA VAL A 404 32.50 16.47 25.99
C VAL A 404 31.06 16.54 25.50
N LEU A 405 30.18 17.26 26.22
CA LEU A 405 28.80 17.37 25.79
C LEU A 405 28.69 18.13 24.46
N ALA A 406 29.45 19.20 24.31
CA ALA A 406 29.48 19.96 23.06
C ALA A 406 30.57 19.49 22.10
N PHE A 407 31.58 18.79 22.61
CA PHE A 407 32.58 18.17 21.74
C PHE A 407 31.96 17.05 20.92
N LEU A 408 31.15 16.21 21.56
CA LEU A 408 30.42 15.20 20.80
C LEU A 408 29.39 15.83 19.88
N GLN A 409 28.73 16.89 20.33
CA GLN A 409 27.81 17.61 19.43
C GLN A 409 28.56 18.17 18.23
N ARG A 410 29.78 18.67 18.45
CA ARG A 410 30.62 19.12 17.34
C ARG A 410 30.96 17.95 16.43
N LYS A 411 31.20 16.76 16.99
CA LYS A 411 31.44 15.58 16.17
C LYS A 411 30.23 15.25 15.31
N MET A 412 29.02 15.31 15.89
CA MET A 412 27.81 15.09 15.11
C MET A 412 27.67 16.12 13.99
N SER A 413 27.96 17.39 14.29
CA SER A 413 27.73 18.43 13.30
C SER A 413 28.89 18.66 12.34
N GLN A 414 30.02 17.95 12.51
CA GLN A 414 31.21 18.22 11.73
C GLN A 414 31.75 16.98 11.02
N THR A 415 31.70 15.82 11.65
CA THR A 415 32.40 14.65 11.12
C THR A 415 31.78 14.18 9.81
N GLU A 416 32.59 13.47 9.03
CA GLU A 416 32.16 12.86 7.79
C GLU A 416 31.58 11.46 7.99
N SER A 417 31.70 10.89 9.18
CA SER A 417 31.17 9.57 9.48
C SER A 417 29.69 9.72 9.80
N GLU A 418 28.84 9.43 8.82
CA GLU A 418 27.40 9.60 8.99
C GLU A 418 26.78 8.58 9.93
N GLN A 419 27.52 7.53 10.31
CA GLN A 419 27.00 6.52 11.22
C GLN A 419 27.26 6.89 12.69
N MET A 420 28.53 7.11 13.05
CA MET A 420 28.88 7.43 14.43
C MET A 420 28.30 8.76 14.87
N LYS A 421 28.09 9.70 13.94
CA LYS A 421 27.53 11.00 14.27
C LYS A 421 26.12 10.93 14.82
N GLU A 422 25.45 9.78 14.67
CA GLU A 422 24.21 9.52 15.38
C GLU A 422 24.30 8.35 16.33
N ARG A 423 25.31 7.48 16.18
CA ARG A 423 25.52 6.42 17.15
C ARG A 423 25.89 6.97 18.52
N TYR A 424 26.79 7.95 18.56
CA TYR A 424 27.26 8.49 19.83
C TYR A 424 26.23 9.39 20.49
N GLU A 425 25.28 9.94 19.73
CA GLU A 425 24.30 10.85 20.31
C GLU A 425 23.34 10.11 21.24
N GLY A 426 22.93 8.90 20.85
CA GLY A 426 21.89 8.19 21.57
C GLY A 426 22.24 7.78 22.99
N PHE A 427 23.46 7.27 23.20
CA PHE A 427 23.79 6.69 24.50
C PHE A 427 24.03 7.75 25.56
N MET A 428 24.59 8.91 25.18
CA MET A 428 25.06 9.85 26.19
C MET A 428 24.73 11.31 25.88
N ARG A 429 23.73 11.57 25.04
CA ARG A 429 23.23 12.92 24.81
C ARG A 429 21.72 12.91 24.89
N ASP A 430 21.16 13.77 25.76
CA ASP A 430 19.72 13.83 25.98
C ASP A 430 19.23 15.24 25.65
N VAL A 431 18.70 15.40 24.44
CA VAL A 431 18.13 16.69 24.01
C VAL A 431 16.73 16.44 23.47
N PRO A 432 15.73 16.24 24.33
CA PRO A 432 14.37 15.97 23.83
C PRO A 432 13.70 17.21 23.26
N CYS A 433 12.49 17.04 22.72
CA CYS A 433 11.77 18.16 22.13
C CYS A 433 11.27 19.09 23.23
N PRO A 434 11.65 20.37 23.23
CA PRO A 434 11.16 21.29 24.27
C PRO A 434 9.76 21.82 23.98
N VAL A 435 9.45 22.00 22.69
CA VAL A 435 8.17 22.58 22.31
C VAL A 435 6.99 21.63 22.47
N CYS A 436 7.23 20.32 22.54
CA CYS A 436 6.18 19.34 22.69
C CYS A 436 6.40 18.41 23.88
N ALA A 437 7.42 18.68 24.70
CA ALA A 437 7.82 17.78 25.78
C ALA A 437 8.15 16.40 25.23
N GLY A 438 8.59 16.35 23.98
CA GLY A 438 8.96 15.12 23.32
C GLY A 438 7.81 14.31 22.77
N THR A 439 6.58 14.79 22.89
CA THR A 439 5.40 14.02 22.52
C THR A 439 4.99 14.31 21.07
N ARG A 440 4.09 13.48 20.56
CA ARG A 440 3.73 13.47 19.14
C ARG A 440 2.49 14.31 18.87
N LEU A 441 2.49 15.58 19.29
CA LEU A 441 1.33 16.43 19.05
C LEU A 441 1.77 17.86 18.78
N LYS A 442 0.87 18.62 18.16
CA LYS A 442 1.07 20.02 17.91
C LYS A 442 1.18 20.78 19.24
N PRO A 443 1.90 21.91 19.27
CA PRO A 443 1.96 22.71 20.50
C PRO A 443 0.60 23.02 21.11
N GLU A 444 -0.31 23.62 20.35
CA GLU A 444 -1.57 24.09 20.92
C GLU A 444 -2.69 23.06 20.79
N ILE A 445 -2.42 21.79 21.14
CA ILE A 445 -3.47 20.83 21.41
C ILE A 445 -3.20 20.16 22.75
N LEU A 446 -1.93 19.79 22.98
CA LEU A 446 -1.57 18.93 24.10
C LEU A 446 -2.05 19.46 25.44
N ALA A 447 -2.08 20.78 25.62
CA ALA A 447 -2.58 21.34 26.86
C ALA A 447 -4.09 21.15 26.98
N VAL A 448 -4.84 21.48 25.92
CA VAL A 448 -6.29 21.46 25.99
C VAL A 448 -6.81 20.02 26.11
N THR A 449 -6.17 19.09 25.42
CA THR A 449 -6.70 17.72 25.39
C THR A 449 -6.68 17.09 26.79
N LEU A 450 -5.65 17.39 27.57
CA LEU A 450 -5.55 16.87 28.94
C LEU A 450 -6.04 17.86 29.99
N ALA A 451 -6.43 19.07 29.60
CA ALA A 451 -6.99 20.01 30.57
C ALA A 451 -8.27 19.46 31.20
N GLY A 452 -9.15 18.88 30.38
CA GLY A 452 -10.39 18.35 30.88
C GLY A 452 -10.28 16.94 31.44
N GLU A 453 -9.18 16.26 31.14
CA GLU A 453 -8.97 14.89 31.60
C GLU A 453 -7.97 14.84 32.74
N LYS A 461 -2.04 18.93 32.72
CA LYS A 461 -2.60 19.69 31.61
C LYS A 461 -1.82 19.44 30.33
N SER A 462 -0.50 19.55 30.41
CA SER A 462 0.35 19.27 29.27
C SER A 462 0.48 17.76 29.06
N ILE A 463 0.96 17.38 27.88
CA ILE A 463 1.12 15.98 27.52
C ILE A 463 2.60 15.62 27.64
N ALA A 464 2.89 14.68 28.53
CA ALA A 464 4.21 14.04 28.59
C ALA A 464 4.11 12.55 28.31
N GLU A 465 3.28 11.84 29.08
CA GLU A 465 2.85 10.46 28.83
C GLU A 465 3.94 9.54 28.28
N VAL A 466 3.69 8.98 27.09
CA VAL A 466 4.52 7.89 26.58
C VAL A 466 5.96 8.32 26.36
N CYS A 467 6.20 9.62 26.15
CA CYS A 467 7.54 10.10 25.86
C CYS A 467 8.29 10.59 27.09
N GLU A 468 7.64 10.64 28.26
CA GLU A 468 8.31 11.09 29.48
C GLU A 468 7.93 10.25 30.70
N LEU A 469 7.41 9.04 30.51
CA LEU A 469 7.00 8.18 31.61
C LEU A 469 7.68 6.82 31.46
N SER A 470 7.42 5.94 32.42
CA SER A 470 7.96 4.59 32.44
C SER A 470 6.85 3.58 32.21
N ILE A 471 7.25 2.35 31.86
CA ILE A 471 6.28 1.30 31.58
C ILE A 471 5.48 0.97 32.83
N ALA A 472 6.16 0.79 33.96
CA ALA A 472 5.48 0.44 35.20
C ALA A 472 4.59 1.59 35.69
N ASP A 473 5.09 2.83 35.59
CA ASP A 473 4.32 3.98 36.04
C ASP A 473 3.04 4.13 35.22
N CYS A 474 3.16 4.04 33.90
CA CYS A 474 1.97 4.12 33.06
C CYS A 474 1.03 2.95 33.31
N ALA A 475 1.60 1.75 33.53
CA ALA A 475 0.77 0.58 33.77
C ALA A 475 -0.05 0.73 35.04
N ASP A 476 0.55 1.26 36.10
CA ASP A 476 -0.14 1.44 37.37
C ASP A 476 -0.95 2.74 37.42
N PHE A 477 -0.77 3.64 36.46
CA PHE A 477 -1.52 4.89 36.42
C PHE A 477 -2.74 4.85 35.51
N LEU A 478 -2.70 4.04 34.44
CA LEU A 478 -3.83 4.01 33.50
C LEU A 478 -5.09 3.48 34.16
N ASN A 479 -4.97 2.43 34.97
CA ASN A 479 -6.12 1.85 35.65
C ASN A 479 -6.41 2.48 37.00
N ALA A 480 -5.61 3.47 37.41
CA ALA A 480 -5.85 4.14 38.69
C ALA A 480 -6.90 5.23 38.61
N LEU A 481 -7.39 5.55 37.41
CA LEU A 481 -8.40 6.60 37.22
C LEU A 481 -9.75 5.91 37.04
N THR A 482 -10.48 5.75 38.15
CA THR A 482 -11.84 5.20 38.11
C THR A 482 -12.83 6.33 37.82
N LEU A 483 -12.83 6.77 36.57
CA LEU A 483 -13.65 7.91 36.17
C LEU A 483 -15.13 7.58 36.27
N GLY A 484 -15.53 6.36 35.89
CA GLY A 484 -16.89 5.92 36.04
C GLY A 484 -17.67 5.79 34.74
N PRO A 485 -18.56 6.76 34.48
CA PRO A 485 -19.58 6.55 33.44
C PRO A 485 -19.04 6.25 32.04
N ARG A 486 -17.91 6.84 31.66
CA ARG A 486 -17.44 6.71 30.28
C ARG A 486 -16.69 5.40 30.04
N GLU A 487 -15.64 5.14 30.81
CA GLU A 487 -14.77 4.00 30.58
C GLU A 487 -14.90 2.89 31.62
N GLN A 488 -15.45 3.19 32.80
CA GLN A 488 -15.57 2.22 33.89
C GLN A 488 -17.03 1.85 34.15
N ALA A 489 -17.83 1.80 33.09
CA ALA A 489 -19.26 1.51 33.21
C ALA A 489 -19.58 0.04 32.95
N ILE A 490 -19.21 -0.46 31.77
CA ILE A 490 -19.46 -1.83 31.39
C ILE A 490 -18.15 -2.61 31.41
N ALA A 491 -18.26 -3.93 31.47
CA ALA A 491 -17.08 -4.80 31.43
C ALA A 491 -16.36 -4.61 30.11
N GLY A 492 -17.01 -4.99 29.01
CA GLY A 492 -16.45 -4.76 27.69
C GLY A 492 -15.08 -5.41 27.54
N GLN A 493 -14.12 -4.62 27.03
CA GLN A 493 -12.75 -5.09 26.88
C GLN A 493 -11.70 -4.09 27.34
N VAL A 494 -12.05 -2.84 27.60
CA VAL A 494 -11.04 -1.80 27.81
C VAL A 494 -10.21 -2.09 29.05
N LEU A 495 -10.85 -2.19 30.21
CA LEU A 495 -10.12 -2.38 31.46
C LEU A 495 -9.35 -3.70 31.46
N LYS A 496 -9.98 -4.77 30.97
CA LYS A 496 -9.32 -6.07 30.96
C LYS A 496 -8.13 -6.10 30.03
N GLU A 497 -8.24 -5.48 28.84
CA GLU A 497 -7.11 -5.46 27.92
C GLU A 497 -5.99 -4.58 28.45
N ILE A 498 -6.32 -3.48 29.13
CA ILE A 498 -5.29 -2.68 29.77
C ILE A 498 -4.58 -3.48 30.85
N ARG A 499 -5.33 -4.22 31.66
CA ARG A 499 -4.74 -4.94 32.78
C ARG A 499 -3.91 -6.13 32.31
N SER A 500 -4.34 -6.81 31.25
CA SER A 500 -3.80 -8.12 30.92
C SER A 500 -2.31 -8.06 30.54
N ARG A 501 -1.99 -7.30 29.50
CA ARG A 501 -0.61 -7.28 29.01
C ARG A 501 0.33 -6.65 30.03
N LEU A 502 -0.12 -5.60 30.72
CA LEU A 502 0.72 -4.95 31.72
C LEU A 502 0.99 -5.88 32.91
N GLY A 503 -0.02 -6.64 33.34
CA GLY A 503 0.22 -7.64 34.38
C GLY A 503 1.11 -8.76 33.92
N PHE A 504 0.99 -9.17 32.65
CA PHE A 504 1.90 -10.17 32.11
C PHE A 504 3.33 -9.68 32.12
N LEU A 505 3.54 -8.41 31.78
CA LEU A 505 4.87 -7.81 31.92
C LEU A 505 5.31 -7.79 33.37
N LEU A 506 4.37 -7.51 34.29
CA LEU A 506 4.71 -7.44 35.70
C LEU A 506 5.21 -8.78 36.24
N ASP A 507 4.49 -9.87 35.92
CA ASP A 507 4.88 -11.16 36.47
C ASP A 507 6.17 -11.69 35.84
N VAL A 508 6.40 -11.39 34.56
CA VAL A 508 7.65 -11.81 33.93
C VAL A 508 8.82 -10.98 34.47
N GLY A 509 8.61 -9.67 34.63
CA GLY A 509 9.63 -8.83 35.22
C GLY A 509 10.08 -7.65 34.38
N LEU A 510 9.22 -7.17 33.48
CA LEU A 510 9.54 -6.01 32.64
C LEU A 510 9.12 -4.69 33.29
N GLU A 511 9.03 -4.64 34.62
CA GLU A 511 8.63 -3.41 35.28
C GLU A 511 9.72 -2.35 35.26
N TYR A 512 10.97 -2.72 35.00
CA TYR A 512 12.06 -1.75 34.98
C TYR A 512 12.10 -0.95 33.69
N LEU A 513 11.41 -1.40 32.65
CA LEU A 513 11.47 -0.72 31.37
C LEU A 513 10.71 0.61 31.43
N SER A 514 11.08 1.52 30.52
CA SER A 514 10.47 2.83 30.42
C SER A 514 10.18 3.15 28.96
N LEU A 515 8.98 3.68 28.71
CA LEU A 515 8.63 4.05 27.34
C LEU A 515 9.44 5.25 26.86
N SER A 516 9.75 6.18 27.78
CA SER A 516 10.56 7.33 27.41
C SER A 516 11.97 6.92 27.01
N ARG A 517 12.45 5.78 27.52
CA ARG A 517 13.77 5.30 27.15
C ARG A 517 13.83 4.97 25.67
N ALA A 518 14.98 5.25 25.05
CA ALA A 518 15.15 4.97 23.64
C ALA A 518 15.11 3.46 23.38
N ALA A 519 14.53 3.08 22.24
CA ALA A 519 14.42 1.67 21.89
C ALA A 519 15.79 1.05 21.60
N ALA A 520 16.80 1.86 21.30
CA ALA A 520 18.13 1.34 21.02
C ALA A 520 18.79 0.77 22.28
N THR A 521 18.31 1.11 23.47
CA THR A 521 18.86 0.62 24.72
C THR A 521 18.16 -0.64 25.21
N LEU A 522 17.55 -1.41 24.31
CA LEU A 522 16.84 -2.62 24.69
C LEU A 522 17.84 -3.71 25.07
N SER A 523 17.77 -4.17 26.31
CA SER A 523 18.65 -5.24 26.78
C SER A 523 18.23 -6.58 26.18
N GLY A 524 19.10 -7.58 26.31
CA GLY A 524 18.78 -8.90 25.81
C GLY A 524 17.58 -9.51 26.50
N GLY A 525 17.48 -9.33 27.82
CA GLY A 525 16.31 -9.81 28.54
C GLY A 525 15.03 -9.15 28.07
N GLU A 526 15.06 -7.83 27.86
CA GLU A 526 13.90 -7.13 27.33
C GLU A 526 13.54 -7.65 25.94
N ALA A 527 14.56 -7.87 25.09
CA ALA A 527 14.30 -8.36 23.74
C ALA A 527 13.65 -9.73 23.76
N GLN A 528 14.11 -10.61 24.65
CA GLN A 528 13.56 -11.96 24.71
C GLN A 528 12.25 -12.04 25.49
N ARG A 529 11.91 -11.02 26.28
CA ARG A 529 10.69 -11.06 27.08
C ARG A 529 9.52 -10.31 26.46
N ILE A 530 9.78 -9.17 25.80
CA ILE A 530 8.69 -8.41 25.19
C ILE A 530 8.05 -9.23 24.06
N ARG A 531 8.86 -9.89 23.24
CA ARG A 531 8.31 -10.73 22.19
C ARG A 531 7.50 -11.89 22.76
N LEU A 532 7.99 -12.51 23.84
CA LEU A 532 7.23 -13.56 24.50
C LEU A 532 5.89 -13.04 24.99
N ALA A 533 5.88 -11.87 25.63
CA ALA A 533 4.64 -11.32 26.16
C ALA A 533 3.65 -10.98 25.04
N THR A 534 4.15 -10.38 23.96
CA THR A 534 3.27 -10.05 22.83
C THR A 534 2.71 -11.29 22.16
N GLN A 535 3.52 -12.34 21.99
CA GLN A 535 3.01 -13.59 21.44
C GLN A 535 1.98 -14.23 22.36
N ILE A 536 2.23 -14.18 23.68
CA ILE A 536 1.33 -14.77 24.66
C ILE A 536 0.00 -14.03 24.80
N GLY A 537 0.00 -12.71 24.59
CA GLY A 537 -1.20 -11.92 24.83
C GLY A 537 -2.41 -12.39 24.05
N SER A 538 -2.20 -12.98 22.88
CA SER A 538 -3.32 -13.54 22.11
C SER A 538 -3.95 -14.72 22.85
N GLY A 539 -3.12 -15.66 23.29
CA GLY A 539 -3.62 -16.80 24.03
C GLY A 539 -4.60 -17.67 23.27
N LEU A 540 -4.49 -17.72 21.94
CA LEU A 540 -5.42 -18.52 21.15
C LEU A 540 -5.09 -19.99 21.31
N VAL A 541 -6.13 -20.81 21.33
CA VAL A 541 -5.98 -22.24 21.62
C VAL A 541 -5.92 -23.03 20.33
N GLY A 542 -4.93 -23.93 20.23
CA GLY A 542 -4.77 -24.76 19.07
C GLY A 542 -3.79 -24.27 18.03
N VAL A 543 -3.18 -23.10 18.24
CA VAL A 543 -2.23 -22.53 17.28
C VAL A 543 -0.84 -23.01 17.66
N LEU A 544 -0.04 -23.33 16.64
CA LEU A 544 1.33 -23.80 16.83
C LEU A 544 2.26 -22.63 17.04
N TYR A 545 3.10 -22.72 18.07
CA TYR A 545 4.15 -21.75 18.34
C TYR A 545 5.49 -22.43 18.12
N VAL A 546 6.39 -21.75 17.41
CA VAL A 546 7.78 -22.19 17.28
C VAL A 546 8.67 -21.07 17.80
N LEU A 547 9.57 -21.41 18.73
CA LEU A 547 10.37 -20.41 19.43
C LEU A 547 11.85 -20.67 19.20
N ASP A 548 12.63 -19.60 19.25
CA ASP A 548 14.09 -19.72 19.18
C ASP A 548 14.64 -20.12 20.55
N GLU A 549 15.96 -20.04 20.68
CA GLU A 549 16.60 -20.42 21.94
C GLU A 549 16.37 -19.35 22.98
N PRO A 550 15.68 -19.65 24.08
CA PRO A 550 15.31 -18.61 25.06
C PRO A 550 16.34 -18.36 26.15
N SER A 551 17.42 -19.15 26.23
CA SER A 551 18.40 -18.95 27.30
C SER A 551 19.03 -17.57 27.23
N ILE A 552 19.09 -16.97 26.04
CA ILE A 552 19.54 -15.59 25.92
C ILE A 552 18.50 -14.67 26.54
N GLY A 553 18.92 -13.90 27.54
CA GLY A 553 18.01 -12.99 28.21
C GLY A 553 17.23 -13.57 29.37
N LEU A 554 17.39 -14.86 29.65
CA LEU A 554 16.72 -15.46 30.81
C LEU A 554 17.71 -16.33 31.56
N HIS A 555 17.43 -16.52 32.84
CA HIS A 555 18.23 -17.36 33.73
C HIS A 555 17.61 -18.75 33.84
N GLN A 556 18.33 -19.66 34.51
CA GLN A 556 17.78 -20.97 34.79
C GLN A 556 16.57 -20.89 35.70
N ARG A 557 16.65 -20.06 36.74
CA ARG A 557 15.48 -19.86 37.60
C ARG A 557 14.38 -19.11 36.88
N ASP A 558 14.74 -18.25 35.92
CA ASP A 558 13.73 -17.64 35.06
C ASP A 558 13.09 -18.68 34.15
N ASN A 559 13.87 -19.67 33.70
CA ASN A 559 13.31 -20.78 32.95
C ASN A 559 12.39 -21.63 33.83
N ARG A 560 12.67 -21.68 35.14
CA ARG A 560 11.80 -22.40 36.06
C ARG A 560 10.41 -21.81 36.16
N ARG A 561 10.20 -20.59 35.68
CA ARG A 561 8.87 -20.02 35.53
C ARG A 561 8.41 -19.91 34.08
N LEU A 562 9.35 -19.77 33.13
CA LEU A 562 8.98 -19.82 31.72
C LEU A 562 8.37 -21.17 31.36
N ILE A 563 8.87 -22.24 31.97
CA ILE A 563 8.32 -23.58 31.71
C ILE A 563 6.91 -23.70 32.26
N GLU A 564 6.66 -23.11 33.44
CA GLU A 564 5.31 -23.09 33.97
C GLU A 564 4.38 -22.25 33.10
N THR A 565 4.88 -21.14 32.55
CA THR A 565 4.08 -20.38 31.59
C THR A 565 3.77 -21.20 30.35
N LEU A 566 4.75 -21.96 29.85
CA LEU A 566 4.52 -22.81 28.69
C LEU A 566 3.50 -23.90 29.00
N THR A 567 3.54 -24.46 30.22
CA THR A 567 2.55 -25.47 30.59
C THR A 567 1.17 -24.86 30.76
N ARG A 568 1.09 -23.59 31.20
CA ARG A 568 -0.20 -22.90 31.20
C ARG A 568 -0.73 -22.76 29.78
N LEU A 569 0.13 -22.37 28.85
CA LEU A 569 -0.27 -22.27 27.45
C LEU A 569 -0.73 -23.63 26.92
N ARG A 570 -0.03 -24.69 27.29
CA ARG A 570 -0.45 -26.04 26.90
C ARG A 570 -1.80 -26.39 27.50
N ASP A 571 -2.03 -26.02 28.76
CA ASP A 571 -3.33 -26.24 29.39
C ASP A 571 -4.44 -25.48 28.67
N LEU A 572 -4.10 -24.36 28.04
CA LEU A 572 -5.07 -23.69 27.18
C LEU A 572 -5.47 -24.59 26.02
N GLY A 573 -4.51 -25.31 25.44
CA GLY A 573 -4.83 -26.25 24.39
C GLY A 573 -4.11 -26.02 23.08
N ASN A 574 -2.93 -25.41 23.13
CA ASN A 574 -2.15 -25.10 21.94
C ASN A 574 -1.02 -26.11 21.76
N THR A 575 -0.17 -25.88 20.76
CA THR A 575 1.01 -26.67 20.52
C THR A 575 2.24 -25.78 20.58
N LEU A 576 3.30 -26.26 21.24
CA LEU A 576 4.49 -25.46 21.49
C LEU A 576 5.73 -26.20 21.05
N ILE A 577 6.68 -25.45 20.49
CA ILE A 577 7.95 -25.99 20.04
C ILE A 577 9.07 -25.05 20.48
N VAL A 578 10.07 -25.59 21.18
CA VAL A 578 11.18 -24.82 21.70
C VAL A 578 12.48 -25.54 21.33
N VAL A 579 13.57 -24.78 21.24
CA VAL A 579 14.89 -25.31 20.98
C VAL A 579 15.82 -24.93 22.13
N GLU A 580 15.27 -24.87 23.34
CA GLU A 580 16.02 -24.36 24.48
C GLU A 580 17.24 -25.22 24.80
N HIS A 581 17.09 -26.54 24.72
CA HIS A 581 18.10 -27.57 24.98
C HIS A 581 18.40 -27.75 26.46
N ASP A 582 17.79 -26.96 27.35
CA ASP A 582 18.02 -27.13 28.78
C ASP A 582 17.44 -28.46 29.26
N GLU A 583 18.11 -29.08 30.22
CA GLU A 583 17.66 -30.37 30.74
C GLU A 583 16.29 -30.28 31.39
N ASP A 584 15.85 -29.09 31.78
CA ASP A 584 14.51 -28.95 32.34
C ASP A 584 13.44 -29.03 31.26
N THR A 585 13.69 -28.44 30.09
CA THR A 585 12.76 -28.59 28.98
C THR A 585 12.80 -30.01 28.44
N ILE A 586 13.97 -30.65 28.46
CA ILE A 586 14.08 -32.08 28.20
C ILE A 586 13.44 -32.80 29.39
N GLU A 587 13.12 -34.09 29.22
CA GLU A 587 12.44 -34.93 30.19
C GLU A 587 10.98 -34.54 30.37
N HIS A 588 10.53 -33.46 29.73
CA HIS A 588 9.13 -33.06 29.73
C HIS A 588 8.45 -33.32 28.39
N ALA A 589 9.12 -34.03 27.49
CA ALA A 589 8.61 -34.31 26.15
C ALA A 589 8.30 -35.79 26.02
N ASP A 590 7.11 -36.10 25.52
CA ASP A 590 6.71 -37.50 25.35
C ASP A 590 7.51 -38.18 24.25
N TRP A 591 7.89 -37.44 23.21
CA TRP A 591 8.65 -37.98 22.08
C TRP A 591 9.73 -36.96 21.73
N ILE A 592 10.91 -37.15 22.32
CA ILE A 592 12.03 -36.25 22.05
C ILE A 592 12.74 -36.67 20.77
N VAL A 593 13.21 -35.69 20.02
CA VAL A 593 13.91 -35.90 18.75
C VAL A 593 15.22 -35.14 18.79
N ASP A 594 16.31 -35.82 18.45
CA ASP A 594 17.64 -35.25 18.33
C ASP A 594 18.19 -35.58 16.95
N ILE A 595 18.78 -34.56 16.30
CA ILE A 595 19.24 -34.66 14.93
C ILE A 595 20.71 -34.26 14.88
N GLY A 596 21.39 -34.71 13.83
CA GLY A 596 22.73 -34.28 13.54
C GLY A 596 23.82 -34.92 14.39
N PRO A 597 24.01 -36.23 14.26
CA PRO A 597 25.20 -36.84 14.90
C PRO A 597 26.49 -36.23 14.39
N GLY A 598 26.53 -35.88 13.10
CA GLY A 598 27.60 -35.09 12.53
C GLY A 598 27.03 -33.96 11.72
N ALA A 599 27.52 -32.74 11.95
CA ALA A 599 26.93 -31.56 11.34
C ALA A 599 27.12 -31.51 9.82
N GLY A 600 27.99 -32.35 9.26
CA GLY A 600 28.22 -32.41 7.84
C GLY A 600 27.61 -33.63 7.19
N GLU A 601 28.19 -34.00 6.04
CA GLU A 601 27.72 -35.17 5.31
C GLU A 601 27.98 -36.47 6.06
N HIS A 602 28.93 -36.47 7.01
CA HIS A 602 29.23 -37.67 7.77
C HIS A 602 28.11 -38.03 8.75
N GLY A 603 27.25 -37.08 9.09
CA GLY A 603 26.18 -37.33 10.05
C GLY A 603 24.84 -36.77 9.63
N GLY A 604 24.56 -36.78 8.33
CA GLY A 604 23.29 -36.29 7.83
C GLY A 604 22.17 -37.31 7.93
N ARG A 605 21.96 -37.85 9.13
CA ARG A 605 20.94 -38.86 9.35
C ARG A 605 20.26 -38.59 10.69
N ILE A 606 19.11 -39.24 10.89
CA ILE A 606 18.39 -39.11 12.15
C ILE A 606 19.12 -39.92 13.23
N VAL A 607 19.37 -39.28 14.37
CA VAL A 607 20.13 -39.92 15.43
C VAL A 607 19.27 -40.29 16.64
N HIS A 608 18.13 -39.64 16.85
CA HIS A 608 17.28 -40.03 17.97
C HIS A 608 15.86 -39.54 17.73
N SER A 609 14.88 -40.42 17.93
CA SER A 609 13.48 -40.02 17.93
C SER A 609 12.72 -41.07 18.73
N GLY A 610 12.41 -40.75 19.99
CA GLY A 610 11.84 -41.75 20.87
C GLY A 610 11.24 -41.22 22.15
N PRO A 611 10.88 -42.14 23.06
CA PRO A 611 10.17 -41.75 24.28
C PRO A 611 11.10 -41.32 25.41
N TYR A 612 12.35 -40.99 25.08
CA TYR A 612 13.39 -40.48 25.98
C TYR A 612 13.98 -41.60 26.84
N ASP A 613 13.44 -42.82 26.79
CA ASP A 613 13.98 -43.90 27.61
C ASP A 613 15.30 -44.44 27.07
N GLU A 614 15.50 -44.40 25.76
CA GLU A 614 16.73 -44.89 25.16
C GLU A 614 17.83 -43.83 25.10
N LEU A 615 17.55 -42.61 25.58
CA LEU A 615 18.56 -41.56 25.54
C LEU A 615 19.75 -41.90 26.43
N LEU A 616 19.48 -42.45 27.62
CA LEU A 616 20.56 -42.74 28.57
C LEU A 616 21.51 -43.79 28.03
N ARG A 617 20.97 -44.86 27.41
CA ARG A 617 21.82 -45.94 26.93
C ARG A 617 22.57 -45.56 25.65
N ASN A 618 22.04 -44.64 24.86
CA ASN A 618 22.64 -44.23 23.60
C ASN A 618 23.51 -43.00 23.86
N LYS A 619 24.83 -43.20 23.86
CA LYS A 619 25.76 -42.10 24.06
C LYS A 619 26.11 -41.37 22.78
N ASP A 620 25.67 -41.88 21.62
CA ASP A 620 25.95 -41.20 20.36
C ASP A 620 25.30 -39.82 20.31
N SER A 621 24.05 -39.73 20.77
CA SER A 621 23.38 -38.44 20.84
C SER A 621 24.10 -37.52 21.82
N ILE A 622 24.24 -36.26 21.45
CA ILE A 622 25.02 -35.32 22.26
C ILE A 622 24.28 -34.98 23.54
N THR A 623 22.97 -34.75 23.47
CA THR A 623 22.21 -34.44 24.68
C THR A 623 22.21 -35.62 25.64
N GLY A 624 22.11 -36.84 25.11
CA GLY A 624 22.27 -38.01 25.96
C GLY A 624 23.69 -38.15 26.49
N ALA A 625 24.68 -37.80 25.67
CA ALA A 625 26.07 -37.88 26.10
C ALA A 625 26.35 -36.89 27.22
N TYR A 626 25.56 -35.83 27.33
CA TYR A 626 25.74 -34.90 28.44
C TYR A 626 25.35 -35.54 29.77
N LEU A 627 24.17 -36.16 29.82
CA LEU A 627 23.69 -36.75 31.07
C LEU A 627 24.54 -37.93 31.49
N SER A 628 24.77 -38.88 30.58
CA SER A 628 25.72 -39.97 30.80
C SER A 628 27.10 -39.52 30.32
N GLY A 629 27.62 -38.52 31.04
CA GLY A 629 28.76 -37.77 30.56
C GLY A 629 30.10 -38.48 30.53
N ARG A 630 30.66 -38.76 31.71
CA ARG A 630 32.07 -39.12 31.88
C ARG A 630 32.95 -37.95 31.45
N GLU A 631 32.31 -36.84 31.05
CA GLU A 631 32.99 -35.62 30.63
C GLU A 631 32.39 -34.36 31.25
N SER A 632 31.11 -34.34 31.59
CA SER A 632 30.49 -33.21 32.26
C SER A 632 30.57 -33.36 33.78
N ILE A 633 31.78 -33.58 34.26
CA ILE A 633 32.04 -33.79 35.67
C ILE A 633 32.66 -32.52 36.24
N GLU A 634 32.83 -32.48 37.56
CA GLU A 634 33.42 -31.30 38.19
C GLU A 634 34.82 -31.02 37.65
N ILE A 635 35.57 -32.06 37.29
CA ILE A 635 36.93 -31.95 36.76
C ILE A 635 37.73 -31.01 37.65
N PRO A 636 38.13 -31.44 38.85
CA PRO A 636 38.75 -30.50 39.80
C PRO A 636 40.05 -29.92 39.30
N ALA A 637 40.04 -28.61 39.04
CA ALA A 637 41.26 -27.91 38.65
C ALA A 637 42.03 -27.49 39.89
N ILE A 638 43.15 -26.78 39.67
CA ILE A 638 43.95 -26.30 40.78
C ILE A 638 43.16 -25.30 41.61
N ARG A 639 42.47 -24.36 40.94
CA ARG A 639 41.64 -23.34 41.57
C ARG A 639 42.44 -22.38 42.43
N ARG A 640 43.76 -22.57 42.47
CA ARG A 640 44.65 -21.69 43.21
C ARG A 640 45.46 -20.76 42.31
N SER A 641 45.22 -20.80 41.00
CA SER A 641 45.90 -19.89 40.09
C SER A 641 45.42 -18.46 40.23
N VAL A 642 44.34 -18.22 41.00
CA VAL A 642 43.96 -16.85 41.34
C VAL A 642 45.06 -16.21 42.16
N ASP A 643 45.08 -14.88 42.18
CA ASP A 643 46.11 -14.16 42.91
C ASP A 643 45.48 -13.04 43.73
N PRO A 644 45.94 -12.85 44.97
CA PRO A 644 45.40 -11.74 45.79
C PRO A 644 45.62 -10.37 45.18
N ARG A 645 46.74 -10.17 44.49
CA ARG A 645 47.08 -8.88 43.89
C ARG A 645 46.89 -8.86 42.37
N ARG A 646 47.25 -9.95 41.69
CA ARG A 646 47.10 -10.05 40.25
C ARG A 646 45.65 -10.44 39.95
N GLN A 647 44.78 -9.44 40.05
CA GLN A 647 43.33 -9.67 40.02
C GLN A 647 42.63 -8.35 39.75
N LEU A 648 41.55 -8.41 38.98
CA LEU A 648 40.80 -7.22 38.58
C LEU A 648 39.62 -7.01 39.51
N THR A 649 39.27 -5.74 39.73
CA THR A 649 38.12 -5.39 40.55
C THR A 649 37.28 -4.35 39.84
N VAL A 650 35.98 -4.40 40.06
CA VAL A 650 35.06 -3.35 39.60
C VAL A 650 34.19 -2.94 40.79
N VAL A 651 34.02 -1.63 40.98
CA VAL A 651 33.27 -1.10 42.11
C VAL A 651 32.39 0.04 41.64
N GLY A 652 31.34 0.31 42.43
CA GLY A 652 30.56 1.52 42.29
C GLY A 652 29.78 1.67 41.00
N ALA A 653 29.52 0.57 40.29
CA ALA A 653 28.79 0.63 39.02
C ALA A 653 27.31 0.85 39.32
N ARG A 654 26.88 2.11 39.32
CA ARG A 654 25.49 2.44 39.61
C ARG A 654 24.65 2.51 38.33
N GLU A 655 24.75 1.47 37.51
CA GLU A 655 23.97 1.41 36.30
C GLU A 655 22.49 1.18 36.62
N HIS A 656 21.64 1.44 35.63
CA HIS A 656 20.21 1.20 35.80
C HIS A 656 19.90 -0.27 36.07
N ASN A 657 20.78 -1.18 35.64
CA ASN A 657 20.64 -2.60 35.93
C ASN A 657 21.52 -3.05 37.09
N LEU A 658 22.29 -2.14 37.70
CA LEU A 658 23.22 -2.52 38.75
C LEU A 658 22.99 -1.70 40.02
N ARG A 659 23.86 -1.88 41.01
CA ARG A 659 23.78 -1.15 42.28
C ARG A 659 25.08 -0.51 42.71
N GLY A 660 26.23 -1.04 42.32
CA GLY A 660 27.51 -0.46 42.72
C GLY A 660 28.37 -1.41 43.52
N ILE A 661 28.21 -2.71 43.28
CA ILE A 661 28.95 -3.74 44.03
C ILE A 661 30.34 -3.91 43.45
N ASP A 662 31.20 -4.62 44.18
CA ASP A 662 32.57 -4.90 43.75
C ASP A 662 32.64 -6.34 43.27
N VAL A 663 32.89 -6.52 41.97
CA VAL A 663 33.14 -7.84 41.39
C VAL A 663 34.65 -8.05 41.33
N SER A 664 35.08 -9.22 41.78
CA SER A 664 36.50 -9.55 41.89
C SER A 664 36.83 -10.62 40.85
N PHE A 665 37.26 -10.17 39.68
CA PHE A 665 37.61 -11.09 38.59
C PHE A 665 39.02 -11.64 38.81
N PRO A 666 39.20 -12.94 38.95
CA PRO A 666 40.55 -13.51 39.00
C PRO A 666 41.16 -13.61 37.62
N LEU A 667 42.48 -13.70 37.61
CA LEU A 667 43.25 -13.76 36.37
C LEU A 667 43.91 -15.13 36.22
N GLY A 668 44.00 -15.60 34.98
CA GLY A 668 44.53 -16.91 34.71
C GLY A 668 43.62 -18.06 35.06
N VAL A 669 42.30 -17.80 35.12
CA VAL A 669 41.33 -18.81 35.53
C VAL A 669 40.19 -18.84 34.51
N LEU A 670 39.34 -19.85 34.67
CA LEU A 670 38.07 -19.92 33.94
C LEU A 670 36.94 -19.35 34.79
N THR A 671 37.06 -18.06 35.10
CA THR A 671 36.05 -17.39 35.92
C THR A 671 34.77 -17.27 35.11
N SER A 672 33.63 -17.51 35.77
CA SER A 672 32.34 -17.46 35.10
C SER A 672 31.42 -16.52 35.86
N VAL A 673 30.89 -15.52 35.16
CA VAL A 673 29.92 -14.61 35.74
C VAL A 673 28.52 -15.12 35.43
N THR A 674 27.72 -15.29 36.47
CA THR A 674 26.39 -15.86 36.35
C THR A 674 25.41 -15.02 37.17
N GLY A 675 24.14 -15.42 37.11
CA GLY A 675 23.07 -14.68 37.76
C GLY A 675 21.88 -14.53 36.84
N VAL A 676 20.80 -13.91 37.33
CA VAL A 676 19.63 -13.73 36.51
C VAL A 676 19.92 -12.70 35.42
N SER A 677 19.56 -13.02 34.19
CA SER A 677 19.78 -12.10 33.08
C SER A 677 18.93 -10.84 33.27
N GLY A 678 19.49 -9.69 32.91
CA GLY A 678 18.86 -8.42 33.14
C GLY A 678 19.08 -7.86 34.53
N SER A 679 19.82 -8.55 35.39
CA SER A 679 20.11 -8.07 36.73
C SER A 679 21.44 -7.32 36.81
N GLY A 680 22.10 -7.09 35.67
CA GLY A 680 23.29 -6.28 35.64
C GLY A 680 24.59 -7.01 35.29
N LYS A 681 24.55 -8.34 35.16
CA LYS A 681 25.77 -9.07 34.83
C LYS A 681 26.27 -8.70 33.44
N SER A 682 25.35 -8.59 32.47
CA SER A 682 25.75 -8.21 31.12
C SER A 682 26.18 -6.76 31.04
N THR A 683 25.50 -5.87 31.77
CA THR A 683 25.87 -4.46 31.75
C THR A 683 27.22 -4.20 32.41
N LEU A 684 27.66 -5.09 33.30
CA LEU A 684 28.95 -4.96 33.97
C LEU A 684 30.08 -5.66 33.22
N VAL A 685 29.90 -6.94 32.89
CA VAL A 685 30.97 -7.69 32.24
C VAL A 685 31.17 -7.23 30.80
N ASN A 686 30.09 -7.01 30.07
CA ASN A 686 30.18 -6.69 28.65
C ASN A 686 30.10 -5.19 28.38
N ASP A 687 29.05 -4.52 28.88
CA ASP A 687 28.87 -3.11 28.56
C ASP A 687 29.91 -2.23 29.24
N ILE A 688 30.48 -2.68 30.35
CA ILE A 688 31.42 -1.88 31.14
C ILE A 688 32.85 -2.39 31.01
N LEU A 689 33.09 -3.64 31.40
CA LEU A 689 34.45 -4.16 31.42
C LEU A 689 34.97 -4.41 30.01
N ALA A 690 34.30 -5.29 29.26
CA ALA A 690 34.73 -5.60 27.91
C ALA A 690 34.86 -4.34 27.09
N ALA A 691 33.97 -3.38 27.29
CA ALA A 691 34.04 -2.11 26.56
C ALA A 691 35.33 -1.37 26.85
N VAL A 692 35.70 -1.22 28.12
CA VAL A 692 36.87 -0.40 28.45
C VAL A 692 38.15 -1.08 28.01
N LEU A 693 38.30 -2.39 28.30
CA LEU A 693 39.52 -3.04 27.86
C LEU A 693 39.58 -3.21 26.34
N ALA A 694 38.43 -3.23 25.67
CA ALA A 694 38.46 -3.25 24.22
C ALA A 694 38.88 -1.90 23.65
N ASN A 695 38.33 -0.81 24.19
CA ASN A 695 38.59 0.50 23.60
C ASN A 695 39.98 1.03 23.93
N ARG A 696 40.55 0.64 25.08
CA ARG A 696 41.90 1.11 25.36
C ARG A 696 42.83 -0.03 25.76
N LEU A 697 42.61 -1.22 25.22
CA LEU A 697 43.57 -2.30 25.32
C LEU A 697 43.71 -3.07 24.01
N ASN A 698 42.81 -2.83 23.04
CA ASN A 698 42.99 -3.28 21.66
C ASN A 698 42.67 -2.21 20.62
N GLY A 699 41.88 -1.18 20.96
CA GLY A 699 41.57 -0.12 20.02
C GLY A 699 40.13 -0.10 19.52
N ALA A 700 39.17 -0.43 20.38
CA ALA A 700 37.77 -0.44 20.02
C ALA A 700 37.14 0.93 20.32
N ARG A 701 35.79 1.01 20.24
CA ARG A 701 35.12 2.30 20.30
C ARG A 701 33.94 2.37 21.27
N GLN A 702 33.62 1.30 21.99
CA GLN A 702 32.41 1.29 22.81
C GLN A 702 32.55 2.20 24.03
N VAL A 703 31.41 2.73 24.48
CA VAL A 703 31.34 3.63 25.63
C VAL A 703 31.48 2.82 26.92
N PRO A 704 32.27 3.29 27.88
CA PRO A 704 32.44 2.53 29.13
C PRO A 704 31.15 2.25 29.89
N GLY A 705 30.22 3.21 29.94
CA GLY A 705 29.01 3.03 30.72
C GLY A 705 29.20 3.40 32.19
N ARG A 706 28.11 3.30 32.93
CA ARG A 706 28.07 3.77 34.31
C ARG A 706 28.81 2.80 35.21
N HIS A 707 30.03 3.16 35.59
CA HIS A 707 30.86 2.41 36.54
C HIS A 707 31.89 3.37 37.09
N THR A 708 32.79 2.88 37.94
CA THR A 708 33.88 3.70 38.44
C THR A 708 35.26 3.18 38.11
N ARG A 709 35.57 1.93 38.43
CA ARG A 709 36.95 1.48 38.49
C ARG A 709 37.12 0.11 37.86
N VAL A 710 38.21 -0.05 37.12
CA VAL A 710 38.75 -1.37 36.78
C VAL A 710 40.23 -1.34 37.12
N THR A 711 40.70 -2.37 37.81
CA THR A 711 42.07 -2.43 38.28
C THR A 711 42.88 -3.41 37.44
N GLY A 712 44.12 -3.64 37.84
CA GLY A 712 45.01 -4.51 37.09
C GLY A 712 45.33 -3.99 35.71
N LEU A 713 45.44 -2.67 35.54
CA LEU A 713 45.80 -2.12 34.25
C LEU A 713 47.22 -2.51 33.87
N ASP A 714 48.13 -2.59 34.85
CA ASP A 714 49.48 -3.06 34.60
C ASP A 714 49.55 -4.57 34.42
N TYR A 715 48.50 -5.30 34.76
CA TYR A 715 48.49 -6.75 34.64
C TYR A 715 47.68 -7.24 33.44
N LEU A 716 47.26 -6.34 32.54
CA LEU A 716 46.46 -6.69 31.38
C LEU A 716 47.14 -6.22 30.11
N ASP A 717 47.08 -7.05 29.06
CA ASP A 717 47.71 -6.71 27.78
C ASP A 717 46.72 -6.62 26.63
N LYS A 718 45.82 -7.59 26.47
CA LYS A 718 44.87 -7.61 25.37
C LYS A 718 43.55 -8.20 25.82
N LEU A 719 42.50 -7.92 25.05
CA LEU A 719 41.17 -8.43 25.31
C LEU A 719 40.49 -8.77 23.99
N VAL A 720 39.78 -9.90 23.96
CA VAL A 720 39.00 -10.29 22.79
C VAL A 720 37.58 -10.63 23.24
N ARG A 721 36.60 -10.03 22.58
CA ARG A 721 35.19 -10.26 22.90
C ARG A 721 34.51 -10.98 21.75
N VAL A 722 33.82 -12.07 22.07
CA VAL A 722 33.02 -12.82 21.11
C VAL A 722 31.58 -12.79 21.60
N ASP A 723 30.69 -12.23 20.78
CA ASP A 723 29.29 -12.11 21.15
C ASP A 723 28.52 -13.34 20.68
N GLN A 724 27.23 -13.39 21.05
CA GLN A 724 26.35 -14.41 20.50
C GLN A 724 26.25 -14.28 18.98
N SER A 725 26.02 -13.05 18.52
CA SER A 725 26.11 -12.61 17.13
C SER A 725 25.49 -13.57 16.12
N PRO A 726 24.16 -13.69 16.07
CA PRO A 726 23.54 -14.37 14.94
C PRO A 726 23.55 -13.46 13.73
N ILE A 727 24.45 -13.70 12.78
CA ILE A 727 24.73 -12.72 11.74
C ILE A 727 24.77 -13.37 10.37
N GLY A 728 24.60 -14.69 10.31
CA GLY A 728 24.71 -15.37 9.04
C GLY A 728 23.42 -15.39 8.25
N ARG A 729 23.28 -14.42 7.35
CA ARG A 729 22.12 -14.37 6.45
C ARG A 729 22.45 -14.02 5.00
N THR A 730 23.59 -13.39 4.72
CA THR A 730 23.90 -12.94 3.36
C THR A 730 24.84 -13.90 2.65
N PRO A 731 24.57 -14.23 1.38
CA PRO A 731 25.47 -15.15 0.66
C PRO A 731 26.89 -14.63 0.54
N ARG A 732 27.09 -13.31 0.59
CA ARG A 732 28.44 -12.76 0.46
C ARG A 732 29.32 -13.21 1.63
N SER A 733 28.79 -13.19 2.85
CA SER A 733 29.58 -13.56 4.02
C SER A 733 29.77 -15.07 4.06
N ASN A 734 31.00 -15.50 4.26
CA ASN A 734 31.39 -16.89 4.27
C ASN A 734 32.33 -17.13 5.45
N PRO A 735 32.47 -18.37 5.90
CA PRO A 735 33.39 -18.65 7.01
C PRO A 735 34.86 -18.37 6.70
N ALA A 736 35.18 -18.00 5.45
CA ALA A 736 36.56 -17.68 5.08
C ALA A 736 36.75 -16.24 4.63
N THR A 737 35.67 -15.53 4.28
CA THR A 737 35.78 -14.19 3.72
C THR A 737 35.90 -13.12 4.80
N TYR A 738 34.95 -13.08 5.75
CA TYR A 738 35.06 -12.14 6.87
C TYR A 738 36.18 -12.49 7.83
N THR A 739 36.59 -13.76 7.91
CA THR A 739 37.65 -14.13 8.84
C THR A 739 38.98 -13.53 8.45
N GLY A 740 39.10 -13.01 7.23
CA GLY A 740 40.35 -12.44 6.77
C GLY A 740 41.35 -13.45 6.26
N VAL A 741 40.90 -14.63 5.85
CA VAL A 741 41.80 -15.69 5.40
C VAL A 741 41.66 -15.87 3.90
N PHE A 742 40.55 -15.41 3.33
CA PHE A 742 40.33 -15.59 1.89
C PHE A 742 41.27 -14.70 1.07
N ASP A 743 41.54 -13.49 1.54
CA ASP A 743 42.50 -12.63 0.84
C ASP A 743 43.89 -13.25 0.85
N LYS A 744 44.29 -13.85 1.97
CA LYS A 744 45.57 -14.54 2.04
C LYS A 744 45.58 -15.78 1.15
N ILE A 745 44.44 -16.45 1.03
CA ILE A 745 44.34 -17.58 0.10
C ILE A 745 44.55 -17.11 -1.33
N ARG A 746 43.94 -15.98 -1.71
CA ARG A 746 44.14 -15.43 -3.04
C ARG A 746 45.59 -15.04 -3.24
N THR A 747 46.23 -14.46 -2.23
CA THR A 747 47.64 -14.09 -2.35
C THR A 747 48.51 -15.34 -2.56
N LEU A 748 48.26 -16.40 -1.79
CA LEU A 748 49.02 -17.63 -1.94
C LEU A 748 48.79 -18.24 -3.32
N PHE A 749 47.56 -18.20 -3.83
CA PHE A 749 47.28 -18.76 -5.14
C PHE A 749 47.90 -17.91 -6.25
N ALA A 750 47.99 -16.59 -6.05
CA ALA A 750 48.66 -15.74 -7.02
C ALA A 750 50.17 -15.88 -6.94
N ALA A 751 50.68 -16.41 -5.83
CA ALA A 751 52.10 -16.73 -5.75
C ALA A 751 52.50 -17.91 -6.62
N THR A 752 51.58 -18.46 -7.41
CA THR A 752 51.89 -19.56 -8.30
C THR A 752 52.35 -19.02 -9.65
N THR A 753 53.16 -19.82 -10.36
CA THR A 753 53.76 -19.37 -11.61
C THR A 753 52.70 -19.07 -12.67
N GLU A 754 51.69 -19.94 -12.78
CA GLU A 754 50.67 -19.75 -13.81
C GLU A 754 49.85 -18.48 -13.56
N ALA A 755 49.49 -18.21 -12.31
CA ALA A 755 48.80 -16.97 -12.00
C ALA A 755 49.67 -15.76 -12.29
N LYS A 756 50.99 -15.92 -12.19
CA LYS A 756 51.91 -14.82 -12.50
C LYS A 756 51.95 -14.57 -14.01
N VAL A 757 52.08 -15.63 -14.81
CA VAL A 757 52.20 -15.43 -16.26
C VAL A 757 50.89 -14.92 -16.84
N ARG A 758 49.76 -15.42 -16.34
CA ARG A 758 48.48 -14.98 -16.88
C ARG A 758 48.05 -13.62 -16.34
N GLY A 759 48.86 -12.99 -15.50
CA GLY A 759 48.55 -11.67 -15.00
C GLY A 759 47.32 -11.60 -14.10
N TYR A 760 47.18 -12.57 -13.20
CA TYR A 760 46.03 -12.62 -12.30
C TYR A 760 46.51 -12.33 -10.88
N GLN A 761 45.86 -11.36 -10.25
CA GLN A 761 46.23 -10.83 -8.95
C GLN A 761 45.28 -11.35 -7.88
N PRO A 762 45.64 -11.25 -6.60
CA PRO A 762 44.72 -11.69 -5.54
C PRO A 762 43.36 -11.01 -5.62
N GLY A 763 43.33 -9.70 -5.85
CA GLY A 763 42.06 -9.01 -6.01
C GLY A 763 41.30 -9.48 -7.23
N ARG A 764 42.02 -9.75 -8.33
CA ARG A 764 41.40 -10.35 -9.50
C ARG A 764 40.87 -11.75 -9.18
N PHE A 765 41.46 -12.41 -8.18
CA PHE A 765 41.13 -13.79 -7.87
C PHE A 765 40.11 -13.91 -6.74
N SER A 766 39.22 -12.93 -6.60
CA SER A 766 38.10 -13.02 -5.69
C SER A 766 36.86 -13.40 -6.49
N PHE A 767 35.73 -13.61 -5.80
CA PHE A 767 34.48 -13.95 -6.47
C PHE A 767 33.42 -12.87 -6.29
N ASN A 768 33.74 -11.77 -5.62
CA ASN A 768 32.82 -10.65 -5.45
C ASN A 768 33.10 -9.46 -6.35
N VAL A 769 34.34 -9.30 -6.82
CA VAL A 769 34.70 -8.20 -7.70
C VAL A 769 34.46 -8.65 -9.13
N LYS A 770 34.17 -7.68 -10.00
CA LYS A 770 33.77 -7.97 -11.38
C LYS A 770 34.87 -8.66 -12.17
N GLY A 771 36.14 -8.50 -11.77
CA GLY A 771 37.24 -9.10 -12.50
C GLY A 771 37.20 -10.61 -12.56
N GLY A 772 36.90 -11.26 -11.43
CA GLY A 772 36.94 -12.70 -11.32
C GLY A 772 35.63 -13.44 -11.43
N ARG A 773 34.50 -12.73 -11.49
CA ARG A 773 33.19 -13.38 -11.56
C ARG A 773 32.66 -13.28 -12.98
N CYS A 774 32.29 -14.43 -13.56
CA CYS A 774 31.71 -14.44 -14.90
C CYS A 774 30.28 -13.93 -14.85
N GLU A 775 29.87 -13.24 -15.91
CA GLU A 775 28.53 -12.66 -15.95
C GLU A 775 27.46 -13.74 -16.07
N ALA A 776 27.82 -14.94 -16.52
CA ALA A 776 26.83 -15.99 -16.70
C ALA A 776 26.26 -16.45 -15.36
N CYS A 777 27.13 -16.65 -14.35
CA CYS A 777 26.64 -17.04 -13.04
C CYS A 777 25.96 -15.88 -12.32
N THR A 778 26.30 -14.65 -12.68
CA THR A 778 25.89 -13.43 -11.99
C THR A 778 26.42 -13.38 -10.55
N GLY A 779 27.37 -14.26 -10.21
CA GLY A 779 28.01 -14.25 -8.92
C GLY A 779 27.53 -15.31 -7.94
N ASP A 780 26.39 -15.95 -8.19
CA ASP A 780 25.86 -16.92 -7.25
C ASP A 780 26.37 -18.34 -7.49
N GLY A 781 27.09 -18.58 -8.58
CA GLY A 781 27.55 -19.93 -8.89
C GLY A 781 26.53 -20.83 -9.55
N THR A 782 25.33 -20.92 -8.97
CA THR A 782 24.24 -21.70 -9.52
C THR A 782 23.02 -20.80 -9.70
N ILE A 783 22.42 -20.84 -10.88
CA ILE A 783 21.25 -20.02 -11.16
C ILE A 783 20.00 -20.89 -11.26
N VAL A 795 19.90 -24.86 -11.79
CA VAL A 795 20.83 -25.11 -12.89
C VAL A 795 22.01 -24.15 -12.81
N PRO A 796 23.22 -24.70 -12.71
CA PRO A 796 24.41 -23.85 -12.60
C PRO A 796 24.74 -23.18 -13.93
N CYS A 797 25.79 -22.35 -13.90
CA CYS A 797 26.26 -21.68 -15.09
C CYS A 797 26.71 -22.69 -16.14
N GLU A 798 26.35 -22.44 -17.39
CA GLU A 798 26.73 -23.36 -18.46
C GLU A 798 28.24 -23.43 -18.63
N VAL A 799 28.91 -22.28 -18.58
CA VAL A 799 30.36 -22.25 -18.75
C VAL A 799 31.07 -22.90 -17.57
N CYS A 800 30.63 -22.56 -16.34
CA CYS A 800 31.31 -23.02 -15.14
C CYS A 800 31.02 -24.48 -14.83
N GLN A 801 29.83 -24.97 -15.22
CA GLN A 801 29.42 -26.35 -14.97
C GLN A 801 29.47 -26.70 -13.49
N GLY A 802 28.90 -25.81 -12.67
CA GLY A 802 28.83 -26.06 -11.24
C GLY A 802 30.13 -25.90 -10.49
N ALA A 803 30.99 -24.96 -10.92
CA ALA A 803 32.26 -24.72 -10.26
C ALA A 803 32.43 -23.30 -9.75
N ARG A 804 31.68 -22.33 -10.28
CA ARG A 804 31.78 -20.92 -9.91
C ARG A 804 33.22 -20.44 -10.11
N TYR A 805 33.68 -20.56 -11.35
CA TYR A 805 34.92 -19.94 -11.81
C TYR A 805 35.01 -20.02 -13.33
N ASN A 806 35.28 -18.89 -13.98
CA ASN A 806 35.35 -18.89 -15.44
C ASN A 806 36.60 -19.63 -15.90
N ARG A 807 36.56 -20.10 -17.15
CA ARG A 807 37.65 -20.90 -17.68
C ARG A 807 38.96 -20.13 -17.76
N GLU A 808 38.90 -18.80 -17.92
CA GLU A 808 40.11 -18.01 -18.00
C GLU A 808 40.85 -17.93 -16.66
N THR A 809 40.21 -18.31 -15.56
CA THR A 809 40.82 -18.29 -14.24
C THR A 809 41.03 -19.67 -13.64
N LEU A 810 40.26 -20.67 -14.07
CA LEU A 810 40.35 -22.02 -13.51
C LEU A 810 41.65 -22.72 -13.91
N GLU A 811 42.39 -22.18 -14.87
CA GLU A 811 43.62 -22.81 -15.32
C GLU A 811 44.70 -22.85 -14.25
N VAL A 812 44.53 -22.10 -13.16
CA VAL A 812 45.53 -22.04 -12.11
C VAL A 812 45.42 -23.29 -11.23
N HIS A 813 46.21 -24.31 -11.57
CA HIS A 813 46.23 -25.56 -10.82
C HIS A 813 47.43 -25.62 -9.87
N TYR A 814 47.41 -24.72 -8.89
CA TYR A 814 48.45 -24.71 -7.86
C TYR A 814 48.31 -25.94 -6.96
N LYS A 815 49.43 -26.66 -6.79
CA LYS A 815 49.46 -27.90 -6.01
C LYS A 815 48.50 -28.93 -6.59
N GLY A 816 48.25 -28.86 -7.90
CA GLY A 816 47.36 -29.79 -8.55
C GLY A 816 45.88 -29.53 -8.32
N LYS A 817 45.53 -28.44 -7.64
CA LYS A 817 44.15 -28.13 -7.32
C LYS A 817 43.88 -26.66 -7.61
N THR A 818 42.61 -26.33 -7.79
CA THR A 818 42.16 -24.96 -7.97
C THR A 818 41.40 -24.49 -6.73
N VAL A 819 40.96 -23.23 -6.77
CA VAL A 819 40.20 -22.69 -5.65
C VAL A 819 38.89 -23.43 -5.48
N SER A 820 38.22 -23.76 -6.59
CA SER A 820 36.97 -24.51 -6.51
C SER A 820 37.23 -25.91 -5.92
N GLU A 821 38.33 -26.55 -6.31
CA GLU A 821 38.65 -27.87 -5.76
C GLU A 821 38.92 -27.79 -4.27
N VAL A 822 39.66 -26.77 -3.82
CA VAL A 822 39.95 -26.61 -2.39
C VAL A 822 38.66 -26.34 -1.62
N LEU A 823 37.79 -25.48 -2.16
CA LEU A 823 36.54 -25.17 -1.49
C LEU A 823 35.64 -26.40 -1.39
N ASP A 824 35.59 -27.20 -2.46
CA ASP A 824 34.76 -28.41 -2.45
C ASP A 824 35.28 -29.42 -1.44
N MET A 825 36.60 -29.56 -1.33
CA MET A 825 37.19 -30.52 -0.41
C MET A 825 36.88 -30.15 1.03
N SER A 826 36.55 -31.15 1.84
CA SER A 826 36.22 -30.92 3.23
C SER A 826 37.47 -30.58 4.04
N ILE A 827 37.28 -29.77 5.08
CA ILE A 827 38.38 -29.35 5.94
C ILE A 827 38.97 -30.53 6.70
N GLU A 828 38.14 -31.51 7.06
CA GLU A 828 38.62 -32.68 7.80
C GLU A 828 39.69 -33.42 7.01
N GLU A 829 39.48 -33.60 5.71
CA GLU A 829 40.49 -34.19 4.84
C GLU A 829 41.51 -33.16 4.35
N ALA A 830 41.24 -31.88 4.53
CA ALA A 830 42.18 -30.82 4.15
C ALA A 830 43.09 -30.42 5.32
N ALA A 831 42.99 -31.11 6.46
CA ALA A 831 43.89 -30.83 7.57
C ALA A 831 45.36 -31.01 7.17
N GLU A 832 45.65 -31.98 6.30
CA GLU A 832 47.00 -32.15 5.78
C GLU A 832 47.42 -31.02 4.86
N PHE A 833 46.48 -30.26 4.32
CA PHE A 833 46.78 -29.13 3.46
C PHE A 833 47.02 -27.87 4.30
N PHE A 834 47.76 -26.93 3.70
CA PHE A 834 48.12 -25.66 4.33
C PHE A 834 48.94 -25.85 5.60
N GLU A 835 49.48 -27.05 5.82
CA GLU A 835 50.29 -27.29 7.01
C GLU A 835 51.53 -26.41 7.08
N PRO A 836 52.35 -26.28 6.02
CA PRO A 836 53.56 -25.44 6.14
C PRO A 836 53.23 -23.97 6.38
N ILE A 837 52.48 -23.37 5.47
CA ILE A 837 52.17 -21.95 5.56
C ILE A 837 51.39 -21.68 6.85
N ALA A 838 51.82 -20.65 7.58
CA ALA A 838 51.55 -20.56 9.01
C ALA A 838 50.12 -20.12 9.32
N GLY A 839 49.67 -19.01 8.75
CA GLY A 839 48.39 -18.44 9.17
C GLY A 839 47.20 -19.32 8.85
N VAL A 840 47.14 -19.85 7.63
CA VAL A 840 46.04 -20.74 7.27
C VAL A 840 46.13 -22.03 8.09
N HIS A 841 47.35 -22.48 8.39
CA HIS A 841 47.52 -23.63 9.27
C HIS A 841 46.92 -23.36 10.64
N ARG A 842 47.18 -22.18 11.19
CA ARG A 842 46.64 -21.83 12.50
C ARG A 842 45.12 -21.79 12.47
N TYR A 843 44.55 -21.13 11.47
CA TYR A 843 43.09 -21.04 11.36
C TYR A 843 42.46 -22.43 11.24
N LEU A 844 43.00 -23.25 10.32
CA LEU A 844 42.44 -24.57 10.10
C LEU A 844 42.61 -25.46 11.34
N ARG A 845 43.76 -25.36 12.00
CA ARG A 845 44.02 -26.19 13.18
C ARG A 845 43.10 -25.82 14.32
N THR A 846 42.87 -24.52 14.55
CA THR A 846 41.97 -24.13 15.62
C THR A 846 40.52 -24.47 15.26
N LEU A 847 40.16 -24.39 13.97
CA LEU A 847 38.84 -24.84 13.53
C LEU A 847 38.64 -26.32 13.81
N VAL A 848 39.66 -27.13 13.52
CA VAL A 848 39.58 -28.56 13.81
C VAL A 848 39.56 -28.80 15.31
N ASP A 849 40.28 -27.97 16.09
CA ASP A 849 40.23 -28.07 17.53
C ASP A 849 38.81 -27.84 18.05
N VAL A 850 38.06 -26.94 17.42
CA VAL A 850 36.64 -26.83 17.72
C VAL A 850 35.92 -28.15 17.47
N GLY A 851 36.28 -28.81 16.37
CA GLY A 851 35.68 -30.09 16.01
C GLY A 851 34.56 -30.02 15.00
N LEU A 852 34.41 -28.90 14.28
CA LEU A 852 33.33 -28.74 13.33
C LEU A 852 33.86 -28.44 11.93
N GLY A 853 34.85 -29.21 11.49
CA GLY A 853 35.45 -28.99 10.19
C GLY A 853 34.62 -29.46 9.02
N TYR A 854 33.31 -29.60 9.23
CA TYR A 854 32.41 -30.00 8.15
C TYR A 854 32.14 -28.87 7.17
N VAL A 855 32.26 -27.62 7.61
CA VAL A 855 31.93 -26.50 6.74
C VAL A 855 32.97 -26.36 5.64
N ARG A 856 32.56 -25.72 4.54
CA ARG A 856 33.46 -25.34 3.46
C ARG A 856 33.86 -23.88 3.63
N LEU A 857 34.95 -23.51 2.97
CA LEU A 857 35.48 -22.15 3.11
C LEU A 857 34.49 -21.12 2.59
N GLY A 858 34.00 -21.32 1.37
CA GLY A 858 33.04 -20.40 0.77
C GLY A 858 31.59 -20.79 0.96
N GLN A 859 31.21 -21.12 2.20
CA GLN A 859 29.82 -21.54 2.44
C GLN A 859 28.93 -20.31 2.63
N PRO A 860 27.85 -20.18 1.86
CA PRO A 860 26.99 -18.99 1.99
C PRO A 860 26.30 -18.94 3.35
N ALA A 861 26.11 -17.70 3.84
CA ALA A 861 25.52 -17.53 5.16
C ALA A 861 24.06 -17.99 5.27
N PRO A 862 23.21 -17.91 4.23
CA PRO A 862 21.86 -18.47 4.37
C PRO A 862 21.86 -19.94 4.73
N THR A 863 22.86 -20.70 4.31
CA THR A 863 22.94 -22.11 4.68
C THR A 863 23.65 -22.34 6.02
N LEU A 864 24.18 -21.30 6.66
CA LEU A 864 24.77 -21.44 7.98
C LEU A 864 23.72 -21.18 9.04
N SER A 865 23.56 -22.13 9.96
CA SER A 865 22.62 -21.98 11.07
C SER A 865 23.08 -20.88 12.01
N GLY A 866 22.13 -20.08 12.49
CA GLY A 866 22.44 -19.00 13.42
C GLY A 866 23.03 -19.49 14.72
N GLY A 867 24.13 -18.87 15.15
CA GLY A 867 24.77 -19.26 16.39
C GLY A 867 26.22 -19.64 16.22
N GLU A 868 26.54 -20.30 15.11
CA GLU A 868 27.89 -20.76 14.83
C GLU A 868 28.66 -19.82 13.92
N ALA A 869 28.11 -18.63 13.64
CA ALA A 869 28.77 -17.70 12.73
C ALA A 869 30.13 -17.25 13.28
N GLN A 870 30.19 -16.94 14.58
CA GLN A 870 31.40 -16.44 15.21
C GLN A 870 32.17 -17.50 15.97
N ARG A 871 31.70 -18.75 15.95
CA ARG A 871 32.44 -19.83 16.60
C ARG A 871 33.78 -20.06 15.92
N VAL A 872 33.80 -19.99 14.59
CA VAL A 872 35.01 -20.25 13.83
C VAL A 872 36.08 -19.23 14.18
N LYS A 873 35.70 -17.95 14.22
CA LYS A 873 36.63 -16.91 14.65
C LYS A 873 36.99 -17.05 16.12
N LEU A 874 36.01 -17.39 16.96
CA LEU A 874 36.27 -17.53 18.39
C LEU A 874 37.31 -18.60 18.67
N ALA A 875 37.40 -19.62 17.79
CA ALA A 875 38.45 -20.62 17.94
C ALA A 875 39.83 -19.98 17.92
N SER A 876 40.06 -19.09 16.96
CA SER A 876 41.33 -18.37 16.86
C SER A 876 41.37 -17.13 17.76
N GLU A 877 40.28 -16.81 18.45
CA GLU A 877 40.18 -15.64 19.31
C GLU A 877 40.41 -15.99 20.76
N LEU A 878 41.30 -16.97 21.03
CA LEU A 878 41.50 -17.46 22.38
C LEU A 878 42.97 -17.69 22.70
N GLN A 879 43.90 -17.22 21.86
CA GLN A 879 45.33 -17.35 22.16
C GLN A 879 46.04 -16.19 21.47
N LYS A 880 46.35 -15.14 22.23
CA LYS A 880 47.09 -14.00 21.72
C LYS A 880 48.23 -13.68 22.68
N ARG A 881 49.44 -13.53 22.12
CA ARG A 881 50.69 -13.25 22.84
C ARG A 881 51.16 -14.42 23.69
N SER A 882 50.39 -15.51 23.78
CA SER A 882 50.78 -16.73 24.50
C SER A 882 51.15 -16.45 25.95
N THR A 883 50.65 -15.34 26.51
CA THR A 883 50.97 -15.01 27.90
C THR A 883 50.36 -16.02 28.89
N GLY A 884 49.12 -16.48 28.65
CA GLY A 884 48.07 -16.20 27.69
C GLY A 884 46.90 -15.54 28.37
N ARG A 885 47.19 -14.89 29.50
CA ARG A 885 46.20 -14.31 30.41
C ARG A 885 45.29 -13.30 29.71
N THR A 886 45.62 -12.93 28.47
CA THR A 886 44.76 -12.09 27.65
C THR A 886 43.31 -12.52 27.76
N VAL A 887 42.47 -11.62 28.24
CA VAL A 887 41.10 -11.98 28.64
C VAL A 887 40.22 -12.12 27.42
N TYR A 888 39.41 -13.17 27.40
CA TYR A 888 38.45 -13.43 26.33
C TYR A 888 37.05 -13.48 26.94
N ILE A 889 36.17 -12.61 26.46
CA ILE A 889 34.78 -12.61 26.90
C ILE A 889 33.98 -13.53 26.00
N LEU A 890 33.33 -14.51 26.61
CA LEU A 890 32.63 -15.57 25.89
C LEU A 890 31.13 -15.38 25.98
N ASP A 891 30.44 -15.67 24.88
CA ASP A 891 28.98 -15.73 24.86
C ASP A 891 28.55 -17.08 25.42
N GLU A 892 27.28 -17.43 25.24
CA GLU A 892 26.76 -18.70 25.73
C GLU A 892 26.83 -19.75 24.63
N PRO A 893 27.69 -20.77 24.75
CA PRO A 893 27.65 -21.87 23.78
C PRO A 893 26.36 -22.68 23.83
N THR A 894 25.57 -22.53 24.91
CA THR A 894 24.30 -23.25 24.99
C THR A 894 23.38 -22.87 23.84
N THR A 895 23.36 -21.60 23.47
CA THR A 895 22.64 -21.17 22.26
C THR A 895 23.29 -21.82 21.05
N GLY A 896 22.57 -22.75 20.41
CA GLY A 896 23.15 -23.50 19.32
C GLY A 896 23.74 -24.82 19.77
N LEU A 897 25.04 -24.85 20.01
CA LEU A 897 25.73 -26.08 20.38
C LEU A 897 25.15 -26.68 21.66
N HIS A 898 24.97 -28.00 21.66
CA HIS A 898 24.54 -28.70 22.85
C HIS A 898 25.74 -29.04 23.73
N PHE A 899 25.45 -29.61 24.91
CA PHE A 899 26.43 -29.72 25.98
C PHE A 899 27.61 -30.63 25.64
N ASP A 900 27.48 -31.53 24.66
CA ASP A 900 28.66 -32.28 24.24
C ASP A 900 29.59 -31.43 23.38
N ASP A 901 29.03 -30.63 22.48
CA ASP A 901 29.83 -29.66 21.76
C ASP A 901 30.43 -28.64 22.72
N ILE A 902 29.65 -28.22 23.73
CA ILE A 902 30.17 -27.30 24.72
C ILE A 902 31.23 -27.96 25.59
N ARG A 903 31.17 -29.28 25.78
CA ARG A 903 32.23 -29.95 26.54
C ARG A 903 33.50 -30.12 25.72
N LYS A 904 33.38 -30.31 24.40
CA LYS A 904 34.56 -30.24 23.55
C LYS A 904 35.18 -28.85 23.59
N LEU A 905 34.34 -27.81 23.51
CA LEU A 905 34.82 -26.45 23.69
C LEU A 905 35.47 -26.28 25.05
N LEU A 906 34.90 -26.91 26.09
CA LEU A 906 35.47 -26.84 27.43
C LEU A 906 36.83 -27.51 27.49
N ASN A 907 37.00 -28.63 26.79
CA ASN A 907 38.31 -29.25 26.71
C ASN A 907 39.32 -28.30 26.09
N VAL A 908 38.92 -27.60 25.03
CA VAL A 908 39.80 -26.60 24.41
C VAL A 908 40.13 -25.50 25.41
N ILE A 909 39.11 -24.99 26.10
CA ILE A 909 39.30 -23.90 27.07
C ILE A 909 40.25 -24.34 28.17
N ASN A 910 40.04 -25.55 28.72
CA ASN A 910 40.87 -26.04 29.80
C ASN A 910 42.31 -26.24 29.34
N GLY A 911 42.50 -26.79 28.14
CA GLY A 911 43.86 -26.99 27.65
C GLY A 911 44.61 -25.67 27.51
N LEU A 912 43.99 -24.69 26.87
CA LEU A 912 44.71 -23.43 26.68
C LEU A 912 44.68 -22.53 27.91
N VAL A 913 43.83 -22.83 28.91
CA VAL A 913 43.92 -22.15 30.19
C VAL A 913 45.07 -22.71 31.01
N ASP A 914 45.28 -24.03 30.93
CA ASP A 914 46.51 -24.61 31.46
C ASP A 914 47.72 -24.05 30.74
N LYS A 915 47.57 -23.73 29.44
CA LYS A 915 48.59 -22.96 28.75
C LYS A 915 48.73 -21.56 29.31
N GLY A 916 47.65 -20.99 29.86
CA GLY A 916 47.73 -19.71 30.54
C GLY A 916 46.65 -18.71 30.19
N ASN A 917 45.62 -19.14 29.46
CA ASN A 917 44.60 -18.22 28.98
C ASN A 917 43.58 -17.89 30.06
N THR A 918 42.81 -16.83 29.81
CA THR A 918 41.81 -16.33 30.75
C THR A 918 40.50 -16.08 30.03
N VAL A 919 39.41 -16.62 30.56
CA VAL A 919 38.09 -16.53 29.95
C VAL A 919 37.09 -16.03 30.97
N ILE A 920 36.32 -15.02 30.59
CA ILE A 920 35.18 -14.53 31.36
C ILE A 920 33.93 -14.85 30.55
N VAL A 921 33.07 -15.71 31.07
CA VAL A 921 31.97 -16.29 30.31
C VAL A 921 30.66 -16.10 31.06
N ILE A 922 29.63 -15.63 30.34
CA ILE A 922 28.26 -15.65 30.84
C ILE A 922 27.63 -16.95 30.35
N GLU A 923 27.07 -17.73 31.27
CA GLU A 923 26.61 -19.07 30.95
C GLU A 923 25.21 -19.30 31.51
N HIS A 924 24.62 -20.43 31.11
CA HIS A 924 23.28 -20.81 31.52
C HIS A 924 23.17 -22.23 32.05
N ASN A 925 24.05 -23.15 31.63
CA ASN A 925 23.98 -24.53 32.06
C ASN A 925 24.63 -24.70 33.43
N LEU A 926 24.84 -25.96 33.83
CA LEU A 926 25.32 -26.29 35.17
C LEU A 926 26.71 -26.90 35.16
N ASP A 927 26.90 -28.02 34.44
CA ASP A 927 28.15 -28.76 34.52
C ASP A 927 29.28 -28.03 33.80
N VAL A 928 28.96 -27.25 32.77
CA VAL A 928 30.01 -26.57 32.01
C VAL A 928 30.73 -25.55 32.89
N ILE A 929 29.99 -24.79 33.69
CA ILE A 929 30.60 -23.86 34.63
C ILE A 929 31.00 -24.53 35.94
N LYS A 930 30.44 -25.70 36.25
CA LYS A 930 30.94 -26.47 37.37
C LYS A 930 32.35 -26.98 37.11
N THR A 931 32.68 -27.29 35.85
CA THR A 931 34.04 -27.64 35.49
C THR A 931 35.01 -26.50 35.78
N SER A 932 34.54 -25.27 35.68
CA SER A 932 35.39 -24.10 35.89
C SER A 932 35.87 -24.03 37.33
N ASP A 933 36.76 -23.08 37.60
CA ASP A 933 37.39 -22.97 38.92
C ASP A 933 36.90 -21.79 39.74
N TRP A 934 36.24 -20.80 39.14
CA TRP A 934 35.77 -19.63 39.86
C TRP A 934 34.41 -19.21 39.31
N ILE A 935 33.47 -18.94 40.22
CA ILE A 935 32.12 -18.51 39.86
C ILE A 935 31.79 -17.23 40.63
N ILE A 936 31.26 -16.25 39.92
CA ILE A 936 30.83 -14.98 40.51
C ILE A 936 29.36 -14.80 40.15
N ASP A 937 28.48 -14.77 41.15
CA ASP A 937 27.06 -14.58 40.94
C ASP A 937 26.69 -13.14 41.24
N LEU A 938 26.05 -12.48 40.28
CA LEU A 938 25.67 -11.08 40.38
C LEU A 938 24.15 -10.97 40.33
N GLY A 939 23.53 -10.90 41.50
CA GLY A 939 22.11 -10.67 41.60
C GLY A 939 21.30 -11.94 41.69
N PRO A 940 20.67 -12.17 42.84
CA PRO A 940 19.82 -13.37 42.98
C PRO A 940 18.46 -13.20 42.31
N GLU A 941 17.89 -12.00 42.42
CA GLU A 941 16.56 -11.73 41.91
C GLU A 941 16.63 -10.95 40.61
N GLY A 942 15.67 -11.22 39.73
CA GLY A 942 15.62 -10.53 38.45
C GLY A 942 15.19 -9.08 38.59
N GLY A 943 15.54 -8.30 37.58
CA GLY A 943 15.18 -6.88 37.58
C GLY A 943 15.95 -6.12 38.65
N ALA A 944 15.22 -5.35 39.44
CA ALA A 944 15.83 -4.51 40.46
C ALA A 944 16.30 -5.29 41.68
N GLY A 945 16.00 -6.59 41.76
CA GLY A 945 16.37 -7.39 42.91
C GLY A 945 17.78 -7.91 42.86
N GLY A 946 18.57 -7.42 41.91
CA GLY A 946 19.94 -7.86 41.75
C GLY A 946 20.94 -6.72 41.71
N GLY A 947 21.97 -6.87 40.89
CA GLY A 947 22.99 -5.85 40.75
C GLY A 947 24.09 -5.88 41.78
N THR A 948 24.11 -6.89 42.65
CA THR A 948 25.13 -7.00 43.68
C THR A 948 25.71 -8.41 43.70
N VAL A 949 27.01 -8.50 43.97
CA VAL A 949 27.68 -9.79 44.04
C VAL A 949 27.23 -10.52 45.29
N VAL A 950 26.83 -11.78 45.13
CA VAL A 950 26.38 -12.60 46.25
C VAL A 950 27.33 -13.75 46.55
N ALA A 951 28.29 -14.02 45.67
CA ALA A 951 29.26 -15.08 45.91
C ALA A 951 30.42 -14.90 44.95
N GLN A 952 31.61 -15.36 45.38
CA GLN A 952 32.81 -15.31 44.54
C GLN A 952 33.81 -16.32 45.09
N GLY A 953 34.13 -17.32 44.28
CA GLY A 953 35.10 -18.31 44.71
C GLY A 953 34.91 -19.61 43.95
N THR A 954 35.36 -20.70 44.59
CA THR A 954 35.26 -22.02 44.01
C THR A 954 33.79 -22.39 43.80
N PRO A 955 33.48 -23.14 42.72
CA PRO A 955 32.08 -23.58 42.52
C PRO A 955 31.50 -24.32 43.72
N GLU A 956 32.30 -25.14 44.40
CA GLU A 956 31.81 -25.77 45.62
C GLU A 956 31.59 -24.75 46.74
N ASP A 957 32.37 -23.68 46.76
CA ASP A 957 32.20 -22.65 47.78
C ASP A 957 30.86 -21.94 47.61
N VAL A 958 30.54 -21.50 46.39
CA VAL A 958 29.24 -20.89 46.14
C VAL A 958 28.13 -21.92 46.29
N ALA A 959 28.43 -23.20 46.02
CA ALA A 959 27.44 -24.25 46.21
C ALA A 959 27.01 -24.35 47.67
N ALA A 960 27.97 -24.22 48.60
CA ALA A 960 27.64 -24.30 50.01
C ALA A 960 26.79 -23.12 50.48
N VAL A 961 26.82 -22.01 49.77
CA VAL A 961 26.07 -20.82 50.17
C VAL A 961 24.62 -20.96 49.67
N PRO A 962 23.64 -21.00 50.57
CA PRO A 962 22.24 -21.11 50.12
C PRO A 962 21.62 -19.77 49.79
N ALA A 963 22.34 -18.93 49.05
CA ALA A 963 21.85 -17.63 48.61
C ALA A 963 21.84 -17.51 47.09
N SER A 964 22.94 -17.89 46.43
CA SER A 964 23.02 -17.84 44.98
C SER A 964 22.42 -19.12 44.40
N TYR A 965 21.43 -18.96 43.52
CA TYR A 965 20.81 -20.13 42.89
C TYR A 965 21.78 -20.83 41.94
N THR A 966 22.81 -20.13 41.44
CA THR A 966 23.86 -20.81 40.68
C THR A 966 24.56 -21.84 41.56
N GLY A 967 24.94 -21.44 42.77
CA GLY A 967 25.55 -22.38 43.69
C GLY A 967 24.58 -23.47 44.13
N LYS A 968 23.31 -23.11 44.31
CA LYS A 968 22.30 -24.11 44.66
C LYS A 968 22.19 -25.17 43.58
N PHE A 969 22.21 -24.75 42.32
CA PHE A 969 22.22 -25.69 41.20
C PHE A 969 23.48 -26.53 41.20
N LEU A 970 24.63 -25.91 41.48
CA LEU A 970 25.88 -26.65 41.55
C LEU A 970 25.95 -27.56 42.78
N ALA A 971 25.04 -27.39 43.74
CA ALA A 971 25.07 -28.17 44.97
C ALA A 971 24.13 -29.37 44.94
N GLU A 972 23.00 -29.27 44.24
CA GLU A 972 22.07 -30.39 44.18
C GLU A 972 22.65 -31.58 43.42
N VAL A 973 23.57 -31.34 42.49
CA VAL A 973 24.26 -32.40 41.76
C VAL A 973 25.75 -32.20 41.95
N VAL A 974 26.40 -33.16 42.62
CA VAL A 974 27.84 -33.10 42.83
C VAL A 974 28.50 -34.35 42.25
N MET B 22 -7.01 -36.70 5.26
CA MET B 22 -8.08 -37.43 4.60
C MET B 22 -9.29 -37.60 5.52
N ALA B 23 -9.09 -37.36 6.81
CA ALA B 23 -10.14 -37.46 7.82
C ALA B 23 -10.04 -36.30 8.81
N ASP B 24 -9.75 -35.10 8.29
CA ASP B 24 -9.61 -33.93 9.15
C ASP B 24 -10.97 -33.47 9.65
N ARG B 25 -11.34 -33.90 10.86
CA ARG B 25 -12.68 -33.65 11.39
C ARG B 25 -12.93 -32.18 11.67
N LEU B 26 -13.73 -31.53 10.83
CA LEU B 26 -14.21 -30.20 11.11
C LEU B 26 -15.32 -30.26 12.16
N ILE B 27 -15.18 -29.43 13.19
CA ILE B 27 -16.14 -29.35 14.29
C ILE B 27 -16.69 -27.94 14.33
N VAL B 28 -18.01 -27.81 14.34
CA VAL B 28 -18.67 -26.51 14.44
C VAL B 28 -19.34 -26.43 15.80
N LYS B 29 -18.88 -25.50 16.63
CA LYS B 29 -19.41 -25.31 17.98
C LYS B 29 -19.68 -23.83 18.22
N GLY B 30 -20.73 -23.56 18.99
CA GLY B 30 -21.08 -22.19 19.32
C GLY B 30 -21.42 -21.34 18.12
N ALA B 31 -22.14 -21.91 17.16
CA ALA B 31 -22.47 -21.22 15.91
C ALA B 31 -23.92 -20.75 15.97
N ARG B 32 -24.12 -19.44 15.87
CA ARG B 32 -25.45 -18.83 15.86
C ARG B 32 -25.32 -17.39 15.38
N GLU B 33 -26.27 -16.97 14.55
CA GLU B 33 -26.27 -15.60 14.04
C GLU B 33 -27.69 -15.28 13.59
N HIS B 34 -28.36 -14.36 14.29
CA HIS B 34 -29.74 -13.98 14.02
C HIS B 34 -30.65 -15.20 14.01
N ASN B 35 -31.01 -15.67 12.82
CA ASN B 35 -31.89 -16.84 12.72
C ASN B 35 -31.20 -18.10 13.23
N LEU B 36 -29.89 -18.22 13.01
CA LEU B 36 -29.16 -19.39 13.45
C LEU B 36 -29.08 -19.41 14.98
N ARG B 37 -29.16 -20.62 15.56
CA ARG B 37 -29.22 -20.74 17.01
C ARG B 37 -28.51 -22.03 17.43
N SER B 38 -27.25 -21.90 17.85
CA SER B 38 -26.50 -22.94 18.56
C SER B 38 -26.52 -24.26 17.80
N VAL B 39 -25.87 -24.24 16.63
CA VAL B 39 -25.75 -25.43 15.80
C VAL B 39 -24.34 -25.98 15.94
N ASP B 40 -24.24 -27.22 16.42
CA ASP B 40 -22.96 -27.88 16.65
C ASP B 40 -22.94 -29.22 15.93
N LEU B 41 -21.80 -29.57 15.34
CA LEU B 41 -21.66 -30.83 14.63
C LEU B 41 -20.19 -31.16 14.46
N ASP B 42 -19.92 -32.39 14.01
CA ASP B 42 -18.57 -32.84 13.73
C ASP B 42 -18.62 -33.77 12.53
N LEU B 43 -17.72 -33.55 11.56
CA LEU B 43 -17.74 -34.32 10.33
C LEU B 43 -16.31 -34.54 9.85
N PRO B 44 -16.05 -35.65 9.17
CA PRO B 44 -14.77 -35.80 8.47
C PRO B 44 -14.72 -34.88 7.25
N ARG B 45 -13.57 -34.87 6.57
CA ARG B 45 -13.31 -33.97 5.46
C ARG B 45 -12.83 -34.80 4.26
N ASP B 46 -13.77 -35.39 3.52
CA ASP B 46 -13.41 -36.12 2.32
C ASP B 46 -14.42 -36.01 1.19
N ALA B 47 -15.48 -35.22 1.31
CA ALA B 47 -16.55 -35.22 0.32
C ALA B 47 -17.06 -33.79 0.13
N LEU B 48 -18.05 -33.65 -0.75
CA LEU B 48 -18.64 -32.36 -1.08
C LEU B 48 -19.84 -32.10 -0.19
N ILE B 49 -19.92 -30.88 0.36
CA ILE B 49 -21.00 -30.51 1.27
C ILE B 49 -21.85 -29.45 0.58
N VAL B 50 -23.16 -29.65 0.56
CA VAL B 50 -24.11 -28.78 -0.10
C VAL B 50 -25.11 -28.26 0.94
N PHE B 51 -25.42 -26.97 0.87
CA PHE B 51 -26.44 -26.35 1.70
C PHE B 51 -27.71 -26.16 0.88
N THR B 52 -28.82 -26.69 1.38
CA THR B 52 -30.10 -26.60 0.72
C THR B 52 -31.09 -25.86 1.63
N GLY B 53 -32.35 -25.83 1.21
CA GLY B 53 -33.38 -25.08 1.90
C GLY B 53 -33.69 -23.78 1.21
N LEU B 54 -34.53 -22.98 1.87
CA LEU B 54 -34.89 -21.68 1.33
C LEU B 54 -33.66 -20.78 1.29
N SER B 55 -33.69 -19.81 0.38
CA SER B 55 -32.58 -18.86 0.25
C SER B 55 -32.37 -18.15 1.59
N GLY B 56 -31.10 -18.05 1.98
CA GLY B 56 -30.80 -17.53 3.31
C GLY B 56 -31.44 -18.42 4.36
N SER B 57 -32.31 -17.82 5.19
CA SER B 57 -33.11 -18.56 6.17
C SER B 57 -32.24 -19.34 7.15
N GLY B 58 -30.99 -18.92 7.30
CA GLY B 58 -30.08 -19.60 8.21
C GLY B 58 -28.88 -20.21 7.53
N LYS B 59 -29.05 -20.71 6.30
CA LYS B 59 -27.93 -21.32 5.61
C LYS B 59 -26.92 -20.28 5.12
N SER B 60 -27.40 -19.09 4.74
CA SER B 60 -26.48 -18.02 4.34
C SER B 60 -25.62 -17.57 5.51
N SER B 61 -26.22 -17.45 6.69
CA SER B 61 -25.45 -17.10 7.89
C SER B 61 -24.58 -18.26 8.35
N LEU B 62 -25.04 -19.51 8.17
CA LEU B 62 -24.24 -20.66 8.53
C LEU B 62 -22.98 -20.74 7.68
N ALA B 63 -23.11 -20.48 6.38
CA ALA B 63 -21.94 -20.45 5.50
C ALA B 63 -21.09 -19.20 5.67
N PHE B 64 -21.43 -18.33 6.63
CA PHE B 64 -20.75 -17.06 6.81
C PHE B 64 -20.09 -16.93 8.18
N ASP B 65 -20.81 -17.20 9.25
CA ASP B 65 -20.33 -16.94 10.61
C ASP B 65 -19.71 -18.16 11.28
N THR B 66 -19.63 -19.29 10.58
CA THR B 66 -19.06 -20.50 11.16
C THR B 66 -17.75 -20.93 10.54
N ILE B 67 -17.51 -20.60 9.27
CA ILE B 67 -16.28 -20.95 8.58
C ILE B 67 -15.50 -19.69 8.19
N PHE B 68 -16.15 -18.76 7.48
CA PHE B 68 -15.48 -17.53 7.09
C PHE B 68 -15.12 -16.70 8.32
N ALA B 69 -15.98 -16.68 9.35
CA ALA B 69 -15.66 -15.96 10.56
C ALA B 69 -14.44 -16.55 11.26
N GLU B 70 -14.35 -17.87 11.30
CA GLU B 70 -13.18 -18.51 11.91
C GLU B 70 -11.92 -18.20 11.11
N GLY B 71 -12.01 -18.26 9.78
CA GLY B 71 -10.86 -17.89 8.96
C GLY B 71 -10.47 -16.44 9.16
N GLN B 72 -11.46 -15.57 9.37
CA GLN B 72 -11.19 -14.16 9.61
C GLN B 72 -10.45 -13.96 10.93
N ARG B 73 -10.97 -14.54 12.01
CA ARG B 73 -10.29 -14.44 13.29
C ARG B 73 -8.99 -15.23 13.33
N ARG B 74 -8.73 -16.06 12.33
CA ARG B 74 -7.42 -16.68 12.20
C ARG B 74 -6.42 -15.75 11.53
N TYR B 75 -6.77 -15.20 10.36
CA TYR B 75 -5.79 -14.47 9.59
C TYR B 75 -5.61 -13.03 10.06
N VAL B 76 -6.63 -12.44 10.69
CA VAL B 76 -6.53 -11.03 11.07
C VAL B 76 -5.60 -10.83 12.26
N GLU B 77 -5.37 -11.85 13.07
CA GLU B 77 -4.32 -11.77 14.09
C GLU B 77 -2.93 -11.92 13.48
N SER B 78 -2.79 -12.81 12.49
CA SER B 78 -1.48 -13.13 11.93
C SER B 78 -1.03 -12.15 10.86
N LEU B 79 -1.92 -11.28 10.37
CA LEU B 79 -1.49 -10.31 9.35
C LEU B 79 -0.49 -9.31 9.90
N SER B 80 -0.44 -9.12 11.22
CA SER B 80 0.43 -8.16 11.90
C SER B 80 0.40 -6.79 11.24
N ALA B 81 1.42 -6.47 10.45
CA ALA B 81 1.51 -5.18 9.78
C ALA B 81 0.43 -5.03 8.72
N ASP B 96 -18.05 -19.09 16.13
CA ASP B 96 -17.04 -18.44 16.97
C ASP B 96 -15.74 -19.24 16.96
N PHE B 97 -15.40 -19.82 18.10
CA PHE B 97 -14.20 -20.65 18.21
C PHE B 97 -14.45 -21.96 17.48
N ILE B 98 -13.85 -22.10 16.30
CA ILE B 98 -14.06 -23.25 15.43
C ILE B 98 -12.70 -23.88 15.14
N GLU B 99 -12.62 -25.20 15.28
CA GLU B 99 -11.39 -25.94 15.03
C GLU B 99 -11.69 -27.11 14.09
N GLY B 100 -10.65 -27.55 13.39
CA GLY B 100 -10.78 -28.64 12.44
C GLY B 100 -11.03 -28.23 11.01
N LEU B 101 -11.08 -26.93 10.73
CA LEU B 101 -11.32 -26.45 9.37
C LEU B 101 -10.01 -26.15 8.67
N SER B 102 -10.08 -26.05 7.34
CA SER B 102 -8.96 -25.72 6.47
C SER B 102 -9.10 -24.30 5.95
N PRO B 103 -7.97 -23.62 5.66
CA PRO B 103 -8.04 -22.28 5.06
C PRO B 103 -8.82 -22.30 3.75
N ALA B 104 -9.95 -21.61 3.72
CA ALA B 104 -10.86 -21.64 2.58
C ALA B 104 -10.72 -20.37 1.74
N VAL B 105 -11.26 -20.44 0.53
CA VAL B 105 -11.26 -19.33 -0.41
C VAL B 105 -12.69 -18.82 -0.55
N SER B 106 -12.84 -17.52 -0.79
CA SER B 106 -14.13 -16.88 -0.91
C SER B 106 -14.43 -16.56 -2.37
N ILE B 107 -15.56 -17.04 -2.86
CA ILE B 107 -16.00 -16.80 -4.23
C ILE B 107 -17.37 -16.15 -4.19
N ASP B 108 -17.60 -15.32 -3.18
CA ASP B 108 -18.88 -14.63 -3.02
C ASP B 108 -19.11 -13.64 -4.17
N GLN B 109 -20.30 -13.04 -4.17
CA GLN B 109 -20.69 -12.15 -5.26
C GLN B 109 -19.81 -10.90 -5.31
N LYS B 110 -19.53 -10.31 -4.15
CA LYS B 110 -18.77 -9.07 -4.09
C LYS B 110 -17.31 -9.25 -4.48
N SER B 111 -16.73 -10.42 -4.22
CA SER B 111 -15.30 -10.62 -4.46
C SER B 111 -14.91 -10.30 -5.90
N THR B 112 -15.82 -10.54 -6.83
CA THR B 112 -15.55 -10.24 -8.24
C THR B 112 -16.86 -9.95 -8.96
N ASN B 113 -16.93 -8.81 -9.62
CA ASN B 113 -18.05 -8.46 -10.49
C ASN B 113 -17.48 -7.79 -11.74
N ARG B 114 -18.37 -7.20 -12.54
CA ARG B 114 -17.94 -6.62 -13.81
C ARG B 114 -17.22 -5.29 -13.56
N ASN B 115 -15.95 -5.22 -13.97
CA ASN B 115 -15.13 -4.02 -13.80
C ASN B 115 -14.34 -3.81 -15.09
N PRO B 116 -14.46 -2.65 -15.73
CA PRO B 116 -13.67 -2.40 -16.96
C PRO B 116 -12.17 -2.41 -16.73
N ARG B 117 -11.71 -2.08 -15.51
CA ARG B 117 -10.27 -2.00 -15.27
C ARG B 117 -9.60 -3.34 -15.45
N SER B 118 -10.21 -4.43 -14.98
CA SER B 118 -9.65 -5.76 -15.07
C SER B 118 -10.27 -6.50 -16.26
N THR B 119 -9.42 -6.96 -17.17
CA THR B 119 -9.88 -7.77 -18.29
C THR B 119 -10.07 -9.21 -17.84
N VAL B 120 -10.42 -10.09 -18.78
CA VAL B 120 -10.66 -11.48 -18.43
C VAL B 120 -9.36 -12.20 -18.07
N GLY B 121 -8.20 -11.63 -18.40
CA GLY B 121 -6.94 -12.28 -18.08
C GLY B 121 -6.69 -12.35 -16.59
N THR B 122 -6.92 -11.24 -15.87
CA THR B 122 -6.65 -11.21 -14.43
C THR B 122 -7.56 -12.16 -13.67
N ILE B 123 -8.84 -12.22 -14.06
CA ILE B 123 -9.79 -13.04 -13.32
C ILE B 123 -9.53 -14.52 -13.56
N THR B 124 -9.00 -14.87 -14.74
CA THR B 124 -8.53 -16.23 -15.01
C THR B 124 -7.12 -16.47 -14.50
N GLU B 125 -6.56 -15.52 -13.74
CA GLU B 125 -5.18 -15.53 -13.23
C GLU B 125 -4.20 -16.12 -14.25
N VAL B 126 -4.39 -15.77 -15.52
CA VAL B 126 -3.40 -16.08 -16.55
C VAL B 126 -2.72 -14.84 -17.11
N TYR B 127 -3.26 -13.64 -16.88
CA TYR B 127 -2.61 -12.43 -17.34
C TYR B 127 -1.25 -12.27 -16.64
N ASP B 128 -1.27 -12.09 -15.32
CA ASP B 128 -0.03 -11.92 -14.57
C ASP B 128 0.83 -13.18 -14.65
N TYR B 129 0.20 -14.35 -14.60
CA TYR B 129 0.90 -15.63 -14.72
C TYR B 129 1.72 -15.68 -16.00
N LEU B 130 1.04 -15.63 -17.14
CA LEU B 130 1.72 -15.73 -18.43
C LEU B 130 2.67 -14.57 -18.65
N ARG B 131 2.39 -13.39 -18.07
CA ARG B 131 3.35 -12.30 -18.15
C ARG B 131 4.65 -12.65 -17.43
N LEU B 132 4.53 -13.29 -16.26
CA LEU B 132 5.73 -13.71 -15.53
C LEU B 132 6.51 -14.75 -16.31
N LEU B 133 5.82 -15.76 -16.84
CA LEU B 133 6.53 -16.76 -17.66
C LEU B 133 7.15 -16.15 -18.91
N TYR B 134 6.51 -15.14 -19.50
CA TYR B 134 7.09 -14.46 -20.66
C TYR B 134 8.35 -13.70 -20.25
N ALA B 135 8.32 -13.03 -19.10
CA ALA B 135 9.48 -12.29 -18.63
C ALA B 135 10.57 -13.19 -18.07
N ARG B 136 10.29 -14.47 -17.86
CA ARG B 136 11.29 -15.39 -17.32
C ARG B 136 12.50 -15.51 -18.22
N ALA B 137 12.33 -16.04 -19.44
CA ALA B 137 13.45 -16.29 -20.33
C ALA B 137 13.11 -15.90 -21.77
N GLY B 138 12.48 -14.74 -21.94
CA GLY B 138 12.17 -14.28 -23.28
C GLY B 138 13.39 -13.79 -24.03
N THR B 139 13.29 -13.81 -25.36
CA THR B 139 14.36 -13.34 -26.24
C THR B 139 13.85 -12.14 -27.05
N PRO B 140 14.54 -11.01 -27.02
CA PRO B 140 14.07 -9.81 -27.74
C PRO B 140 14.28 -9.85 -29.24
N HIS B 141 14.76 -10.95 -29.80
CA HIS B 141 15.01 -11.10 -31.24
C HIS B 141 16.02 -10.04 -31.65
N CYS B 142 15.73 -9.16 -32.59
CA CYS B 142 16.67 -8.13 -33.02
C CYS B 142 16.79 -7.04 -31.96
N PRO B 154 33.12 -11.26 -23.87
CA PRO B 154 33.65 -12.04 -22.74
C PRO B 154 34.03 -13.46 -23.14
N GLN B 155 33.04 -14.35 -23.22
CA GLN B 155 33.26 -15.74 -23.60
C GLN B 155 32.77 -16.06 -25.00
N GLN B 156 31.63 -15.52 -25.41
CA GLN B 156 31.13 -15.76 -26.76
C GLN B 156 32.05 -15.16 -27.82
N ILE B 157 32.81 -14.13 -27.46
CA ILE B 157 33.71 -13.49 -28.41
C ILE B 157 34.75 -14.49 -28.92
N VAL B 158 35.33 -15.27 -28.01
CA VAL B 158 36.26 -16.32 -28.42
C VAL B 158 35.55 -17.61 -28.80
N ASP B 159 34.32 -17.83 -28.33
CA ASP B 159 33.56 -19.00 -28.74
C ASP B 159 33.20 -18.94 -30.22
N GLN B 160 33.01 -17.73 -30.76
CA GLN B 160 32.76 -17.59 -32.19
C GLN B 160 33.95 -18.09 -33.00
N VAL B 161 35.16 -17.76 -32.57
CA VAL B 161 36.36 -18.25 -33.26
C VAL B 161 36.51 -19.76 -33.02
N LEU B 162 36.22 -20.23 -31.81
CA LEU B 162 36.37 -21.65 -31.50
C LEU B 162 35.45 -22.50 -32.37
N ALA B 163 34.21 -22.06 -32.55
CA ALA B 163 33.29 -22.78 -33.42
C ALA B 163 33.61 -22.57 -34.89
N MET B 164 34.33 -21.49 -35.22
CA MET B 164 34.70 -21.23 -36.61
C MET B 164 35.82 -22.19 -37.00
N PRO B 165 35.68 -22.91 -38.12
CA PRO B 165 36.73 -23.87 -38.51
C PRO B 165 38.08 -23.20 -38.67
N GLU B 166 39.12 -23.90 -38.25
CA GLU B 166 40.48 -23.35 -38.25
C GLU B 166 40.99 -23.16 -39.67
N GLY B 167 41.83 -22.14 -39.84
CA GLY B 167 42.48 -21.88 -41.11
C GLY B 167 41.89 -20.77 -41.94
N THR B 168 40.88 -20.07 -41.45
CA THR B 168 40.28 -18.98 -42.20
C THR B 168 41.12 -17.71 -42.06
N ARG B 169 40.72 -16.67 -42.77
CA ARG B 169 41.48 -15.42 -42.80
C ARG B 169 40.52 -14.24 -42.84
N PHE B 170 40.58 -13.39 -41.82
CA PHE B 170 39.83 -12.14 -41.80
C PHE B 170 40.55 -11.18 -40.86
N LEU B 171 40.44 -9.89 -41.17
CA LEU B 171 41.22 -8.86 -40.50
C LEU B 171 40.53 -8.46 -39.20
N VAL B 172 41.02 -8.99 -38.08
CA VAL B 172 40.58 -8.59 -36.75
C VAL B 172 41.65 -7.65 -36.21
N LEU B 173 41.49 -6.35 -36.46
CA LEU B 173 42.50 -5.37 -36.13
C LEU B 173 42.02 -4.30 -35.15
N ALA B 174 40.87 -3.69 -35.41
CA ALA B 174 40.46 -2.49 -34.69
C ALA B 174 39.14 -2.70 -33.96
N PRO B 175 39.09 -2.52 -32.64
CA PRO B 175 37.80 -2.52 -31.94
C PRO B 175 37.13 -1.17 -31.98
N VAL B 176 35.99 -1.02 -31.30
CA VAL B 176 35.27 0.24 -31.21
C VAL B 176 35.12 0.61 -29.75
N VAL B 177 35.49 1.84 -29.42
CA VAL B 177 35.32 2.38 -28.09
C VAL B 177 34.13 3.34 -28.11
N ARG B 178 33.68 3.76 -26.93
CA ARG B 178 32.54 4.65 -26.86
C ARG B 178 32.82 5.97 -27.56
N THR B 179 31.80 6.49 -28.25
CA THR B 179 31.97 7.68 -29.06
C THR B 179 32.14 8.92 -28.19
N ARG B 180 33.14 9.73 -28.51
CA ARG B 180 33.39 10.99 -27.82
C ARG B 180 33.69 12.07 -28.85
N LYS B 181 33.44 13.32 -28.47
CA LYS B 181 33.65 14.45 -29.35
C LYS B 181 34.24 15.62 -28.56
N GLY B 182 34.96 16.48 -29.26
CA GLY B 182 35.59 17.65 -28.68
C GLY B 182 37.11 17.59 -28.83
N GLU B 183 37.80 18.20 -27.88
CA GLU B 183 39.26 18.21 -27.84
C GLU B 183 39.74 17.24 -26.77
N PHE B 184 40.71 16.40 -27.13
CA PHE B 184 41.18 15.35 -26.23
C PHE B 184 42.71 15.31 -26.21
N ALA B 185 43.34 16.47 -26.10
CA ALA B 185 44.80 16.50 -25.97
C ALA B 185 45.26 15.87 -24.67
N ASP B 186 44.67 16.29 -23.55
CA ASP B 186 45.02 15.71 -22.27
C ASP B 186 44.50 14.27 -22.13
N LEU B 187 43.35 13.97 -22.72
CA LEU B 187 42.84 12.60 -22.69
C LEU B 187 43.80 11.66 -23.43
N PHE B 188 44.27 12.08 -24.60
CA PHE B 188 45.21 11.24 -25.34
C PHE B 188 46.57 11.20 -24.65
N ASP B 189 46.96 12.27 -23.97
CA ASP B 189 48.19 12.23 -23.17
C ASP B 189 48.08 11.19 -22.06
N LYS B 190 46.94 11.15 -21.37
CA LYS B 190 46.73 10.14 -20.35
C LYS B 190 46.70 8.73 -20.95
N LEU B 191 46.08 8.59 -22.12
CA LEU B 191 46.06 7.29 -22.78
C LEU B 191 47.47 6.84 -23.16
N ASN B 192 48.30 7.76 -23.64
CA ASN B 192 49.69 7.43 -23.93
C ASN B 192 50.45 7.07 -22.67
N ALA B 193 50.15 7.75 -21.56
CA ALA B 193 50.77 7.40 -20.29
C ALA B 193 50.40 5.98 -19.89
N GLN B 194 49.14 5.59 -20.08
CA GLN B 194 48.75 4.21 -19.82
C GLN B 194 49.44 3.26 -20.79
N GLY B 195 49.45 3.59 -22.08
CA GLY B 195 50.10 2.78 -23.09
C GLY B 195 49.15 1.90 -23.87
N TYR B 196 48.81 2.31 -25.09
CA TYR B 196 47.96 1.51 -25.96
C TYR B 196 48.60 1.32 -27.33
N SER B 197 49.35 2.34 -27.78
CA SER B 197 50.04 2.39 -29.07
C SER B 197 49.11 2.38 -30.27
N ARG B 198 47.79 2.43 -30.06
CA ARG B 198 46.82 2.37 -31.14
C ARG B 198 45.73 3.42 -30.90
N VAL B 199 45.13 3.90 -31.99
CA VAL B 199 44.02 4.84 -31.91
C VAL B 199 43.33 4.88 -33.26
N ARG B 200 42.03 5.21 -33.26
CA ARG B 200 41.26 5.38 -34.48
C ARG B 200 40.22 6.47 -34.21
N VAL B 201 40.52 7.69 -34.65
CA VAL B 201 39.64 8.83 -34.42
C VAL B 201 39.50 9.62 -35.72
N ASP B 202 38.41 10.38 -35.79
CA ASP B 202 38.08 11.20 -36.96
C ASP B 202 37.99 10.37 -38.23
N GLY B 203 37.72 9.07 -38.11
CA GLY B 203 37.66 8.19 -39.25
C GLY B 203 39.00 7.70 -39.76
N VAL B 204 40.09 8.00 -39.08
CA VAL B 204 41.43 7.61 -39.52
C VAL B 204 42.16 6.93 -38.36
N VAL B 205 42.94 5.91 -38.68
CA VAL B 205 43.67 5.11 -37.71
C VAL B 205 45.10 5.63 -37.62
N HIS B 206 45.59 5.78 -36.39
CA HIS B 206 46.96 6.19 -36.10
C HIS B 206 47.52 5.35 -34.97
N PRO B 207 48.85 5.32 -34.83
CA PRO B 207 49.42 4.91 -33.55
C PRO B 207 49.09 5.95 -32.48
N LEU B 208 49.03 5.49 -31.23
CA LEU B 208 48.68 6.39 -30.14
C LEU B 208 49.71 7.51 -29.97
N THR B 209 50.93 7.32 -30.46
CA THR B 209 51.94 8.37 -30.41
C THR B 209 51.68 9.49 -31.41
N ASP B 210 50.72 9.33 -32.31
CA ASP B 210 50.42 10.32 -33.33
C ASP B 210 49.00 10.84 -33.15
N PRO B 211 48.80 11.94 -32.42
CA PRO B 211 47.46 12.49 -32.26
C PRO B 211 47.14 13.48 -33.37
N PRO B 212 46.00 13.32 -34.03
CA PRO B 212 45.60 14.25 -35.09
C PRO B 212 44.91 15.47 -34.49
N LYS B 213 44.43 16.34 -35.38
CA LYS B 213 43.79 17.59 -34.98
C LYS B 213 42.39 17.31 -34.43
N LEU B 214 42.07 17.91 -33.28
CA LEU B 214 40.76 17.81 -32.67
C LEU B 214 40.28 19.21 -32.30
N LYS B 215 38.98 19.43 -32.44
CA LYS B 215 38.35 20.71 -32.11
C LYS B 215 37.07 20.47 -31.33
N LYS B 216 36.72 21.44 -30.48
CA LYS B 216 35.48 21.34 -29.71
C LYS B 216 34.24 21.48 -30.58
N GLN B 217 34.36 22.12 -31.75
CA GLN B 217 33.24 22.24 -32.67
C GLN B 217 33.21 21.12 -33.70
N GLU B 218 34.12 20.15 -33.61
CA GLU B 218 34.20 19.05 -34.55
C GLU B 218 33.66 17.78 -33.89
N LYS B 219 32.82 17.04 -34.63
CA LYS B 219 32.20 15.83 -34.13
C LYS B 219 32.99 14.62 -34.62
N HIS B 220 33.31 13.72 -33.69
CA HIS B 220 34.09 12.52 -33.99
C HIS B 220 33.34 11.29 -33.54
N ASP B 221 33.38 10.24 -34.36
CA ASP B 221 32.90 8.92 -33.98
C ASP B 221 34.11 8.12 -33.52
N ILE B 222 34.45 8.29 -32.24
CA ILE B 222 35.71 7.77 -31.71
C ILE B 222 35.60 6.25 -31.54
N GLU B 223 36.43 5.52 -32.27
CA GLU B 223 36.42 4.05 -32.30
C GLU B 223 37.85 3.52 -32.22
N VAL B 224 38.59 4.00 -31.22
CA VAL B 224 40.04 3.78 -31.17
C VAL B 224 40.40 2.29 -31.23
N VAL B 225 41.62 2.02 -31.69
CA VAL B 225 42.15 0.67 -31.81
C VAL B 225 42.83 0.28 -30.51
N VAL B 226 42.98 -1.02 -30.29
CA VAL B 226 43.65 -1.53 -29.10
C VAL B 226 44.83 -2.45 -29.42
N ASP B 227 44.96 -2.96 -30.64
CA ASP B 227 46.01 -3.91 -30.97
C ASP B 227 46.18 -3.96 -32.48
N ARG B 228 47.15 -4.76 -32.93
CA ARG B 228 47.41 -4.99 -34.35
C ARG B 228 47.47 -6.47 -34.66
N LEU B 229 46.65 -7.27 -33.99
CA LEU B 229 46.68 -8.71 -34.17
C LEU B 229 45.91 -9.12 -35.42
N THR B 230 45.86 -10.42 -35.67
CA THR B 230 45.11 -10.99 -36.78
C THR B 230 44.84 -12.45 -36.47
N VAL B 231 43.97 -13.06 -37.28
CA VAL B 231 43.52 -14.42 -37.01
C VAL B 231 44.69 -15.39 -37.19
N LYS B 232 44.90 -16.24 -36.19
CA LYS B 232 45.91 -17.28 -36.23
C LYS B 232 45.42 -18.51 -35.48
N ALA B 233 46.00 -19.66 -35.80
CA ALA B 233 45.64 -20.90 -35.14
C ALA B 233 46.19 -20.91 -33.72
N ALA B 234 45.33 -21.27 -32.75
CA ALA B 234 45.70 -21.34 -31.34
C ALA B 234 46.29 -20.03 -30.83
N ALA B 235 45.71 -18.92 -31.31
CA ALA B 235 46.13 -17.59 -30.91
C ALA B 235 45.18 -16.95 -29.91
N LYS B 236 44.28 -17.74 -29.31
CA LYS B 236 43.26 -17.18 -28.43
C LYS B 236 43.90 -16.41 -27.27
N ARG B 237 44.93 -16.98 -26.65
CA ARG B 237 45.60 -16.33 -25.54
C ARG B 237 46.09 -14.94 -25.91
N ARG B 238 46.40 -14.72 -27.19
CA ARG B 238 46.69 -13.37 -27.66
C ARG B 238 45.42 -12.53 -27.74
N LEU B 239 44.45 -12.99 -28.53
CA LEU B 239 43.30 -12.14 -28.85
C LEU B 239 42.48 -11.81 -27.61
N THR B 240 42.37 -12.75 -26.67
CA THR B 240 41.70 -12.47 -25.40
C THR B 240 42.33 -11.25 -24.74
N ASP B 241 43.66 -11.24 -24.65
CA ASP B 241 44.36 -10.14 -24.00
C ASP B 241 44.14 -8.82 -24.74
N SER B 242 43.68 -8.88 -26.00
CA SER B 242 43.39 -7.67 -26.73
C SER B 242 41.97 -7.17 -26.45
N VAL B 243 41.04 -8.07 -26.15
CA VAL B 243 39.62 -7.71 -26.05
C VAL B 243 39.17 -7.57 -24.61
N GLU B 244 39.52 -8.54 -23.75
CA GLU B 244 38.94 -8.58 -22.41
C GLU B 244 39.27 -7.32 -21.61
N THR B 245 40.53 -6.89 -21.64
CA THR B 245 40.89 -5.65 -20.96
C THR B 245 40.15 -4.46 -21.56
N ALA B 246 39.97 -4.47 -22.89
CA ALA B 246 39.17 -3.42 -23.51
C ALA B 246 37.74 -3.44 -22.99
N LEU B 247 37.23 -4.61 -22.62
CA LEU B 247 35.89 -4.70 -22.05
C LEU B 247 35.78 -3.90 -20.75
N ASN B 248 36.89 -3.65 -20.08
CA ASN B 248 36.91 -2.85 -18.86
C ASN B 248 37.12 -1.37 -19.11
N LEU B 249 37.37 -0.97 -20.35
CA LEU B 249 37.61 0.43 -20.67
C LEU B 249 36.61 1.02 -21.65
N ALA B 250 36.11 0.22 -22.59
CA ALA B 250 35.13 0.67 -23.57
C ALA B 250 33.69 0.42 -23.11
N ASP B 251 33.51 -0.09 -21.89
CA ASP B 251 32.19 -0.43 -21.35
C ASP B 251 31.50 -1.48 -22.23
N GLY B 252 32.21 -2.58 -22.45
CA GLY B 252 31.67 -3.70 -23.20
C GLY B 252 31.42 -3.44 -24.67
N ILE B 253 32.29 -2.69 -25.33
CA ILE B 253 32.19 -2.40 -26.76
C ILE B 253 33.49 -2.82 -27.43
N VAL B 254 33.40 -3.68 -28.44
CA VAL B 254 34.57 -4.15 -29.18
C VAL B 254 34.08 -4.76 -30.48
N VAL B 255 34.79 -4.48 -31.58
CA VAL B 255 34.45 -4.99 -32.89
C VAL B 255 35.70 -5.58 -33.55
N LEU B 256 35.50 -6.22 -34.69
CA LEU B 256 36.57 -6.84 -35.46
C LEU B 256 36.54 -6.35 -36.91
N GLU B 257 36.48 -5.03 -37.09
CA GLU B 257 36.17 -4.42 -38.37
C GLU B 257 37.21 -4.75 -39.44
N PHE B 258 36.82 -4.51 -40.70
CA PHE B 258 37.65 -4.86 -41.85
C PHE B 258 39.00 -4.15 -41.85
N VAL B 259 39.00 -2.84 -41.59
CA VAL B 259 40.15 -1.93 -41.75
C VAL B 259 40.86 -2.20 -43.08
N ASP B 260 40.11 -2.59 -44.11
CA ASP B 260 40.66 -2.82 -45.43
C ASP B 260 40.06 -1.85 -46.43
N HIS B 261 40.33 -2.10 -47.71
CA HIS B 261 39.99 -1.15 -48.77
C HIS B 261 38.53 -1.30 -49.24
N GLU B 262 38.15 -2.51 -49.64
CA GLU B 262 36.88 -2.68 -50.36
C GLU B 262 35.68 -2.35 -49.47
N LEU B 263 35.70 -2.79 -48.21
CA LEU B 263 34.60 -2.59 -47.28
C LEU B 263 33.26 -2.99 -47.89
N GLY B 264 33.25 -4.16 -48.54
CA GLY B 264 32.06 -4.66 -49.18
C GLY B 264 30.89 -4.79 -48.22
N ALA B 265 31.00 -5.71 -47.27
CA ALA B 265 30.03 -5.79 -46.20
C ALA B 265 30.35 -4.77 -45.12
N PRO B 266 29.35 -4.27 -44.39
CA PRO B 266 29.63 -3.36 -43.27
C PRO B 266 30.23 -4.09 -42.08
N HIS B 267 31.52 -4.41 -42.17
CA HIS B 267 32.26 -5.10 -41.11
C HIS B 267 31.58 -6.41 -40.70
N ARG B 268 30.95 -7.07 -41.67
CA ARG B 268 30.23 -8.33 -41.44
C ARG B 268 29.20 -8.20 -40.33
N GLU B 269 28.68 -6.98 -40.12
CA GLU B 269 27.79 -6.68 -39.00
C GLU B 269 28.35 -7.24 -37.69
N GLN B 270 29.67 -7.20 -37.54
CA GLN B 270 30.35 -7.82 -36.40
C GLN B 270 30.56 -6.78 -35.31
N ARG B 271 29.88 -6.96 -34.19
CA ARG B 271 30.08 -6.12 -33.02
C ARG B 271 29.76 -6.93 -31.78
N PHE B 272 30.36 -6.52 -30.66
CA PHE B 272 30.22 -7.26 -29.41
C PHE B 272 29.72 -6.36 -28.29
N ASP B 288 16.38 -3.98 -33.05
CA ASP B 288 15.90 -3.10 -31.99
C ASP B 288 15.63 -3.87 -30.70
N LEU B 289 16.34 -3.50 -29.63
CA LEU B 289 16.16 -4.16 -28.34
C LEU B 289 16.32 -3.11 -27.24
N GLU B 290 15.52 -3.26 -26.17
CA GLU B 290 15.58 -2.34 -25.04
C GLU B 290 15.06 -3.06 -23.81
N PRO B 291 15.74 -2.97 -22.67
CA PRO B 291 15.27 -3.65 -21.46
C PRO B 291 13.96 -3.09 -20.93
N ARG B 292 13.90 -1.77 -20.77
CA ARG B 292 12.72 -1.06 -20.27
C ARG B 292 12.37 -1.60 -18.88
N SER B 293 11.10 -1.55 -18.51
CA SER B 293 10.64 -2.02 -17.21
C SER B 293 9.38 -2.86 -17.40
N PHE B 294 9.16 -3.78 -16.48
CA PHE B 294 8.02 -4.70 -16.53
C PHE B 294 6.95 -4.24 -15.56
N SER B 295 5.77 -3.92 -16.10
CA SER B 295 4.64 -3.49 -15.29
C SER B 295 3.38 -3.55 -16.15
N PHE B 296 2.25 -3.79 -15.51
CA PHE B 296 0.96 -3.86 -16.20
C PHE B 296 -0.02 -2.80 -15.70
N ASN B 297 -0.20 -2.69 -14.38
CA ASN B 297 -1.08 -1.65 -13.84
C ASN B 297 -0.40 -0.28 -13.86
N SER B 298 0.89 -0.25 -13.56
CA SER B 298 1.63 0.99 -13.56
C SER B 298 1.78 1.52 -15.00
N PRO B 299 1.89 2.85 -15.17
CA PRO B 299 2.06 3.40 -16.52
C PRO B 299 3.46 3.19 -17.07
N TYR B 300 4.26 2.36 -16.39
CA TYR B 300 5.61 2.06 -16.89
C TYR B 300 5.56 1.37 -18.25
N GLY B 301 4.65 0.41 -18.40
CA GLY B 301 4.58 -0.35 -19.64
C GLY B 301 3.18 -0.56 -20.17
N ALA B 302 2.31 0.44 -19.98
CA ALA B 302 0.93 0.39 -20.46
C ALA B 302 0.76 1.34 -21.64
N CYS B 303 -0.47 1.40 -22.16
CA CYS B 303 -0.80 2.30 -23.26
C CYS B 303 -0.73 3.74 -22.76
N PRO B 304 0.23 4.54 -23.21
CA PRO B 304 0.36 5.91 -22.67
C PRO B 304 -0.85 6.80 -22.96
N GLU B 305 -1.58 6.54 -24.03
CA GLU B 305 -2.70 7.40 -24.42
C GLU B 305 -4.00 6.98 -23.74
N CYS B 306 -4.29 5.67 -23.73
CA CYS B 306 -5.53 5.17 -23.16
C CYS B 306 -5.39 4.73 -21.71
N SER B 307 -4.23 5.00 -21.09
CA SER B 307 -3.98 4.69 -19.68
C SER B 307 -4.04 3.20 -19.40
N GLY B 308 -3.72 2.38 -20.41
CA GLY B 308 -3.63 0.94 -20.23
C GLY B 308 -4.96 0.21 -20.13
N LEU B 309 -6.08 0.89 -20.36
CA LEU B 309 -7.38 0.25 -20.28
C LEU B 309 -7.63 -0.58 -21.55
N GLY B 310 -8.64 -1.44 -21.46
CA GLY B 310 -9.01 -2.26 -22.60
C GLY B 310 -9.57 -1.44 -23.75
N ILE B 311 -9.47 -2.00 -24.95
CA ILE B 311 -9.97 -1.31 -26.13
C ILE B 311 -11.50 -1.23 -26.04
N ARG B 312 -12.04 -0.04 -26.29
CA ARG B 312 -13.47 0.22 -26.16
C ARG B 312 -14.14 -0.19 -27.48
N LYS B 313 -14.35 -1.49 -27.63
CA LYS B 313 -15.08 -1.99 -28.79
C LYS B 313 -16.55 -1.59 -28.67
N GLU B 314 -16.99 -0.70 -29.56
CA GLU B 314 -18.33 -0.15 -29.51
C GLU B 314 -19.15 -0.51 -30.75
N VAL B 315 -18.90 -1.69 -31.31
CA VAL B 315 -19.69 -2.19 -32.43
C VAL B 315 -21.11 -2.46 -31.94
N ASP B 316 -22.10 -2.23 -32.80
CA ASP B 316 -22.06 -1.82 -34.21
C ASP B 316 -22.47 -0.36 -34.39
N PRO B 317 -21.90 0.30 -35.41
CA PRO B 317 -22.37 1.66 -35.73
C PRO B 317 -23.78 1.68 -36.30
N GLU B 318 -24.25 0.56 -36.87
CA GLU B 318 -25.59 0.49 -37.45
C GLU B 318 -26.64 0.05 -36.44
N LEU B 319 -26.31 0.04 -35.14
CA LEU B 319 -27.28 -0.23 -34.10
C LEU B 319 -28.27 0.91 -33.91
N VAL B 320 -28.18 1.96 -34.73
CA VAL B 320 -29.05 3.12 -34.56
C VAL B 320 -30.51 2.76 -34.81
N VAL B 321 -30.78 1.98 -35.86
CA VAL B 321 -32.14 1.58 -36.19
C VAL B 321 -32.19 0.06 -36.30
N PRO B 322 -32.41 -0.65 -35.19
CA PRO B 322 -32.61 -2.10 -35.29
C PRO B 322 -33.72 -2.49 -36.25
N ASP B 323 -34.92 -1.93 -36.05
CA ASP B 323 -36.08 -2.29 -36.85
C ASP B 323 -36.35 -1.20 -37.89
N PRO B 324 -36.14 -1.48 -39.18
CA PRO B 324 -36.38 -0.45 -40.20
C PRO B 324 -37.85 -0.27 -40.54
N ASP B 325 -38.65 -1.32 -40.36
CA ASP B 325 -40.05 -1.27 -40.73
C ASP B 325 -40.81 -0.23 -39.92
N ARG B 326 -40.43 -0.03 -38.66
CA ARG B 326 -41.04 1.02 -37.85
C ARG B 326 -40.69 2.39 -38.41
N THR B 327 -41.66 3.30 -38.39
CA THR B 327 -41.44 4.64 -38.89
C THR B 327 -40.41 5.37 -38.04
N LEU B 328 -39.56 6.17 -38.70
CA LEU B 328 -38.52 6.89 -37.99
C LEU B 328 -39.09 7.93 -37.02
N ALA B 329 -40.30 8.42 -37.28
CA ALA B 329 -40.92 9.38 -36.37
C ALA B 329 -41.31 8.74 -35.05
N GLN B 330 -41.62 7.44 -35.06
CA GLN B 330 -41.99 6.75 -33.83
C GLN B 330 -40.82 6.58 -32.87
N GLY B 331 -39.59 6.82 -33.32
CA GLY B 331 -38.44 6.67 -32.47
C GLY B 331 -37.65 5.40 -32.74
N ALA B 332 -37.47 5.07 -34.01
CA ALA B 332 -36.64 3.92 -34.36
C ALA B 332 -35.21 4.13 -33.89
N VAL B 333 -34.68 5.34 -34.07
CA VAL B 333 -33.40 5.70 -33.47
C VAL B 333 -33.54 5.70 -31.95
N ALA B 334 -32.56 5.10 -31.27
CA ALA B 334 -32.69 4.86 -29.83
C ALA B 334 -32.88 6.12 -29.01
N PRO B 335 -32.07 7.20 -29.20
CA PRO B 335 -32.33 8.41 -28.40
C PRO B 335 -33.57 9.17 -28.85
N TRP B 336 -34.21 8.71 -29.93
CA TRP B 336 -35.40 9.35 -30.46
C TRP B 336 -36.70 8.77 -29.88
N SER B 337 -36.59 7.86 -28.92
CA SER B 337 -37.76 7.24 -28.28
C SER B 337 -37.76 7.51 -26.78
N ASN B 338 -37.28 8.68 -26.37
CA ASN B 338 -37.19 9.00 -24.96
C ASN B 338 -38.55 9.38 -24.38
N GLY B 339 -38.61 9.44 -23.05
CA GLY B 339 -39.81 9.93 -22.40
C GLY B 339 -40.05 11.41 -22.66
N HIS B 340 -38.97 12.19 -22.69
CA HIS B 340 -39.05 13.62 -22.93
C HIS B 340 -38.22 14.09 -24.11
N THR B 341 -37.15 13.39 -24.47
CA THR B 341 -36.27 13.78 -25.55
C THR B 341 -36.70 13.22 -26.90
N ALA B 342 -37.69 12.34 -26.92
CA ALA B 342 -38.16 11.77 -28.19
C ALA B 342 -38.63 12.87 -29.13
N GLU B 343 -39.54 13.73 -28.66
CA GLU B 343 -39.96 14.88 -29.46
C GLU B 343 -38.83 15.89 -29.60
N TYR B 344 -37.95 15.97 -28.59
CA TYR B 344 -36.81 16.87 -28.67
C TYR B 344 -35.91 16.54 -29.85
N PHE B 345 -35.92 15.28 -30.30
CA PHE B 345 -35.15 14.93 -31.48
C PHE B 345 -36.02 14.80 -32.72
N THR B 346 -37.31 14.47 -32.53
CA THR B 346 -38.26 14.43 -33.63
C THR B 346 -38.40 15.80 -34.29
N ARG B 347 -38.31 16.86 -33.50
CA ARG B 347 -38.41 18.19 -34.08
C ARG B 347 -37.32 18.43 -35.12
N MET B 348 -36.05 18.13 -34.80
CA MET B 348 -35.05 18.37 -35.82
C MET B 348 -35.14 17.37 -36.96
N MET B 349 -35.44 16.09 -36.69
CA MET B 349 -35.44 15.18 -37.83
C MET B 349 -36.60 15.48 -38.76
N ALA B 350 -37.72 15.98 -38.24
CA ALA B 350 -38.82 16.40 -39.10
C ALA B 350 -38.47 17.68 -39.85
N GLY B 351 -37.76 18.61 -39.20
CA GLY B 351 -37.28 19.78 -39.90
C GLY B 351 -36.35 19.42 -41.05
N LEU B 352 -35.44 18.49 -40.81
CA LEU B 352 -34.52 18.03 -41.86
C LEU B 352 -35.28 17.32 -42.98
N GLY B 353 -36.28 16.51 -42.62
CA GLY B 353 -37.08 15.85 -43.65
C GLY B 353 -37.84 16.84 -44.51
N GLU B 354 -38.37 17.90 -43.90
CA GLU B 354 -39.07 18.93 -44.67
C GLU B 354 -38.10 19.75 -45.52
N ALA B 355 -36.89 19.99 -45.01
CA ALA B 355 -35.92 20.79 -45.74
C ALA B 355 -35.34 20.04 -46.93
N LEU B 356 -34.68 18.91 -46.67
CA LEU B 356 -34.05 18.15 -47.74
C LEU B 356 -35.07 17.44 -48.62
N GLY B 357 -36.26 17.17 -48.09
CA GLY B 357 -37.32 16.54 -48.86
C GLY B 357 -37.35 15.03 -48.80
N PHE B 358 -36.47 14.40 -48.02
CA PHE B 358 -36.46 12.94 -47.95
C PHE B 358 -37.60 12.43 -47.08
N ASP B 359 -38.12 11.27 -47.47
CA ASP B 359 -39.22 10.63 -46.76
C ASP B 359 -38.76 10.05 -45.44
N VAL B 360 -39.67 9.98 -44.47
CA VAL B 360 -39.37 9.54 -43.12
C VAL B 360 -40.22 8.35 -42.71
N ASP B 361 -41.55 8.48 -42.79
CA ASP B 361 -42.43 7.43 -42.29
C ASP B 361 -42.33 6.15 -43.10
N THR B 362 -41.78 6.21 -44.30
CA THR B 362 -41.50 4.99 -45.06
C THR B 362 -40.42 4.18 -44.35
N PRO B 363 -40.56 2.86 -44.29
CA PRO B 363 -39.53 2.03 -43.65
C PRO B 363 -38.17 2.21 -44.31
N TRP B 364 -37.12 2.07 -43.49
CA TRP B 364 -35.77 2.35 -43.96
C TRP B 364 -35.36 1.44 -45.12
N ARG B 365 -35.79 0.17 -45.08
CA ARG B 365 -35.39 -0.77 -46.13
C ARG B 365 -35.91 -0.34 -47.48
N LYS B 366 -37.16 0.13 -47.55
CA LYS B 366 -37.70 0.65 -48.79
C LYS B 366 -37.35 2.12 -49.01
N LEU B 367 -36.77 2.79 -48.02
CA LEU B 367 -36.33 4.16 -48.17
C LEU B 367 -35.09 4.22 -49.05
N PRO B 368 -34.90 5.32 -49.77
CA PRO B 368 -33.63 5.51 -50.49
C PRO B 368 -32.46 5.62 -49.53
N ALA B 369 -31.29 5.16 -49.99
CA ALA B 369 -30.09 5.23 -49.16
C ALA B 369 -29.69 6.66 -48.87
N LYS B 370 -30.03 7.59 -49.77
CA LYS B 370 -29.72 8.99 -49.53
C LYS B 370 -30.43 9.51 -48.29
N ALA B 371 -31.70 9.15 -48.11
CA ALA B 371 -32.43 9.57 -46.92
C ALA B 371 -31.80 9.00 -45.65
N ARG B 372 -31.43 7.71 -45.70
CA ARG B 372 -30.83 7.07 -44.53
C ARG B 372 -29.51 7.74 -44.17
N LYS B 373 -28.65 7.99 -45.15
CA LYS B 373 -27.37 8.63 -44.86
C LYS B 373 -27.56 10.06 -44.38
N ALA B 374 -28.48 10.80 -44.99
CA ALA B 374 -28.72 12.19 -44.59
C ALA B 374 -29.28 12.30 -43.19
N ILE B 375 -30.10 11.34 -42.76
CA ILE B 375 -30.58 11.34 -41.37
C ILE B 375 -29.58 10.69 -40.42
N LEU B 376 -28.59 9.96 -40.94
CA LEU B 376 -27.58 9.35 -40.07
C LEU B 376 -26.49 10.35 -39.71
N GLU B 377 -25.95 11.07 -40.72
CA GLU B 377 -24.92 12.07 -40.46
C GLU B 377 -25.45 13.48 -40.37
N GLY B 378 -26.77 13.66 -40.48
CA GLY B 378 -27.33 15.00 -40.38
C GLY B 378 -26.89 15.89 -41.53
N ALA B 379 -26.69 17.17 -41.22
CA ALA B 379 -26.26 18.15 -42.21
C ALA B 379 -25.53 19.27 -41.48
N ASP B 380 -25.27 20.36 -42.19
CA ASP B 380 -24.60 21.53 -41.64
C ASP B 380 -25.63 22.63 -41.35
N GLU B 381 -25.13 23.81 -41.00
CA GLU B 381 -25.96 25.00 -40.76
C GLU B 381 -26.88 24.80 -39.56
N GLN B 382 -27.77 25.76 -39.32
CA GLN B 382 -28.66 25.72 -38.17
C GLN B 382 -30.07 26.14 -38.59
N VAL B 383 -31.05 25.70 -37.78
CA VAL B 383 -32.45 26.03 -38.00
C VAL B 383 -33.05 26.48 -36.67
N HIS B 384 -34.16 27.20 -36.76
CA HIS B 384 -34.83 27.76 -35.59
C HIS B 384 -35.85 26.73 -35.07
N VAL B 385 -35.43 25.94 -34.09
CA VAL B 385 -36.28 24.91 -33.50
C VAL B 385 -36.24 25.06 -31.99
N ARG B 386 -37.42 25.06 -31.37
CA ARG B 386 -37.54 25.11 -29.91
C ARG B 386 -38.90 24.60 -29.52
N TYR B 387 -38.94 23.54 -28.71
CA TYR B 387 -40.20 22.90 -28.34
C TYR B 387 -40.17 22.50 -26.88
N ARG B 388 -41.34 22.08 -26.40
CA ARG B 388 -41.55 21.64 -25.03
C ARG B 388 -41.75 20.13 -24.99
N ASN B 389 -41.43 19.53 -23.83
CA ASN B 389 -41.58 18.10 -23.63
C ASN B 389 -42.96 17.80 -23.04
N ARG B 390 -43.16 16.56 -22.59
CA ARG B 390 -44.42 16.17 -21.97
C ARG B 390 -44.48 16.56 -20.50
N TYR B 391 -43.35 16.81 -19.86
CA TYR B 391 -43.29 17.04 -18.42
C TYR B 391 -43.29 18.51 -18.02
N GLY B 392 -43.45 19.42 -18.96
CA GLY B 392 -43.61 20.83 -18.65
C GLY B 392 -42.38 21.71 -18.77
N ARG B 393 -41.28 21.20 -19.34
CA ARG B 393 -40.08 21.99 -19.54
C ARG B 393 -39.79 22.14 -21.02
N THR B 394 -39.24 23.29 -21.39
CA THR B 394 -38.95 23.63 -22.78
C THR B 394 -37.45 23.58 -23.04
N ARG B 395 -37.07 22.97 -24.15
CA ARG B 395 -35.66 22.88 -24.53
C ARG B 395 -35.44 23.70 -25.79
N SER B 396 -34.67 24.79 -25.66
CA SER B 396 -34.36 25.67 -26.79
C SER B 396 -33.04 25.22 -27.43
N TYR B 397 -33.12 24.10 -28.13
CA TYR B 397 -31.98 23.53 -28.83
C TYR B 397 -31.71 24.36 -30.08
N TYR B 398 -30.76 25.29 -29.99
CA TYR B 398 -30.37 26.14 -31.11
C TYR B 398 -28.94 25.75 -31.50
N ALA B 399 -28.82 24.75 -32.35
CA ALA B 399 -27.54 24.23 -32.77
C ALA B 399 -27.73 23.46 -34.08
N ASP B 400 -26.69 22.73 -34.48
CA ASP B 400 -26.71 21.94 -35.70
C ASP B 400 -27.03 20.48 -35.40
N PHE B 401 -27.83 19.87 -36.25
CA PHE B 401 -28.20 18.45 -36.11
C PHE B 401 -27.14 17.63 -36.85
N GLU B 402 -26.16 17.13 -36.11
CA GLU B 402 -25.11 16.31 -36.70
C GLU B 402 -25.47 14.82 -36.68
N GLY B 403 -26.67 14.51 -37.17
CA GLY B 403 -27.13 13.13 -37.16
C GLY B 403 -27.17 12.59 -35.75
N VAL B 404 -26.66 11.37 -35.58
CA VAL B 404 -26.53 10.76 -34.27
C VAL B 404 -25.09 10.27 -34.09
N LEU B 405 -24.17 10.85 -34.87
CA LEU B 405 -22.77 10.46 -34.81
C LEU B 405 -21.99 11.32 -33.81
N ALA B 406 -21.96 12.64 -34.04
CA ALA B 406 -21.16 13.54 -33.21
C ALA B 406 -21.91 14.08 -32.00
N PHE B 407 -23.23 14.00 -31.99
CA PHE B 407 -23.98 14.44 -30.82
C PHE B 407 -23.70 13.52 -29.62
N LEU B 408 -23.55 12.22 -29.87
CA LEU B 408 -23.27 11.28 -28.78
C LEU B 408 -21.93 11.57 -28.13
N GLN B 409 -20.92 11.89 -28.94
CA GLN B 409 -19.61 12.17 -28.36
C GLN B 409 -19.68 13.33 -27.38
N ARG B 410 -20.36 14.41 -27.76
CA ARG B 410 -20.57 15.52 -26.84
C ARG B 410 -21.42 15.10 -25.65
N LYS B 411 -22.36 14.18 -25.86
CA LYS B 411 -23.24 13.74 -24.78
C LYS B 411 -22.45 13.02 -23.69
N MET B 412 -21.60 12.06 -24.07
CA MET B 412 -20.78 11.40 -23.05
C MET B 412 -19.62 12.28 -22.59
N SER B 413 -19.28 13.33 -23.36
CA SER B 413 -18.23 14.23 -22.90
C SER B 413 -18.74 15.14 -21.79
N GLN B 414 -19.99 15.63 -21.91
CA GLN B 414 -20.52 16.58 -20.94
C GLN B 414 -21.00 15.91 -19.66
N THR B 415 -21.44 14.65 -19.74
CA THR B 415 -22.05 14.00 -18.60
C THR B 415 -21.03 13.74 -17.49
N GLU B 416 -21.51 13.77 -16.25
CA GLU B 416 -20.68 13.50 -15.09
C GLU B 416 -20.70 12.03 -14.70
N SER B 417 -21.90 11.44 -14.59
CA SER B 417 -22.01 10.02 -14.30
C SER B 417 -21.53 9.20 -15.49
N GLU B 418 -20.60 8.27 -15.23
CA GLU B 418 -19.97 7.48 -16.28
C GLU B 418 -20.54 6.08 -16.40
N GLN B 419 -21.59 5.75 -15.67
CA GLN B 419 -22.21 4.43 -15.78
C GLN B 419 -23.39 4.40 -16.74
N MET B 420 -24.16 5.47 -16.82
CA MET B 420 -25.26 5.55 -17.79
C MET B 420 -24.77 5.71 -19.21
N LYS B 421 -23.49 6.00 -19.41
CA LYS B 421 -22.92 6.15 -20.75
C LYS B 421 -22.40 4.84 -21.33
N GLU B 422 -22.38 3.77 -20.55
CA GLU B 422 -21.89 2.49 -21.07
C GLU B 422 -22.81 1.96 -22.17
N ARG B 423 -24.12 2.03 -21.95
CA ARG B 423 -25.07 1.57 -22.96
C ARG B 423 -25.07 2.51 -24.16
N TYR B 424 -24.90 3.81 -23.93
CA TYR B 424 -24.96 4.79 -25.00
C TYR B 424 -23.65 4.90 -25.77
N GLU B 425 -22.58 4.27 -25.29
CA GLU B 425 -21.26 4.36 -25.91
C GLU B 425 -20.88 3.09 -26.65
N GLY B 426 -20.95 1.94 -25.98
CA GLY B 426 -20.54 0.69 -26.57
C GLY B 426 -21.50 0.10 -27.57
N PHE B 427 -22.65 0.75 -27.81
CA PHE B 427 -23.64 0.21 -28.73
C PHE B 427 -24.26 1.29 -29.62
N MET B 428 -23.62 2.46 -29.73
CA MET B 428 -24.13 3.53 -30.59
C MET B 428 -23.18 3.80 -31.75
N ARG B 429 -21.93 4.16 -31.45
CA ARG B 429 -20.89 4.42 -32.44
C ARG B 429 -19.55 4.04 -31.84
N ASP B 430 -18.57 3.81 -32.70
CA ASP B 430 -17.27 3.26 -32.31
C ASP B 430 -16.19 4.32 -32.39
N VAL B 431 -15.54 4.59 -31.25
CA VAL B 431 -14.40 5.50 -31.19
C VAL B 431 -13.29 4.90 -30.33
N PRO B 432 -12.65 3.81 -30.74
CA PRO B 432 -11.61 3.17 -29.92
C PRO B 432 -10.22 3.72 -30.21
N CYS B 433 -9.28 3.42 -29.27
CA CYS B 433 -7.91 3.84 -29.52
C CYS B 433 -7.14 2.71 -30.20
N PRO B 434 -6.54 2.95 -31.37
CA PRO B 434 -5.82 1.89 -32.08
C PRO B 434 -4.34 1.80 -31.77
N VAL B 435 -3.80 2.69 -30.94
CA VAL B 435 -2.37 2.65 -30.63
C VAL B 435 -2.02 1.38 -29.87
N CYS B 436 -2.87 0.96 -28.93
CA CYS B 436 -2.67 -0.31 -28.25
C CYS B 436 -3.45 -1.45 -28.89
N ALA B 437 -4.64 -1.16 -29.43
CA ALA B 437 -5.46 -2.13 -30.15
C ALA B 437 -5.74 -3.36 -29.29
N GLY B 438 -6.13 -3.11 -28.05
CA GLY B 438 -6.51 -4.18 -27.14
C GLY B 438 -5.38 -4.80 -26.35
N THR B 439 -4.22 -4.17 -26.28
CA THR B 439 -3.08 -4.69 -25.55
C THR B 439 -2.81 -3.81 -24.34
N ARG B 440 -2.63 -4.45 -23.18
CA ARG B 440 -2.20 -3.73 -21.98
C ARG B 440 -0.68 -3.74 -21.84
N LEU B 441 0.00 -3.36 -22.92
CA LEU B 441 1.45 -3.34 -22.96
C LEU B 441 1.91 -2.21 -23.86
N LYS B 442 3.15 -1.78 -23.65
CA LYS B 442 3.73 -0.75 -24.51
C LYS B 442 3.92 -1.30 -25.92
N PRO B 443 3.82 -0.44 -26.93
CA PRO B 443 3.85 -0.94 -28.32
C PRO B 443 5.11 -1.69 -28.70
N GLU B 444 6.25 -1.35 -28.09
CA GLU B 444 7.50 -1.99 -28.47
C GLU B 444 7.62 -3.38 -27.86
N ILE B 445 7.42 -3.48 -26.54
CA ILE B 445 7.69 -4.74 -25.83
C ILE B 445 6.76 -5.85 -26.30
N LEU B 446 5.50 -5.52 -26.57
CA LEU B 446 4.53 -6.54 -26.93
C LEU B 446 4.96 -7.32 -28.17
N ALA B 447 5.67 -6.65 -29.09
CA ALA B 447 6.19 -7.34 -30.25
C ALA B 447 7.60 -7.88 -30.00
N VAL B 448 8.38 -7.16 -29.18
CA VAL B 448 9.78 -7.54 -28.97
C VAL B 448 9.87 -8.89 -28.26
N THR B 449 9.05 -9.10 -27.24
CA THR B 449 9.15 -10.32 -26.45
C THR B 449 8.86 -11.56 -27.29
N LEU B 450 7.82 -11.52 -28.13
CA LEU B 450 7.45 -12.68 -28.92
C LEU B 450 8.17 -12.77 -30.26
N ALA B 451 8.86 -11.71 -30.69
CA ALA B 451 9.58 -11.79 -31.95
C ALA B 451 10.67 -12.85 -31.93
N GLY B 452 11.12 -13.26 -30.75
CA GLY B 452 12.08 -14.34 -30.64
C GLY B 452 11.47 -15.60 -30.06
N GLU B 453 10.20 -15.53 -29.66
CA GLU B 453 9.50 -16.66 -29.06
C GLU B 453 8.75 -17.43 -30.15
N SER B 454 9.30 -18.56 -30.55
CA SER B 454 8.62 -19.41 -31.53
C SER B 454 7.34 -19.99 -30.93
N LYS B 455 6.24 -19.85 -31.65
CA LYS B 455 4.93 -20.22 -31.12
C LYS B 455 4.18 -21.06 -32.16
N GLY B 456 3.57 -22.14 -31.70
CA GLY B 456 2.80 -22.98 -32.60
C GLY B 456 3.68 -23.60 -33.67
N GLU B 457 3.37 -23.29 -34.93
CA GLU B 457 4.16 -23.78 -36.05
C GLU B 457 5.37 -22.88 -36.28
N HIS B 458 6.13 -22.61 -35.23
CA HIS B 458 7.36 -21.80 -35.29
C HIS B 458 7.08 -20.43 -35.90
N GLY B 459 6.22 -19.69 -35.21
CA GLY B 459 5.89 -18.33 -35.59
C GLY B 459 6.16 -17.33 -34.49
N ALA B 460 7.08 -16.40 -34.73
CA ALA B 460 7.52 -15.45 -33.72
C ALA B 460 7.42 -14.04 -34.29
N LYS B 461 6.24 -13.42 -34.17
CA LYS B 461 6.03 -12.06 -34.65
C LYS B 461 5.72 -11.08 -33.52
N SER B 462 4.68 -11.33 -32.74
CA SER B 462 4.29 -10.41 -31.68
C SER B 462 3.31 -11.10 -30.74
N ILE B 463 3.21 -10.56 -29.52
CA ILE B 463 2.29 -11.10 -28.54
C ILE B 463 0.86 -10.70 -28.91
N ALA B 464 -0.01 -11.70 -29.03
CA ALA B 464 -1.44 -11.46 -29.18
C ALA B 464 -2.22 -11.99 -27.98
N GLU B 465 -2.12 -13.29 -27.70
CA GLU B 465 -2.69 -13.93 -26.53
C GLU B 465 -4.09 -13.44 -26.17
N VAL B 466 -4.19 -12.72 -25.04
CA VAL B 466 -5.50 -12.25 -24.57
C VAL B 466 -6.09 -11.25 -25.56
N CYS B 467 -5.25 -10.44 -26.18
CA CYS B 467 -5.73 -9.35 -27.03
C CYS B 467 -6.40 -9.86 -28.30
N GLU B 468 -5.77 -10.85 -28.97
CA GLU B 468 -6.19 -11.18 -30.33
C GLU B 468 -6.39 -12.67 -30.59
N LEU B 469 -6.35 -13.52 -29.58
CA LEU B 469 -6.57 -14.96 -29.78
C LEU B 469 -7.62 -15.47 -28.80
N SER B 470 -7.90 -16.77 -28.90
CA SER B 470 -8.83 -17.48 -28.04
C SER B 470 -8.07 -18.42 -27.13
N ILE B 471 -8.82 -19.20 -26.34
CA ILE B 471 -8.20 -20.16 -25.43
C ILE B 471 -7.48 -21.25 -26.22
N ALA B 472 -8.16 -21.81 -27.23
CA ALA B 472 -7.66 -23.01 -27.90
C ALA B 472 -6.36 -22.72 -28.65
N ASP B 473 -6.39 -21.75 -29.57
CA ASP B 473 -5.22 -21.48 -30.39
C ASP B 473 -4.04 -20.96 -29.55
N CYS B 474 -4.32 -20.11 -28.56
CA CYS B 474 -3.24 -19.62 -27.71
C CYS B 474 -2.61 -20.74 -26.91
N ALA B 475 -3.43 -21.64 -26.34
CA ALA B 475 -2.88 -22.76 -25.60
C ALA B 475 -2.05 -23.68 -26.51
N ASP B 476 -2.56 -23.96 -27.71
CA ASP B 476 -1.84 -24.83 -28.64
C ASP B 476 -0.50 -24.20 -29.05
N PHE B 477 -0.49 -22.89 -29.28
CA PHE B 477 0.74 -22.23 -29.69
C PHE B 477 1.73 -22.14 -28.52
N LEU B 478 1.23 -21.93 -27.30
CA LEU B 478 2.10 -21.86 -26.14
C LEU B 478 2.65 -23.22 -25.74
N ASN B 479 1.95 -24.31 -26.07
CA ASN B 479 2.47 -25.63 -25.79
C ASN B 479 3.70 -25.98 -26.62
N ALA B 480 4.00 -25.19 -27.66
CA ALA B 480 5.17 -25.40 -28.50
C ALA B 480 6.17 -24.26 -28.38
N LEU B 481 6.27 -23.67 -27.19
CA LEU B 481 7.22 -22.60 -26.95
C LEU B 481 8.64 -23.15 -26.89
N THR B 482 9.55 -22.51 -27.62
CA THR B 482 10.96 -22.91 -27.62
C THR B 482 11.82 -21.66 -27.71
N LEU B 483 12.52 -21.35 -26.62
CA LEU B 483 13.47 -20.24 -26.56
C LEU B 483 14.92 -20.73 -26.66
N GLY B 484 15.13 -21.94 -27.19
CA GLY B 484 16.43 -22.55 -27.19
C GLY B 484 16.47 -23.75 -26.27
N PRO B 485 17.63 -24.38 -26.14
CA PRO B 485 17.75 -25.55 -25.25
C PRO B 485 17.67 -25.22 -23.78
N ARG B 486 17.47 -23.96 -23.40
CA ARG B 486 17.46 -23.60 -21.98
C ARG B 486 16.24 -24.15 -21.26
N GLU B 487 15.06 -23.98 -21.84
CA GLU B 487 13.82 -24.36 -21.16
C GLU B 487 13.40 -25.79 -21.46
N GLN B 488 14.09 -26.49 -22.36
CA GLN B 488 13.74 -27.87 -22.66
C GLN B 488 14.27 -28.85 -21.62
N ALA B 489 15.23 -28.43 -20.80
CA ALA B 489 15.85 -29.33 -19.83
C ALA B 489 14.93 -29.66 -18.66
N ILE B 490 13.85 -28.89 -18.45
CA ILE B 490 12.94 -29.14 -17.34
C ILE B 490 11.55 -28.66 -17.75
N ALA B 491 10.53 -29.43 -17.37
CA ALA B 491 9.15 -29.04 -17.61
C ALA B 491 8.57 -28.23 -16.46
N GLY B 492 8.88 -28.61 -15.22
CA GLY B 492 8.44 -27.88 -14.06
C GLY B 492 6.99 -28.16 -13.71
N GLN B 493 6.61 -27.73 -12.50
CA GLN B 493 5.24 -27.86 -12.04
C GLN B 493 4.31 -26.81 -12.63
N VAL B 494 4.86 -25.73 -13.17
CA VAL B 494 4.05 -24.71 -13.81
C VAL B 494 3.32 -25.28 -15.03
N LEU B 495 3.97 -26.20 -15.75
CA LEU B 495 3.33 -26.84 -16.89
C LEU B 495 2.05 -27.55 -16.48
N LYS B 496 2.11 -28.38 -15.44
CA LYS B 496 0.91 -29.08 -14.99
C LYS B 496 -0.09 -28.11 -14.34
N GLU B 497 0.40 -27.06 -13.69
CA GLU B 497 -0.49 -26.06 -13.10
C GLU B 497 -1.35 -25.40 -14.17
N ILE B 498 -0.73 -25.05 -15.30
CA ILE B 498 -1.49 -24.50 -16.42
C ILE B 498 -2.38 -25.59 -17.02
N ARG B 499 -1.83 -26.79 -17.23
CA ARG B 499 -2.50 -27.81 -18.03
C ARG B 499 -3.77 -28.31 -17.37
N SER B 500 -3.75 -28.48 -16.04
CA SER B 500 -4.93 -29.02 -15.36
C SER B 500 -6.14 -28.13 -15.60
N ARG B 501 -6.02 -26.83 -15.32
CA ARG B 501 -7.16 -25.94 -15.48
C ARG B 501 -7.46 -25.67 -16.96
N LEU B 502 -6.46 -25.66 -17.82
CA LEU B 502 -6.72 -25.48 -19.25
C LEU B 502 -7.54 -26.66 -19.80
N GLY B 503 -7.15 -27.89 -19.46
CA GLY B 503 -7.91 -29.04 -19.90
C GLY B 503 -9.28 -29.10 -19.27
N PHE B 504 -9.40 -28.68 -18.01
CA PHE B 504 -10.72 -28.63 -17.37
C PHE B 504 -11.63 -27.65 -18.09
N LEU B 505 -11.10 -26.49 -18.50
CA LEU B 505 -11.88 -25.55 -19.30
C LEU B 505 -12.22 -26.14 -20.66
N LEU B 506 -11.29 -26.88 -21.25
CA LEU B 506 -11.52 -27.46 -22.57
C LEU B 506 -12.65 -28.48 -22.54
N ASP B 507 -12.63 -29.41 -21.58
CA ASP B 507 -13.68 -30.42 -21.53
C ASP B 507 -15.02 -29.85 -21.11
N VAL B 508 -15.04 -28.66 -20.50
CA VAL B 508 -16.30 -28.01 -20.17
C VAL B 508 -17.05 -27.64 -21.45
N GLY B 509 -16.33 -27.14 -22.45
CA GLY B 509 -16.93 -26.76 -23.71
C GLY B 509 -16.81 -25.28 -24.00
N LEU B 510 -15.74 -24.65 -23.51
CA LEU B 510 -15.51 -23.22 -23.69
C LEU B 510 -14.37 -22.96 -24.67
N GLU B 511 -14.21 -23.82 -25.67
CA GLU B 511 -13.20 -23.59 -26.70
C GLU B 511 -13.56 -22.37 -27.55
N TYR B 512 -14.87 -22.13 -27.75
CA TYR B 512 -15.30 -20.95 -28.48
C TYR B 512 -15.02 -19.67 -27.73
N LEU B 513 -14.79 -19.75 -26.43
CA LEU B 513 -14.68 -18.56 -25.59
C LEU B 513 -13.35 -17.85 -25.83
N SER B 514 -13.36 -16.87 -26.74
CA SER B 514 -12.15 -16.15 -27.08
C SER B 514 -11.69 -15.29 -25.92
N LEU B 515 -10.37 -15.05 -25.87
CA LEU B 515 -9.80 -14.25 -24.78
C LEU B 515 -10.25 -12.80 -24.83
N SER B 516 -10.86 -12.37 -25.94
CA SER B 516 -11.36 -11.00 -26.05
C SER B 516 -12.58 -10.73 -25.19
N ARG B 517 -13.10 -11.74 -24.49
CA ARG B 517 -14.27 -11.53 -23.65
C ARG B 517 -13.94 -10.59 -22.49
N ALA B 518 -14.96 -9.89 -22.02
CA ALA B 518 -14.80 -8.93 -20.93
C ALA B 518 -16.16 -8.74 -20.27
N ALA B 519 -16.27 -7.68 -19.46
CA ALA B 519 -17.54 -7.37 -18.81
C ALA B 519 -18.62 -7.04 -19.83
N ALA B 520 -18.22 -6.51 -20.99
CA ALA B 520 -19.19 -6.15 -22.02
C ALA B 520 -19.88 -7.36 -22.62
N THR B 521 -19.26 -8.53 -22.55
CA THR B 521 -19.81 -9.77 -23.09
C THR B 521 -19.72 -10.89 -22.05
N LEU B 522 -20.10 -10.58 -20.82
CA LEU B 522 -20.04 -11.52 -19.71
C LEU B 522 -21.44 -12.00 -19.37
N SER B 523 -21.60 -13.32 -19.28
CA SER B 523 -22.85 -13.95 -18.88
C SER B 523 -22.67 -14.65 -17.55
N GLY B 524 -23.80 -14.91 -16.88
CA GLY B 524 -23.74 -15.58 -15.59
C GLY B 524 -23.17 -16.98 -15.69
N GLY B 525 -23.60 -17.74 -16.70
CA GLY B 525 -23.13 -19.11 -16.84
C GLY B 525 -21.63 -19.20 -17.05
N GLU B 526 -21.11 -18.39 -17.96
CA GLU B 526 -19.66 -18.38 -18.16
C GLU B 526 -18.95 -17.82 -16.93
N ALA B 527 -19.62 -16.99 -16.14
CA ALA B 527 -19.05 -16.54 -14.87
C ALA B 527 -18.89 -17.71 -13.91
N GLN B 528 -19.91 -18.57 -13.80
CA GLN B 528 -19.76 -19.77 -12.99
C GLN B 528 -18.65 -20.66 -13.54
N ARG B 529 -18.60 -20.81 -14.87
CA ARG B 529 -17.56 -21.61 -15.50
C ARG B 529 -16.18 -21.11 -15.08
N ILE B 530 -15.94 -19.81 -15.23
CA ILE B 530 -14.60 -19.26 -14.98
C ILE B 530 -14.25 -19.33 -13.50
N ARG B 531 -15.21 -18.99 -12.63
CA ARG B 531 -14.92 -19.03 -11.19
C ARG B 531 -14.58 -20.45 -10.74
N LEU B 532 -15.34 -21.42 -11.22
CA LEU B 532 -15.09 -22.80 -10.80
C LEU B 532 -13.77 -23.32 -11.37
N ALA B 533 -13.48 -23.00 -12.65
CA ALA B 533 -12.22 -23.42 -13.23
C ALA B 533 -11.04 -22.81 -12.50
N THR B 534 -11.15 -21.52 -12.13
CA THR B 534 -10.05 -20.87 -11.43
C THR B 534 -9.86 -21.45 -10.04
N GLN B 535 -10.95 -21.77 -9.33
CA GLN B 535 -10.75 -22.29 -7.97
C GLN B 535 -10.33 -23.76 -8.01
N ILE B 536 -10.55 -24.45 -9.12
CA ILE B 536 -10.07 -25.82 -9.27
C ILE B 536 -8.63 -25.86 -9.78
N GLY B 537 -8.16 -24.80 -10.44
CA GLY B 537 -6.84 -24.82 -11.03
C GLY B 537 -5.74 -25.16 -10.05
N SER B 538 -5.93 -24.81 -8.78
CA SER B 538 -4.93 -25.13 -7.77
C SER B 538 -4.75 -26.64 -7.61
N GLY B 539 -5.85 -27.38 -7.57
CA GLY B 539 -5.80 -28.83 -7.50
C GLY B 539 -5.12 -29.39 -6.26
N LEU B 540 -5.46 -28.84 -5.10
CA LEU B 540 -4.88 -29.29 -3.85
C LEU B 540 -5.62 -30.52 -3.34
N VAL B 541 -5.33 -30.94 -2.10
CA VAL B 541 -5.96 -32.09 -1.49
C VAL B 541 -6.43 -31.70 -0.09
N GLY B 542 -7.70 -31.93 0.20
CA GLY B 542 -8.25 -31.68 1.51
C GLY B 542 -8.25 -30.22 1.93
N VAL B 543 -8.65 -29.33 1.02
CA VAL B 543 -8.71 -27.90 1.29
C VAL B 543 -10.15 -27.44 1.09
N LEU B 544 -10.71 -26.80 2.11
CA LEU B 544 -12.09 -26.32 2.03
C LEU B 544 -12.22 -25.19 1.01
N TYR B 545 -13.27 -25.25 0.21
CA TYR B 545 -13.62 -24.19 -0.72
C TYR B 545 -15.07 -23.79 -0.48
N VAL B 546 -15.30 -22.68 0.20
CA VAL B 546 -16.64 -22.21 0.52
C VAL B 546 -17.08 -21.27 -0.60
N LEU B 547 -18.17 -21.61 -1.30
CA LEU B 547 -18.69 -20.75 -2.35
C LEU B 547 -20.19 -20.59 -2.22
N ASP B 548 -20.64 -19.33 -2.25
CA ASP B 548 -22.04 -18.99 -2.45
C ASP B 548 -22.40 -19.20 -3.91
N GLU B 549 -23.69 -19.03 -4.23
CA GLU B 549 -24.17 -19.15 -5.60
C GLU B 549 -23.43 -18.18 -6.50
N PRO B 550 -22.53 -18.67 -7.36
CA PRO B 550 -21.70 -17.75 -8.17
C PRO B 550 -22.54 -16.99 -9.17
N SER B 551 -23.56 -17.66 -9.71
CA SER B 551 -24.45 -17.05 -10.68
C SER B 551 -25.70 -17.89 -10.80
N ILE B 552 -26.61 -17.41 -11.65
CA ILE B 552 -27.84 -18.13 -11.97
C ILE B 552 -27.55 -19.47 -12.62
N GLY B 553 -28.34 -20.49 -12.24
CA GLY B 553 -28.39 -21.73 -13.00
C GLY B 553 -29.18 -21.52 -14.27
N LEU B 554 -28.64 -21.96 -15.41
CA LEU B 554 -29.16 -21.46 -16.68
C LEU B 554 -29.45 -22.54 -17.71
N HIS B 555 -28.81 -23.70 -17.62
CA HIS B 555 -29.12 -24.78 -18.55
C HIS B 555 -28.55 -26.10 -18.04
N GLN B 556 -29.16 -27.19 -18.48
CA GLN B 556 -28.67 -28.52 -18.14
C GLN B 556 -27.48 -28.95 -19.01
N ARG B 557 -27.36 -28.40 -20.22
CA ARG B 557 -26.21 -28.68 -21.07
C ARG B 557 -25.05 -27.72 -20.83
N ASP B 558 -25.34 -26.46 -20.49
CA ASP B 558 -24.29 -25.56 -20.05
C ASP B 558 -23.64 -26.06 -18.78
N ASN B 559 -24.44 -26.62 -17.87
CA ASN B 559 -23.95 -27.31 -16.70
C ASN B 559 -23.88 -28.81 -17.01
N ARG B 560 -23.58 -29.61 -15.99
CA ARG B 560 -23.48 -31.07 -16.06
C ARG B 560 -22.22 -31.47 -16.82
N ARG B 561 -21.57 -30.50 -17.45
CA ARG B 561 -20.23 -30.65 -18.00
C ARG B 561 -19.20 -29.89 -17.20
N LEU B 562 -19.61 -28.79 -16.55
CA LEU B 562 -18.72 -28.09 -15.62
C LEU B 562 -18.59 -28.86 -14.32
N ILE B 563 -19.60 -29.66 -13.97
CA ILE B 563 -19.57 -30.41 -12.72
C ILE B 563 -18.67 -31.62 -12.79
N GLU B 564 -18.33 -32.08 -13.99
CA GLU B 564 -17.41 -33.22 -14.11
C GLU B 564 -16.04 -32.88 -13.56
N THR B 565 -15.66 -31.60 -13.57
CA THR B 565 -14.42 -31.19 -12.95
C THR B 565 -14.45 -31.41 -11.44
N LEU B 566 -15.60 -31.18 -10.81
CA LEU B 566 -15.73 -31.48 -9.39
C LEU B 566 -15.55 -32.96 -9.12
N THR B 567 -16.14 -33.82 -9.95
CA THR B 567 -16.01 -35.26 -9.73
C THR B 567 -14.57 -35.71 -9.95
N ARG B 568 -13.88 -35.11 -10.92
CA ARG B 568 -12.46 -35.45 -11.12
C ARG B 568 -11.61 -34.97 -9.95
N LEU B 569 -11.88 -33.77 -9.44
CA LEU B 569 -11.08 -33.22 -8.34
C LEU B 569 -11.40 -33.89 -7.01
N ARG B 570 -12.60 -34.44 -6.87
CA ARG B 570 -12.98 -35.10 -5.61
C ARG B 570 -12.13 -36.33 -5.36
N ASP B 571 -11.60 -36.94 -6.41
CA ASP B 571 -10.71 -38.08 -6.24
C ASP B 571 -9.45 -37.70 -5.48
N LEU B 572 -8.99 -36.45 -5.63
CA LEU B 572 -7.85 -35.99 -4.86
C LEU B 572 -8.15 -35.97 -3.37
N GLY B 573 -9.33 -35.48 -2.99
CA GLY B 573 -9.73 -35.44 -1.59
C GLY B 573 -10.14 -34.05 -1.12
N ASN B 574 -10.33 -33.13 -2.06
CA ASN B 574 -10.73 -31.78 -1.72
C ASN B 574 -12.18 -31.75 -1.22
N THR B 575 -12.52 -30.69 -0.49
CA THR B 575 -13.86 -30.52 0.05
C THR B 575 -14.33 -29.10 -0.20
N LEU B 576 -15.63 -28.95 -0.43
CA LEU B 576 -16.17 -27.63 -0.72
C LEU B 576 -17.58 -27.49 -0.16
N ILE B 577 -17.91 -26.27 0.25
CA ILE B 577 -19.25 -25.91 0.68
C ILE B 577 -19.94 -25.21 -0.48
N VAL B 578 -21.09 -25.73 -0.88
CA VAL B 578 -21.82 -25.23 -2.04
C VAL B 578 -23.13 -24.63 -1.56
N VAL B 579 -23.28 -23.33 -1.68
CA VAL B 579 -24.57 -22.67 -1.45
C VAL B 579 -25.15 -22.43 -2.84
N GLU B 580 -25.89 -23.41 -3.35
CA GLU B 580 -26.38 -23.36 -4.73
C GLU B 580 -27.76 -23.97 -4.78
N HIS B 581 -28.69 -23.27 -5.42
CA HIS B 581 -30.05 -23.78 -5.60
C HIS B 581 -30.24 -24.51 -6.93
N ASP B 582 -29.20 -24.58 -7.76
CA ASP B 582 -29.31 -25.27 -9.04
C ASP B 582 -29.55 -26.76 -8.82
N GLU B 583 -30.49 -27.32 -9.57
CA GLU B 583 -30.80 -28.74 -9.44
C GLU B 583 -29.65 -29.61 -9.96
N ASP B 584 -28.86 -29.09 -10.91
CA ASP B 584 -27.78 -29.89 -11.48
C ASP B 584 -26.70 -30.19 -10.45
N THR B 585 -26.39 -29.23 -9.58
CA THR B 585 -25.38 -29.48 -8.55
C THR B 585 -25.86 -30.53 -7.56
N ILE B 586 -27.17 -30.60 -7.32
CA ILE B 586 -27.75 -31.63 -6.45
C ILE B 586 -27.79 -32.94 -7.22
N GLU B 587 -28.07 -34.03 -6.51
CA GLU B 587 -28.17 -35.41 -7.00
C GLU B 587 -26.87 -35.93 -7.60
N HIS B 588 -25.80 -35.16 -7.59
CA HIS B 588 -24.48 -35.59 -8.05
C HIS B 588 -23.41 -35.28 -7.02
N ALA B 589 -23.81 -35.13 -5.76
CA ALA B 589 -22.90 -34.83 -4.66
C ALA B 589 -22.94 -35.98 -3.64
N ASP B 590 -22.26 -35.79 -2.52
CA ASP B 590 -22.17 -36.81 -1.48
C ASP B 590 -22.85 -36.39 -0.19
N TRP B 591 -22.51 -35.22 0.36
CA TRP B 591 -23.05 -34.75 1.62
C TRP B 591 -23.91 -33.51 1.36
N ILE B 592 -25.17 -33.57 1.77
CA ILE B 592 -26.11 -32.46 1.61
C ILE B 592 -26.86 -32.28 2.92
N VAL B 593 -26.99 -31.02 3.35
CA VAL B 593 -27.75 -30.67 4.55
C VAL B 593 -28.70 -29.54 4.21
N ASP B 594 -29.93 -29.64 4.70
CA ASP B 594 -30.95 -28.62 4.48
C ASP B 594 -31.05 -27.75 5.72
N ILE B 595 -30.85 -26.45 5.55
CA ILE B 595 -30.86 -25.49 6.64
C ILE B 595 -31.96 -24.47 6.37
N GLY B 596 -32.82 -24.27 7.36
CA GLY B 596 -33.84 -23.25 7.26
C GLY B 596 -35.19 -23.71 6.74
N PRO B 597 -35.82 -24.71 7.38
CA PRO B 597 -37.23 -24.97 7.06
C PRO B 597 -38.10 -23.75 7.32
N GLY B 598 -37.77 -22.99 8.36
CA GLY B 598 -38.31 -21.65 8.54
C GLY B 598 -37.28 -20.61 8.11
N ALA B 599 -37.77 -19.38 7.95
CA ALA B 599 -36.92 -18.29 7.46
C ALA B 599 -36.73 -17.16 8.46
N GLY B 600 -37.63 -16.98 9.42
CA GLY B 600 -37.47 -15.93 10.42
C GLY B 600 -36.36 -16.22 11.41
N GLU B 601 -36.35 -15.51 12.54
CA GLU B 601 -35.36 -15.75 13.57
C GLU B 601 -35.48 -17.14 14.20
N HIS B 602 -36.61 -17.81 14.00
CA HIS B 602 -36.80 -19.18 14.45
C HIS B 602 -36.44 -20.20 13.38
N GLY B 603 -35.84 -19.76 12.28
CA GLY B 603 -35.54 -20.61 11.15
C GLY B 603 -34.17 -21.23 11.09
N GLY B 604 -33.37 -21.13 12.15
CA GLY B 604 -32.07 -21.75 12.15
C GLY B 604 -32.11 -23.18 12.64
N ARG B 605 -32.18 -24.15 11.72
CA ARG B 605 -32.35 -25.54 12.06
C ARG B 605 -31.58 -26.41 11.06
N ILE B 606 -31.17 -27.59 11.52
CA ILE B 606 -30.55 -28.61 10.68
C ILE B 606 -31.53 -29.77 10.56
N VAL B 607 -31.78 -30.20 9.34
CA VAL B 607 -32.80 -31.23 9.09
C VAL B 607 -32.20 -32.39 8.31
N HIS B 608 -31.62 -32.10 7.15
CA HIS B 608 -31.21 -33.13 6.21
C HIS B 608 -29.81 -33.64 6.51
N SER B 609 -29.60 -34.93 6.30
CA SER B 609 -28.30 -35.57 6.47
C SER B 609 -27.66 -35.80 5.10
N GLY B 610 -26.37 -36.10 5.12
CA GLY B 610 -25.55 -36.13 3.94
C GLY B 610 -26.04 -36.95 2.76
N PRO B 611 -26.10 -38.28 2.93
CA PRO B 611 -26.39 -39.15 1.78
C PRO B 611 -27.75 -38.85 1.15
N TYR B 612 -27.80 -39.00 -0.18
CA TYR B 612 -29.06 -38.79 -0.90
C TYR B 612 -30.09 -39.84 -0.53
N ASP B 613 -29.66 -41.00 -0.02
CA ASP B 613 -30.62 -41.95 0.52
C ASP B 613 -31.37 -41.34 1.70
N GLU B 614 -30.66 -40.64 2.58
CA GLU B 614 -31.32 -39.92 3.66
C GLU B 614 -32.20 -38.79 3.11
N LEU B 615 -31.86 -38.25 1.94
CA LEU B 615 -32.76 -37.30 1.29
C LEU B 615 -34.06 -37.98 0.89
N LEU B 616 -33.98 -39.22 0.38
CA LEU B 616 -35.18 -39.97 0.07
C LEU B 616 -35.99 -40.25 1.34
N ARG B 617 -35.31 -40.59 2.43
CA ARG B 617 -36.02 -40.84 3.69
C ARG B 617 -36.66 -39.56 4.23
N ASN B 618 -35.95 -38.44 4.15
CA ASN B 618 -36.41 -37.20 4.76
C ASN B 618 -37.60 -36.62 4.01
N LYS B 619 -38.43 -35.86 4.74
CA LYS B 619 -39.59 -35.21 4.15
C LYS B 619 -39.56 -33.71 4.44
N ASP B 620 -39.00 -33.32 5.59
CA ASP B 620 -38.90 -31.91 5.93
C ASP B 620 -38.02 -31.16 4.93
N SER B 621 -36.92 -31.77 4.50
CA SER B 621 -36.12 -31.23 3.40
C SER B 621 -36.94 -31.37 2.12
N ILE B 622 -37.52 -30.26 1.66
CA ILE B 622 -38.53 -30.32 0.61
C ILE B 622 -37.94 -30.54 -0.78
N THR B 623 -36.62 -30.74 -0.89
CA THR B 623 -36.06 -31.13 -2.17
C THR B 623 -36.66 -32.43 -2.67
N GLY B 624 -37.11 -33.30 -1.75
CA GLY B 624 -37.76 -34.54 -2.13
C GLY B 624 -39.13 -34.35 -2.76
N ALA B 625 -39.74 -33.17 -2.60
CA ALA B 625 -41.00 -32.88 -3.25
C ALA B 625 -40.88 -32.95 -4.77
N TYR B 626 -39.69 -32.67 -5.32
CA TYR B 626 -39.41 -32.87 -6.73
C TYR B 626 -38.49 -34.04 -7.01
N LEU B 627 -37.63 -34.40 -6.04
CA LEU B 627 -36.73 -35.53 -6.24
C LEU B 627 -37.51 -36.83 -6.39
N SER B 628 -38.53 -37.04 -5.55
CA SER B 628 -39.37 -38.23 -5.64
C SER B 628 -40.66 -37.97 -6.41
N GLY B 629 -40.83 -36.79 -6.99
CA GLY B 629 -42.03 -36.47 -7.74
C GLY B 629 -43.29 -36.40 -6.91
N ARG B 630 -43.22 -35.77 -5.73
CA ARG B 630 -44.40 -35.63 -4.89
C ARG B 630 -45.46 -34.76 -5.57
N GLU B 631 -45.04 -33.66 -6.17
CA GLU B 631 -45.97 -32.76 -6.84
C GLU B 631 -45.24 -32.02 -7.95
N SER B 632 -46.02 -31.52 -8.92
CA SER B 632 -45.50 -30.76 -10.04
C SER B 632 -46.66 -30.00 -10.68
N ILE B 633 -46.33 -28.92 -11.39
CA ILE B 633 -47.31 -28.11 -12.07
C ILE B 633 -47.16 -28.31 -13.57
N GLU B 634 -48.25 -28.07 -14.29
CA GLU B 634 -48.30 -28.43 -15.71
C GLU B 634 -48.65 -27.24 -16.60
N ILE B 635 -48.79 -27.51 -17.89
CA ILE B 635 -49.18 -26.48 -18.86
C ILE B 635 -50.57 -25.98 -18.51
N PRO B 636 -50.81 -24.65 -18.51
CA PRO B 636 -52.16 -24.13 -18.20
C PRO B 636 -53.11 -24.24 -19.40
N ALA B 637 -53.30 -25.48 -19.87
CA ALA B 637 -54.17 -25.78 -21.00
C ALA B 637 -53.80 -24.99 -22.24
N ILE B 638 -54.75 -24.81 -23.16
CA ILE B 638 -54.51 -24.02 -24.37
C ILE B 638 -54.56 -22.52 -24.09
N ARG B 639 -54.94 -22.12 -22.88
CA ARG B 639 -55.04 -20.73 -22.43
C ARG B 639 -55.65 -19.82 -23.49
N ARG B 640 -55.17 -18.58 -23.59
CA ARG B 640 -55.61 -17.63 -24.60
C ARG B 640 -54.64 -17.57 -25.77
N SER B 641 -54.03 -18.71 -26.12
CA SER B 641 -53.00 -18.77 -27.15
C SER B 641 -53.64 -19.14 -28.48
N VAL B 642 -54.07 -18.11 -29.22
CA VAL B 642 -54.44 -18.32 -30.61
C VAL B 642 -53.18 -18.32 -31.46
N ASP B 643 -53.18 -19.11 -32.53
CA ASP B 643 -51.96 -19.31 -33.30
C ASP B 643 -51.59 -18.07 -34.11
N PRO B 644 -52.44 -17.58 -35.05
CA PRO B 644 -51.93 -16.60 -36.01
C PRO B 644 -52.02 -15.14 -35.57
N ARG B 645 -53.00 -14.77 -34.75
CA ARG B 645 -53.30 -13.35 -34.58
C ARG B 645 -52.38 -12.68 -33.57
N ARG B 646 -52.49 -13.06 -32.29
CA ARG B 646 -51.78 -12.35 -31.23
C ARG B 646 -50.56 -13.19 -30.82
N GLN B 647 -49.49 -13.03 -31.59
CA GLN B 647 -48.22 -13.68 -31.33
C GLN B 647 -47.11 -12.73 -31.77
N LEU B 648 -46.45 -12.10 -30.81
CA LEU B 648 -45.36 -11.20 -31.14
C LEU B 648 -44.25 -11.98 -31.81
N THR B 649 -43.61 -11.35 -32.80
CA THR B 649 -42.54 -12.02 -33.53
C THR B 649 -41.34 -11.09 -33.65
N VAL B 650 -40.23 -11.51 -33.06
CA VAL B 650 -38.94 -10.82 -33.22
C VAL B 650 -38.30 -11.43 -34.46
N VAL B 651 -38.48 -10.76 -35.58
CA VAL B 651 -37.99 -11.23 -36.87
C VAL B 651 -36.65 -10.57 -37.16
N GLY B 652 -35.80 -11.27 -37.90
CA GLY B 652 -34.55 -10.71 -38.34
C GLY B 652 -33.64 -10.24 -37.23
N ALA B 653 -33.59 -10.97 -36.11
CA ALA B 653 -32.69 -10.62 -35.02
C ALA B 653 -31.29 -11.10 -35.37
N ARG B 654 -30.38 -10.15 -35.63
CA ARG B 654 -29.04 -10.47 -36.11
C ARG B 654 -27.96 -9.90 -35.20
N GLU B 655 -28.18 -9.96 -33.89
CA GLU B 655 -27.24 -9.42 -32.91
C GLU B 655 -25.92 -10.18 -32.97
N HIS B 656 -24.98 -9.76 -32.12
CA HIS B 656 -23.61 -10.27 -32.07
C HIS B 656 -23.55 -11.79 -32.18
N ASN B 657 -24.47 -12.48 -31.50
CA ASN B 657 -24.55 -13.93 -31.60
C ASN B 657 -25.73 -14.43 -32.41
N LEU B 658 -26.75 -13.58 -32.62
CA LEU B 658 -27.91 -13.98 -33.40
C LEU B 658 -27.55 -14.05 -34.89
N ARG B 659 -28.42 -14.70 -35.66
CA ARG B 659 -28.15 -14.98 -37.07
C ARG B 659 -29.37 -14.65 -37.93
N GLY B 660 -29.96 -13.48 -37.72
CA GLY B 660 -31.10 -13.04 -38.52
C GLY B 660 -32.29 -13.96 -38.41
N ILE B 661 -32.66 -14.32 -37.19
CA ILE B 661 -33.67 -15.34 -36.95
C ILE B 661 -34.97 -14.69 -36.49
N ASP B 662 -36.06 -15.44 -36.64
CA ASP B 662 -37.39 -15.02 -36.22
C ASP B 662 -37.87 -15.92 -35.08
N VAL B 663 -38.31 -15.30 -33.99
CA VAL B 663 -38.79 -16.02 -32.82
C VAL B 663 -40.19 -15.53 -32.51
N SER B 664 -41.13 -16.46 -32.32
CA SER B 664 -42.53 -16.14 -32.08
C SER B 664 -42.85 -16.36 -30.59
N PHE B 665 -42.98 -15.26 -29.86
CA PHE B 665 -43.45 -15.30 -28.48
C PHE B 665 -44.96 -15.06 -28.48
N PRO B 666 -45.77 -16.03 -28.07
CA PRO B 666 -47.22 -15.81 -28.03
C PRO B 666 -47.59 -14.79 -26.97
N LEU B 667 -48.73 -14.13 -27.19
CA LEU B 667 -49.25 -13.14 -26.27
C LEU B 667 -50.35 -13.76 -25.41
N GLY B 668 -50.40 -13.33 -24.15
CA GLY B 668 -51.34 -13.89 -23.20
C GLY B 668 -51.03 -15.34 -22.88
N VAL B 669 -49.75 -15.66 -22.70
CA VAL B 669 -49.30 -17.00 -22.37
C VAL B 669 -48.21 -16.92 -21.31
N LEU B 670 -47.83 -18.08 -20.80
CA LEU B 670 -46.68 -18.23 -19.92
C LEU B 670 -45.61 -18.97 -20.72
N THR B 671 -44.67 -18.23 -21.28
CA THR B 671 -43.65 -18.78 -22.17
C THR B 671 -42.28 -18.73 -21.52
N SER B 672 -41.43 -19.68 -21.89
CA SER B 672 -40.08 -19.81 -21.36
C SER B 672 -39.10 -20.00 -22.51
N VAL B 673 -37.82 -19.78 -22.21
CA VAL B 673 -36.75 -19.87 -23.17
C VAL B 673 -35.68 -20.84 -22.65
N THR B 674 -35.24 -21.75 -23.50
CA THR B 674 -34.24 -22.75 -23.16
C THR B 674 -33.25 -22.88 -24.31
N GLY B 675 -32.34 -23.84 -24.18
CA GLY B 675 -31.30 -24.07 -25.17
C GLY B 675 -29.94 -23.74 -24.60
N VAL B 676 -28.95 -23.75 -25.50
CA VAL B 676 -27.59 -23.40 -25.10
C VAL B 676 -27.59 -21.95 -24.63
N SER B 677 -27.39 -21.75 -23.34
CA SER B 677 -27.53 -20.46 -22.70
C SER B 677 -26.20 -19.71 -22.69
N GLY B 678 -26.30 -18.38 -22.66
CA GLY B 678 -25.13 -17.54 -22.81
C GLY B 678 -24.66 -17.51 -24.24
N SER B 679 -25.49 -18.04 -25.14
CA SER B 679 -25.18 -18.14 -26.56
C SER B 679 -26.22 -17.42 -27.41
N GLY B 680 -26.74 -16.30 -26.91
CA GLY B 680 -27.67 -15.48 -27.67
C GLY B 680 -29.12 -15.59 -27.28
N LYS B 681 -29.49 -16.52 -26.41
CA LYS B 681 -30.88 -16.61 -25.98
C LYS B 681 -31.20 -15.65 -24.84
N SER B 682 -30.26 -15.45 -23.92
CA SER B 682 -30.42 -14.41 -22.91
C SER B 682 -30.48 -13.03 -23.55
N THR B 683 -29.65 -12.81 -24.58
CA THR B 683 -29.75 -11.57 -25.34
C THR B 683 -31.04 -11.52 -26.15
N LEU B 684 -31.52 -12.68 -26.62
CA LEU B 684 -32.76 -12.71 -27.39
C LEU B 684 -33.94 -12.27 -26.54
N VAL B 685 -34.02 -12.74 -25.31
CA VAL B 685 -35.17 -12.42 -24.47
C VAL B 685 -35.01 -11.10 -23.74
N ASN B 686 -33.80 -10.76 -23.30
CA ASN B 686 -33.57 -9.57 -22.49
C ASN B 686 -32.99 -8.40 -23.29
N ASP B 687 -31.95 -8.65 -24.08
CA ASP B 687 -31.23 -7.54 -24.71
C ASP B 687 -32.07 -6.86 -25.80
N ILE B 688 -32.67 -7.65 -26.69
CA ILE B 688 -33.36 -7.06 -27.84
C ILE B 688 -34.85 -6.90 -27.56
N LEU B 689 -35.51 -7.98 -27.13
CA LEU B 689 -36.96 -7.94 -26.97
C LEU B 689 -37.37 -7.09 -25.77
N ALA B 690 -36.88 -7.46 -24.58
CA ALA B 690 -37.29 -6.76 -23.36
C ALA B 690 -36.95 -5.28 -23.43
N ALA B 691 -35.78 -4.95 -23.99
CA ALA B 691 -35.43 -3.54 -24.14
C ALA B 691 -36.39 -2.81 -25.06
N VAL B 692 -36.81 -3.46 -26.16
CA VAL B 692 -37.76 -2.84 -27.07
C VAL B 692 -39.08 -2.56 -26.36
N LEU B 693 -39.61 -3.57 -25.64
CA LEU B 693 -40.87 -3.37 -24.93
C LEU B 693 -40.72 -2.30 -23.87
N ALA B 694 -39.58 -2.24 -23.20
CA ALA B 694 -39.38 -1.26 -22.14
C ALA B 694 -39.28 0.16 -22.71
N ASN B 695 -38.56 0.35 -23.81
CA ASN B 695 -38.35 1.70 -24.32
C ASN B 695 -39.50 2.21 -25.18
N ARG B 696 -40.35 1.33 -25.71
CA ARG B 696 -41.51 1.77 -26.48
C ARG B 696 -42.82 1.41 -25.81
N LEU B 697 -42.77 1.02 -24.54
CA LEU B 697 -43.98 0.71 -23.78
C LEU B 697 -44.00 1.32 -22.38
N ASN B 698 -42.86 1.66 -21.80
CA ASN B 698 -42.77 2.30 -20.49
C ASN B 698 -41.91 3.57 -20.51
N GLY B 699 -40.84 3.59 -21.30
CA GLY B 699 -39.96 4.73 -21.33
C GLY B 699 -38.54 4.44 -20.87
N ALA B 700 -38.04 3.24 -21.14
CA ALA B 700 -36.67 2.91 -20.74
C ALA B 700 -35.66 3.60 -21.65
N ARG B 701 -34.41 3.58 -21.22
CA ARG B 701 -33.33 4.34 -21.85
C ARG B 701 -32.16 3.43 -22.22
N GLN B 702 -32.44 2.30 -22.86
CA GLN B 702 -31.39 1.41 -23.33
C GLN B 702 -31.68 0.99 -24.77
N VAL B 703 -30.60 0.72 -25.51
CA VAL B 703 -30.71 0.27 -26.90
C VAL B 703 -31.01 -1.22 -26.91
N PRO B 704 -31.84 -1.71 -27.82
CA PRO B 704 -32.15 -3.15 -27.84
C PRO B 704 -31.10 -3.99 -28.54
N GLY B 705 -30.55 -3.48 -29.64
CA GLY B 705 -29.64 -4.27 -30.46
C GLY B 705 -30.02 -4.31 -31.92
N ARG B 706 -30.29 -5.50 -32.45
CA ARG B 706 -30.59 -5.68 -33.87
C ARG B 706 -31.73 -6.66 -34.03
N HIS B 707 -32.82 -6.20 -34.64
CA HIS B 707 -33.98 -7.01 -34.98
C HIS B 707 -34.86 -6.21 -35.93
N THR B 708 -35.32 -6.85 -37.01
CA THR B 708 -35.90 -6.13 -38.14
C THR B 708 -37.31 -5.60 -37.86
N ARG B 709 -38.12 -6.29 -37.08
CA ARG B 709 -39.46 -5.80 -36.82
C ARG B 709 -40.03 -6.52 -35.60
N VAL B 710 -40.83 -5.79 -34.85
CA VAL B 710 -41.56 -6.35 -33.71
C VAL B 710 -43.05 -6.18 -34.02
N THR B 711 -43.81 -7.25 -33.82
CA THR B 711 -45.23 -7.25 -34.15
C THR B 711 -46.03 -7.56 -32.90
N GLY B 712 -47.32 -7.19 -32.95
CA GLY B 712 -48.24 -7.46 -31.86
C GLY B 712 -48.10 -6.57 -30.66
N LEU B 713 -47.33 -5.47 -30.75
CA LEU B 713 -47.13 -4.58 -29.61
C LEU B 713 -48.37 -3.78 -29.27
N ASP B 714 -49.31 -3.66 -30.21
CA ASP B 714 -50.57 -3.00 -29.90
C ASP B 714 -51.39 -3.80 -28.91
N TYR B 715 -51.01 -5.05 -28.65
CA TYR B 715 -51.65 -5.87 -27.65
C TYR B 715 -50.87 -5.92 -26.33
N LEU B 716 -50.01 -4.92 -26.08
CA LEU B 716 -49.36 -4.75 -24.79
C LEU B 716 -49.51 -3.30 -24.36
N ASP B 717 -49.51 -3.06 -23.05
CA ASP B 717 -49.60 -1.72 -22.51
C ASP B 717 -48.40 -1.33 -21.66
N LYS B 718 -47.81 -2.27 -20.94
CA LYS B 718 -46.70 -2.00 -20.05
C LYS B 718 -45.81 -3.24 -19.97
N LEU B 719 -44.60 -3.04 -19.48
CA LEU B 719 -43.65 -4.14 -19.31
C LEU B 719 -42.97 -4.02 -17.95
N VAL B 720 -42.82 -5.16 -17.28
CA VAL B 720 -42.05 -5.24 -16.04
C VAL B 720 -40.95 -6.28 -16.22
N ARG B 721 -39.70 -5.86 -15.98
CA ARG B 721 -38.52 -6.72 -16.15
C ARG B 721 -37.78 -6.83 -14.82
N VAL B 722 -37.38 -8.05 -14.46
CA VAL B 722 -36.71 -8.33 -13.20
C VAL B 722 -35.46 -9.15 -13.51
N ASP B 723 -34.33 -8.75 -12.92
CA ASP B 723 -33.10 -9.50 -13.04
C ASP B 723 -32.97 -10.46 -11.86
N GLN B 724 -31.82 -11.13 -11.77
CA GLN B 724 -31.58 -12.02 -10.63
C GLN B 724 -31.65 -11.24 -9.33
N SER B 725 -30.93 -10.12 -9.25
CA SER B 725 -31.04 -9.12 -8.20
C SER B 725 -31.08 -9.72 -6.80
N PRO B 726 -29.95 -10.20 -6.27
CA PRO B 726 -29.92 -10.61 -4.87
C PRO B 726 -30.33 -9.46 -3.96
N ILE B 727 -31.06 -9.79 -2.89
CA ILE B 727 -31.65 -8.77 -2.04
C ILE B 727 -30.60 -7.84 -1.46
N GLY B 728 -29.41 -8.37 -1.17
CA GLY B 728 -28.30 -7.56 -0.71
C GLY B 728 -27.57 -8.21 0.44
N ARG B 729 -26.60 -7.47 0.97
CA ARG B 729 -25.78 -7.93 2.10
C ARG B 729 -25.71 -6.88 3.20
N THR B 730 -26.67 -5.94 3.25
CA THR B 730 -26.68 -4.90 4.25
C THR B 730 -27.76 -5.20 5.29
N PRO B 731 -27.42 -5.33 6.57
CA PRO B 731 -28.45 -5.56 7.58
C PRO B 731 -29.44 -4.40 7.71
N ARG B 732 -29.06 -3.20 7.27
CA ARG B 732 -29.97 -2.07 7.34
C ARG B 732 -31.16 -2.24 6.41
N SER B 733 -31.05 -3.12 5.43
CA SER B 733 -32.12 -3.37 4.48
C SER B 733 -32.95 -4.57 4.93
N ASN B 734 -34.27 -4.40 4.92
CA ASN B 734 -35.22 -5.43 5.30
C ASN B 734 -36.21 -5.65 4.16
N PRO B 735 -36.88 -6.80 4.12
CA PRO B 735 -37.90 -7.02 3.07
C PRO B 735 -39.02 -6.00 3.12
N ALA B 736 -39.28 -5.40 4.28
CA ALA B 736 -40.27 -4.33 4.36
C ALA B 736 -39.87 -3.13 3.51
N THR B 737 -38.59 -2.73 3.59
CA THR B 737 -38.13 -1.54 2.88
C THR B 737 -37.80 -1.81 1.41
N TYR B 738 -37.66 -3.08 1.03
CA TYR B 738 -37.34 -3.40 -0.36
C TYR B 738 -38.59 -3.62 -1.21
N THR B 739 -39.49 -4.50 -0.77
CA THR B 739 -40.72 -4.79 -1.49
C THR B 739 -41.59 -3.56 -1.67
N GLY B 740 -41.60 -2.65 -0.70
CA GLY B 740 -42.49 -1.51 -0.72
C GLY B 740 -43.60 -1.57 0.30
N VAL B 741 -43.64 -2.60 1.13
CA VAL B 741 -44.66 -2.70 2.17
C VAL B 741 -44.48 -1.58 3.19
N PHE B 742 -43.24 -1.32 3.59
CA PHE B 742 -42.98 -0.40 4.69
C PHE B 742 -43.34 1.03 4.38
N ASP B 743 -43.34 1.42 3.10
CA ASP B 743 -43.74 2.79 2.75
C ASP B 743 -45.18 3.06 3.16
N LYS B 744 -46.11 2.27 2.64
CA LYS B 744 -47.50 2.44 3.06
C LYS B 744 -47.72 2.00 4.50
N ILE B 745 -46.83 1.17 5.04
CA ILE B 745 -46.93 0.84 6.47
C ILE B 745 -46.70 2.09 7.31
N ARG B 746 -45.68 2.88 6.99
CA ARG B 746 -45.45 4.13 7.71
C ARG B 746 -46.55 5.13 7.40
N THR B 747 -47.09 5.10 6.16
CA THR B 747 -48.21 5.97 5.84
C THR B 747 -49.42 5.67 6.72
N LEU B 748 -49.73 4.39 6.91
CA LEU B 748 -50.82 4.01 7.80
C LEU B 748 -50.50 4.36 9.25
N PHE B 749 -49.25 4.16 9.66
CA PHE B 749 -48.82 4.53 11.01
C PHE B 749 -48.95 6.02 11.27
N ALA B 750 -48.85 6.85 10.24
CA ALA B 750 -49.08 8.28 10.39
C ALA B 750 -50.54 8.63 10.66
N ALA B 751 -51.46 7.70 10.40
CA ALA B 751 -52.88 7.93 10.65
C ALA B 751 -53.35 7.42 11.99
N THR B 752 -52.46 6.86 12.80
CA THR B 752 -52.85 6.36 14.13
C THR B 752 -53.25 7.52 15.03
N THR B 753 -54.21 7.26 15.92
CA THR B 753 -54.68 8.30 16.84
C THR B 753 -53.56 8.80 17.74
N GLU B 754 -52.73 7.89 18.24
CA GLU B 754 -51.59 8.25 19.08
C GLU B 754 -50.32 8.54 18.25
N ALA B 755 -50.43 8.54 16.92
CA ALA B 755 -49.30 8.86 16.08
C ALA B 755 -49.62 9.92 15.03
N LYS B 756 -50.63 10.75 15.25
CA LYS B 756 -50.95 11.87 14.36
C LYS B 756 -51.11 13.16 15.17
N VAL B 757 -50.27 13.33 16.19
CA VAL B 757 -50.27 14.54 16.99
C VAL B 757 -49.02 15.38 16.81
N ARG B 758 -47.97 14.84 16.21
CA ARG B 758 -46.73 15.57 15.96
C ARG B 758 -46.69 15.97 14.49
N GLY B 759 -46.11 17.13 14.20
CA GLY B 759 -46.15 17.66 12.85
C GLY B 759 -45.42 16.81 11.83
N TYR B 760 -44.35 16.14 12.25
CA TYR B 760 -43.46 15.47 11.30
C TYR B 760 -44.17 14.37 10.53
N GLN B 761 -43.64 14.08 9.34
CA GLN B 761 -44.24 13.12 8.42
C GLN B 761 -44.10 11.69 8.96
N PRO B 762 -44.69 10.71 8.29
CA PRO B 762 -44.48 9.30 8.67
C PRO B 762 -43.02 8.84 8.61
N GLY B 763 -42.09 9.68 8.15
CA GLY B 763 -40.69 9.30 8.15
C GLY B 763 -40.15 8.97 9.53
N ARG B 764 -40.81 9.46 10.59
CA ARG B 764 -40.42 9.10 11.94
C ARG B 764 -40.62 7.62 12.22
N PHE B 765 -41.53 6.95 11.51
CA PHE B 765 -41.87 5.55 11.76
C PHE B 765 -41.06 4.61 10.88
N SER B 766 -39.84 4.98 10.52
CA SER B 766 -38.94 4.14 9.73
C SER B 766 -37.65 3.91 10.51
N PHE B 767 -37.11 2.70 10.39
CA PHE B 767 -35.89 2.32 11.10
C PHE B 767 -34.63 2.67 10.32
N ASN B 768 -34.73 3.56 9.32
CA ASN B 768 -33.57 3.99 8.54
C ASN B 768 -33.31 5.48 8.65
N VAL B 769 -34.09 6.20 9.46
CA VAL B 769 -33.93 7.63 9.66
C VAL B 769 -33.80 7.90 11.15
N LYS B 770 -33.19 9.03 11.49
CA LYS B 770 -32.77 9.31 12.87
C LYS B 770 -33.93 9.36 13.86
N GLY B 771 -35.17 9.51 13.38
CA GLY B 771 -36.30 9.67 14.28
C GLY B 771 -36.61 8.50 15.19
N GLY B 772 -37.10 7.40 14.63
CA GLY B 772 -37.48 6.26 15.44
C GLY B 772 -36.36 5.25 15.59
N ARG B 773 -35.18 5.73 15.93
CA ARG B 773 -33.94 4.97 15.86
C ARG B 773 -33.26 4.97 17.23
N CYS B 774 -32.93 3.78 17.74
CA CYS B 774 -32.27 3.69 19.04
C CYS B 774 -30.76 3.66 18.84
N GLU B 775 -30.07 4.64 19.43
CA GLU B 775 -28.68 4.90 19.08
C GLU B 775 -27.71 3.82 19.55
N ALA B 776 -28.20 2.76 20.20
CA ALA B 776 -27.30 1.70 20.65
C ALA B 776 -27.25 0.52 19.68
N CYS B 777 -28.15 0.46 18.69
CA CYS B 777 -28.31 -0.74 17.88
C CYS B 777 -28.01 -0.55 16.40
N THR B 778 -27.96 0.68 15.90
CA THR B 778 -27.79 0.95 14.47
C THR B 778 -28.88 0.26 13.64
N GLY B 779 -30.10 0.26 14.17
CA GLY B 779 -31.25 -0.25 13.45
C GLY B 779 -31.18 -1.73 13.14
N ASP B 780 -30.66 -2.53 14.07
CA ASP B 780 -30.45 -3.94 13.83
C ASP B 780 -30.89 -4.84 14.98
N GLY B 781 -31.19 -4.30 16.15
CA GLY B 781 -31.44 -5.14 17.31
C GLY B 781 -30.21 -5.80 17.87
N THR B 782 -29.02 -5.36 17.48
CA THR B 782 -27.78 -6.00 17.86
C THR B 782 -26.67 -4.96 17.92
N ILE B 783 -25.88 -5.00 18.99
CA ILE B 783 -24.71 -4.14 19.10
C ILE B 783 -23.56 -4.86 18.40
N LYS B 784 -23.43 -4.63 17.10
CA LYS B 784 -22.38 -5.26 16.30
C LYS B 784 -21.17 -4.35 16.18
N ILE B 785 -20.61 -4.00 17.34
CA ILE B 785 -19.47 -3.09 17.44
C ILE B 785 -18.27 -3.90 17.91
N GLU B 786 -17.23 -3.93 17.08
CA GLU B 786 -15.99 -4.61 17.44
C GLU B 786 -14.87 -4.07 16.55
N MET B 787 -13.64 -4.22 17.03
CA MET B 787 -12.47 -3.79 16.30
C MET B 787 -12.18 -4.82 15.19
N ASN B 788 -11.24 -4.50 14.29
CA ASN B 788 -11.02 -5.34 13.13
C ASN B 788 -10.49 -6.72 13.49
N PHE B 789 -10.02 -6.91 14.73
CA PHE B 789 -9.43 -8.20 15.09
C PHE B 789 -10.47 -9.29 15.27
N LEU B 790 -11.76 -8.97 15.28
CA LEU B 790 -12.78 -9.99 15.49
C LEU B 790 -14.14 -9.48 15.07
N PRO B 791 -14.94 -10.29 14.37
CA PRO B 791 -16.37 -9.97 14.24
C PRO B 791 -17.13 -10.46 15.46
N ASP B 792 -17.83 -9.56 16.15
CA ASP B 792 -18.42 -9.87 17.43
C ASP B 792 -19.63 -10.80 17.25
N VAL B 793 -20.23 -11.20 18.37
CA VAL B 793 -21.39 -12.09 18.39
C VAL B 793 -22.63 -11.26 18.64
N TYR B 794 -23.69 -11.52 17.88
CA TYR B 794 -24.91 -10.74 18.01
C TYR B 794 -25.49 -10.84 19.42
N VAL B 795 -25.84 -9.68 19.99
CA VAL B 795 -26.38 -9.62 21.34
C VAL B 795 -27.55 -8.65 21.36
N PRO B 796 -28.52 -8.90 22.23
CA PRO B 796 -29.68 -8.01 22.32
C PRO B 796 -29.32 -6.65 22.89
N CYS B 797 -30.10 -5.65 22.50
CA CYS B 797 -29.96 -4.29 23.02
C CYS B 797 -30.75 -4.14 24.32
N GLU B 798 -30.25 -3.26 25.20
CA GLU B 798 -30.95 -2.99 26.44
C GLU B 798 -32.31 -2.35 26.22
N VAL B 799 -32.55 -1.79 25.03
CA VAL B 799 -33.85 -1.20 24.71
C VAL B 799 -34.73 -2.18 23.93
N CYS B 800 -34.14 -2.95 23.02
CA CYS B 800 -34.91 -3.81 22.12
C CYS B 800 -35.11 -5.21 22.68
N GLN B 801 -34.02 -5.87 23.07
CA GLN B 801 -34.04 -7.28 23.43
C GLN B 801 -34.64 -8.12 22.30
N GLY B 802 -34.18 -7.85 21.08
CA GLY B 802 -34.71 -8.51 19.91
C GLY B 802 -35.84 -7.78 19.22
N ALA B 803 -36.04 -6.50 19.50
CA ALA B 803 -37.13 -5.73 18.92
C ALA B 803 -36.67 -4.71 17.88
N ARG B 804 -35.37 -4.43 17.80
CA ARG B 804 -34.77 -3.45 16.88
C ARG B 804 -35.64 -2.20 16.72
N TYR B 805 -36.01 -1.61 17.86
CA TYR B 805 -36.83 -0.41 17.87
C TYR B 805 -36.60 0.31 19.19
N ASN B 806 -37.14 1.52 19.29
CA ASN B 806 -37.03 2.35 20.49
C ASN B 806 -38.38 2.45 21.17
N ARG B 807 -38.36 2.52 22.51
CA ARG B 807 -39.59 2.44 23.28
C ARG B 807 -40.48 3.67 23.06
N GLU B 808 -39.89 4.82 22.75
CA GLU B 808 -40.68 6.04 22.57
C GLU B 808 -41.64 5.89 21.41
N THR B 809 -41.17 5.32 20.29
CA THR B 809 -42.05 5.06 19.16
C THR B 809 -43.05 3.95 19.48
N LEU B 810 -42.70 3.05 20.39
CA LEU B 810 -43.52 1.88 20.70
C LEU B 810 -44.82 2.27 21.39
N GLU B 811 -45.00 3.55 21.70
CA GLU B 811 -46.28 4.03 22.21
C GLU B 811 -47.39 3.97 21.18
N VAL B 812 -47.05 3.74 19.91
CA VAL B 812 -48.06 3.71 18.84
C VAL B 812 -48.59 2.28 18.79
N HIS B 813 -49.62 2.04 19.59
CA HIS B 813 -50.30 0.74 19.62
C HIS B 813 -51.50 0.78 18.66
N TYR B 814 -51.19 0.81 17.37
CA TYR B 814 -52.23 0.85 16.35
C TYR B 814 -53.07 -0.42 16.40
N LYS B 815 -54.34 -0.26 16.77
CA LYS B 815 -55.27 -1.39 16.94
C LYS B 815 -54.70 -2.43 17.91
N GLY B 816 -54.05 -1.95 18.97
CA GLY B 816 -53.46 -2.81 19.97
C GLY B 816 -52.14 -3.44 19.59
N LYS B 817 -51.57 -3.09 18.43
CA LYS B 817 -50.31 -3.65 17.96
C LYS B 817 -49.31 -2.52 17.75
N THR B 818 -48.15 -2.64 18.36
CA THR B 818 -47.11 -1.63 18.25
C THR B 818 -46.21 -1.92 17.05
N VAL B 819 -45.32 -0.97 16.75
CA VAL B 819 -44.45 -1.10 15.58
C VAL B 819 -43.50 -2.28 15.75
N SER B 820 -42.88 -2.39 16.92
CA SER B 820 -41.97 -3.51 17.17
C SER B 820 -42.71 -4.84 17.06
N GLU B 821 -43.92 -4.91 17.62
CA GLU B 821 -44.71 -6.14 17.54
C GLU B 821 -45.05 -6.46 16.09
N VAL B 822 -45.52 -5.47 15.34
CA VAL B 822 -45.96 -5.75 13.97
C VAL B 822 -44.77 -6.14 13.09
N LEU B 823 -43.57 -5.66 13.44
CA LEU B 823 -42.38 -6.13 12.74
C LEU B 823 -41.81 -7.42 13.32
N ASP B 824 -42.33 -7.88 14.47
CA ASP B 824 -41.84 -9.10 15.10
C ASP B 824 -42.69 -10.33 14.77
N MET B 825 -43.94 -10.16 14.37
CA MET B 825 -44.74 -11.28 13.92
C MET B 825 -44.54 -11.51 12.42
N SER B 826 -44.52 -12.78 12.03
CA SER B 826 -44.35 -13.12 10.62
C SER B 826 -45.59 -12.73 9.83
N ILE B 827 -45.45 -12.71 8.51
CA ILE B 827 -46.57 -12.33 7.65
C ILE B 827 -47.71 -13.34 7.74
N GLU B 828 -47.41 -14.58 8.15
CA GLU B 828 -48.46 -15.57 8.33
C GLU B 828 -49.46 -15.12 9.39
N GLU B 829 -48.97 -14.76 10.58
CA GLU B 829 -49.85 -14.29 11.64
C GLU B 829 -50.30 -12.85 11.42
N ALA B 830 -49.46 -12.02 10.79
CA ALA B 830 -49.83 -10.64 10.51
C ALA B 830 -50.82 -10.52 9.35
N ALA B 831 -51.09 -11.61 8.64
CA ALA B 831 -52.08 -11.57 7.56
C ALA B 831 -53.46 -11.24 8.10
N GLU B 832 -53.80 -11.78 9.28
CA GLU B 832 -55.09 -11.46 9.90
C GLU B 832 -55.19 -9.98 10.21
N PHE B 833 -54.10 -9.38 10.69
CA PHE B 833 -54.07 -7.94 10.92
C PHE B 833 -54.03 -7.20 9.59
N PHE B 834 -54.51 -5.96 9.61
CA PHE B 834 -54.54 -5.08 8.44
C PHE B 834 -55.40 -5.64 7.31
N GLU B 835 -56.30 -6.56 7.62
CA GLU B 835 -57.17 -7.14 6.60
C GLU B 835 -58.11 -6.14 5.94
N PRO B 836 -58.82 -5.26 6.67
CA PRO B 836 -59.77 -4.37 6.00
C PRO B 836 -59.15 -3.49 4.93
N ILE B 837 -57.93 -3.03 5.13
CA ILE B 837 -57.25 -2.22 4.12
C ILE B 837 -56.57 -3.15 3.11
N ALA B 838 -56.94 -2.99 1.84
CA ALA B 838 -56.49 -3.90 0.78
C ALA B 838 -55.05 -3.63 0.33
N GLY B 839 -54.54 -2.42 0.56
CA GLY B 839 -53.20 -2.11 0.06
C GLY B 839 -52.13 -3.00 0.66
N VAL B 840 -52.16 -3.17 1.97
CA VAL B 840 -51.25 -4.14 2.61
C VAL B 840 -51.76 -5.56 2.47
N HIS B 841 -53.08 -5.74 2.29
CA HIS B 841 -53.64 -7.08 2.19
C HIS B 841 -53.13 -7.82 0.96
N ARG B 842 -53.08 -7.14 -0.19
CA ARG B 842 -52.56 -7.78 -1.39
C ARG B 842 -51.09 -8.17 -1.23
N TYR B 843 -50.30 -7.30 -0.59
CA TYR B 843 -48.89 -7.61 -0.40
C TYR B 843 -48.72 -8.80 0.53
N LEU B 844 -49.43 -8.83 1.66
CA LEU B 844 -49.28 -9.96 2.56
C LEU B 844 -49.78 -11.25 1.91
N ARG B 845 -50.82 -11.14 1.07
CA ARG B 845 -51.31 -12.30 0.33
C ARG B 845 -50.22 -12.82 -0.61
N THR B 846 -49.53 -11.93 -1.31
CA THR B 846 -48.49 -12.38 -2.22
C THR B 846 -47.30 -12.99 -1.47
N LEU B 847 -46.91 -12.38 -0.34
CA LEU B 847 -45.84 -12.98 0.47
C LEU B 847 -46.23 -14.38 0.93
N VAL B 848 -47.45 -14.55 1.45
CA VAL B 848 -47.85 -15.86 1.95
C VAL B 848 -48.08 -16.86 0.83
N ASP B 849 -48.40 -16.38 -0.39
CA ASP B 849 -48.62 -17.27 -1.51
C ASP B 849 -47.31 -17.75 -2.13
N VAL B 850 -46.30 -16.89 -2.20
CA VAL B 850 -45.01 -17.31 -2.74
C VAL B 850 -44.36 -18.32 -1.81
N GLY B 851 -44.56 -18.18 -0.50
CA GLY B 851 -43.96 -19.12 0.45
C GLY B 851 -43.09 -18.44 1.48
N LEU B 852 -43.37 -17.17 1.77
CA LEU B 852 -42.63 -16.39 2.76
C LEU B 852 -43.52 -16.07 3.96
N GLY B 853 -44.33 -17.03 4.38
CA GLY B 853 -45.24 -16.82 5.50
C GLY B 853 -44.54 -16.62 6.82
N TYR B 854 -43.71 -17.58 7.22
CA TYR B 854 -43.01 -17.51 8.50
C TYR B 854 -41.83 -16.54 8.48
N VAL B 855 -41.61 -15.84 7.37
CA VAL B 855 -40.54 -14.85 7.25
C VAL B 855 -40.77 -13.74 8.27
N ARG B 856 -39.70 -13.30 8.94
CA ARG B 856 -39.76 -12.14 9.81
C ARG B 856 -39.64 -10.87 8.99
N LEU B 857 -40.64 -10.00 9.12
CA LEU B 857 -40.66 -8.78 8.32
C LEU B 857 -39.48 -7.87 8.66
N GLY B 858 -39.18 -7.73 9.95
CA GLY B 858 -38.02 -6.97 10.38
C GLY B 858 -36.77 -7.83 10.56
N GLN B 859 -36.21 -8.32 9.46
CA GLN B 859 -35.05 -9.19 9.51
C GLN B 859 -33.97 -8.69 8.57
N PRO B 860 -32.70 -8.80 8.95
CA PRO B 860 -31.62 -8.33 8.06
C PRO B 860 -31.63 -9.07 6.72
N ALA B 861 -31.30 -8.32 5.67
CA ALA B 861 -31.26 -8.89 4.32
C ALA B 861 -30.29 -10.06 4.15
N PRO B 862 -29.06 -10.03 4.68
CA PRO B 862 -28.13 -11.13 4.39
C PRO B 862 -28.66 -12.51 4.77
N THR B 863 -29.42 -12.61 5.85
CA THR B 863 -29.91 -13.90 6.34
C THR B 863 -31.34 -14.21 5.92
N LEU B 864 -31.77 -13.76 4.75
CA LEU B 864 -33.12 -14.01 4.28
C LEU B 864 -33.08 -14.42 2.82
N SER B 865 -34.27 -14.47 2.20
CA SER B 865 -34.45 -15.07 0.89
C SER B 865 -34.23 -14.03 -0.21
N GLY B 866 -33.28 -14.29 -1.09
CA GLY B 866 -33.07 -13.51 -2.29
C GLY B 866 -33.61 -14.15 -3.54
N GLY B 867 -34.35 -15.24 -3.44
CA GLY B 867 -34.89 -15.92 -4.61
C GLY B 867 -36.41 -15.92 -4.65
N GLU B 868 -37.05 -15.89 -3.48
CA GLU B 868 -38.51 -15.86 -3.40
C GLU B 868 -39.03 -14.57 -2.79
N ALA B 869 -38.42 -14.09 -1.70
CA ALA B 869 -38.80 -12.81 -1.15
C ALA B 869 -38.32 -11.64 -2.00
N GLN B 870 -37.38 -11.88 -2.92
CA GLN B 870 -36.90 -10.84 -3.81
C GLN B 870 -37.93 -10.51 -4.90
N ARG B 871 -38.56 -11.53 -5.46
CA ARG B 871 -39.47 -11.38 -6.59
C ARG B 871 -40.89 -11.05 -6.19
N VAL B 872 -41.16 -10.90 -4.89
CA VAL B 872 -42.46 -10.44 -4.44
C VAL B 872 -42.77 -9.04 -4.93
N LYS B 873 -41.75 -8.18 -5.04
CA LYS B 873 -41.94 -6.84 -5.59
C LYS B 873 -42.44 -6.87 -7.02
N LEU B 874 -42.30 -8.00 -7.72
CA LEU B 874 -42.83 -8.15 -9.06
C LEU B 874 -44.17 -8.90 -9.04
N ALA B 875 -44.22 -10.01 -8.31
CA ALA B 875 -45.41 -10.86 -8.32
C ALA B 875 -46.63 -10.13 -7.82
N SER B 876 -46.46 -9.29 -6.79
CA SER B 876 -47.57 -8.50 -6.28
C SER B 876 -48.02 -7.43 -7.27
N GLU B 877 -47.25 -7.15 -8.31
CA GLU B 877 -47.62 -6.18 -9.32
C GLU B 877 -47.99 -6.83 -10.66
N LEU B 878 -48.19 -8.15 -10.69
CA LEU B 878 -48.69 -8.78 -11.89
C LEU B 878 -50.14 -8.41 -12.17
N GLN B 879 -50.82 -7.78 -11.22
CA GLN B 879 -52.14 -7.19 -11.45
C GLN B 879 -52.01 -5.77 -11.99
N LYS B 880 -51.25 -5.62 -13.07
CA LYS B 880 -51.00 -4.31 -13.67
C LYS B 880 -52.26 -3.86 -14.39
N ARG B 881 -53.01 -2.94 -13.76
CA ARG B 881 -54.25 -2.34 -14.27
C ARG B 881 -55.31 -3.39 -14.63
N SER B 882 -55.15 -4.61 -14.09
CA SER B 882 -56.19 -5.66 -14.07
C SER B 882 -56.76 -5.95 -15.45
N THR B 883 -55.88 -6.22 -16.41
CA THR B 883 -56.33 -6.61 -17.74
C THR B 883 -56.09 -8.10 -18.05
N GLY B 884 -54.95 -8.67 -17.64
CA GLY B 884 -53.71 -8.20 -17.04
C GLY B 884 -52.52 -8.64 -17.87
N ARG B 885 -52.70 -8.64 -19.21
CA ARG B 885 -51.72 -9.09 -20.21
C ARG B 885 -50.55 -8.14 -20.37
N THR B 886 -50.35 -7.21 -19.45
CA THR B 886 -49.08 -6.52 -19.31
C THR B 886 -47.93 -7.50 -19.37
N VAL B 887 -46.94 -7.23 -20.20
CA VAL B 887 -45.87 -8.19 -20.46
C VAL B 887 -44.83 -8.11 -19.36
N TYR B 888 -44.33 -9.29 -18.96
CA TYR B 888 -43.29 -9.40 -17.95
C TYR B 888 -42.14 -10.23 -18.50
N ILE B 889 -40.92 -9.82 -18.18
CA ILE B 889 -39.71 -10.57 -18.49
C ILE B 889 -39.05 -10.95 -17.18
N LEU B 890 -38.88 -12.24 -16.96
CA LEU B 890 -38.41 -12.77 -15.69
C LEU B 890 -37.07 -13.47 -15.87
N ASP B 891 -36.21 -13.29 -14.88
CA ASP B 891 -34.90 -13.93 -14.86
C ASP B 891 -35.08 -15.40 -14.48
N GLU B 892 -33.97 -16.07 -14.17
CA GLU B 892 -34.04 -17.44 -13.70
C GLU B 892 -34.44 -17.45 -12.23
N PRO B 893 -35.66 -17.88 -11.92
CA PRO B 893 -36.14 -17.78 -10.53
C PRO B 893 -35.60 -18.87 -9.62
N THR B 894 -35.20 -20.02 -10.16
CA THR B 894 -34.85 -21.15 -9.31
C THR B 894 -33.64 -20.85 -8.43
N THR B 895 -32.82 -19.88 -8.82
CA THR B 895 -31.74 -19.44 -7.97
C THR B 895 -32.30 -18.80 -6.71
N GLY B 896 -32.03 -19.41 -5.56
CA GLY B 896 -32.61 -18.98 -4.31
C GLY B 896 -33.94 -19.65 -4.03
N LEU B 897 -34.66 -20.01 -5.10
CA LEU B 897 -35.96 -20.65 -4.97
C LEU B 897 -35.78 -22.11 -4.58
N HIS B 898 -36.25 -22.46 -3.39
CA HIS B 898 -36.32 -23.86 -3.01
C HIS B 898 -37.61 -24.48 -3.55
N PHE B 899 -37.67 -25.81 -3.56
CA PHE B 899 -38.65 -26.52 -4.38
C PHE B 899 -40.08 -26.22 -3.94
N ASP B 900 -40.34 -26.16 -2.64
CA ASP B 900 -41.70 -25.83 -2.18
C ASP B 900 -42.08 -24.41 -2.60
N ASP B 901 -41.17 -23.45 -2.42
CA ASP B 901 -41.42 -22.10 -2.89
C ASP B 901 -41.51 -22.05 -4.41
N ILE B 902 -40.78 -22.92 -5.10
CA ILE B 902 -40.89 -23.03 -6.55
C ILE B 902 -42.32 -23.40 -6.94
N ARG B 903 -42.87 -24.42 -6.28
CA ARG B 903 -44.23 -24.85 -6.57
C ARG B 903 -45.24 -23.75 -6.24
N LYS B 904 -45.05 -23.08 -5.11
CA LYS B 904 -45.99 -22.04 -4.72
C LYS B 904 -45.97 -20.87 -5.70
N LEU B 905 -44.77 -20.40 -6.06
CA LEU B 905 -44.66 -19.31 -7.04
C LEU B 905 -45.17 -19.74 -8.40
N LEU B 906 -44.93 -21.00 -8.79
CA LEU B 906 -45.44 -21.47 -10.07
C LEU B 906 -46.97 -21.48 -10.09
N ASN B 907 -47.59 -21.89 -8.98
CA ASN B 907 -49.04 -21.83 -8.89
C ASN B 907 -49.54 -20.39 -8.96
N VAL B 908 -48.84 -19.48 -8.28
CA VAL B 908 -49.25 -18.07 -8.29
C VAL B 908 -49.15 -17.50 -9.70
N ILE B 909 -48.04 -17.79 -10.39
CA ILE B 909 -47.85 -17.29 -11.75
C ILE B 909 -48.85 -17.92 -12.70
N ASN B 910 -49.17 -19.20 -12.51
CA ASN B 910 -50.18 -19.85 -13.34
C ASN B 910 -51.54 -19.20 -13.15
N GLY B 911 -51.91 -18.92 -11.91
CA GLY B 911 -53.18 -18.23 -11.67
C GLY B 911 -53.20 -16.85 -12.30
N LEU B 912 -52.11 -16.10 -12.17
CA LEU B 912 -52.07 -14.76 -12.74
C LEU B 912 -52.10 -14.78 -14.26
N VAL B 913 -51.42 -15.75 -14.88
CA VAL B 913 -51.42 -15.82 -16.35
C VAL B 913 -52.76 -16.34 -16.86
N ASP B 914 -53.43 -17.20 -16.09
CA ASP B 914 -54.77 -17.63 -16.46
C ASP B 914 -55.77 -16.49 -16.27
N LYS B 915 -55.48 -15.55 -15.37
CA LYS B 915 -56.22 -14.31 -15.33
C LYS B 915 -56.04 -13.51 -16.62
N GLY B 916 -55.02 -13.83 -17.42
CA GLY B 916 -54.84 -13.21 -18.70
C GLY B 916 -53.55 -12.43 -18.86
N ASN B 917 -52.48 -12.88 -18.20
CA ASN B 917 -51.20 -12.20 -18.22
C ASN B 917 -50.29 -12.75 -19.33
N THR B 918 -49.14 -12.11 -19.48
CA THR B 918 -48.12 -12.52 -20.45
C THR B 918 -46.76 -12.48 -19.77
N VAL B 919 -46.10 -13.63 -19.67
CA VAL B 919 -44.82 -13.75 -18.98
C VAL B 919 -43.84 -14.51 -19.86
N ILE B 920 -42.65 -13.95 -20.06
CA ILE B 920 -41.54 -14.62 -20.71
C ILE B 920 -40.44 -14.77 -19.68
N VAL B 921 -40.07 -16.00 -19.36
CA VAL B 921 -39.14 -16.30 -18.27
C VAL B 921 -37.93 -17.04 -18.84
N ILE B 922 -36.75 -16.72 -18.31
CA ILE B 922 -35.56 -17.51 -18.59
C ILE B 922 -35.51 -18.65 -17.57
N GLU B 923 -35.52 -19.88 -18.06
CA GLU B 923 -35.68 -21.03 -17.16
C GLU B 923 -34.97 -22.24 -17.78
N HIS B 924 -34.51 -23.14 -16.91
CA HIS B 924 -33.83 -24.35 -17.38
C HIS B 924 -34.37 -25.64 -16.78
N ASN B 925 -34.89 -25.62 -15.55
CA ASN B 925 -35.42 -26.83 -14.94
C ASN B 925 -36.58 -27.37 -15.75
N LEU B 926 -36.60 -28.71 -15.90
CA LEU B 926 -37.61 -29.33 -16.74
C LEU B 926 -39.01 -29.16 -16.16
N ASP B 927 -39.13 -29.19 -14.83
CA ASP B 927 -40.44 -29.06 -14.21
C ASP B 927 -41.05 -27.68 -14.47
N VAL B 928 -40.25 -26.62 -14.32
CA VAL B 928 -40.79 -25.28 -14.48
C VAL B 928 -41.13 -24.98 -15.94
N ILE B 929 -40.27 -25.42 -16.88
CA ILE B 929 -40.57 -25.19 -18.28
C ILE B 929 -41.75 -26.04 -18.73
N LYS B 930 -41.89 -27.26 -18.20
CA LYS B 930 -43.08 -28.04 -18.49
C LYS B 930 -44.31 -27.45 -17.83
N THR B 931 -44.13 -26.65 -16.77
CA THR B 931 -45.24 -25.86 -16.23
C THR B 931 -45.68 -24.80 -17.21
N SER B 932 -44.73 -24.09 -17.82
CA SER B 932 -45.07 -23.10 -18.83
C SER B 932 -45.55 -23.80 -20.10
N ASP B 933 -46.25 -23.03 -20.94
CA ASP B 933 -47.00 -23.59 -22.06
C ASP B 933 -46.32 -23.44 -23.42
N TRP B 934 -45.20 -22.73 -23.50
CA TRP B 934 -44.55 -22.47 -24.78
C TRP B 934 -43.06 -22.28 -24.55
N ILE B 935 -42.26 -23.23 -25.02
CA ILE B 935 -40.80 -23.20 -24.85
C ILE B 935 -40.16 -22.83 -26.17
N ILE B 936 -39.36 -21.76 -26.17
CA ILE B 936 -38.56 -21.36 -27.31
C ILE B 936 -37.12 -21.77 -27.04
N ASP B 937 -36.53 -22.56 -27.93
CA ASP B 937 -35.18 -23.08 -27.73
C ASP B 937 -34.23 -22.44 -28.73
N LEU B 938 -33.17 -21.83 -28.23
CA LEU B 938 -32.19 -21.15 -29.06
C LEU B 938 -30.81 -21.76 -28.83
N GLY B 939 -30.07 -21.94 -29.93
CA GLY B 939 -28.69 -22.34 -29.86
C GLY B 939 -28.46 -23.78 -30.29
N PRO B 940 -28.00 -23.96 -31.54
CA PRO B 940 -27.49 -25.28 -31.93
C PRO B 940 -26.21 -25.67 -31.23
N GLU B 941 -25.46 -24.69 -30.72
CA GLU B 941 -24.19 -24.95 -30.04
C GLU B 941 -23.88 -23.76 -29.14
N GLY B 942 -22.69 -23.78 -28.54
CA GLY B 942 -22.29 -22.72 -27.64
C GLY B 942 -21.61 -21.57 -28.35
N GLY B 943 -21.85 -20.37 -27.83
CA GLY B 943 -21.24 -19.17 -28.40
C GLY B 943 -21.69 -18.94 -29.83
N ALA B 944 -20.73 -18.78 -30.73
CA ALA B 944 -21.03 -18.48 -32.13
C ALA B 944 -21.85 -19.59 -32.79
N GLY B 945 -21.79 -20.82 -32.28
CA GLY B 945 -22.60 -21.88 -32.81
C GLY B 945 -24.09 -21.70 -32.54
N GLY B 946 -24.44 -20.88 -31.56
CA GLY B 946 -25.83 -20.59 -31.25
C GLY B 946 -26.35 -19.37 -31.98
N GLY B 947 -27.43 -18.82 -31.45
CA GLY B 947 -28.05 -17.64 -32.03
C GLY B 947 -29.15 -17.93 -33.03
N THR B 948 -29.54 -19.18 -33.21
CA THR B 948 -30.62 -19.54 -34.12
C THR B 948 -31.62 -20.41 -33.36
N VAL B 949 -32.90 -20.28 -33.75
CA VAL B 949 -33.93 -21.12 -33.15
C VAL B 949 -33.73 -22.56 -33.60
N VAL B 950 -33.79 -23.49 -32.65
CA VAL B 950 -33.76 -24.90 -32.98
C VAL B 950 -35.13 -25.56 -32.80
N ALA B 951 -35.95 -25.08 -31.87
CA ALA B 951 -37.31 -25.60 -31.71
C ALA B 951 -38.10 -24.57 -30.91
N GLN B 952 -39.10 -23.96 -31.53
CA GLN B 952 -39.94 -22.97 -30.86
C GLN B 952 -41.40 -23.37 -31.01
N GLY B 953 -42.10 -23.39 -29.88
CA GLY B 953 -43.48 -23.84 -29.84
C GLY B 953 -43.88 -24.32 -28.46
N THR B 954 -44.81 -25.26 -28.40
CA THR B 954 -45.18 -25.89 -27.14
C THR B 954 -44.06 -26.80 -26.67
N PRO B 955 -44.08 -27.23 -25.40
CA PRO B 955 -43.09 -28.23 -24.97
C PRO B 955 -43.09 -29.48 -25.84
N GLU B 956 -44.27 -29.91 -26.29
CA GLU B 956 -44.32 -31.03 -27.23
C GLU B 956 -43.62 -30.68 -28.54
N ASP B 957 -43.69 -29.42 -28.95
CA ASP B 957 -43.03 -28.98 -30.18
C ASP B 957 -41.51 -28.88 -29.99
N VAL B 958 -41.05 -28.35 -28.86
CA VAL B 958 -39.63 -28.26 -28.62
C VAL B 958 -39.02 -29.65 -28.44
N ALA B 959 -39.80 -30.62 -27.95
CA ALA B 959 -39.37 -32.00 -27.94
C ALA B 959 -39.53 -32.68 -29.30
N ALA B 960 -40.20 -32.02 -30.26
CA ALA B 960 -40.44 -32.64 -31.55
C ALA B 960 -39.29 -32.38 -32.51
N VAL B 961 -38.90 -31.12 -32.69
CA VAL B 961 -37.83 -30.76 -33.62
C VAL B 961 -36.52 -31.31 -33.09
N PRO B 962 -35.78 -32.11 -33.88
CA PRO B 962 -34.55 -32.77 -33.40
C PRO B 962 -33.30 -31.92 -33.50
N ALA B 963 -33.35 -30.72 -32.91
CA ALA B 963 -32.17 -29.86 -32.86
C ALA B 963 -32.03 -29.14 -31.52
N SER B 964 -32.89 -29.41 -30.55
CA SER B 964 -32.91 -28.71 -29.28
C SER B 964 -32.38 -29.61 -28.17
N TYR B 965 -31.42 -29.10 -27.41
CA TYR B 965 -30.88 -29.86 -26.29
C TYR B 965 -31.92 -30.07 -25.20
N THR B 966 -32.72 -29.03 -24.91
CA THR B 966 -33.83 -29.21 -23.97
C THR B 966 -34.90 -30.13 -24.53
N GLY B 967 -34.97 -30.27 -25.86
CA GLY B 967 -35.90 -31.22 -26.44
C GLY B 967 -35.55 -32.66 -26.10
N LYS B 968 -34.26 -33.01 -26.21
CA LYS B 968 -33.84 -34.35 -25.80
C LYS B 968 -33.79 -34.47 -24.29
N PHE B 969 -33.68 -33.34 -23.57
CA PHE B 969 -33.86 -33.37 -22.13
C PHE B 969 -35.29 -33.77 -21.77
N LEU B 970 -36.26 -33.27 -22.53
CA LEU B 970 -37.65 -33.65 -22.33
C LEU B 970 -37.89 -35.11 -22.71
N ALA B 971 -37.03 -35.68 -23.55
CA ALA B 971 -37.22 -37.06 -24.00
C ALA B 971 -37.03 -38.05 -22.86
N GLU B 972 -35.98 -37.88 -22.07
CA GLU B 972 -35.72 -38.80 -20.96
C GLU B 972 -36.72 -38.65 -19.82
N VAL B 973 -37.21 -37.44 -19.57
CA VAL B 973 -38.27 -37.21 -18.60
C VAL B 973 -39.12 -36.05 -19.07
N VAL B 974 -40.43 -36.22 -18.97
CA VAL B 974 -41.34 -35.14 -19.33
C VAL B 974 -41.76 -34.41 -18.06
N ARG C 24 79.99 -10.76 -21.17
CA ARG C 24 81.19 -10.24 -20.53
C ARG C 24 82.11 -9.59 -21.55
N ALA C 25 81.88 -8.30 -21.82
CA ALA C 25 82.67 -7.54 -22.77
C ALA C 25 83.32 -6.36 -22.07
N GLY C 26 84.61 -6.17 -22.32
CA GLY C 26 85.36 -5.10 -21.68
C GLY C 26 85.12 -3.74 -22.30
N GLY C 27 84.61 -2.81 -21.50
CA GLY C 27 84.36 -1.45 -21.94
C GLY C 27 85.47 -0.50 -21.55
N HIS C 28 85.14 0.79 -21.53
CA HIS C 28 86.08 1.85 -21.20
C HIS C 28 85.58 2.62 -19.99
N PHE C 29 86.49 2.89 -19.04
CA PHE C 29 86.16 3.63 -17.83
C PHE C 29 86.28 5.13 -18.12
N GLU C 30 85.22 5.67 -18.73
CA GLU C 30 85.19 7.09 -19.08
C GLU C 30 84.91 7.90 -17.82
N VAL C 31 85.97 8.41 -17.20
CA VAL C 31 85.89 9.12 -15.92
C VAL C 31 86.00 10.61 -16.17
N VAL C 32 85.05 11.37 -15.66
CA VAL C 32 85.13 12.83 -15.65
C VAL C 32 85.88 13.24 -14.39
N SER C 33 87.05 13.84 -14.56
CA SER C 33 87.92 14.22 -13.45
C SER C 33 88.29 15.68 -13.60
N PRO C 34 87.38 16.61 -13.27
CA PRO C 34 87.74 18.02 -13.30
C PRO C 34 88.84 18.38 -12.31
N HIS C 35 89.01 17.59 -11.25
CA HIS C 35 90.09 17.84 -10.30
C HIS C 35 91.43 17.53 -10.94
N ALA C 36 92.38 18.48 -10.80
CA ALA C 36 93.69 18.34 -11.39
C ALA C 36 94.63 17.67 -10.40
N PRO C 37 95.30 16.57 -10.77
CA PRO C 37 96.26 15.95 -9.85
C PRO C 37 97.35 16.92 -9.46
N ALA C 38 97.76 16.87 -8.20
CA ALA C 38 98.72 17.81 -7.65
C ALA C 38 99.81 17.06 -6.91
N GLY C 39 101.07 17.39 -7.20
CA GLY C 39 102.21 16.89 -6.46
C GLY C 39 102.41 15.39 -6.47
N ASP C 40 102.23 14.76 -5.32
CA ASP C 40 102.56 13.35 -5.12
C ASP C 40 101.44 12.40 -5.50
N GLN C 41 100.30 12.90 -5.97
CA GLN C 41 99.22 12.01 -6.38
C GLN C 41 99.61 11.13 -7.57
N PRO C 42 100.18 11.65 -8.66
CA PRO C 42 100.65 10.75 -9.72
C PRO C 42 101.72 9.78 -9.23
N ALA C 43 102.59 10.22 -8.32
CA ALA C 43 103.63 9.35 -7.78
C ALA C 43 103.00 8.17 -7.03
N ALA C 44 101.99 8.46 -6.22
CA ALA C 44 101.26 7.39 -5.54
C ALA C 44 100.58 6.47 -6.55
N ILE C 45 100.03 7.04 -7.61
CA ILE C 45 99.26 6.24 -8.56
C ILE C 45 100.18 5.26 -9.28
N ASP C 46 101.38 5.71 -9.71
CA ASP C 46 102.21 4.76 -10.45
C ASP C 46 103.02 3.86 -9.52
N GLU C 47 103.21 4.28 -8.26
CA GLU C 47 103.74 3.34 -7.27
C GLU C 47 102.74 2.20 -7.05
N LEU C 48 101.45 2.53 -6.92
CA LEU C 48 100.44 1.49 -6.79
C LEU C 48 100.40 0.61 -8.04
N GLU C 49 100.55 1.21 -9.22
CA GLU C 49 100.59 0.43 -10.46
C GLU C 49 101.78 -0.54 -10.44
N ARG C 50 102.96 -0.04 -10.05
CA ARG C 50 104.15 -0.89 -10.04
C ARG C 50 104.02 -2.02 -9.03
N ARG C 51 103.37 -1.77 -7.90
CA ARG C 51 103.16 -2.84 -6.93
C ARG C 51 102.13 -3.85 -7.45
N ILE C 52 101.05 -3.37 -8.07
CA ILE C 52 99.95 -4.26 -8.43
C ILE C 52 100.30 -5.09 -9.67
N ASN C 53 101.20 -4.60 -10.52
CA ASN C 53 101.54 -5.40 -11.70
C ASN C 53 102.48 -6.55 -11.37
N ALA C 54 103.03 -6.61 -10.16
CA ALA C 54 103.92 -7.68 -9.76
C ALA C 54 103.19 -8.97 -9.43
N GLY C 55 101.86 -8.94 -9.30
CA GLY C 55 101.09 -10.12 -9.01
C GLY C 55 101.06 -10.54 -7.56
N GLU C 56 101.53 -9.69 -6.65
CA GLU C 56 101.52 -10.03 -5.22
C GLU C 56 100.09 -10.08 -4.71
N ARG C 57 99.79 -11.10 -3.89
CA ARG C 57 98.45 -11.28 -3.38
C ARG C 57 98.10 -10.29 -2.28
N ASP C 58 99.09 -9.66 -1.65
CA ASP C 58 98.87 -8.76 -0.53
C ASP C 58 99.30 -7.35 -0.90
N VAL C 59 98.37 -6.40 -0.75
CA VAL C 59 98.62 -4.99 -1.03
C VAL C 59 97.94 -4.17 0.06
N VAL C 60 98.66 -3.19 0.61
CA VAL C 60 98.11 -2.31 1.63
C VAL C 60 98.45 -0.86 1.26
N LEU C 61 97.47 0.02 1.42
CA LEU C 61 97.61 1.44 1.08
C LEU C 61 97.10 2.27 2.24
N LEU C 62 97.84 3.33 2.57
CA LEU C 62 97.49 4.21 3.69
C LEU C 62 96.90 5.49 3.12
N GLY C 63 95.56 5.55 3.08
CA GLY C 63 94.86 6.74 2.67
C GLY C 63 94.02 7.32 3.79
N ALA C 64 94.40 8.47 4.31
CA ALA C 64 93.69 9.08 5.41
C ALA C 64 92.38 9.70 4.94
N THR C 65 91.56 10.12 5.90
CA THR C 65 90.31 10.80 5.58
C THR C 65 90.59 12.15 4.93
N GLY C 66 89.86 12.45 3.86
CA GLY C 66 90.03 13.69 3.15
C GLY C 66 91.15 13.72 2.14
N THR C 67 91.81 12.59 1.89
CA THR C 67 92.89 12.50 0.92
C THR C 67 92.42 12.08 -0.46
N GLY C 68 91.11 12.05 -0.69
CA GLY C 68 90.58 11.61 -1.97
C GLY C 68 90.84 10.16 -2.26
N LYS C 69 90.59 9.29 -1.27
CA LYS C 69 90.76 7.86 -1.48
C LYS C 69 89.87 7.34 -2.60
N SER C 70 88.66 7.90 -2.73
CA SER C 70 87.79 7.49 -3.82
C SER C 70 88.41 7.82 -5.17
N ALA C 71 89.03 8.99 -5.30
CA ALA C 71 89.65 9.38 -6.56
C ALA C 71 90.78 8.44 -6.94
N THR C 72 91.67 8.13 -5.99
CA THR C 72 92.78 7.25 -6.32
C THR C 72 92.31 5.83 -6.59
N THR C 73 91.29 5.36 -5.86
CA THR C 73 90.74 4.04 -6.14
C THR C 73 90.13 4.00 -7.54
N ALA C 74 89.41 5.05 -7.92
CA ALA C 74 88.85 5.12 -9.26
C ALA C 74 89.95 5.15 -10.32
N TRP C 75 91.06 5.82 -10.03
CA TRP C 75 92.17 5.86 -11.00
C TRP C 75 92.79 4.48 -11.18
N LEU C 76 92.98 3.74 -10.07
CA LEU C 76 93.40 2.34 -10.20
C LEU C 76 92.38 1.53 -10.99
N ILE C 77 91.09 1.81 -10.81
CA ILE C 77 90.06 1.12 -11.58
C ILE C 77 90.23 1.37 -13.07
N GLU C 78 90.44 2.64 -13.45
CA GLU C 78 90.64 2.98 -14.85
C GLU C 78 91.87 2.29 -15.41
N ARG C 79 92.98 2.32 -14.66
CA ARG C 79 94.23 1.76 -15.16
C ARG C 79 94.15 0.25 -15.29
N LEU C 80 93.52 -0.44 -14.34
CA LEU C 80 93.46 -1.90 -14.39
C LEU C 80 92.45 -2.41 -15.40
N GLN C 81 91.37 -1.66 -15.63
CA GLN C 81 90.32 -2.05 -16.58
C GLN C 81 89.71 -3.40 -16.23
N ARG C 82 89.42 -3.60 -14.95
CA ARG C 82 88.82 -4.83 -14.44
C ARG C 82 87.63 -4.49 -13.56
N PRO C 83 86.66 -5.41 -13.43
CA PRO C 83 85.59 -5.20 -12.44
C PRO C 83 86.18 -5.09 -11.05
N THR C 84 85.63 -4.18 -10.25
CA THR C 84 86.20 -3.90 -8.94
C THR C 84 85.16 -4.03 -7.83
N LEU C 85 85.60 -4.55 -6.70
CA LEU C 85 84.77 -4.81 -5.53
C LEU C 85 85.31 -4.00 -4.36
N VAL C 86 84.50 -3.07 -3.85
CA VAL C 86 84.87 -2.21 -2.73
C VAL C 86 84.21 -2.75 -1.47
N MET C 87 85.01 -2.93 -0.42
CA MET C 87 84.60 -3.51 0.83
C MET C 87 84.40 -2.39 1.85
N ALA C 88 83.19 -2.30 2.40
CA ALA C 88 82.81 -1.25 3.32
C ALA C 88 82.26 -1.85 4.60
N PRO C 89 82.44 -1.18 5.75
CA PRO C 89 82.04 -1.78 7.02
C PRO C 89 80.66 -1.33 7.51
N ASN C 90 80.06 -0.32 6.88
CA ASN C 90 78.80 0.20 7.36
C ASN C 90 78.08 0.93 6.23
N LYS C 91 76.80 1.20 6.45
CA LYS C 91 75.99 1.89 5.45
C LYS C 91 76.40 3.34 5.27
N THR C 92 76.82 4.01 6.34
CA THR C 92 77.13 5.43 6.27
C THR C 92 78.27 5.70 5.29
N LEU C 93 79.34 4.90 5.37
CA LEU C 93 80.45 5.08 4.44
C LEU C 93 80.11 4.51 3.05
N ALA C 94 79.38 3.38 3.02
CA ALA C 94 79.10 2.73 1.76
C ALA C 94 78.23 3.59 0.85
N ALA C 95 77.19 4.20 1.40
CA ALA C 95 76.30 5.05 0.59
C ALA C 95 77.04 6.26 0.06
N GLN C 96 77.84 6.92 0.90
CA GLN C 96 78.59 8.09 0.45
C GLN C 96 79.59 7.71 -0.64
N LEU C 97 80.32 6.61 -0.45
CA LEU C 97 81.23 6.14 -1.49
C LEU C 97 80.48 5.81 -2.77
N ALA C 98 79.31 5.19 -2.65
CA ALA C 98 78.52 4.83 -3.83
C ALA C 98 78.10 6.06 -4.61
N ASN C 99 77.58 7.09 -3.92
CA ASN C 99 77.10 8.25 -4.66
C ASN C 99 78.26 9.04 -5.26
N GLU C 100 79.39 9.15 -4.53
CA GLU C 100 80.54 9.84 -5.08
C GLU C 100 81.09 9.09 -6.30
N LEU C 101 81.14 7.77 -6.22
CA LEU C 101 81.68 6.97 -7.31
C LEU C 101 80.74 6.98 -8.51
N ARG C 102 79.43 7.04 -8.28
CA ARG C 102 78.49 7.23 -9.37
C ARG C 102 78.67 8.59 -10.02
N GLU C 103 78.89 9.64 -9.22
CA GLU C 103 79.10 10.96 -9.78
C GLU C 103 80.37 11.02 -10.61
N MET C 104 81.43 10.33 -10.17
CA MET C 104 82.70 10.41 -10.87
C MET C 104 82.71 9.64 -12.18
N LEU C 105 81.88 8.60 -12.31
CA LEU C 105 81.79 7.81 -13.54
C LEU C 105 80.40 7.96 -14.16
N PRO C 106 80.24 8.84 -15.16
CA PRO C 106 78.92 9.01 -15.77
C PRO C 106 78.45 7.81 -16.58
N HIS C 107 79.27 7.37 -17.55
CA HIS C 107 78.83 6.32 -18.46
C HIS C 107 78.84 4.94 -17.79
N ASN C 108 79.90 4.61 -17.07
CA ASN C 108 79.99 3.31 -16.43
C ASN C 108 78.96 3.18 -15.31
N ALA C 109 78.38 1.99 -15.20
CA ALA C 109 77.30 1.74 -14.24
C ALA C 109 77.92 1.47 -12.87
N VAL C 110 78.06 2.55 -12.09
CA VAL C 110 78.52 2.42 -10.72
C VAL C 110 77.37 1.93 -9.86
N GLU C 111 77.70 1.13 -8.83
CA GLU C 111 76.70 0.32 -8.16
C GLU C 111 76.80 0.51 -6.65
N TYR C 112 75.97 -0.23 -5.92
CA TYR C 112 75.83 -0.13 -4.48
C TYR C 112 75.09 -1.37 -4.00
N PHE C 113 75.58 -1.97 -2.91
CA PHE C 113 75.07 -3.27 -2.46
C PHE C 113 75.12 -3.32 -0.94
N VAL C 114 73.96 -3.17 -0.29
CA VAL C 114 73.85 -3.29 1.16
C VAL C 114 72.58 -4.06 1.48
N SER C 115 72.43 -4.43 2.75
CA SER C 115 71.23 -5.12 3.20
C SER C 115 70.02 -4.21 3.04
N TYR C 116 68.93 -4.77 2.52
CA TYR C 116 67.72 -3.99 2.25
C TYR C 116 66.79 -4.00 3.46
N TYR C 117 67.32 -3.51 4.57
CA TYR C 117 66.57 -3.44 5.82
C TYR C 117 66.96 -2.18 6.58
N ASP C 118 65.95 -1.37 6.94
CA ASP C 118 66.20 -0.19 7.75
C ASP C 118 66.40 -0.57 9.21
N TYR C 119 65.39 -1.20 9.81
CA TYR C 119 65.50 -1.73 11.16
C TYR C 119 65.98 -3.17 11.11
N TYR C 120 66.91 -3.51 11.99
CA TYR C 120 67.53 -4.83 11.99
C TYR C 120 67.58 -5.38 13.42
N GLN C 121 67.17 -6.63 13.58
CA GLN C 121 67.23 -7.32 14.87
C GLN C 121 67.73 -8.74 14.62
N PRO C 122 69.03 -8.98 14.81
CA PRO C 122 69.58 -10.31 14.53
C PRO C 122 68.99 -11.37 15.44
N GLU C 123 68.85 -12.58 14.90
CA GLU C 123 68.35 -13.72 15.67
C GLU C 123 69.49 -14.25 16.54
N ALA C 124 69.52 -13.78 17.78
CA ALA C 124 70.54 -14.18 18.74
C ALA C 124 69.90 -14.79 19.97
N TYR C 125 70.73 -15.51 20.74
CA TYR C 125 70.27 -16.21 21.94
C TYR C 125 71.29 -15.99 23.05
N ILE C 126 71.06 -14.96 23.86
CA ILE C 126 71.89 -14.70 25.02
C ILE C 126 71.54 -15.74 26.08
N ALA C 127 72.50 -16.60 26.42
CA ALA C 127 72.26 -17.68 27.36
C ALA C 127 72.22 -17.19 28.81
N GLN C 128 73.02 -16.17 29.15
CA GLN C 128 73.06 -15.69 30.52
C GLN C 128 71.70 -15.13 30.95
N THR C 129 71.09 -14.31 30.09
CA THR C 129 69.78 -13.75 30.35
C THR C 129 68.65 -14.59 29.75
N ASP C 130 68.99 -15.66 29.02
CA ASP C 130 68.00 -16.50 28.35
C ASP C 130 67.10 -15.68 27.45
N THR C 131 67.69 -14.73 26.73
CA THR C 131 66.95 -13.80 25.87
C THR C 131 67.14 -14.22 24.42
N TYR C 132 66.05 -14.52 23.74
CA TYR C 132 66.08 -14.99 22.36
C TYR C 132 65.42 -13.93 21.48
N ILE C 133 66.24 -13.22 20.71
CA ILE C 133 65.75 -12.20 19.79
C ILE C 133 65.65 -12.82 18.41
N GLU C 134 64.45 -12.74 17.82
CA GLU C 134 64.11 -13.47 16.60
C GLU C 134 64.51 -12.67 15.36
N LYS C 135 64.05 -13.15 14.19
CA LYS C 135 64.29 -12.46 12.93
C LYS C 135 63.18 -11.43 12.72
N ASP C 136 63.54 -10.15 12.86
CA ASP C 136 62.59 -9.06 12.65
C ASP C 136 63.32 -7.89 12.04
N SER C 137 62.83 -7.40 10.91
CA SER C 137 63.50 -6.34 10.17
C SER C 137 62.45 -5.37 9.65
N SER C 138 62.86 -4.49 8.73
CA SER C 138 61.98 -3.53 8.09
C SER C 138 62.45 -3.38 6.65
N ILE C 139 61.73 -4.02 5.72
CA ILE C 139 62.16 -4.07 4.33
C ILE C 139 62.13 -2.68 3.71
N ASN C 140 63.18 -2.36 2.96
CA ASN C 140 63.26 -1.13 2.19
C ASN C 140 62.95 -1.42 0.72
N ASP C 141 63.02 -0.38 -0.10
CA ASP C 141 62.73 -0.52 -1.53
C ASP C 141 63.73 0.19 -2.44
N ASP C 142 64.60 1.05 -1.91
CA ASP C 142 65.52 1.81 -2.73
C ASP C 142 66.94 1.24 -2.77
N VAL C 143 67.18 0.13 -2.09
CA VAL C 143 68.53 -0.43 -2.00
C VAL C 143 68.63 -1.78 -2.69
N GLU C 144 67.57 -2.59 -2.61
CA GLU C 144 67.57 -3.85 -3.35
C GLU C 144 67.56 -3.60 -4.85
N ARG C 145 66.90 -2.54 -5.30
CA ARG C 145 66.98 -2.17 -6.71
C ARG C 145 68.40 -1.86 -7.11
N LEU C 146 69.15 -1.16 -6.26
CA LEU C 146 70.56 -0.90 -6.53
C LEU C 146 71.38 -2.18 -6.51
N ARG C 147 71.03 -3.13 -5.64
CA ARG C 147 71.72 -4.42 -5.61
C ARG C 147 71.54 -5.16 -6.93
N HIS C 148 70.31 -5.21 -7.43
CA HIS C 148 70.06 -5.90 -8.69
C HIS C 148 70.65 -5.13 -9.86
N SER C 149 70.72 -3.81 -9.77
CA SER C 149 71.48 -3.03 -10.74
C SER C 149 72.95 -3.43 -10.72
N ALA C 150 73.49 -3.64 -9.52
CA ALA C 150 74.88 -4.08 -9.39
C ALA C 150 75.10 -5.40 -10.10
N THR C 151 74.24 -6.38 -9.83
CA THR C 151 74.40 -7.68 -10.46
C THR C 151 74.25 -7.60 -11.98
N SER C 152 73.25 -6.86 -12.45
CA SER C 152 73.01 -6.75 -13.89
C SER C 152 74.16 -6.06 -14.59
N ALA C 153 74.68 -4.97 -14.03
CA ALA C 153 75.83 -4.30 -14.62
C ALA C 153 77.06 -5.20 -14.59
N LEU C 154 77.28 -5.88 -13.47
CA LEU C 154 78.49 -6.71 -13.33
C LEU C 154 78.51 -7.82 -14.36
N LEU C 155 77.36 -8.48 -14.59
CA LEU C 155 77.31 -9.58 -15.54
C LEU C 155 76.75 -9.16 -16.89
N SER C 156 76.68 -7.86 -17.16
CA SER C 156 76.35 -7.35 -18.48
C SER C 156 77.51 -6.62 -19.15
N ARG C 157 78.34 -5.93 -18.38
CA ARG C 157 79.52 -5.25 -18.88
C ARG C 157 80.68 -5.49 -17.92
N ARG C 158 81.87 -5.73 -18.49
CA ARG C 158 83.03 -6.01 -17.66
C ARG C 158 83.48 -4.80 -16.87
N ASP C 159 83.44 -3.61 -17.48
CA ASP C 159 83.89 -2.38 -16.84
C ASP C 159 82.85 -1.92 -15.82
N VAL C 160 82.91 -2.52 -14.63
CA VAL C 160 81.92 -2.31 -13.59
C VAL C 160 82.60 -2.21 -12.23
N VAL C 161 82.14 -1.24 -11.44
CA VAL C 161 82.59 -1.05 -10.06
C VAL C 161 81.38 -1.26 -9.15
N VAL C 162 81.59 -2.03 -8.07
CA VAL C 162 80.53 -2.31 -7.11
C VAL C 162 81.09 -2.11 -5.72
N VAL C 163 80.49 -1.20 -4.95
CA VAL C 163 80.84 -0.99 -3.55
C VAL C 163 79.76 -1.63 -2.69
N ALA C 164 80.17 -2.48 -1.75
CA ALA C 164 79.23 -3.27 -0.98
C ALA C 164 79.66 -3.31 0.49
N SER C 165 78.68 -3.47 1.37
CA SER C 165 78.94 -3.59 2.80
C SER C 165 79.18 -5.06 3.13
N VAL C 166 79.21 -5.38 4.44
CA VAL C 166 79.49 -6.75 4.87
C VAL C 166 78.43 -7.73 4.41
N SER C 167 77.23 -7.24 4.10
CA SER C 167 76.17 -8.13 3.62
C SER C 167 76.55 -8.85 2.34
N CYS C 168 77.52 -8.32 1.58
CA CYS C 168 77.97 -9.00 0.38
C CYS C 168 78.75 -10.26 0.72
N ILE C 169 79.47 -10.26 1.85
CA ILE C 169 80.21 -11.45 2.27
C ILE C 169 79.32 -12.48 2.92
N TYR C 170 78.02 -12.23 3.01
CA TYR C 170 77.06 -13.21 3.49
C TYR C 170 76.68 -14.14 2.34
N GLY C 171 75.64 -14.94 2.54
CA GLY C 171 75.22 -15.87 1.50
C GLY C 171 74.64 -15.17 0.29
N LEU C 172 74.92 -15.73 -0.88
CA LEU C 172 74.46 -15.19 -2.15
C LEU C 172 74.45 -16.31 -3.17
N GLY C 173 73.98 -16.00 -4.39
CA GLY C 173 73.93 -16.97 -5.45
C GLY C 173 75.19 -16.97 -6.30
N THR C 174 75.32 -18.00 -7.13
CA THR C 174 76.47 -18.10 -8.02
C THR C 174 76.29 -17.18 -9.23
N PRO C 175 77.39 -16.66 -9.79
CA PRO C 175 77.25 -15.77 -10.95
C PRO C 175 76.78 -16.49 -12.21
N GLN C 176 77.26 -17.70 -12.45
CA GLN C 176 76.93 -18.39 -13.70
C GLN C 176 75.44 -18.73 -13.78
N SER C 177 74.88 -19.26 -12.69
CA SER C 177 73.47 -19.63 -12.71
C SER C 177 72.57 -18.41 -12.90
N TYR C 178 72.89 -17.30 -12.24
CA TYR C 178 72.10 -16.09 -12.39
C TYR C 178 72.28 -15.48 -13.78
N LEU C 179 73.48 -15.58 -14.36
CA LEU C 179 73.71 -15.10 -15.72
C LEU C 179 72.95 -15.94 -16.74
N ASP C 180 72.78 -17.23 -16.47
CA ASP C 180 72.09 -18.10 -17.42
C ASP C 180 70.66 -17.67 -17.67
N ARG C 181 70.07 -16.90 -16.75
CA ARG C 181 68.68 -16.49 -16.87
C ARG C 181 68.49 -15.12 -17.53
N SER C 182 69.58 -14.43 -17.88
CA SER C 182 69.44 -13.18 -18.61
C SER C 182 69.09 -13.48 -20.06
N VAL C 183 68.05 -12.81 -20.57
CA VAL C 183 67.50 -13.12 -21.89
C VAL C 183 67.64 -11.89 -22.77
N GLU C 184 68.17 -12.10 -23.97
CA GLU C 184 68.32 -11.02 -24.93
C GLU C 184 67.10 -10.93 -25.84
N LEU C 185 66.82 -9.71 -26.30
CA LEU C 185 65.70 -9.47 -27.20
C LEU C 185 66.10 -8.36 -28.18
N LYS C 186 65.44 -8.35 -29.33
CA LYS C 186 65.76 -7.39 -30.38
C LYS C 186 64.53 -7.14 -31.23
N VAL C 187 64.56 -6.03 -31.97
CA VAL C 187 63.45 -5.67 -32.85
C VAL C 187 63.43 -6.63 -34.04
N GLY C 188 62.26 -7.20 -34.31
CA GLY C 188 62.11 -8.13 -35.42
C GLY C 188 62.78 -9.46 -35.18
N GLU C 189 62.39 -10.15 -34.12
CA GLU C 189 62.93 -11.45 -33.77
C GLU C 189 61.81 -12.40 -33.39
N GLU C 190 62.06 -13.69 -33.54
CA GLU C 190 61.08 -14.72 -33.22
C GLU C 190 61.06 -14.93 -31.71
N VAL C 191 59.99 -14.46 -31.07
CA VAL C 191 59.84 -14.61 -29.62
C VAL C 191 58.36 -14.80 -29.29
N PRO C 192 57.94 -16.01 -28.92
CA PRO C 192 56.55 -16.21 -28.50
C PRO C 192 56.22 -15.42 -27.25
N ARG C 193 54.99 -14.91 -27.18
CA ARG C 193 54.57 -14.17 -26.00
C ARG C 193 54.53 -15.06 -24.77
N ASP C 194 54.02 -16.28 -24.91
CA ASP C 194 53.92 -17.20 -23.77
C ASP C 194 55.30 -17.52 -23.22
N GLY C 195 56.26 -17.81 -24.10
CA GLY C 195 57.61 -18.09 -23.64
C GLY C 195 58.26 -16.90 -22.96
N LEU C 196 58.06 -15.70 -23.52
CA LEU C 196 58.63 -14.50 -22.91
C LEU C 196 58.05 -14.26 -21.53
N LEU C 197 56.73 -14.40 -21.38
CA LEU C 197 56.11 -14.21 -20.07
C LEU C 197 56.57 -15.28 -19.08
N ARG C 198 56.69 -16.53 -19.55
CA ARG C 198 57.16 -17.59 -18.66
C ARG C 198 58.58 -17.34 -18.19
N LEU C 199 59.45 -16.88 -19.10
CA LEU C 199 60.82 -16.55 -18.70
C LEU C 199 60.86 -15.36 -17.75
N LEU C 200 60.02 -14.36 -17.99
CA LEU C 200 59.98 -13.20 -17.10
C LEU C 200 59.53 -13.60 -15.69
N VAL C 201 58.53 -14.47 -15.61
CA VAL C 201 58.06 -14.93 -14.30
C VAL C 201 59.12 -15.82 -13.64
N ASP C 202 59.80 -16.65 -14.43
CA ASP C 202 60.86 -17.50 -13.88
C ASP C 202 62.01 -16.69 -13.30
N VAL C 203 62.20 -15.45 -13.77
CA VAL C 203 63.18 -14.55 -13.20
C VAL C 203 62.55 -13.58 -12.20
N GLN C 204 61.39 -13.94 -11.65
CA GLN C 204 60.73 -13.20 -10.56
C GLN C 204 60.23 -11.83 -11.01
N TYR C 205 59.45 -11.83 -12.09
CA TYR C 205 58.68 -10.66 -12.53
C TYR C 205 57.22 -11.07 -12.63
N THR C 206 56.46 -10.83 -11.57
CA THR C 206 55.04 -11.15 -11.56
C THR C 206 54.28 -10.15 -12.41
N ARG C 207 53.51 -10.65 -13.38
CA ARG C 207 52.79 -9.78 -14.30
C ARG C 207 51.60 -9.15 -13.57
N ASN C 208 51.72 -7.87 -13.23
CA ASN C 208 50.67 -7.12 -12.57
C ASN C 208 50.16 -6.06 -13.55
N ASP C 209 48.86 -6.06 -13.81
CA ASP C 209 48.28 -5.23 -14.86
C ASP C 209 47.80 -3.87 -14.33
N MET C 210 46.88 -3.90 -13.37
CA MET C 210 46.32 -2.64 -12.87
C MET C 210 47.36 -1.80 -12.15
N SER C 211 48.26 -2.43 -11.41
CA SER C 211 49.33 -1.74 -10.71
C SER C 211 50.66 -2.06 -11.38
N PHE C 212 51.42 -1.03 -11.72
CA PHE C 212 52.70 -1.17 -12.41
C PHE C 212 53.80 -0.66 -11.49
N THR C 213 54.58 -1.59 -10.92
CA THR C 213 55.62 -1.27 -9.96
C THR C 213 56.83 -2.12 -10.27
N ARG C 214 57.96 -1.78 -9.66
CA ARG C 214 59.20 -2.51 -9.89
C ARG C 214 59.02 -3.98 -9.54
N GLY C 215 59.61 -4.85 -10.36
CA GLY C 215 59.41 -6.27 -10.22
C GLY C 215 58.12 -6.79 -10.83
N SER C 216 57.36 -5.92 -11.49
CA SER C 216 56.10 -6.31 -12.11
C SER C 216 55.97 -5.59 -13.45
N PHE C 217 55.29 -6.25 -14.38
CA PHE C 217 55.05 -5.68 -15.70
C PHE C 217 53.59 -5.87 -16.08
N ARG C 218 53.08 -4.96 -16.89
CA ARG C 218 51.68 -5.01 -17.31
C ARG C 218 51.60 -5.19 -18.82
N VAL C 219 50.45 -5.65 -19.28
CA VAL C 219 50.18 -5.89 -20.70
C VAL C 219 48.91 -5.16 -21.09
N ARG C 220 48.92 -4.57 -22.29
CA ARG C 220 47.79 -3.80 -22.81
C ARG C 220 47.75 -4.03 -24.33
N GLY C 221 46.74 -4.75 -24.80
CA GLY C 221 46.63 -5.04 -26.21
C GLY C 221 47.84 -5.83 -26.70
N ASP C 222 48.49 -5.33 -27.75
CA ASP C 222 49.70 -5.94 -28.28
C ASP C 222 50.97 -5.33 -27.68
N THR C 223 50.84 -4.41 -26.74
CA THR C 223 51.97 -3.77 -26.10
C THR C 223 52.15 -4.32 -24.69
N VAL C 224 53.40 -4.31 -24.20
CA VAL C 224 53.69 -4.69 -22.83
C VAL C 224 54.57 -3.61 -22.21
N GLU C 225 54.12 -3.07 -21.08
CA GLU C 225 54.91 -2.13 -20.30
C GLU C 225 55.72 -2.92 -19.28
N ILE C 226 57.05 -2.79 -19.35
CA ILE C 226 57.96 -3.53 -18.48
C ILE C 226 58.87 -2.54 -17.77
N ILE C 227 59.08 -2.75 -16.49
CA ILE C 227 60.02 -1.97 -15.69
C ILE C 227 61.04 -2.92 -15.11
N PRO C 228 62.34 -2.69 -15.31
CA PRO C 228 63.36 -3.57 -14.74
C PRO C 228 63.53 -3.32 -13.25
N SER C 229 64.29 -4.22 -12.62
CA SER C 229 64.61 -4.10 -11.21
C SER C 229 65.76 -3.12 -10.96
N TYR C 230 66.24 -2.43 -11.99
CA TYR C 230 67.35 -1.51 -11.83
C TYR C 230 67.01 -0.12 -12.34
N GLU C 231 66.18 -0.03 -13.37
CA GLU C 231 65.84 1.24 -14.00
C GLU C 231 64.52 1.77 -13.47
N GLU C 232 64.36 3.09 -13.54
CA GLU C 232 63.14 3.74 -13.10
C GLU C 232 62.16 4.02 -14.23
N LEU C 233 62.66 4.20 -15.46
CA LEU C 233 61.82 4.50 -16.60
C LEU C 233 61.27 3.20 -17.21
N ALA C 234 60.00 3.24 -17.59
CA ALA C 234 59.34 2.08 -18.18
C ALA C 234 59.79 1.90 -19.63
N VAL C 235 59.50 0.71 -20.16
CA VAL C 235 59.84 0.38 -21.54
C VAL C 235 58.63 -0.30 -22.16
N ARG C 236 58.24 0.15 -23.35
CA ARG C 236 57.21 -0.56 -24.09
C ARG C 236 57.86 -1.53 -25.05
N ILE C 237 57.42 -2.78 -24.99
CA ILE C 237 57.75 -3.78 -26.00
C ILE C 237 56.47 -4.02 -26.78
N GLU C 238 56.46 -3.61 -28.05
CA GLU C 238 55.30 -3.74 -28.91
C GLU C 238 55.55 -4.89 -29.87
N PHE C 239 54.57 -5.77 -30.01
CA PHE C 239 54.68 -7.00 -30.79
C PHE C 239 53.78 -6.91 -32.02
N PHE C 240 53.96 -7.91 -32.90
CA PHE C 240 53.08 -8.09 -34.05
C PHE C 240 53.05 -9.60 -34.32
N GLY C 241 52.03 -10.27 -33.81
CA GLY C 241 52.03 -11.73 -33.86
C GLY C 241 53.09 -12.28 -32.92
N ASP C 242 53.70 -13.39 -33.33
CA ASP C 242 54.79 -13.99 -32.56
C ASP C 242 56.15 -13.43 -32.96
N GLU C 243 56.25 -12.10 -32.95
CA GLU C 243 57.49 -11.42 -33.33
C GLU C 243 57.46 -10.02 -32.73
N ILE C 244 58.60 -9.58 -32.19
CA ILE C 244 58.70 -8.24 -31.62
C ILE C 244 58.63 -7.22 -32.75
N GLU C 245 57.72 -6.25 -32.61
CA GLU C 245 57.65 -5.17 -33.58
C GLU C 245 58.68 -4.09 -33.27
N ALA C 246 58.73 -3.64 -32.01
CA ALA C 246 59.64 -2.55 -31.64
C ALA C 246 59.78 -2.49 -30.12
N LEU C 247 60.79 -1.74 -29.68
CA LEU C 247 61.07 -1.50 -28.27
C LEU C 247 61.36 -0.01 -28.08
N TYR C 248 60.84 0.56 -26.99
CA TYR C 248 61.11 1.96 -26.69
C TYR C 248 61.15 2.17 -25.18
N TYR C 249 61.77 3.28 -24.77
CA TYR C 249 61.77 3.74 -23.40
C TYR C 249 60.79 4.89 -23.23
N LEU C 250 60.28 5.06 -22.01
CA LEU C 250 59.46 6.21 -21.65
C LEU C 250 59.52 6.45 -20.15
N HIS C 251 59.23 7.67 -19.76
CA HIS C 251 59.03 7.98 -18.35
C HIS C 251 57.73 7.35 -17.87
N PRO C 252 57.72 6.67 -16.73
CA PRO C 252 56.49 5.97 -16.29
C PRO C 252 55.30 6.89 -16.08
N LEU C 253 55.52 8.16 -15.73
CA LEU C 253 54.43 9.08 -15.43
C LEU C 253 54.34 10.24 -16.41
N THR C 254 55.44 10.97 -16.62
CA THR C 254 55.41 12.16 -17.46
C THR C 254 55.32 11.83 -18.95
N GLY C 255 55.75 10.64 -19.36
CA GLY C 255 55.69 10.27 -20.76
C GLY C 255 56.56 11.11 -21.67
N GLU C 256 57.82 11.33 -21.26
CA GLU C 256 58.78 12.08 -22.07
C GLU C 256 59.74 11.10 -22.74
N VAL C 257 59.80 11.16 -24.06
CA VAL C 257 60.63 10.22 -24.83
C VAL C 257 62.08 10.63 -24.72
N ILE C 258 62.95 9.66 -24.43
CA ILE C 258 64.38 9.90 -24.25
C ILE C 258 65.19 9.32 -25.41
N ARG C 259 65.14 8.01 -25.61
CA ARG C 259 65.92 7.35 -26.65
C ARG C 259 65.16 6.12 -27.16
N GLN C 260 65.82 5.36 -28.02
CA GLN C 260 65.27 4.13 -28.57
C GLN C 260 66.42 3.24 -29.02
N VAL C 261 66.28 1.93 -28.79
CA VAL C 261 67.34 0.98 -29.06
C VAL C 261 66.77 -0.18 -29.86
N ASP C 262 67.66 -0.93 -30.50
CA ASP C 262 67.30 -2.12 -31.26
C ASP C 262 67.32 -3.38 -30.37
N SER C 263 68.37 -3.55 -29.58
CA SER C 263 68.55 -4.75 -28.78
C SER C 263 68.61 -4.39 -27.30
N LEU C 264 68.16 -5.32 -26.45
CA LEU C 264 68.17 -5.13 -25.01
C LEU C 264 68.31 -6.50 -24.34
N ARG C 265 68.56 -6.47 -23.03
CA ARG C 265 68.70 -7.69 -22.25
C ARG C 265 67.94 -7.54 -20.94
N ILE C 266 67.41 -8.66 -20.45
CA ILE C 266 66.66 -8.70 -19.20
C ILE C 266 67.39 -9.61 -18.22
N PHE C 267 67.32 -9.25 -16.94
CA PHE C 267 68.01 -9.91 -15.84
C PHE C 267 67.03 -10.29 -14.74
N PRO C 268 67.35 -11.31 -13.95
CA PRO C 268 66.45 -11.71 -12.85
C PRO C 268 66.34 -10.63 -11.78
N ALA C 269 65.18 -10.64 -11.11
CA ALA C 269 64.88 -9.69 -10.05
C ALA C 269 65.24 -10.21 -8.66
N THR C 270 65.83 -11.40 -8.57
CA THR C 270 66.40 -11.91 -7.33
C THR C 270 67.76 -12.53 -7.63
N HIS C 271 68.61 -12.60 -6.60
CA HIS C 271 69.98 -13.05 -6.76
C HIS C 271 70.14 -14.55 -6.64
N TYR C 272 69.06 -15.31 -6.44
CA TYR C 272 69.12 -16.74 -6.19
C TYR C 272 68.32 -17.52 -7.23
N VAL C 273 68.49 -17.19 -8.51
CA VAL C 273 67.77 -17.85 -9.59
C VAL C 273 68.70 -18.86 -10.27
N ALA C 274 68.20 -20.07 -10.48
CA ALA C 274 68.93 -21.10 -11.20
C ALA C 274 67.93 -22.12 -11.73
N GLY C 275 68.45 -23.15 -12.40
CA GLY C 275 67.63 -24.15 -13.06
C GLY C 275 66.93 -25.09 -12.11
N PRO C 276 65.83 -25.71 -12.57
CA PRO C 276 65.04 -26.57 -11.67
C PRO C 276 65.84 -27.70 -11.04
N GLU C 277 66.81 -28.27 -11.75
CA GLU C 277 67.64 -29.31 -11.17
C GLU C 277 68.46 -28.79 -10.00
N ARG C 278 68.86 -27.51 -10.04
CA ARG C 278 69.53 -26.91 -8.90
C ARG C 278 68.59 -26.76 -7.71
N MET C 279 67.32 -26.42 -7.96
CA MET C 279 66.31 -26.47 -6.89
C MET C 279 66.19 -27.87 -6.31
N ALA C 280 66.17 -28.90 -7.16
CA ALA C 280 66.07 -30.26 -6.64
C ALA C 280 67.28 -30.63 -5.77
N HIS C 281 68.48 -30.27 -6.24
CA HIS C 281 69.68 -30.55 -5.46
C HIS C 281 69.68 -29.77 -4.15
N ALA C 282 69.24 -28.51 -4.18
CA ALA C 282 69.15 -27.73 -2.97
C ALA C 282 68.14 -28.33 -2.00
N VAL C 283 67.03 -28.85 -2.51
CA VAL C 283 66.04 -29.50 -1.66
C VAL C 283 66.61 -30.75 -1.01
N SER C 284 67.37 -31.54 -1.78
CA SER C 284 68.00 -32.73 -1.21
C SER C 284 69.00 -32.35 -0.13
N ALA C 285 69.78 -31.28 -0.36
CA ALA C 285 70.72 -30.82 0.66
C ALA C 285 69.98 -30.30 1.89
N ILE C 286 68.83 -29.64 1.70
CA ILE C 286 68.00 -29.23 2.83
C ILE C 286 67.55 -30.44 3.62
N GLU C 287 67.14 -31.50 2.93
CA GLU C 287 66.72 -32.72 3.60
C GLU C 287 67.86 -33.30 4.43
N GLU C 288 69.06 -33.36 3.86
CA GLU C 288 70.22 -33.86 4.60
C GLU C 288 70.49 -33.02 5.83
N GLU C 289 70.47 -31.69 5.68
CA GLU C 289 70.77 -30.81 6.80
C GLU C 289 69.72 -30.92 7.90
N LEU C 290 68.44 -30.98 7.52
CA LEU C 290 67.39 -31.08 8.52
C LEU C 290 67.43 -32.43 9.22
N ALA C 291 67.77 -33.49 8.50
CA ALA C 291 67.94 -34.80 9.15
C ALA C 291 69.07 -34.76 10.16
N GLU C 292 70.21 -34.15 9.78
CA GLU C 292 71.34 -34.06 10.69
C GLU C 292 70.99 -33.25 11.93
N ARG C 293 70.32 -32.11 11.74
CA ARG C 293 69.95 -31.26 12.87
C ARG C 293 68.92 -31.95 13.77
N LEU C 294 67.96 -32.66 13.16
CA LEU C 294 66.97 -33.38 13.96
C LEU C 294 67.63 -34.48 14.78
N ALA C 295 68.59 -35.20 14.19
CA ALA C 295 69.30 -36.23 14.94
C ALA C 295 70.09 -35.61 16.09
N GLU C 296 70.77 -34.49 15.83
CA GLU C 296 71.54 -33.83 16.89
C GLU C 296 70.64 -33.35 18.02
N LEU C 297 69.50 -32.76 17.68
CA LEU C 297 68.58 -32.27 18.71
C LEU C 297 67.92 -33.41 19.46
N GLU C 298 67.62 -34.52 18.79
CA GLU C 298 67.09 -35.69 19.48
C GLU C 298 68.11 -36.26 20.46
N SER C 299 69.39 -36.28 20.07
CA SER C 299 70.43 -36.70 21.00
C SER C 299 70.54 -35.73 22.16
N GLN C 300 70.41 -34.43 21.90
CA GLN C 300 70.52 -33.43 22.96
C GLN C 300 69.30 -33.42 23.89
N GLY C 301 68.14 -33.87 23.40
CA GLY C 301 66.94 -33.89 24.22
C GLY C 301 66.16 -32.61 24.29
N LYS C 302 66.52 -31.61 23.49
CA LYS C 302 65.81 -30.31 23.48
C LYS C 302 64.59 -30.45 22.57
N LEU C 303 63.50 -30.93 23.16
CA LEU C 303 62.32 -31.27 22.36
C LEU C 303 61.59 -30.03 21.85
N LEU C 304 61.40 -29.03 22.72
CA LEU C 304 60.64 -27.84 22.31
C LEU C 304 61.37 -27.06 21.23
N GLU C 305 62.67 -26.84 21.42
CA GLU C 305 63.47 -26.11 20.43
C GLU C 305 63.52 -26.86 19.10
N ALA C 306 63.70 -28.19 19.17
CA ALA C 306 63.71 -29.00 17.96
C ALA C 306 62.37 -28.92 17.24
N GLN C 307 61.26 -28.94 17.99
CA GLN C 307 59.95 -28.82 17.38
C GLN C 307 59.78 -27.47 16.70
N ARG C 308 60.17 -26.40 17.37
CA ARG C 308 60.03 -25.07 16.77
C ARG C 308 60.85 -24.97 15.49
N LEU C 309 62.09 -25.47 15.53
CA LEU C 309 62.95 -25.45 14.36
C LEU C 309 62.35 -26.29 13.22
N ARG C 310 61.80 -27.45 13.55
CA ARG C 310 61.26 -28.34 12.52
C ARG C 310 60.03 -27.73 11.85
N MET C 311 59.11 -27.14 12.64
CA MET C 311 58.00 -26.41 12.03
C MET C 311 58.48 -25.26 11.16
N ARG C 312 59.46 -24.48 11.62
CA ARG C 312 59.94 -23.36 10.81
C ARG C 312 60.54 -23.85 9.50
N THR C 313 61.38 -24.89 9.56
CA THR C 313 62.00 -25.42 8.36
C THR C 313 60.98 -26.02 7.41
N ASN C 314 60.02 -26.79 7.94
CA ASN C 314 58.99 -27.36 7.10
C ASN C 314 58.22 -26.26 6.38
N TYR C 315 57.74 -25.25 7.14
CA TYR C 315 57.07 -24.10 6.55
C TYR C 315 57.87 -23.51 5.40
N ASP C 316 59.07 -23.04 5.69
CA ASP C 316 59.85 -22.33 4.70
C ASP C 316 60.14 -23.21 3.49
N ILE C 317 60.67 -24.41 3.73
CA ILE C 317 61.14 -25.27 2.64
C ILE C 317 59.99 -25.68 1.74
N GLU C 318 58.88 -26.13 2.33
CA GLU C 318 57.74 -26.53 1.52
C GLU C 318 57.17 -25.35 0.75
N MET C 319 57.06 -24.18 1.40
CA MET C 319 56.38 -23.09 0.72
C MET C 319 57.22 -22.42 -0.37
N MET C 320 58.55 -22.47 -0.32
CA MET C 320 59.25 -22.01 -1.53
C MET C 320 59.60 -23.17 -2.46
N ARG C 321 59.37 -24.42 -2.05
CA ARG C 321 59.33 -25.49 -3.02
C ARG C 321 58.10 -25.38 -3.89
N GLN C 322 57.00 -24.89 -3.32
CA GLN C 322 55.78 -24.66 -4.09
C GLN C 322 55.73 -23.28 -4.74
N VAL C 323 56.46 -22.30 -4.21
CA VAL C 323 56.40 -20.94 -4.77
C VAL C 323 57.77 -20.48 -5.21
N GLY C 324 58.71 -20.36 -4.27
CA GLY C 324 60.06 -19.93 -4.61
C GLY C 324 60.63 -18.81 -3.76
N PHE C 325 59.77 -18.01 -3.15
CA PHE C 325 60.18 -16.85 -2.37
C PHE C 325 59.77 -17.05 -0.92
N CYS C 326 60.67 -16.73 0.01
CA CYS C 326 60.40 -16.95 1.43
C CYS C 326 61.13 -15.90 2.24
N SER C 327 61.21 -16.11 3.55
CA SER C 327 62.02 -15.32 4.47
C SER C 327 63.12 -16.21 5.05
N GLY C 328 64.35 -15.72 5.00
CA GLY C 328 65.46 -16.50 5.50
C GLY C 328 65.96 -17.59 4.58
N ILE C 329 65.80 -17.40 3.26
CA ILE C 329 66.31 -18.39 2.31
C ILE C 329 67.82 -18.46 2.31
N GLU C 330 68.48 -17.41 2.82
CA GLU C 330 69.94 -17.38 2.81
C GLU C 330 70.54 -18.54 3.60
N ASN C 331 69.83 -19.01 4.63
CA ASN C 331 70.30 -20.15 5.41
C ASN C 331 70.46 -21.40 4.55
N TYR C 332 69.69 -21.51 3.46
CA TYR C 332 69.81 -22.62 2.53
C TYR C 332 70.55 -22.23 1.26
N SER C 333 71.15 -21.02 1.23
CA SER C 333 71.86 -20.58 0.04
C SER C 333 73.00 -21.53 -0.32
N ARG C 334 73.66 -22.08 0.70
CA ARG C 334 74.69 -23.09 0.47
C ARG C 334 74.17 -24.23 -0.39
N HIS C 335 72.95 -24.69 -0.08
CA HIS C 335 72.35 -25.78 -0.85
C HIS C 335 72.13 -25.38 -2.30
N ILE C 336 71.88 -24.10 -2.56
CA ILE C 336 71.81 -23.63 -3.93
C ILE C 336 73.19 -23.64 -4.56
N ASP C 337 74.23 -23.26 -3.80
CA ASP C 337 75.57 -23.11 -4.35
C ASP C 337 76.25 -24.44 -4.65
N GLY C 338 75.75 -25.55 -4.14
CA GLY C 338 76.38 -26.83 -4.39
C GLY C 338 77.66 -27.06 -3.62
N ARG C 339 77.86 -26.34 -2.52
CA ARG C 339 79.06 -26.46 -1.71
C ARG C 339 78.78 -27.23 -0.44
N GLY C 340 79.82 -27.87 0.09
CA GLY C 340 79.69 -28.64 1.31
C GLY C 340 79.73 -27.76 2.54
N PRO C 341 79.40 -28.36 3.68
CA PRO C 341 79.43 -27.60 4.94
C PRO C 341 80.84 -27.18 5.31
N GLY C 342 80.93 -26.00 5.92
CA GLY C 342 82.20 -25.47 6.37
C GLY C 342 82.96 -24.67 5.31
N THR C 343 82.60 -24.80 4.04
CA THR C 343 83.24 -24.03 3.00
C THR C 343 82.72 -22.59 3.01
N PRO C 344 83.45 -21.65 2.43
CA PRO C 344 82.96 -20.27 2.35
C PRO C 344 81.70 -20.18 1.51
N PRO C 345 80.64 -19.55 2.02
CA PRO C 345 79.44 -19.37 1.21
C PRO C 345 79.71 -18.50 0.00
N ALA C 346 78.96 -18.75 -1.07
CA ALA C 346 79.10 -17.95 -2.28
C ALA C 346 78.75 -16.50 -1.97
N THR C 347 79.64 -15.60 -2.37
CA THR C 347 79.53 -14.19 -2.03
C THR C 347 79.62 -13.35 -3.30
N LEU C 348 79.72 -12.04 -3.11
CA LEU C 348 79.75 -11.12 -4.25
C LEU C 348 81.05 -11.23 -5.03
N LEU C 349 82.14 -11.65 -4.38
CA LEU C 349 83.42 -11.74 -5.09
C LEU C 349 83.40 -12.85 -6.13
N ASP C 350 82.51 -13.83 -5.96
CA ASP C 350 82.34 -14.85 -6.99
C ASP C 350 81.73 -14.25 -8.26
N TYR C 351 80.84 -13.26 -8.10
CA TYR C 351 80.27 -12.58 -9.25
C TYR C 351 81.36 -11.94 -10.10
N PHE C 352 82.32 -11.27 -9.47
CA PHE C 352 83.48 -10.77 -10.19
C PHE C 352 84.32 -11.95 -10.69
N PRO C 353 84.95 -11.82 -11.85
CA PRO C 353 85.77 -12.92 -12.37
C PRO C 353 87.10 -13.00 -11.64
N GLU C 354 87.86 -14.05 -11.97
CA GLU C 354 89.17 -14.26 -11.35
C GLU C 354 90.18 -13.19 -11.72
N ASP C 355 89.90 -12.38 -12.74
CA ASP C 355 90.78 -11.29 -13.17
C ASP C 355 90.24 -9.94 -12.71
N PHE C 356 89.70 -9.87 -11.50
CA PHE C 356 89.09 -8.66 -10.96
C PHE C 356 90.00 -8.03 -9.91
N LEU C 357 89.62 -6.83 -9.49
CA LEU C 357 90.34 -6.08 -8.45
C LEU C 357 89.40 -5.83 -7.28
N LEU C 358 89.89 -6.10 -6.06
CA LEU C 358 89.14 -5.77 -4.86
C LEU C 358 89.95 -4.81 -4.00
N VAL C 359 89.25 -3.88 -3.35
CA VAL C 359 89.85 -2.92 -2.44
C VAL C 359 88.94 -2.80 -1.23
N ILE C 360 89.54 -2.66 -0.05
CA ILE C 360 88.81 -2.54 1.21
C ILE C 360 89.07 -1.15 1.77
N ASP C 361 87.99 -0.42 2.07
CA ASP C 361 88.11 0.93 2.61
C ASP C 361 87.91 0.92 4.12
N GLU C 362 88.65 1.79 4.80
CA GLU C 362 88.65 1.86 6.27
C GLU C 362 88.98 0.50 6.88
N SER C 363 89.96 -0.18 6.29
CA SER C 363 90.30 -1.54 6.68
C SER C 363 90.72 -1.64 8.15
N HIS C 364 91.30 -0.57 8.72
CA HIS C 364 91.71 -0.60 10.12
C HIS C 364 90.55 -0.88 11.06
N VAL C 365 89.33 -0.51 10.68
CA VAL C 365 88.14 -0.90 11.43
C VAL C 365 87.22 -1.81 10.62
N THR C 366 87.62 -2.22 9.42
CA THR C 366 86.80 -3.14 8.63
C THR C 366 87.23 -4.58 8.86
N VAL C 367 88.54 -4.86 8.78
CA VAL C 367 89.03 -6.22 9.05
C VAL C 367 88.78 -6.62 10.49
N PRO C 368 89.12 -5.81 11.50
CA PRO C 368 88.69 -6.16 12.87
C PRO C 368 87.18 -6.27 13.00
N GLN C 369 86.43 -5.45 12.27
CA GLN C 369 84.98 -5.60 12.27
C GLN C 369 84.58 -6.95 11.68
N ILE C 370 85.26 -7.38 10.61
CA ILE C 370 84.96 -8.68 10.01
C ILE C 370 85.21 -9.79 11.03
N GLY C 371 86.35 -9.74 11.71
CA GLY C 371 86.66 -10.77 12.69
C GLY C 371 85.67 -10.79 13.84
N GLY C 372 85.39 -9.62 14.42
CA GLY C 372 84.48 -9.56 15.55
C GLY C 372 83.06 -9.92 15.18
N MET C 373 82.61 -9.47 14.01
CA MET C 373 81.26 -9.80 13.54
C MET C 373 81.14 -11.29 13.25
N TYR C 374 82.17 -11.89 12.65
CA TYR C 374 82.14 -13.33 12.43
C TYR C 374 82.10 -14.07 13.77
N GLU C 375 82.87 -13.62 14.75
CA GLU C 375 82.86 -14.28 16.05
C GLU C 375 81.49 -14.18 16.70
N GLY C 376 80.90 -12.99 16.70
CA GLY C 376 79.59 -12.81 17.32
C GLY C 376 78.49 -13.57 16.61
N ASP C 377 78.50 -13.53 15.26
CA ASP C 377 77.50 -14.27 14.50
C ASP C 377 77.68 -15.77 14.65
N ILE C 378 78.91 -16.28 14.72
CA ILE C 378 79.08 -17.71 14.93
C ILE C 378 78.68 -18.10 16.35
N SER C 379 78.89 -17.23 17.33
CA SER C 379 78.43 -17.52 18.68
C SER C 379 76.91 -17.59 18.74
N ARG C 380 76.23 -16.60 18.17
CA ARG C 380 74.78 -16.62 18.15
C ARG C 380 74.24 -17.74 17.27
N LYS C 381 74.99 -18.14 16.23
CA LYS C 381 74.57 -19.24 15.39
C LYS C 381 74.71 -20.57 16.11
N ARG C 382 75.75 -20.72 16.93
CA ARG C 382 75.83 -21.88 17.81
C ARG C 382 74.69 -21.88 18.82
N ASN C 383 74.40 -20.72 19.40
CA ASN C 383 73.27 -20.62 20.34
C ASN C 383 71.94 -20.92 19.67
N LEU C 384 71.82 -20.68 18.37
CA LEU C 384 70.60 -21.03 17.64
C LEU C 384 70.56 -22.52 17.29
N VAL C 385 71.56 -22.98 16.52
CA VAL C 385 71.56 -24.34 15.98
C VAL C 385 71.61 -25.36 17.11
N GLU C 386 72.49 -25.15 18.08
CA GLU C 386 72.60 -26.09 19.20
C GLU C 386 71.33 -26.11 20.03
N TYR C 387 70.70 -24.95 20.21
CA TYR C 387 69.47 -24.83 20.97
C TYR C 387 68.24 -24.76 20.07
N GLY C 388 68.26 -25.47 18.95
CA GLY C 388 67.08 -25.65 18.10
C GLY C 388 66.42 -24.40 17.58
N PHE C 389 67.11 -23.64 16.73
CA PHE C 389 66.51 -22.49 16.08
C PHE C 389 66.78 -22.50 14.59
N ARG C 390 67.92 -23.06 14.19
CA ARG C 390 68.31 -23.11 12.79
C ARG C 390 69.18 -24.34 12.54
N LEU C 391 69.28 -24.72 11.28
CA LEU C 391 70.13 -25.83 10.88
C LEU C 391 71.58 -25.39 10.81
N PRO C 392 72.52 -26.34 10.83
CA PRO C 392 73.93 -25.99 10.61
C PRO C 392 74.20 -25.34 9.26
N SER C 393 73.29 -25.49 8.31
CA SER C 393 73.41 -24.75 7.06
C SER C 393 73.33 -23.24 7.30
N ALA C 394 72.59 -22.83 8.33
CA ALA C 394 72.60 -21.43 8.73
C ALA C 394 73.94 -21.02 9.31
N CYS C 395 74.61 -21.93 10.03
CA CYS C 395 75.96 -21.67 10.47
C CYS C 395 76.90 -21.50 9.28
N ASP C 396 76.73 -22.34 8.26
CA ASP C 396 77.51 -22.17 7.03
C ASP C 396 77.13 -20.88 6.30
N ASN C 397 75.89 -20.43 6.45
CA ASN C 397 75.43 -19.17 5.87
C ASN C 397 75.87 -18.05 6.82
N ARG C 398 77.07 -17.54 6.59
CA ARG C 398 77.74 -16.69 7.56
C ARG C 398 78.61 -15.69 6.80
N PRO C 399 79.06 -14.63 7.46
CA PRO C 399 80.13 -13.82 6.89
C PRO C 399 81.39 -14.67 6.70
N LEU C 400 82.15 -14.34 5.66
CA LEU C 400 83.31 -15.15 5.29
C LEU C 400 84.33 -15.16 6.43
N THR C 401 84.74 -16.35 6.82
CA THR C 401 85.87 -16.49 7.75
C THR C 401 87.15 -16.04 7.07
N TRP C 402 88.11 -15.59 7.88
CA TRP C 402 89.32 -15.00 7.30
C TRP C 402 90.17 -16.04 6.58
N GLU C 403 90.19 -17.28 7.08
CA GLU C 403 90.97 -18.33 6.42
C GLU C 403 90.44 -18.60 5.01
N GLU C 404 89.13 -18.85 4.89
CA GLU C 404 88.54 -19.05 3.58
C GLU C 404 88.55 -17.78 2.75
N PHE C 405 88.48 -16.62 3.40
CA PHE C 405 88.61 -15.36 2.68
C PHE C 405 89.95 -15.27 1.97
N ALA C 406 91.04 -15.55 2.70
CA ALA C 406 92.36 -15.56 2.08
C ALA C 406 92.46 -16.66 1.03
N ASP C 407 91.83 -17.81 1.27
CA ASP C 407 91.83 -18.89 0.30
C ASP C 407 91.09 -18.52 -0.98
N ARG C 408 90.17 -17.57 -0.94
CA ARG C 408 89.35 -17.22 -2.09
C ARG C 408 89.75 -15.93 -2.79
N ILE C 409 90.34 -14.98 -2.06
CA ILE C 409 90.64 -13.68 -2.66
C ILE C 409 91.87 -13.79 -3.56
N GLY C 410 91.98 -12.85 -4.50
CA GLY C 410 93.14 -12.78 -5.37
C GLY C 410 94.05 -11.62 -5.03
N GLN C 411 94.25 -10.70 -5.96
CA GLN C 411 95.08 -9.52 -5.73
C GLN C 411 94.33 -8.60 -4.78
N THR C 412 94.70 -8.67 -3.50
CA THR C 412 93.96 -7.99 -2.44
C THR C 412 94.58 -6.63 -2.15
N VAL C 413 93.77 -5.58 -2.23
CA VAL C 413 94.21 -4.22 -1.97
C VAL C 413 93.51 -3.70 -0.72
N TYR C 414 94.29 -3.10 0.19
CA TYR C 414 93.77 -2.54 1.41
C TYR C 414 93.88 -1.01 1.35
N LEU C 415 93.01 -0.34 2.09
CA LEU C 415 92.98 1.12 2.12
C LEU C 415 92.34 1.57 3.42
N SER C 416 93.05 2.38 4.18
CA SER C 416 92.55 2.85 5.46
C SER C 416 93.31 4.08 5.90
N ALA C 417 92.72 4.83 6.83
CA ALA C 417 93.38 6.01 7.37
C ALA C 417 94.60 5.67 8.22
N THR C 418 94.68 4.45 8.72
CA THR C 418 95.80 4.02 9.55
C THR C 418 96.29 2.65 9.13
N PRO C 419 97.58 2.37 9.32
CA PRO C 419 98.10 1.03 8.96
C PRO C 419 97.67 -0.02 9.96
N GLY C 420 96.78 -0.93 9.53
CA GLY C 420 96.32 -2.00 10.38
C GLY C 420 97.43 -2.97 10.74
N PRO C 421 97.46 -3.41 12.00
CA PRO C 421 98.49 -4.38 12.41
C PRO C 421 98.46 -5.67 11.61
N TYR C 422 97.26 -6.18 11.29
CA TYR C 422 97.19 -7.39 10.49
C TYR C 422 97.73 -7.16 9.09
N GLU C 423 97.36 -6.04 8.46
CA GLU C 423 97.86 -5.73 7.13
C GLU C 423 99.38 -5.54 7.14
N LEU C 424 99.90 -4.86 8.15
CA LEU C 424 101.33 -4.66 8.25
C LEU C 424 102.07 -5.98 8.44
N SER C 425 101.52 -6.86 9.27
CA SER C 425 102.14 -8.18 9.44
C SER C 425 102.09 -8.99 8.15
N GLN C 426 100.98 -8.92 7.42
CA GLN C 426 100.86 -9.66 6.17
C GLN C 426 101.83 -9.14 5.11
N THR C 427 101.99 -7.82 5.02
CA THR C 427 102.84 -7.21 4.01
C THR C 427 104.30 -7.10 4.44
N GLY C 428 104.62 -7.42 5.69
CA GLY C 428 105.97 -7.33 6.19
C GLY C 428 106.41 -5.95 6.64
N GLY C 429 105.50 -4.96 6.65
CA GLY C 429 105.81 -3.61 7.06
C GLY C 429 105.98 -2.65 5.90
N GLU C 430 106.14 -3.17 4.68
CA GLU C 430 106.29 -2.30 3.52
C GLU C 430 104.91 -1.88 3.01
N PHE C 431 104.68 -0.56 2.97
CA PHE C 431 103.40 -0.02 2.57
C PHE C 431 103.64 1.18 1.66
N VAL C 432 102.56 1.84 1.27
CA VAL C 432 102.62 3.08 0.51
C VAL C 432 101.82 4.13 1.26
N GLU C 433 102.37 5.34 1.36
CA GLU C 433 101.77 6.40 2.15
C GLU C 433 101.33 7.52 1.21
N GLN C 434 100.04 7.87 1.28
CA GLN C 434 99.50 8.97 0.49
C GLN C 434 98.57 9.83 1.33
N VAL C 435 98.72 9.78 2.67
CA VAL C 435 97.86 10.55 3.56
C VAL C 435 98.07 12.05 3.44
N ILE C 436 99.04 12.50 2.65
CA ILE C 436 99.25 13.92 2.44
C ILE C 436 98.10 14.48 1.63
N ARG C 437 97.54 15.60 2.08
CA ARG C 437 96.38 16.19 1.43
C ARG C 437 96.83 17.40 0.62
N PRO C 438 96.79 17.34 -0.72
CA PRO C 438 96.99 18.56 -1.52
C PRO C 438 95.96 19.63 -1.24
N THR C 439 94.76 19.25 -0.76
CA THR C 439 93.72 20.21 -0.44
C THR C 439 94.06 21.10 0.74
N GLY C 440 95.08 20.76 1.53
CA GLY C 440 95.49 21.59 2.64
C GLY C 440 94.92 21.20 3.98
N LEU C 441 95.05 19.92 4.34
CA LEU C 441 94.61 19.41 5.63
C LEU C 441 95.81 18.91 6.40
N VAL C 442 95.86 19.23 7.69
CA VAL C 442 96.99 18.90 8.55
C VAL C 442 96.48 18.21 9.81
N ASP C 443 97.37 17.45 10.44
CA ASP C 443 97.05 16.75 11.67
C ASP C 443 96.94 17.75 12.83
N PRO C 444 96.17 17.41 13.86
CA PRO C 444 95.95 18.38 14.94
C PRO C 444 97.18 18.54 15.84
N LYS C 445 97.24 19.68 16.50
CA LYS C 445 98.24 19.88 17.55
C LYS C 445 97.88 19.03 18.77
N VAL C 446 98.90 18.73 19.58
CA VAL C 446 98.76 17.80 20.69
C VAL C 446 99.12 18.53 21.99
N VAL C 447 98.26 18.41 22.99
CA VAL C 447 98.55 18.86 24.34
C VAL C 447 98.25 17.72 25.30
N VAL C 448 99.21 17.37 26.13
CA VAL C 448 99.09 16.25 27.08
C VAL C 448 99.11 16.83 28.48
N LYS C 449 98.12 16.46 29.28
CA LYS C 449 97.97 16.99 30.63
C LYS C 449 97.53 15.87 31.57
N PRO C 450 97.74 16.03 32.87
CA PRO C 450 97.24 15.03 33.82
C PRO C 450 95.71 14.99 33.84
N THR C 451 95.19 13.86 34.33
CA THR C 451 93.75 13.66 34.34
C THR C 451 93.04 14.69 35.21
N LYS C 452 93.60 15.00 36.38
CA LYS C 452 93.00 15.97 37.28
C LYS C 452 93.50 17.37 36.97
N GLY C 453 92.80 18.37 37.51
CA GLY C 453 93.12 19.75 37.24
C GLY C 453 92.93 20.16 35.80
N GLN C 454 91.81 19.78 35.19
CA GLN C 454 91.55 20.01 33.78
C GLN C 454 90.25 20.74 33.50
N ILE C 455 89.29 20.73 34.43
CA ILE C 455 87.97 21.30 34.15
C ILE C 455 88.05 22.82 34.02
N ASP C 456 88.83 23.47 34.90
CA ASP C 456 88.98 24.92 34.80
C ASP C 456 89.67 25.32 33.50
N ASP C 457 90.69 24.55 33.09
CA ASP C 457 91.35 24.83 31.81
C ASP C 457 90.38 24.64 30.64
N LEU C 458 89.56 23.59 30.69
CA LEU C 458 88.57 23.37 29.65
C LEU C 458 87.56 24.52 29.58
N ILE C 459 87.10 24.99 30.74
CA ILE C 459 86.16 26.10 30.78
C ILE C 459 86.79 27.36 30.21
N GLY C 460 88.03 27.65 30.59
CA GLY C 460 88.71 28.82 30.04
C GLY C 460 88.90 28.72 28.54
N GLU C 461 89.29 27.54 28.04
CA GLU C 461 89.51 27.37 26.61
C GLU C 461 88.19 27.50 25.84
N ILE C 462 87.10 26.96 26.38
CA ILE C 462 85.83 27.05 25.66
C ILE C 462 85.29 28.47 25.70
N ARG C 463 85.55 29.20 26.79
CA ARG C 463 85.17 30.61 26.83
C ARG C 463 85.96 31.42 25.80
N THR C 464 87.26 31.14 25.67
CA THR C 464 88.07 31.87 24.71
C THR C 464 87.74 31.50 23.27
N ARG C 465 87.36 30.24 23.02
CA ARG C 465 87.16 29.73 21.68
C ARG C 465 85.72 29.83 21.20
N ALA C 466 84.76 30.06 22.09
CA ALA C 466 83.35 30.04 21.73
C ALA C 466 82.96 31.18 20.77
N ASP C 467 83.84 32.18 20.60
CA ASP C 467 83.53 33.24 19.64
C ASP C 467 83.43 32.70 18.22
N ALA C 468 84.14 31.62 17.91
CA ALA C 468 84.05 30.98 16.61
C ALA C 468 82.84 30.08 16.46
N ASP C 469 82.19 29.72 17.58
CA ASP C 469 80.99 28.88 17.58
C ASP C 469 81.25 27.53 16.91
N GLN C 470 82.26 26.84 17.39
CA GLN C 470 82.58 25.49 16.93
C GLN C 470 82.09 24.47 17.97
N ARG C 471 82.43 23.20 17.75
CA ARG C 471 82.00 22.13 18.62
C ARG C 471 83.20 21.35 19.15
N VAL C 472 83.09 20.90 20.40
CA VAL C 472 84.15 20.15 21.08
C VAL C 472 83.58 18.80 21.48
N LEU C 473 84.30 17.73 21.11
CA LEU C 473 83.91 16.37 21.45
C LEU C 473 84.77 15.86 22.59
N VAL C 474 84.13 15.27 23.59
CA VAL C 474 84.82 14.76 24.77
C VAL C 474 84.46 13.28 24.93
N THR C 475 85.31 12.55 25.63
CA THR C 475 85.12 11.11 25.84
C THR C 475 85.40 10.78 27.30
N THR C 476 84.86 9.64 27.74
CA THR C 476 85.05 9.14 29.09
C THR C 476 85.22 7.63 28.98
N LEU C 477 85.14 6.93 30.13
CA LEU C 477 85.29 5.48 30.17
C LEU C 477 83.98 4.74 30.30
N THR C 478 83.19 5.03 31.34
CA THR C 478 81.87 4.42 31.52
C THR C 478 80.86 5.51 31.84
N LYS C 479 79.62 5.10 32.03
CA LYS C 479 78.49 6.04 31.95
C LYS C 479 78.40 6.96 33.16
N LYS C 480 78.76 6.49 34.35
CA LYS C 480 78.37 7.22 35.56
C LYS C 480 79.06 8.58 35.68
N MET C 481 80.40 8.60 35.76
CA MET C 481 81.04 9.92 35.86
C MET C 481 80.88 10.70 34.57
N ALA C 482 80.64 10.02 33.45
CA ALA C 482 80.37 10.72 32.19
C ALA C 482 79.12 11.58 32.32
N GLU C 483 78.01 10.98 32.75
CA GLU C 483 76.79 11.75 32.94
C GLU C 483 76.92 12.75 34.08
N ASP C 484 77.73 12.45 35.09
CA ASP C 484 78.01 13.44 36.13
C ASP C 484 78.66 14.68 35.53
N LEU C 485 79.64 14.48 34.66
CA LEU C 485 80.26 15.59 33.95
C LEU C 485 79.24 16.32 33.10
N THR C 486 78.34 15.58 32.43
CA THR C 486 77.37 16.23 31.56
C THR C 486 76.43 17.15 32.33
N ASP C 487 75.88 16.67 33.46
CA ASP C 487 74.89 17.53 34.12
C ASP C 487 75.59 18.67 34.87
N TYR C 488 76.81 18.43 35.36
CA TYR C 488 77.57 19.54 35.95
C TYR C 488 77.87 20.60 34.90
N LEU C 489 78.28 20.16 33.69
CA LEU C 489 78.74 21.11 32.68
C LEU C 489 77.57 21.75 31.95
N LEU C 490 76.36 21.20 32.11
CA LEU C 490 75.18 21.97 31.72
C LEU C 490 74.73 22.86 32.87
N GLU C 491 75.13 22.52 34.11
CA GLU C 491 74.74 23.32 35.26
C GLU C 491 75.46 24.66 35.29
N MET C 492 76.78 24.66 35.02
CA MET C 492 77.49 25.92 35.22
C MET C 492 77.32 26.87 34.03
N GLY C 493 76.56 26.49 33.01
CA GLY C 493 76.17 27.43 31.97
C GLY C 493 76.62 27.16 30.55
N ILE C 494 76.73 25.89 30.17
CA ILE C 494 77.05 25.52 28.79
C ILE C 494 76.07 24.46 28.31
N ARG C 495 75.54 24.65 27.10
CA ARG C 495 74.62 23.68 26.50
C ARG C 495 75.42 22.47 26.03
N VAL C 496 75.03 21.27 26.50
CA VAL C 496 75.80 20.06 26.25
C VAL C 496 74.88 18.99 25.69
N ARG C 497 75.47 18.11 24.87
CA ARG C 497 74.76 16.93 24.39
C ARG C 497 75.60 15.69 24.66
N TYR C 498 74.93 14.56 24.83
CA TYR C 498 75.57 13.32 25.26
C TYR C 498 75.14 12.17 24.37
N LEU C 499 75.95 11.11 24.38
CA LEU C 499 75.68 9.87 23.67
C LEU C 499 75.62 8.71 24.64
N HIS C 500 74.76 7.73 24.33
CA HIS C 500 74.65 6.54 25.17
C HIS C 500 74.94 5.28 24.36
N SER C 501 74.79 4.11 24.99
CA SER C 501 75.15 2.86 24.33
C SER C 501 74.09 2.42 23.31
N GLU C 502 72.87 2.94 23.43
CA GLU C 502 71.79 2.51 22.55
C GLU C 502 71.30 3.66 21.68
N VAL C 503 72.25 4.41 21.10
CA VAL C 503 71.89 5.55 20.26
C VAL C 503 71.21 5.06 18.99
N ASP C 504 70.04 5.64 18.69
CA ASP C 504 69.34 5.35 17.45
C ASP C 504 69.58 6.48 16.45
N THR C 505 69.14 6.25 15.20
CA THR C 505 69.51 7.14 14.12
C THR C 505 68.92 8.55 14.29
N LEU C 506 67.65 8.63 14.66
CA LEU C 506 66.98 9.93 14.67
C LEU C 506 67.59 10.87 15.70
N ARG C 507 67.98 10.34 16.87
CA ARG C 507 68.39 11.20 17.97
C ARG C 507 69.75 11.85 17.75
N ARG C 508 70.54 11.40 16.76
CA ARG C 508 71.73 12.15 16.41
C ARG C 508 71.69 12.72 15.00
N VAL C 509 70.77 12.27 14.15
CA VAL C 509 70.53 13.04 12.93
C VAL C 509 69.92 14.39 13.28
N GLU C 510 69.06 14.42 14.30
CA GLU C 510 68.57 15.71 14.81
C GLU C 510 69.70 16.50 15.47
N LEU C 511 70.67 15.81 16.08
CA LEU C 511 71.84 16.50 16.61
C LEU C 511 72.64 17.16 15.50
N LEU C 512 72.82 16.46 14.38
CA LEU C 512 73.50 17.04 13.23
C LEU C 512 72.73 18.26 12.71
N ARG C 513 71.41 18.15 12.62
CA ARG C 513 70.60 19.27 12.14
C ARG C 513 70.73 20.48 13.06
N GLN C 514 70.66 20.26 14.37
CA GLN C 514 70.71 21.39 15.29
C GLN C 514 72.12 21.91 15.51
N LEU C 515 73.16 21.13 15.20
CA LEU C 515 74.51 21.69 15.21
C LEU C 515 74.80 22.48 13.95
N ARG C 516 74.25 22.06 12.80
CA ARG C 516 74.31 22.92 11.63
C ARG C 516 73.43 24.15 11.81
N LEU C 517 72.48 24.10 12.74
CA LEU C 517 71.75 25.28 13.18
C LEU C 517 72.48 26.03 14.30
N GLY C 518 73.59 25.49 14.80
CA GLY C 518 74.36 26.17 15.84
C GLY C 518 73.64 26.32 17.17
N ASP C 519 73.03 25.25 17.66
CA ASP C 519 72.23 25.32 18.87
C ASP C 519 73.00 24.97 20.14
N TYR C 520 74.23 24.50 20.04
CA TYR C 520 75.02 24.15 21.22
C TYR C 520 76.50 24.29 20.89
N ASP C 521 77.36 23.80 21.79
CA ASP C 521 78.79 23.87 21.58
C ASP C 521 79.59 22.62 21.93
N VAL C 522 79.05 21.67 22.70
CA VAL C 522 79.86 20.56 23.18
C VAL C 522 79.06 19.26 23.14
N LEU C 523 79.73 18.21 22.66
CA LEU C 523 79.22 16.85 22.63
C LEU C 523 80.14 15.94 23.44
N VAL C 524 79.55 14.96 24.11
CA VAL C 524 80.30 13.97 24.88
C VAL C 524 79.83 12.58 24.47
N GLY C 525 80.78 11.68 24.21
CA GLY C 525 80.45 10.32 23.83
C GLY C 525 81.63 9.40 24.09
N ILE C 526 81.32 8.14 24.37
CA ILE C 526 82.31 7.14 24.70
C ILE C 526 82.61 6.23 23.51
N ASN C 527 81.57 5.66 22.91
CA ASN C 527 81.75 4.73 21.80
C ASN C 527 80.93 5.08 20.56
N LEU C 528 79.85 5.84 20.70
CA LEU C 528 79.00 6.22 19.58
C LEU C 528 79.50 7.48 18.89
N LEU C 529 80.77 7.47 18.48
CA LEU C 529 81.38 8.63 17.85
C LEU C 529 82.20 8.33 16.61
N ARG C 530 82.47 7.06 16.30
CA ARG C 530 83.31 6.71 15.16
C ARG C 530 82.52 6.44 13.89
N GLU C 531 81.19 6.57 13.90
CA GLU C 531 80.34 6.12 12.80
C GLU C 531 79.66 7.32 12.16
N GLY C 532 80.31 7.88 11.13
CA GLY C 532 79.68 8.88 10.30
C GLY C 532 79.36 10.19 10.98
N LEU C 533 80.00 10.49 12.11
CA LEU C 533 79.77 11.75 12.81
C LEU C 533 80.71 12.84 12.32
N ASP C 534 80.74 13.05 11.00
CA ASP C 534 81.57 14.09 10.42
C ASP C 534 80.95 15.46 10.68
N LEU C 535 81.82 16.43 10.91
CA LEU C 535 81.39 17.80 11.21
C LEU C 535 82.47 18.78 10.75
N PRO C 536 82.13 19.73 9.87
CA PRO C 536 83.16 20.63 9.33
C PRO C 536 83.70 21.63 10.33
N GLU C 537 83.12 21.75 11.53
CA GLU C 537 83.50 22.79 12.49
C GLU C 537 83.78 22.19 13.86
N VAL C 538 84.58 21.13 13.90
CA VAL C 538 85.08 20.56 15.15
C VAL C 538 86.58 20.81 15.21
N SER C 539 87.02 21.58 16.20
CA SER C 539 88.42 21.97 16.31
C SER C 539 89.15 21.25 17.45
N LEU C 540 88.62 21.35 18.67
CA LEU C 540 89.26 20.79 19.84
C LEU C 540 88.53 19.53 20.30
N VAL C 541 89.28 18.47 20.55
CA VAL C 541 88.73 17.21 21.04
C VAL C 541 89.50 16.83 22.30
N ALA C 542 88.78 16.39 23.32
CA ALA C 542 89.35 16.04 24.61
C ALA C 542 89.22 14.54 24.84
N ILE C 543 90.33 13.90 25.20
CA ILE C 543 90.35 12.48 25.55
C ILE C 543 90.72 12.38 27.03
N LEU C 544 89.87 11.72 27.80
CA LEU C 544 89.95 11.72 29.25
C LEU C 544 90.17 10.30 29.76
N ASP C 545 91.36 10.06 30.31
CA ASP C 545 91.70 8.82 31.01
C ASP C 545 91.45 7.59 30.13
N ALA C 546 91.72 7.68 28.84
CA ALA C 546 91.60 6.54 27.94
C ALA C 546 92.86 5.69 27.92
N ASP C 547 93.88 6.07 28.69
CA ASP C 547 95.14 5.33 28.74
C ASP C 547 94.96 3.92 29.31
N LYS C 548 93.89 3.67 30.06
CA LYS C 548 93.69 2.36 30.67
C LYS C 548 93.37 1.31 29.62
N GLU C 549 93.68 0.06 29.95
CA GLU C 549 93.48 -1.04 29.03
C GLU C 549 92.00 -1.27 28.77
N GLY C 550 91.67 -1.57 27.52
CA GLY C 550 90.30 -1.85 27.14
C GLY C 550 90.18 -2.47 25.76
N PHE C 551 89.26 -3.43 25.62
CA PHE C 551 89.06 -4.08 24.33
C PHE C 551 88.48 -3.12 23.32
N LEU C 552 87.78 -2.09 23.79
CA LEU C 552 87.18 -1.08 22.93
C LEU C 552 87.85 0.29 23.05
N ARG C 553 88.99 0.38 23.73
CA ARG C 553 89.69 1.65 23.88
C ARG C 553 91.21 1.48 23.71
N SER C 554 91.64 0.79 22.66
CA SER C 554 93.06 0.76 22.35
C SER C 554 93.41 1.91 21.41
N SER C 555 94.62 1.86 20.84
CA SER C 555 95.19 3.00 20.14
C SER C 555 94.37 3.46 18.94
N ARG C 556 93.63 2.57 18.28
CA ARG C 556 92.94 2.96 17.05
C ARG C 556 91.91 4.05 17.30
N SER C 557 91.22 4.02 18.44
CA SER C 557 90.25 5.07 18.74
C SER C 557 90.94 6.42 18.92
N LEU C 558 92.09 6.44 19.60
CA LEU C 558 92.82 7.70 19.75
C LEU C 558 93.29 8.22 18.40
N ILE C 559 93.79 7.35 17.52
CA ILE C 559 94.19 7.85 16.21
C ILE C 559 92.98 8.27 15.39
N GLN C 560 91.83 7.62 15.57
CA GLN C 560 90.63 8.03 14.87
C GLN C 560 90.17 9.43 15.31
N THR C 561 90.20 9.69 16.61
CA THR C 561 89.87 11.03 17.10
C THR C 561 90.90 12.05 16.64
N ILE C 562 92.17 11.65 16.57
CA ILE C 562 93.21 12.54 16.05
C ILE C 562 92.91 12.91 14.61
N GLY C 563 92.54 11.93 13.79
CA GLY C 563 92.18 12.21 12.41
C GLY C 563 90.92 13.05 12.29
N ARG C 564 89.95 12.81 13.18
CA ARG C 564 88.73 13.63 13.19
C ARG C 564 89.06 15.10 13.45
N ALA C 565 89.97 15.35 14.40
CA ALA C 565 90.44 16.72 14.61
C ALA C 565 91.27 17.21 13.42
N ALA C 566 91.98 16.29 12.76
CA ALA C 566 92.84 16.65 11.64
C ALA C 566 92.05 17.16 10.45
N ARG C 567 90.88 16.57 10.19
CA ARG C 567 90.09 16.96 9.04
C ARG C 567 89.67 18.44 9.09
N ASN C 568 89.65 19.03 10.29
CA ASN C 568 89.42 20.47 10.41
C ASN C 568 90.60 21.25 9.86
N VAL C 569 90.35 22.54 9.59
CA VAL C 569 91.41 23.42 9.11
C VAL C 569 92.48 23.60 10.19
N SER C 570 92.11 23.49 11.46
CA SER C 570 93.06 23.62 12.57
C SER C 570 92.54 22.76 13.71
N GLY C 571 93.12 21.57 13.88
CA GLY C 571 92.69 20.67 14.93
C GLY C 571 93.48 20.86 16.23
N GLU C 572 93.02 20.15 17.26
CA GLU C 572 93.65 20.19 18.57
C GLU C 572 93.16 19.02 19.40
N VAL C 573 94.07 18.33 20.07
CA VAL C 573 93.72 17.24 20.98
C VAL C 573 94.27 17.56 22.35
N HIS C 574 93.44 17.34 23.38
CA HIS C 574 93.81 17.51 24.77
C HIS C 574 93.67 16.15 25.45
N MET C 575 94.81 15.57 25.84
CA MET C 575 94.88 14.14 26.13
C MET C 575 95.32 13.98 27.58
N TYR C 576 94.50 13.34 28.40
CA TYR C 576 94.73 13.26 29.85
C TYR C 576 94.98 11.82 30.27
N ALA C 577 96.13 11.58 30.90
CA ALA C 577 96.54 10.23 31.29
C ALA C 577 97.16 10.24 32.68
N ASP C 578 96.80 9.22 33.47
CA ASP C 578 97.54 8.95 34.70
C ASP C 578 98.85 8.23 34.39
N LYS C 579 98.84 7.35 33.39
CA LYS C 579 100.01 6.61 32.96
C LYS C 579 100.16 6.71 31.45
N ILE C 580 101.38 6.51 30.97
CA ILE C 580 101.73 6.65 29.56
C ILE C 580 102.09 5.27 29.01
N THR C 581 101.41 4.86 27.93
CA THR C 581 101.69 3.62 27.26
C THR C 581 102.41 3.89 25.93
N ASP C 582 103.04 2.83 25.40
CA ASP C 582 103.83 2.98 24.17
C ASP C 582 102.94 3.23 22.96
N SER C 583 101.72 2.69 22.95
CA SER C 583 100.87 2.80 21.77
C SER C 583 100.49 4.26 21.51
N MET C 584 100.04 4.97 22.55
CA MET C 584 99.61 6.35 22.37
C MET C 584 100.76 7.25 21.95
N ARG C 585 101.95 7.06 22.56
CA ARG C 585 103.08 7.91 22.21
C ARG C 585 103.61 7.61 20.81
N GLU C 586 103.62 6.34 20.39
CA GLU C 586 104.01 6.04 19.03
C GLU C 586 102.99 6.59 18.03
N ALA C 587 101.70 6.55 18.38
CA ALA C 587 100.69 7.15 17.53
C ALA C 587 100.87 8.66 17.41
N ILE C 588 101.16 9.32 18.54
CA ILE C 588 101.40 10.76 18.51
C ILE C 588 102.63 11.09 17.67
N ASP C 589 103.70 10.29 17.81
CA ASP C 589 104.92 10.54 17.06
C ASP C 589 104.68 10.38 15.56
N GLU C 590 103.99 9.31 15.16
CA GLU C 590 103.74 9.09 13.73
C GLU C 590 102.78 10.15 13.19
N THR C 591 101.79 10.57 13.98
CA THR C 591 100.90 11.64 13.56
C THR C 591 101.67 12.95 13.37
N GLU C 592 102.59 13.25 14.29
CA GLU C 592 103.38 14.47 14.18
C GLU C 592 104.30 14.45 12.97
N ARG C 593 104.93 13.31 12.70
CA ARG C 593 105.82 13.24 11.54
C ARG C 593 105.02 13.31 10.23
N ARG C 594 103.84 12.69 10.19
CA ARG C 594 102.98 12.81 9.02
C ARG C 594 102.51 14.25 8.84
N ARG C 595 102.19 14.93 9.93
CA ARG C 595 101.79 16.34 9.85
C ARG C 595 102.94 17.21 9.35
N ALA C 596 104.16 16.93 9.80
CA ALA C 596 105.31 17.67 9.31
C ALA C 596 105.51 17.45 7.81
N LYS C 597 105.36 16.20 7.36
CA LYS C 597 105.47 15.93 5.93
C LYS C 597 104.39 16.64 5.14
N GLN C 598 103.15 16.64 5.65
CA GLN C 598 102.05 17.32 4.97
C GLN C 598 102.28 18.82 4.92
N ILE C 599 102.80 19.40 6.00
CA ILE C 599 103.08 20.83 6.02
C ILE C 599 104.19 21.16 5.02
N ALA C 600 105.23 20.34 4.96
CA ALA C 600 106.30 20.56 4.00
C ALA C 600 105.78 20.48 2.56
N TYR C 601 104.92 19.50 2.29
CA TYR C 601 104.34 19.39 0.95
C TYR C 601 103.46 20.59 0.62
N ASN C 602 102.64 21.04 1.59
CA ASN C 602 101.72 22.14 1.34
C ASN C 602 102.45 23.47 1.18
N GLU C 603 103.63 23.60 1.79
CA GLU C 603 104.40 24.82 1.61
C GLU C 603 104.84 25.03 0.17
N ALA C 604 105.02 23.95 -0.59
CA ALA C 604 105.27 24.06 -2.02
C ALA C 604 103.98 24.15 -2.82
N ASN C 605 102.91 23.49 -2.37
CA ASN C 605 101.61 23.56 -3.02
C ASN C 605 100.76 24.63 -2.34
N GLY C 606 101.18 25.87 -2.51
CA GLY C 606 100.52 27.01 -1.89
C GLY C 606 99.28 27.51 -2.59
N ILE C 607 98.89 26.88 -3.70
CA ILE C 607 97.70 27.31 -4.42
C ILE C 607 96.46 27.01 -3.58
N ASP C 608 95.52 27.96 -3.58
CA ASP C 608 94.29 27.78 -2.84
C ASP C 608 93.48 26.62 -3.43
N PRO C 609 92.71 25.91 -2.59
CA PRO C 609 91.93 24.79 -3.11
C PRO C 609 90.92 25.25 -4.16
N GLN C 610 90.75 24.42 -5.18
CA GLN C 610 89.83 24.69 -6.29
C GLN C 610 88.93 23.47 -6.49
N PRO C 611 87.89 23.34 -5.67
CA PRO C 611 86.99 22.19 -5.82
C PRO C 611 86.29 22.20 -7.18
N LEU C 612 86.07 21.00 -7.71
CA LEU C 612 85.45 20.86 -9.02
C LEU C 612 84.71 19.53 -9.12
N MET F 22 -77.67 28.01 10.38
CA MET F 22 -78.41 28.65 11.47
C MET F 22 -77.74 29.93 11.92
N VAL F 23 -76.47 29.84 12.31
CA VAL F 23 -75.72 31.02 12.75
C VAL F 23 -75.48 31.91 11.53
N ARG F 24 -76.06 33.12 11.57
CA ARG F 24 -76.00 34.01 10.42
C ARG F 24 -75.90 35.45 10.94
N ALA F 25 -74.73 36.04 10.85
CA ALA F 25 -74.54 37.42 11.25
C ALA F 25 -75.30 38.35 10.31
N GLY F 26 -75.92 39.38 10.88
CA GLY F 26 -76.70 40.32 10.10
C GLY F 26 -75.88 41.10 9.09
N GLY F 27 -76.09 40.83 7.81
CA GLY F 27 -75.38 41.50 6.74
C GLY F 27 -76.34 42.24 5.83
N HIS F 28 -75.89 43.39 5.33
CA HIS F 28 -76.69 44.24 4.45
C HIS F 28 -76.08 44.23 3.06
N PHE F 29 -76.89 43.94 2.05
CA PHE F 29 -76.43 43.92 0.66
C PHE F 29 -76.40 45.36 0.14
N GLU F 30 -75.20 45.87 -0.13
CA GLU F 30 -75.00 47.21 -0.66
C GLU F 30 -74.39 47.12 -2.05
N VAL F 31 -74.96 47.85 -3.00
CA VAL F 31 -74.52 47.85 -4.39
C VAL F 31 -73.97 49.22 -4.73
N VAL F 32 -72.74 49.26 -5.24
CA VAL F 32 -72.10 50.49 -5.64
C VAL F 32 -72.09 50.70 -7.15
N SER F 33 -72.59 49.72 -7.91
CA SER F 33 -72.61 49.85 -9.37
C SER F 33 -73.54 50.97 -9.79
N PRO F 34 -73.12 51.86 -10.68
CA PRO F 34 -73.99 52.97 -11.10
C PRO F 34 -75.23 52.52 -11.86
N HIS F 35 -75.24 51.31 -12.40
CA HIS F 35 -76.38 50.85 -13.19
C HIS F 35 -77.61 50.68 -12.33
N ALA F 36 -78.72 51.26 -12.76
CA ALA F 36 -79.99 51.21 -12.04
C ALA F 36 -81.13 50.97 -13.01
N PRO F 37 -82.26 50.45 -12.52
CA PRO F 37 -83.40 50.21 -13.37
C PRO F 37 -83.80 51.48 -14.12
N ALA F 38 -84.18 51.32 -15.38
CA ALA F 38 -84.61 52.46 -16.19
C ALA F 38 -85.75 52.05 -17.10
N GLY F 39 -86.86 52.77 -17.02
CA GLY F 39 -88.00 52.47 -17.88
C GLY F 39 -88.84 51.30 -17.44
N ASP F 40 -88.75 50.18 -18.17
CA ASP F 40 -89.53 49.00 -17.83
C ASP F 40 -88.96 48.26 -16.63
N GLN F 41 -87.65 48.36 -16.40
CA GLN F 41 -87.02 47.66 -15.29
C GLN F 41 -87.56 48.07 -13.92
N PRO F 42 -87.73 49.36 -13.60
CA PRO F 42 -88.27 49.69 -12.26
C PRO F 42 -89.66 49.12 -12.03
N ALA F 43 -90.56 49.29 -12.99
CA ALA F 43 -91.91 48.75 -12.84
C ALA F 43 -91.89 47.23 -12.76
N ALA F 44 -91.03 46.59 -13.57
CA ALA F 44 -90.95 45.13 -13.56
C ALA F 44 -90.50 44.62 -12.20
N ILE F 45 -89.42 45.19 -11.66
CA ILE F 45 -88.94 44.72 -10.37
C ILE F 45 -89.91 45.07 -9.25
N ASP F 46 -90.58 46.23 -9.34
CA ASP F 46 -91.55 46.60 -8.33
C ASP F 46 -92.72 45.62 -8.30
N GLU F 47 -93.27 45.30 -9.48
CA GLU F 47 -94.34 44.31 -9.55
C GLU F 47 -93.85 42.94 -9.10
N LEU F 48 -92.61 42.58 -9.44
CA LEU F 48 -92.03 41.34 -8.96
C LEU F 48 -92.06 41.28 -7.44
N GLU F 49 -91.68 42.38 -6.77
CA GLU F 49 -91.68 42.38 -5.31
C GLU F 49 -93.09 42.36 -4.74
N ARG F 50 -94.00 43.16 -5.31
CA ARG F 50 -95.37 43.18 -4.79
C ARG F 50 -96.03 41.81 -4.93
N ARG F 51 -95.77 41.12 -6.03
CA ARG F 51 -96.38 39.83 -6.30
C ARG F 51 -95.56 38.67 -5.73
N ILE F 52 -94.36 38.94 -5.20
CA ILE F 52 -93.62 37.92 -4.46
C ILE F 52 -93.90 37.99 -2.95
N ASN F 53 -94.33 39.15 -2.44
CA ASN F 53 -94.53 39.28 -1.00
C ASN F 53 -95.73 38.49 -0.48
N ALA F 54 -96.58 37.94 -1.35
CA ALA F 54 -97.82 37.31 -0.92
C ALA F 54 -97.71 35.80 -0.75
N GLY F 55 -96.57 35.19 -1.07
CA GLY F 55 -96.34 33.80 -0.71
C GLY F 55 -96.65 32.77 -1.78
N GLU F 56 -96.83 33.16 -3.04
CA GLU F 56 -97.04 32.19 -4.11
C GLU F 56 -95.72 31.46 -4.38
N ARG F 57 -95.81 30.13 -4.52
CA ARG F 57 -94.62 29.28 -4.61
C ARG F 57 -94.05 29.18 -6.02
N ASP F 58 -94.74 29.66 -7.04
CA ASP F 58 -94.26 29.56 -8.41
C ASP F 58 -94.23 30.94 -9.03
N VAL F 59 -93.06 31.33 -9.55
CA VAL F 59 -92.80 32.69 -10.01
C VAL F 59 -92.02 32.61 -11.31
N VAL F 60 -92.62 33.10 -12.40
CA VAL F 60 -92.02 33.03 -13.72
C VAL F 60 -91.65 34.44 -14.17
N LEU F 61 -90.36 34.64 -14.45
CA LEU F 61 -89.85 35.87 -15.05
C LEU F 61 -89.37 35.59 -16.46
N LEU F 62 -89.58 36.55 -17.34
CA LEU F 62 -89.02 36.52 -18.70
C LEU F 62 -88.00 37.64 -18.81
N GLY F 63 -86.84 37.32 -19.38
CA GLY F 63 -85.78 38.31 -19.52
C GLY F 63 -84.74 37.98 -20.56
N ALA F 64 -84.43 38.95 -21.42
CA ALA F 64 -83.48 38.73 -22.51
C ALA F 64 -82.07 39.08 -22.04
N THR F 65 -81.13 39.08 -22.98
CA THR F 65 -79.74 39.41 -22.70
C THR F 65 -79.48 40.90 -22.94
N GLY F 66 -78.29 41.34 -22.54
CA GLY F 66 -77.93 42.74 -22.69
C GLY F 66 -78.66 43.66 -21.73
N THR F 67 -79.22 43.11 -20.66
CA THR F 67 -79.95 43.90 -19.67
C THR F 67 -79.44 43.73 -18.25
N GLY F 68 -78.44 42.89 -18.02
CA GLY F 68 -77.91 42.71 -16.68
C GLY F 68 -78.76 41.83 -15.80
N LYS F 69 -78.88 40.55 -16.16
CA LYS F 69 -79.64 39.62 -15.32
C LYS F 69 -79.00 39.47 -13.95
N SER F 70 -77.68 39.44 -13.89
CA SER F 70 -76.99 39.45 -12.60
C SER F 70 -77.32 40.71 -11.83
N ALA F 71 -77.46 41.84 -12.54
CA ALA F 71 -77.83 43.09 -11.88
C ALA F 71 -79.23 43.01 -11.28
N THR F 72 -80.18 42.42 -12.01
CA THR F 72 -81.53 42.26 -11.46
C THR F 72 -81.54 41.33 -10.27
N THR F 73 -80.74 40.25 -10.33
CA THR F 73 -80.62 39.37 -9.18
C THR F 73 -80.05 40.12 -7.98
N ALA F 74 -79.05 40.98 -8.21
CA ALA F 74 -78.46 41.75 -7.13
C ALA F 74 -79.47 42.74 -6.53
N TRP F 75 -80.27 43.39 -7.37
CA TRP F 75 -81.28 44.31 -6.87
C TRP F 75 -82.33 43.58 -6.03
N LEU F 76 -82.80 42.43 -6.52
CA LEU F 76 -83.75 41.63 -5.74
C LEU F 76 -83.12 41.18 -4.43
N ILE F 77 -81.84 40.82 -4.47
CA ILE F 77 -81.12 40.37 -3.28
C ILE F 77 -81.03 41.48 -2.25
N GLU F 78 -80.68 42.69 -2.70
CA GLU F 78 -80.46 43.79 -1.76
C GLU F 78 -81.79 44.33 -1.23
N ARG F 79 -82.87 44.20 -1.98
CA ARG F 79 -84.18 44.63 -1.48
C ARG F 79 -84.97 43.48 -0.87
N LEU F 80 -84.38 42.28 -0.78
CA LEU F 80 -84.96 41.17 -0.03
C LEU F 80 -84.22 40.85 1.26
N GLN F 81 -82.90 40.98 1.28
CA GLN F 81 -82.07 40.75 2.47
C GLN F 81 -82.24 39.33 3.00
N ARG F 82 -81.93 38.37 2.14
CA ARG F 82 -81.98 36.96 2.48
C ARG F 82 -80.77 36.24 1.91
N PRO F 83 -80.34 35.14 2.55
CA PRO F 83 -79.27 34.33 1.96
C PRO F 83 -79.75 33.68 0.67
N THR F 84 -79.05 33.95 -0.44
CA THR F 84 -79.58 33.63 -1.76
C THR F 84 -78.79 32.51 -2.42
N LEU F 85 -79.51 31.57 -3.02
CA LEU F 85 -78.93 30.51 -3.84
C LEU F 85 -79.39 30.72 -5.27
N VAL F 86 -78.45 31.01 -6.17
CA VAL F 86 -78.77 31.25 -7.58
C VAL F 86 -78.26 30.07 -8.39
N MET F 87 -78.98 29.77 -9.46
CA MET F 87 -78.90 28.51 -10.18
C MET F 87 -78.54 28.78 -11.62
N ALA F 88 -77.49 28.11 -12.11
CA ALA F 88 -77.07 28.22 -13.50
C ALA F 88 -76.82 26.82 -14.06
N PRO F 89 -77.04 26.62 -15.36
CA PRO F 89 -76.92 25.29 -15.95
C PRO F 89 -75.54 24.94 -16.51
N ASN F 90 -74.55 25.83 -16.45
CA ASN F 90 -73.25 25.56 -17.03
C ASN F 90 -72.20 26.38 -16.29
N LYS F 91 -70.96 26.33 -16.80
CA LYS F 91 -69.83 27.03 -16.21
C LYS F 91 -69.68 28.45 -16.75
N THR F 92 -69.73 28.61 -18.08
CA THR F 92 -69.56 29.87 -18.78
C THR F 92 -70.68 30.86 -18.52
N LEU F 93 -71.63 30.50 -17.66
CA LEU F 93 -72.64 31.41 -17.14
C LEU F 93 -72.45 31.66 -15.65
N ALA F 94 -72.35 30.59 -14.87
CA ALA F 94 -72.27 30.71 -13.42
C ALA F 94 -70.99 31.43 -12.99
N ALA F 95 -69.88 31.19 -13.68
CA ALA F 95 -68.61 31.79 -13.28
C ALA F 95 -68.69 33.32 -13.34
N GLN F 96 -69.09 33.86 -14.49
CA GLN F 96 -69.16 35.31 -14.61
C GLN F 96 -70.34 35.88 -13.84
N LEU F 97 -71.41 35.09 -13.62
CA LEU F 97 -72.48 35.55 -12.75
C LEU F 97 -71.97 35.77 -11.34
N ALA F 98 -71.21 34.81 -10.81
CA ALA F 98 -70.63 34.95 -9.49
C ALA F 98 -69.64 36.11 -9.44
N ASN F 99 -68.84 36.27 -10.50
CA ASN F 99 -67.93 37.42 -10.54
C ASN F 99 -68.69 38.73 -10.47
N GLU F 100 -69.80 38.84 -11.22
CA GLU F 100 -70.59 40.06 -11.18
C GLU F 100 -71.16 40.31 -9.79
N LEU F 101 -71.82 39.31 -9.21
CA LEU F 101 -72.38 39.50 -7.87
C LEU F 101 -71.31 39.76 -6.83
N ARG F 102 -70.06 39.36 -7.08
CA ARG F 102 -68.96 39.82 -6.25
C ARG F 102 -68.69 41.31 -6.48
N GLU F 103 -68.76 41.74 -7.74
CA GLU F 103 -68.50 43.15 -8.06
C GLU F 103 -69.50 44.08 -7.38
N MET F 104 -70.80 43.82 -7.57
CA MET F 104 -71.76 44.73 -6.92
C MET F 104 -72.09 44.35 -5.48
N LEU F 105 -71.58 43.23 -4.97
CA LEU F 105 -71.70 42.89 -3.54
C LEU F 105 -70.32 42.51 -3.01
N PRO F 106 -69.43 43.49 -2.86
CA PRO F 106 -68.07 43.16 -2.38
C PRO F 106 -68.02 42.84 -0.90
N HIS F 107 -68.76 43.58 -0.07
CA HIS F 107 -68.76 43.31 1.36
C HIS F 107 -69.35 41.95 1.68
N ASN F 108 -70.47 41.61 1.03
CA ASN F 108 -71.10 40.31 1.23
C ASN F 108 -70.28 39.21 0.54
N ALA F 109 -70.46 37.99 1.02
CA ALA F 109 -69.73 36.84 0.50
C ALA F 109 -70.50 36.25 -0.67
N VAL F 110 -69.89 36.30 -1.86
CA VAL F 110 -70.44 35.68 -3.07
C VAL F 110 -69.42 34.66 -3.55
N GLU F 111 -69.88 33.44 -3.82
CA GLU F 111 -68.98 32.35 -4.13
C GLU F 111 -69.70 31.32 -5.01
N TYR F 112 -68.89 30.45 -5.62
CA TYR F 112 -69.37 29.40 -6.52
C TYR F 112 -69.18 28.06 -5.83
N PHE F 113 -70.26 27.27 -5.76
CA PHE F 113 -70.28 26.08 -4.91
C PHE F 113 -69.93 24.79 -5.68
N VAL F 114 -70.71 24.45 -6.70
CA VAL F 114 -70.63 23.12 -7.31
C VAL F 114 -69.21 22.88 -7.83
N SER F 115 -68.84 23.66 -8.87
CA SER F 115 -67.46 23.83 -9.33
C SER F 115 -66.57 22.60 -9.13
N TYR F 116 -65.56 22.76 -8.28
CA TYR F 116 -64.62 21.75 -7.78
C TYR F 116 -63.60 21.31 -8.82
N TYR F 117 -63.68 21.76 -10.06
CA TYR F 117 -62.73 21.31 -11.07
C TYR F 117 -62.45 22.41 -12.08
N ASP F 118 -61.24 22.37 -12.63
CA ASP F 118 -60.96 23.00 -13.92
C ASP F 118 -61.13 22.03 -15.08
N TYR F 119 -61.26 20.74 -14.78
CA TYR F 119 -61.46 19.66 -15.74
C TYR F 119 -61.76 18.39 -14.97
N TYR F 120 -62.59 17.50 -15.52
CA TYR F 120 -63.00 16.34 -14.77
C TYR F 120 -63.33 15.19 -15.72
N GLN F 121 -63.18 13.97 -15.23
CA GLN F 121 -63.54 12.76 -15.95
C GLN F 121 -64.37 11.87 -15.03
N PRO F 122 -65.56 11.46 -15.46
CA PRO F 122 -66.46 10.73 -14.55
C PRO F 122 -65.93 9.36 -14.14
N GLU F 123 -66.29 8.95 -12.94
CA GLU F 123 -66.15 7.57 -12.49
C GLU F 123 -67.41 6.77 -12.84
N ALA F 124 -67.79 6.82 -14.12
CA ALA F 124 -69.08 6.33 -14.55
C ALA F 124 -68.96 4.96 -15.18
N TYR F 125 -70.09 4.43 -15.65
CA TYR F 125 -70.13 3.14 -16.34
C TYR F 125 -70.92 3.32 -17.62
N ILE F 126 -70.22 3.36 -18.74
CA ILE F 126 -70.86 3.31 -20.05
C ILE F 126 -71.30 1.87 -20.29
N ALA F 127 -72.62 1.63 -20.30
CA ALA F 127 -73.14 0.28 -20.41
C ALA F 127 -72.98 -0.27 -21.82
N GLN F 128 -73.16 0.57 -22.84
CA GLN F 128 -73.05 0.11 -24.22
C GLN F 128 -71.64 -0.39 -24.52
N THR F 129 -70.62 0.34 -24.07
CA THR F 129 -69.24 -0.07 -24.24
C THR F 129 -68.72 -0.92 -23.08
N ASP F 130 -69.53 -1.10 -22.04
CA ASP F 130 -69.14 -1.87 -20.85
C ASP F 130 -67.83 -1.36 -20.27
N THR F 131 -67.74 -0.05 -20.10
CA THR F 131 -66.51 0.60 -19.64
C THR F 131 -66.76 1.30 -18.32
N TYR F 132 -65.99 0.94 -17.29
CA TYR F 132 -66.04 1.61 -15.99
C TYR F 132 -64.86 2.58 -15.93
N ILE F 133 -65.15 3.87 -16.06
CA ILE F 133 -64.13 4.90 -16.11
C ILE F 133 -63.98 5.52 -14.72
N GLU F 134 -62.74 5.58 -14.24
CA GLU F 134 -62.42 6.03 -12.90
C GLU F 134 -62.48 7.56 -12.81
N LYS F 135 -62.63 8.04 -11.58
CA LYS F 135 -62.74 9.48 -11.33
C LYS F 135 -61.39 10.17 -11.52
N ASP F 136 -61.41 11.31 -12.20
CA ASP F 136 -60.22 12.12 -12.41
C ASP F 136 -60.57 13.58 -12.14
N SER F 137 -59.76 14.23 -11.31
CA SER F 137 -60.06 15.59 -10.85
C SER F 137 -58.85 16.50 -11.02
N SER F 138 -59.13 17.77 -11.31
CA SER F 138 -58.12 18.83 -11.34
C SER F 138 -58.68 19.97 -10.48
N ILE F 139 -58.41 19.91 -9.18
CA ILE F 139 -59.02 20.79 -8.20
C ILE F 139 -58.23 22.10 -8.20
N ASN F 140 -58.87 23.18 -8.66
CA ASN F 140 -58.27 24.51 -8.56
C ASN F 140 -58.40 25.01 -7.13
N ASP F 141 -57.33 25.62 -6.62
CA ASP F 141 -57.31 26.06 -5.23
C ASP F 141 -58.37 27.13 -4.96
N ASP F 142 -58.50 28.11 -5.87
CA ASP F 142 -59.50 29.16 -5.68
C ASP F 142 -60.91 28.60 -5.85
N VAL F 143 -61.08 27.62 -6.74
CA VAL F 143 -62.39 27.05 -6.99
C VAL F 143 -62.91 26.33 -5.75
N GLU F 144 -62.09 25.44 -5.18
CA GLU F 144 -62.48 24.78 -3.94
C GLU F 144 -62.53 25.76 -2.77
N ARG F 145 -61.74 26.84 -2.83
CA ARG F 145 -61.87 27.90 -1.84
C ARG F 145 -63.26 28.50 -1.87
N LEU F 146 -63.78 28.79 -3.07
CA LEU F 146 -65.14 29.31 -3.20
C LEU F 146 -66.17 28.29 -2.73
N ARG F 147 -65.98 27.02 -3.07
CA ARG F 147 -66.93 25.99 -2.64
C ARG F 147 -67.00 25.90 -1.12
N HIS F 148 -65.84 25.79 -0.47
CA HIS F 148 -65.84 25.68 0.98
C HIS F 148 -66.23 26.99 1.65
N SER F 149 -65.98 28.12 0.99
CA SER F 149 -66.49 29.39 1.49
C SER F 149 -68.01 29.40 1.49
N ALA F 150 -68.62 28.86 0.43
CA ALA F 150 -70.08 28.72 0.44
C ALA F 150 -70.53 27.86 1.62
N THR F 151 -69.95 26.66 1.74
CA THR F 151 -70.43 25.72 2.75
C THR F 151 -70.15 26.21 4.17
N SER F 152 -69.19 27.12 4.34
CA SER F 152 -68.86 27.61 5.67
C SER F 152 -69.56 28.92 6.02
N ALA F 153 -69.43 29.93 5.15
CA ALA F 153 -70.10 31.21 5.39
C ALA F 153 -71.60 31.10 5.34
N LEU F 154 -72.15 30.06 4.71
CA LEU F 154 -73.58 29.82 4.82
C LEU F 154 -73.99 29.60 6.27
N LEU F 155 -73.08 29.06 7.08
CA LEU F 155 -73.33 28.83 8.49
C LEU F 155 -72.60 29.83 9.38
N SER F 156 -72.05 30.89 8.81
CA SER F 156 -71.36 31.92 9.59
C SER F 156 -71.90 33.33 9.37
N ARG F 157 -72.62 33.59 8.28
CA ARG F 157 -73.15 34.92 8.01
C ARG F 157 -74.43 34.78 7.19
N ARG F 158 -75.24 35.84 7.20
CA ARG F 158 -76.50 35.84 6.47
C ARG F 158 -76.37 36.43 5.07
N ASP F 159 -75.44 37.36 4.86
CA ASP F 159 -75.26 38.02 3.56
C ASP F 159 -74.39 37.16 2.66
N VAL F 160 -74.94 36.01 2.26
CA VAL F 160 -74.25 35.04 1.44
C VAL F 160 -75.06 34.80 0.17
N VAL F 161 -74.39 34.92 -0.98
CA VAL F 161 -74.96 34.58 -2.27
C VAL F 161 -74.12 33.46 -2.86
N VAL F 162 -74.76 32.33 -3.16
CA VAL F 162 -74.07 31.13 -3.63
C VAL F 162 -74.64 30.76 -4.99
N VAL F 163 -73.78 30.72 -6.00
CA VAL F 163 -74.16 30.24 -7.32
C VAL F 163 -73.81 28.77 -7.44
N ALA F 164 -74.67 28.00 -8.10
CA ALA F 164 -74.42 26.57 -8.21
C ALA F 164 -75.11 26.01 -9.44
N SER F 165 -74.61 24.88 -9.91
CA SER F 165 -75.25 24.11 -10.97
C SER F 165 -76.19 23.09 -10.33
N VAL F 166 -76.69 22.15 -11.13
CA VAL F 166 -77.72 21.21 -10.65
C VAL F 166 -77.20 20.41 -9.47
N SER F 167 -75.89 20.20 -9.38
CA SER F 167 -75.31 19.44 -8.27
C SER F 167 -75.57 20.08 -6.91
N CYS F 168 -76.15 21.28 -6.87
CA CYS F 168 -76.57 21.84 -5.59
C CYS F 168 -77.64 20.98 -4.93
N ILE F 169 -78.33 20.12 -5.69
CA ILE F 169 -79.34 19.25 -5.11
C ILE F 169 -78.73 17.88 -4.84
N TYR F 170 -77.40 17.80 -4.87
CA TYR F 170 -76.71 16.59 -4.45
C TYR F 170 -76.46 16.62 -2.95
N GLY F 171 -76.52 15.44 -2.33
CA GLY F 171 -76.48 15.33 -0.88
C GLY F 171 -75.11 15.48 -0.26
N LEU F 172 -74.88 16.61 0.40
CA LEU F 172 -73.70 16.80 1.24
C LEU F 172 -74.04 16.38 2.67
N GLY F 173 -73.17 16.73 3.62
CA GLY F 173 -73.46 16.51 5.01
C GLY F 173 -74.45 17.54 5.56
N THR F 174 -75.04 17.21 6.71
CA THR F 174 -76.01 18.10 7.31
C THR F 174 -75.31 19.36 7.84
N PRO F 175 -75.91 20.53 7.66
CA PRO F 175 -75.31 21.76 8.22
C PRO F 175 -75.26 21.77 9.74
N GLN F 176 -76.12 21.01 10.41
CA GLN F 176 -76.09 20.95 11.87
C GLN F 176 -74.71 20.51 12.36
N SER F 177 -74.22 19.39 11.83
CA SER F 177 -72.88 18.92 12.18
C SER F 177 -71.81 19.89 11.72
N TYR F 178 -71.99 20.49 10.53
CA TYR F 178 -71.05 21.49 10.03
C TYR F 178 -70.92 22.68 10.97
N LEU F 179 -71.95 22.97 11.77
CA LEU F 179 -71.94 24.13 12.63
C LEU F 179 -71.74 23.85 14.11
N ASP F 180 -71.99 22.62 14.59
CA ASP F 180 -71.83 22.34 16.01
C ASP F 180 -70.94 21.15 16.35
N ARG F 181 -70.59 20.29 15.39
CA ARG F 181 -69.74 19.15 15.69
C ARG F 181 -68.26 19.45 15.45
N SER F 182 -67.93 20.63 14.97
CA SER F 182 -66.56 21.12 14.95
C SER F 182 -66.30 21.89 16.24
N VAL F 183 -65.19 22.63 16.31
CA VAL F 183 -64.77 23.28 17.54
C VAL F 183 -64.55 24.76 17.30
N GLU F 184 -64.82 25.55 18.35
CA GLU F 184 -64.56 26.98 18.37
C GLU F 184 -63.43 27.26 19.35
N LEU F 185 -62.45 28.05 18.90
CA LEU F 185 -61.32 28.44 19.72
C LEU F 185 -61.36 29.94 19.99
N LYS F 186 -61.25 30.31 21.27
CA LYS F 186 -61.24 31.70 21.68
C LYS F 186 -60.11 31.87 22.69
N VAL F 187 -59.51 33.06 22.70
CA VAL F 187 -58.24 33.26 23.38
C VAL F 187 -58.40 33.09 24.88
N GLY F 188 -57.34 32.57 25.51
CA GLY F 188 -57.35 32.39 26.96
C GLY F 188 -58.33 31.34 27.44
N GLU F 189 -58.45 30.22 26.73
CA GLU F 189 -59.27 29.09 27.17
C GLU F 189 -58.38 27.87 27.39
N GLU F 190 -58.74 27.07 28.40
CA GLU F 190 -57.92 25.92 28.80
C GLU F 190 -58.33 24.71 27.97
N VAL F 191 -57.71 24.60 26.79
CA VAL F 191 -57.91 23.47 25.89
C VAL F 191 -56.55 22.82 25.68
N PRO F 192 -56.37 21.54 26.04
CA PRO F 192 -55.05 20.91 25.91
C PRO F 192 -54.68 20.68 24.45
N ARG F 193 -53.37 20.52 24.24
CA ARG F 193 -52.87 20.21 22.90
C ARG F 193 -53.38 18.85 22.42
N ASP F 194 -53.50 17.88 23.34
CA ASP F 194 -54.02 16.57 22.96
C ASP F 194 -55.46 16.67 22.47
N GLY F 195 -56.29 17.43 23.17
CA GLY F 195 -57.66 17.64 22.72
C GLY F 195 -57.72 18.37 21.40
N LEU F 196 -56.84 19.37 21.22
CA LEU F 196 -56.79 20.10 19.96
C LEU F 196 -56.44 19.18 18.80
N LEU F 197 -55.46 18.29 18.99
CA LEU F 197 -55.08 17.38 17.94
C LEU F 197 -56.16 16.34 17.68
N ARG F 198 -56.83 15.87 18.73
CA ARG F 198 -57.94 14.93 18.54
C ARG F 198 -59.06 15.57 17.75
N LEU F 199 -59.40 16.82 18.05
CA LEU F 199 -60.45 17.49 17.31
C LEU F 199 -60.00 17.82 15.89
N LEU F 200 -58.72 18.11 15.68
CA LEU F 200 -58.19 18.32 14.34
C LEU F 200 -58.32 17.05 13.49
N VAL F 201 -57.91 15.90 14.04
CA VAL F 201 -58.04 14.65 13.30
C VAL F 201 -59.50 14.18 13.22
N ASP F 202 -60.38 14.77 14.03
CA ASP F 202 -61.81 14.51 13.91
C ASP F 202 -62.53 15.46 12.97
N VAL F 203 -61.85 16.49 12.47
CA VAL F 203 -62.47 17.44 11.54
C VAL F 203 -61.78 17.33 10.18
N GLN F 204 -61.25 16.15 9.86
CA GLN F 204 -60.72 15.84 8.54
C GLN F 204 -59.56 16.75 8.15
N TYR F 205 -58.46 16.63 8.90
CA TYR F 205 -57.23 17.33 8.59
C TYR F 205 -56.07 16.32 8.60
N THR F 206 -55.03 16.63 7.82
CA THR F 206 -53.90 15.73 7.61
C THR F 206 -52.70 16.22 8.41
N ARG F 207 -51.59 15.50 8.28
CA ARG F 207 -50.39 15.71 9.10
C ARG F 207 -49.21 16.00 8.16
N ASN F 208 -48.87 17.28 8.03
CA ASN F 208 -47.78 17.73 7.17
C ASN F 208 -47.04 18.84 7.89
N ASP F 209 -45.70 18.76 7.89
CA ASP F 209 -44.89 19.74 8.61
C ASP F 209 -44.03 20.61 7.69
N MET F 210 -43.14 20.02 6.90
CA MET F 210 -42.13 20.82 6.19
C MET F 210 -42.76 21.78 5.19
N SER F 211 -43.75 21.32 4.45
CA SER F 211 -44.53 22.22 3.62
C SER F 211 -45.87 22.54 4.29
N PHE F 212 -46.62 23.45 3.69
CA PHE F 212 -47.93 23.83 4.21
C PHE F 212 -48.94 23.67 3.08
N THR F 213 -49.61 22.52 3.05
CA THR F 213 -50.62 22.22 2.05
C THR F 213 -52.01 22.47 2.64
N ARG F 214 -53.02 22.14 1.86
CA ARG F 214 -54.40 22.39 2.27
C ARG F 214 -54.84 21.37 3.32
N GLY F 215 -55.44 21.88 4.39
CA GLY F 215 -55.99 21.03 5.43
C GLY F 215 -54.98 20.16 6.17
N SER F 216 -53.86 20.76 6.58
CA SER F 216 -52.84 20.06 7.36
C SER F 216 -52.38 20.97 8.48
N PHE F 217 -51.93 20.36 9.58
CA PHE F 217 -51.53 21.12 10.75
C PHE F 217 -50.01 21.10 10.92
N ARG F 218 -49.43 22.30 10.99
CA ARG F 218 -48.06 22.49 11.43
C ARG F 218 -48.04 22.48 12.95
N VAL F 219 -47.49 21.43 13.54
CA VAL F 219 -47.44 21.27 14.99
C VAL F 219 -45.98 21.32 15.41
N ARG F 220 -45.57 22.42 16.03
CA ARG F 220 -44.19 22.59 16.50
C ARG F 220 -44.25 23.24 17.87
N GLY F 221 -44.16 22.43 18.92
CA GLY F 221 -44.16 22.93 20.28
C GLY F 221 -45.40 23.71 20.64
N ASP F 222 -45.23 25.02 20.86
CA ASP F 222 -46.35 25.87 21.23
C ASP F 222 -47.14 26.34 20.01
N THR F 223 -46.64 26.11 18.79
CA THR F 223 -47.24 26.67 17.59
C THR F 223 -48.05 25.60 16.87
N VAL F 224 -49.31 25.92 16.55
CA VAL F 224 -50.14 25.09 15.71
C VAL F 224 -50.70 25.98 14.60
N GLU F 225 -50.32 25.68 13.36
CA GLU F 225 -50.75 26.45 12.20
C GLU F 225 -51.64 25.56 11.34
N ILE F 226 -52.75 26.13 10.84
CA ILE F 226 -53.73 25.39 10.08
C ILE F 226 -54.06 26.15 8.81
N ILE F 227 -54.48 25.43 7.78
CA ILE F 227 -55.02 26.03 6.56
C ILE F 227 -56.46 25.54 6.42
N PRO F 228 -57.46 26.37 6.70
CA PRO F 228 -58.84 25.95 6.47
C PRO F 228 -59.12 25.75 5.00
N SER F 229 -60.05 24.84 4.71
CA SER F 229 -60.49 24.67 3.33
C SER F 229 -61.23 25.90 2.83
N TYR F 230 -61.92 26.61 3.74
CA TYR F 230 -62.74 27.74 3.32
C TYR F 230 -61.93 29.03 3.23
N GLU F 231 -60.91 29.18 4.07
CA GLU F 231 -59.95 30.28 3.96
C GLU F 231 -58.59 29.70 3.60
N GLU F 232 -58.11 30.01 2.39
CA GLU F 232 -56.84 29.46 1.93
C GLU F 232 -55.65 29.98 2.72
N LEU F 233 -55.83 31.03 3.52
CA LEU F 233 -54.75 31.58 4.32
C LEU F 233 -54.50 30.66 5.52
N ALA F 234 -53.63 31.13 6.43
CA ALA F 234 -53.19 30.34 7.56
C ALA F 234 -53.69 30.94 8.87
N VAL F 235 -54.02 30.05 9.82
CA VAL F 235 -54.48 30.42 11.14
C VAL F 235 -53.50 29.82 12.15
N ARG F 236 -52.86 30.67 12.94
CA ARG F 236 -51.83 30.22 13.88
C ARG F 236 -52.29 30.45 15.30
N ILE F 237 -52.17 29.41 16.14
CA ILE F 237 -52.45 29.50 17.57
C ILE F 237 -51.16 29.17 18.31
N GLU F 238 -50.76 30.07 19.20
CA GLU F 238 -49.58 29.89 20.05
C GLU F 238 -50.05 29.60 21.47
N PHE F 239 -49.52 28.52 22.05
CA PHE F 239 -49.95 28.02 23.35
C PHE F 239 -49.16 28.66 24.47
N PHE F 240 -49.68 28.50 25.69
CA PHE F 240 -48.96 28.80 26.92
C PHE F 240 -49.34 27.72 27.93
N GLY F 241 -48.55 26.66 27.98
CA GLY F 241 -48.94 25.50 28.77
C GLY F 241 -50.05 24.75 28.05
N ASP F 242 -51.04 24.29 28.83
CA ASP F 242 -52.20 23.60 28.30
C ASP F 242 -53.34 24.56 27.96
N GLU F 243 -53.08 25.86 27.93
CA GLU F 243 -54.06 26.88 27.59
C GLU F 243 -53.52 27.74 26.46
N ILE F 244 -54.33 27.93 25.41
CA ILE F 244 -53.88 28.69 24.25
C ILE F 244 -53.66 30.14 24.65
N GLU F 245 -52.52 30.69 24.24
CA GLU F 245 -52.11 32.04 24.60
C GLU F 245 -52.58 33.09 23.60
N ALA F 246 -52.39 32.84 22.31
CA ALA F 246 -52.71 33.84 21.31
C ALA F 246 -53.13 33.18 20.00
N LEU F 247 -53.82 33.96 19.18
CA LEU F 247 -54.34 33.49 17.90
C LEU F 247 -54.21 34.61 16.87
N TYR F 248 -53.79 34.24 15.66
CA TYR F 248 -53.53 35.23 14.61
C TYR F 248 -53.82 34.64 13.24
N TYR F 249 -54.02 35.54 12.28
CA TYR F 249 -54.13 35.21 10.86
C TYR F 249 -52.80 35.52 10.19
N LEU F 250 -52.18 34.50 9.58
CA LEU F 250 -50.89 34.66 8.94
C LEU F 250 -50.89 33.97 7.59
N HIS F 251 -49.98 34.41 6.72
CA HIS F 251 -49.83 33.81 5.41
C HIS F 251 -49.36 32.36 5.55
N PRO F 252 -49.81 31.46 4.66
CA PRO F 252 -49.41 30.05 4.77
C PRO F 252 -47.91 29.82 4.70
N LEU F 253 -47.27 30.29 3.62
CA LEU F 253 -45.87 30.00 3.38
C LEU F 253 -44.91 31.05 3.93
N THR F 254 -45.40 32.27 4.23
CA THR F 254 -44.54 33.34 4.72
C THR F 254 -44.92 33.87 6.10
N GLY F 255 -46.12 33.58 6.59
CA GLY F 255 -46.53 34.05 7.90
C GLY F 255 -46.67 35.56 8.00
N GLU F 256 -47.24 36.19 6.96
CA GLU F 256 -47.42 37.64 6.98
C GLU F 256 -48.58 38.01 7.91
N VAL F 257 -48.33 38.98 8.78
CA VAL F 257 -49.36 39.41 9.73
C VAL F 257 -50.45 40.15 8.99
N ILE F 258 -51.70 39.76 9.23
CA ILE F 258 -52.87 40.36 8.58
C ILE F 258 -53.65 41.24 9.55
N ARG F 259 -54.14 40.66 10.64
CA ARG F 259 -54.93 41.39 11.63
C ARG F 259 -54.91 40.62 12.94
N GLN F 260 -55.67 41.10 13.92
CA GLN F 260 -55.79 40.45 15.21
C GLN F 260 -57.21 39.89 15.34
N VAL F 261 -57.31 38.58 15.56
CA VAL F 261 -58.59 37.91 15.72
C VAL F 261 -58.56 37.11 17.01
N ASP F 262 -59.74 36.91 17.60
CA ASP F 262 -59.86 36.27 18.92
C ASP F 262 -60.69 34.99 18.89
N SER F 263 -61.87 35.03 18.26
CA SER F 263 -62.79 33.90 18.24
C SER F 263 -62.85 33.32 16.84
N LEU F 264 -62.71 32.00 16.73
CA LEU F 264 -62.82 31.35 15.43
C LEU F 264 -63.55 30.02 15.61
N ARG F 265 -64.73 29.91 15.00
CA ARG F 265 -65.50 28.68 14.98
C ARG F 265 -65.06 27.91 13.75
N ILE F 266 -64.06 27.03 13.91
CA ILE F 266 -63.43 26.42 12.76
C ILE F 266 -64.39 25.44 12.09
N PHE F 267 -64.25 25.28 10.79
CA PHE F 267 -65.05 24.29 10.10
C PHE F 267 -64.13 23.26 9.45
N PRO F 268 -64.56 22.00 9.42
CA PRO F 268 -63.72 20.94 8.84
C PRO F 268 -63.53 21.12 7.35
N ALA F 269 -62.48 20.47 6.84
CA ALA F 269 -62.12 20.51 5.43
C ALA F 269 -63.07 19.71 4.55
N THR F 270 -64.19 19.24 5.09
CA THR F 270 -65.19 18.51 4.34
C THR F 270 -66.58 19.08 4.61
N HIS F 271 -67.48 18.88 3.65
CA HIS F 271 -68.89 19.22 3.83
C HIS F 271 -69.66 18.12 4.53
N TYR F 272 -69.02 17.00 4.82
CA TYR F 272 -69.64 15.85 5.48
C TYR F 272 -69.21 15.76 6.94
N VAL F 273 -69.16 16.92 7.61
CA VAL F 273 -68.70 16.99 8.99
C VAL F 273 -69.38 15.95 9.86
N ALA F 274 -68.60 15.35 10.76
CA ALA F 274 -69.12 14.26 11.59
C ALA F 274 -68.27 14.14 12.85
N GLY F 275 -68.91 14.30 14.01
CA GLY F 275 -68.27 14.02 15.28
C GLY F 275 -68.37 12.55 15.63
N PRO F 276 -67.77 12.18 16.76
CA PRO F 276 -67.66 10.73 17.09
C PRO F 276 -68.99 9.99 17.07
N GLU F 277 -70.05 10.58 17.65
CA GLU F 277 -71.36 9.95 17.59
C GLU F 277 -71.89 9.92 16.16
N ARG F 278 -71.51 10.90 15.33
CA ARG F 278 -71.86 10.82 13.92
C ARG F 278 -71.09 9.74 13.18
N MET F 279 -69.83 9.47 13.57
CA MET F 279 -69.18 8.25 13.08
C MET F 279 -69.94 7.00 13.49
N ALA F 280 -70.44 6.96 14.73
CA ALA F 280 -71.23 5.80 15.15
C ALA F 280 -72.49 5.65 14.30
N HIS F 281 -73.21 6.75 14.07
CA HIS F 281 -74.40 6.70 13.24
C HIS F 281 -74.08 6.28 11.81
N ALA F 282 -73.00 6.83 11.24
CA ALA F 282 -72.60 6.48 9.89
C ALA F 282 -72.23 5.01 9.80
N VAL F 283 -71.52 4.49 10.80
CA VAL F 283 -71.13 3.09 10.79
C VAL F 283 -72.37 2.19 10.87
N SER F 284 -73.31 2.53 11.75
CA SER F 284 -74.51 1.70 11.88
C SER F 284 -75.34 1.72 10.59
N ALA F 285 -75.51 2.91 9.99
CA ALA F 285 -76.26 3.01 8.75
C ALA F 285 -75.55 2.27 7.61
N ILE F 286 -74.22 2.39 7.55
CA ILE F 286 -73.44 1.68 6.55
C ILE F 286 -73.63 0.18 6.70
N GLU F 287 -73.58 -0.31 7.94
CA GLU F 287 -73.73 -1.75 8.17
C GLU F 287 -75.12 -2.23 7.78
N GLU F 288 -76.17 -1.49 8.17
CA GLU F 288 -77.51 -1.97 7.86
C GLU F 288 -77.79 -1.94 6.36
N GLU F 289 -77.37 -0.87 5.67
CA GLU F 289 -77.58 -0.84 4.22
C GLU F 289 -76.66 -1.80 3.49
N LEU F 290 -75.48 -2.10 4.04
CA LEU F 290 -74.62 -3.13 3.46
C LEU F 290 -75.28 -4.50 3.57
N ALA F 291 -75.90 -4.79 4.71
CA ALA F 291 -76.65 -6.04 4.84
C ALA F 291 -77.80 -6.10 3.86
N GLU F 292 -78.55 -5.00 3.72
CA GLU F 292 -79.66 -4.96 2.78
C GLU F 292 -79.18 -5.19 1.35
N ARG F 293 -78.10 -4.51 0.96
CA ARG F 293 -77.57 -4.66 -0.40
C ARG F 293 -76.98 -6.04 -0.62
N LEU F 294 -76.36 -6.64 0.40
CA LEU F 294 -75.85 -7.99 0.28
C LEU F 294 -76.99 -8.97 0.05
N ALA F 295 -78.10 -8.81 0.79
CA ALA F 295 -79.26 -9.66 0.57
C ALA F 295 -79.83 -9.46 -0.83
N GLU F 296 -79.92 -8.21 -1.28
CA GLU F 296 -80.46 -7.92 -2.61
C GLU F 296 -79.58 -8.54 -3.70
N LEU F 297 -78.27 -8.44 -3.56
CA LEU F 297 -77.37 -9.00 -4.56
C LEU F 297 -77.34 -10.52 -4.52
N GLU F 298 -77.51 -11.10 -3.32
CA GLU F 298 -77.63 -12.55 -3.22
C GLU F 298 -78.88 -13.05 -3.92
N SER F 299 -80.00 -12.32 -3.75
CA SER F 299 -81.23 -12.69 -4.46
C SER F 299 -81.09 -12.46 -5.96
N GLN F 300 -80.32 -11.44 -6.36
CA GLN F 300 -80.09 -11.17 -7.77
C GLN F 300 -79.03 -12.06 -8.40
N GLY F 301 -78.30 -12.82 -7.60
CA GLY F 301 -77.26 -13.68 -8.13
C GLY F 301 -76.01 -12.97 -8.60
N LYS F 302 -75.75 -11.76 -8.08
CA LYS F 302 -74.58 -10.98 -8.48
C LYS F 302 -73.47 -11.21 -7.45
N LEU F 303 -72.79 -12.36 -7.59
CA LEU F 303 -71.74 -12.72 -6.65
C LEU F 303 -70.52 -11.81 -6.81
N LEU F 304 -70.06 -11.63 -8.05
CA LEU F 304 -68.88 -10.80 -8.28
C LEU F 304 -69.15 -9.34 -7.91
N GLU F 305 -70.34 -8.85 -8.26
CA GLU F 305 -70.71 -7.47 -7.91
C GLU F 305 -70.75 -7.28 -6.40
N ALA F 306 -71.38 -8.22 -5.69
CA ALA F 306 -71.43 -8.13 -4.24
C ALA F 306 -70.04 -8.20 -3.63
N GLN F 307 -69.17 -9.05 -4.18
CA GLN F 307 -67.80 -9.12 -3.69
C GLN F 307 -67.07 -7.80 -3.91
N ARG F 308 -67.21 -7.20 -5.09
CA ARG F 308 -66.54 -5.93 -5.34
C ARG F 308 -67.04 -4.86 -4.38
N LEU F 309 -68.36 -4.81 -4.16
CA LEU F 309 -68.91 -3.85 -3.21
C LEU F 309 -68.41 -4.09 -1.79
N ARG F 310 -68.24 -5.37 -1.41
CA ARG F 310 -67.79 -5.67 -0.05
C ARG F 310 -66.31 -5.30 0.14
N MET F 311 -65.46 -5.59 -0.84
CA MET F 311 -64.08 -5.10 -0.77
C MET F 311 -64.01 -3.58 -0.75
N ARG F 312 -64.81 -2.90 -1.57
CA ARG F 312 -64.78 -1.44 -1.56
C ARG F 312 -65.24 -0.88 -0.22
N THR F 313 -66.33 -1.44 0.34
CA THR F 313 -66.83 -0.95 1.62
C THR F 313 -65.91 -1.33 2.76
N ASN F 314 -65.24 -2.48 2.67
CA ASN F 314 -64.28 -2.86 3.71
C ASN F 314 -63.12 -1.88 3.77
N TYR F 315 -62.65 -1.42 2.60
CA TYR F 315 -61.68 -0.33 2.60
C TYR F 315 -62.34 0.99 3.00
N ASP F 316 -63.66 1.08 2.87
CA ASP F 316 -64.39 2.31 3.13
C ASP F 316 -65.21 2.23 4.42
N ILE F 317 -64.72 1.53 5.43
CA ILE F 317 -65.28 1.54 6.78
C ILE F 317 -64.22 1.86 7.83
N GLU F 318 -63.06 1.21 7.74
CA GLU F 318 -62.10 1.26 8.84
C GLU F 318 -61.47 2.64 9.01
N MET F 319 -61.15 3.31 7.91
CA MET F 319 -60.35 4.53 8.03
C MET F 319 -61.20 5.78 8.19
N MET F 320 -62.53 5.66 8.19
CA MET F 320 -63.38 6.76 8.65
C MET F 320 -63.27 6.94 10.16
N ARG F 321 -63.28 5.84 10.92
CA ARG F 321 -63.08 5.96 12.35
C ARG F 321 -61.62 6.19 12.72
N GLN F 322 -60.72 6.19 11.73
CA GLN F 322 -59.33 6.58 11.95
C GLN F 322 -59.14 8.07 11.68
N VAL F 323 -59.39 8.49 10.45
CA VAL F 323 -59.35 9.91 10.09
C VAL F 323 -60.67 10.34 9.45
N GLY F 324 -61.09 9.72 8.36
CA GLY F 324 -62.36 9.98 7.73
C GLY F 324 -62.31 10.34 6.25
N PHE F 325 -61.30 11.09 5.80
CA PHE F 325 -61.34 11.65 4.46
C PHE F 325 -60.94 10.61 3.42
N CYS F 326 -61.70 10.55 2.33
CA CYS F 326 -61.44 9.59 1.26
C CYS F 326 -62.17 10.07 0.01
N SER F 327 -62.13 9.25 -1.04
CA SER F 327 -62.82 9.52 -2.29
C SER F 327 -64.06 8.65 -2.36
N GLY F 328 -65.20 9.27 -2.67
CA GLY F 328 -66.47 8.57 -2.67
C GLY F 328 -67.26 8.67 -1.39
N ILE F 329 -66.87 9.59 -0.48
CA ILE F 329 -67.61 9.75 0.77
C ILE F 329 -69.03 10.24 0.51
N GLU F 330 -69.25 10.88 -0.64
CA GLU F 330 -70.61 11.31 -0.98
C GLU F 330 -71.54 10.12 -1.18
N ASN F 331 -71.01 8.99 -1.66
CA ASN F 331 -71.83 7.81 -1.86
C ASN F 331 -72.39 7.27 -0.54
N TYR F 332 -71.72 7.52 0.57
CA TYR F 332 -72.20 7.18 1.90
C TYR F 332 -72.77 8.37 2.64
N SER F 333 -73.01 9.49 1.93
CA SER F 333 -73.40 10.73 2.60
C SER F 333 -74.68 10.55 3.41
N ARG F 334 -75.65 9.81 2.86
CA ARG F 334 -76.88 9.54 3.60
C ARG F 334 -76.59 8.91 4.95
N HIS F 335 -75.67 7.93 4.97
CA HIS F 335 -75.31 7.28 6.22
C HIS F 335 -74.75 8.29 7.22
N ILE F 336 -74.02 9.30 6.72
CA ILE F 336 -73.55 10.35 7.61
C ILE F 336 -74.72 11.20 8.09
N ASP F 337 -75.67 11.51 7.21
CA ASP F 337 -76.76 12.42 7.53
C ASP F 337 -77.80 11.81 8.46
N GLY F 338 -77.93 10.49 8.47
CA GLY F 338 -78.94 9.86 9.29
C GLY F 338 -80.33 9.84 8.70
N ARG F 339 -80.50 10.29 7.46
CA ARG F 339 -81.80 10.30 6.81
C ARG F 339 -82.13 8.89 6.31
N GLY F 340 -83.23 8.75 5.57
CA GLY F 340 -83.66 7.46 5.08
C GLY F 340 -83.71 7.40 3.56
N PRO F 341 -83.92 6.20 3.03
CA PRO F 341 -84.05 6.06 1.57
C PRO F 341 -85.28 6.80 1.07
N GLY F 342 -85.16 7.37 -0.14
CA GLY F 342 -86.24 8.11 -0.75
C GLY F 342 -86.44 9.51 -0.20
N THR F 343 -86.01 9.78 1.01
CA THR F 343 -86.12 11.12 1.58
C THR F 343 -85.18 12.08 0.85
N PRO F 344 -85.53 13.35 0.78
CA PRO F 344 -84.67 14.33 0.12
C PRO F 344 -83.30 14.38 0.77
N PRO F 345 -82.23 14.22 -0.02
CA PRO F 345 -80.88 14.25 0.56
C PRO F 345 -80.56 15.61 1.16
N ALA F 346 -79.75 15.59 2.21
CA ALA F 346 -79.32 16.83 2.87
C ALA F 346 -78.40 17.59 1.92
N THR F 347 -78.90 18.70 1.38
CA THR F 347 -78.20 19.45 0.35
C THR F 347 -77.90 20.86 0.87
N LEU F 348 -77.44 21.72 -0.04
CA LEU F 348 -77.16 23.11 0.30
C LEU F 348 -78.41 23.83 0.81
N LEU F 349 -79.60 23.33 0.49
CA LEU F 349 -80.83 23.97 0.96
C LEU F 349 -80.92 23.90 2.48
N ASP F 350 -80.51 22.79 3.08
CA ASP F 350 -80.54 22.67 4.53
C ASP F 350 -79.62 23.70 5.19
N TYR F 351 -78.49 24.01 4.55
CA TYR F 351 -77.62 25.06 5.06
C TYR F 351 -78.34 26.40 5.09
N PHE F 352 -79.12 26.69 4.06
CA PHE F 352 -79.96 27.88 4.05
C PHE F 352 -81.09 27.74 5.08
N PRO F 353 -81.57 28.85 5.63
CA PRO F 353 -82.70 28.78 6.56
C PRO F 353 -84.01 28.58 5.83
N GLU F 354 -85.13 28.63 6.55
CA GLU F 354 -86.44 28.49 5.94
C GLU F 354 -86.90 29.77 5.25
N ASP F 355 -86.16 30.87 5.39
CA ASP F 355 -86.52 32.15 4.77
C ASP F 355 -85.54 32.53 3.65
N PHE F 356 -84.83 31.56 3.09
CA PHE F 356 -83.85 31.87 2.06
C PHE F 356 -84.52 32.16 0.73
N LEU F 357 -83.75 32.75 -0.19
CA LEU F 357 -84.23 33.10 -1.52
C LEU F 357 -83.54 32.22 -2.55
N LEU F 358 -84.30 31.78 -3.55
CA LEU F 358 -83.78 30.95 -4.64
C LEU F 358 -84.01 31.65 -5.96
N VAL F 359 -83.00 31.61 -6.83
CA VAL F 359 -83.06 32.22 -8.14
C VAL F 359 -82.65 31.17 -9.18
N ILE F 360 -83.34 31.14 -10.31
CA ILE F 360 -83.08 30.20 -11.39
C ILE F 360 -82.66 30.98 -12.63
N ASP F 361 -81.75 30.43 -13.42
CA ASP F 361 -81.38 30.99 -14.70
C ASP F 361 -81.70 30.00 -15.81
N GLU F 362 -82.37 30.48 -16.85
CA GLU F 362 -82.75 29.66 -18.01
C GLU F 362 -83.56 28.44 -17.60
N SER F 363 -84.71 28.69 -16.95
CA SER F 363 -85.53 27.61 -16.44
C SER F 363 -86.01 26.68 -17.54
N HIS F 364 -86.35 27.24 -18.72
CA HIS F 364 -86.89 26.45 -19.81
C HIS F 364 -85.97 25.29 -20.19
N VAL F 365 -84.67 25.46 -20.02
CA VAL F 365 -83.73 24.38 -20.26
C VAL F 365 -83.16 23.80 -18.96
N THR F 366 -83.19 24.54 -17.85
CA THR F 366 -82.62 24.04 -16.61
C THR F 366 -83.51 22.99 -15.96
N VAL F 367 -84.83 23.24 -15.91
CA VAL F 367 -85.73 22.26 -15.32
C VAL F 367 -85.78 20.97 -16.12
N PRO F 368 -85.94 20.98 -17.45
CA PRO F 368 -85.76 19.73 -18.21
C PRO F 368 -84.38 19.14 -18.05
N GLN F 369 -83.34 19.97 -17.89
CA GLN F 369 -82.02 19.44 -17.56
C GLN F 369 -82.06 18.74 -16.20
N ILE F 370 -82.78 19.30 -15.24
CA ILE F 370 -82.89 18.68 -13.92
C ILE F 370 -83.56 17.31 -14.03
N GLY F 371 -84.66 17.23 -14.79
CA GLY F 371 -85.33 15.95 -14.95
C GLY F 371 -84.49 14.92 -15.69
N GLY F 372 -83.89 15.32 -16.81
CA GLY F 372 -83.05 14.40 -17.55
C GLY F 372 -81.84 13.95 -16.76
N MET F 373 -81.29 14.84 -15.92
CA MET F 373 -80.13 14.47 -15.12
C MET F 373 -80.55 13.59 -13.95
N TYR F 374 -81.76 13.79 -13.41
CA TYR F 374 -82.28 12.85 -12.43
C TYR F 374 -82.38 11.45 -13.03
N GLU F 375 -82.89 11.37 -14.26
CA GLU F 375 -82.94 10.08 -14.95
C GLU F 375 -81.54 9.51 -15.15
N GLY F 376 -80.60 10.33 -15.60
CA GLY F 376 -79.26 9.84 -15.86
C GLY F 376 -78.54 9.39 -14.59
N ASP F 377 -78.73 10.14 -13.50
CA ASP F 377 -78.07 9.80 -12.25
C ASP F 377 -78.69 8.55 -11.63
N ILE F 378 -80.02 8.40 -11.71
CA ILE F 378 -80.62 7.18 -11.20
C ILE F 378 -80.18 5.99 -12.05
N SER F 379 -80.02 6.18 -13.36
CA SER F 379 -79.52 5.09 -14.20
C SER F 379 -78.07 4.72 -13.83
N ARG F 380 -77.21 5.72 -13.65
CA ARG F 380 -75.82 5.44 -13.35
C ARG F 380 -75.67 4.84 -11.95
N LYS F 381 -76.49 5.27 -10.99
CA LYS F 381 -76.43 4.71 -9.65
C LYS F 381 -77.16 3.38 -9.55
N ARG F 382 -78.01 3.04 -10.51
CA ARG F 382 -78.45 1.66 -10.65
C ARG F 382 -77.33 0.80 -11.22
N ASN F 383 -76.60 1.33 -12.20
CA ASN F 383 -75.45 0.62 -12.76
C ASN F 383 -74.33 0.44 -11.74
N LEU F 384 -74.26 1.32 -10.73
CA LEU F 384 -73.25 1.18 -9.68
C LEU F 384 -73.78 0.40 -8.48
N VAL F 385 -74.85 0.90 -7.85
CA VAL F 385 -75.34 0.31 -6.60
C VAL F 385 -75.84 -1.11 -6.84
N GLU F 386 -76.71 -1.29 -7.84
CA GLU F 386 -77.25 -2.61 -8.12
C GLU F 386 -76.24 -3.56 -8.74
N TYR F 387 -75.08 -3.04 -9.16
CA TYR F 387 -74.00 -3.88 -9.67
C TYR F 387 -72.79 -3.85 -8.74
N GLY F 388 -73.04 -3.64 -7.45
CA GLY F 388 -72.02 -3.79 -6.44
C GLY F 388 -70.82 -2.87 -6.53
N PHE F 389 -71.06 -1.57 -6.74
CA PHE F 389 -70.02 -0.57 -6.74
C PHE F 389 -70.09 0.35 -5.52
N ARG F 390 -71.28 0.84 -5.20
CA ARG F 390 -71.46 1.72 -4.05
C ARG F 390 -72.72 1.30 -3.31
N LEU F 391 -72.80 1.71 -2.04
CA LEU F 391 -73.95 1.38 -1.23
C LEU F 391 -75.19 2.12 -1.73
N PRO F 392 -76.39 1.59 -1.47
CA PRO F 392 -77.62 2.28 -1.91
C PRO F 392 -77.78 3.69 -1.36
N SER F 393 -76.94 4.12 -0.41
CA SER F 393 -76.94 5.52 -0.01
C SER F 393 -76.55 6.43 -1.15
N ALA F 394 -75.81 5.93 -2.14
CA ALA F 394 -75.55 6.70 -3.35
C ALA F 394 -76.80 6.83 -4.21
N CYS F 395 -77.59 5.75 -4.30
CA CYS F 395 -78.87 5.83 -4.99
C CYS F 395 -79.79 6.83 -4.31
N ASP F 396 -79.82 6.82 -2.97
CA ASP F 396 -80.53 7.84 -2.22
C ASP F 396 -79.87 9.21 -2.36
N ASN F 397 -78.60 9.25 -2.75
CA ASN F 397 -77.91 10.50 -3.07
C ASN F 397 -78.14 10.89 -4.53
N ARG F 398 -79.40 10.93 -4.91
CA ARG F 398 -79.80 11.31 -6.26
C ARG F 398 -80.20 12.77 -6.29
N PRO F 399 -80.11 13.42 -7.45
CA PRO F 399 -80.55 14.81 -7.56
C PRO F 399 -82.03 14.94 -7.22
N LEU F 400 -82.37 16.02 -6.52
CA LEU F 400 -83.74 16.24 -6.10
C LEU F 400 -84.64 16.38 -7.32
N THR F 401 -85.77 15.67 -7.30
CA THR F 401 -86.78 15.84 -8.33
C THR F 401 -87.38 17.24 -8.22
N TRP F 402 -88.14 17.62 -9.27
CA TRP F 402 -88.73 18.95 -9.27
C TRP F 402 -89.72 19.13 -8.12
N GLU F 403 -90.54 18.12 -7.86
CA GLU F 403 -91.49 18.20 -6.76
C GLU F 403 -90.78 18.27 -5.41
N GLU F 404 -89.78 17.43 -5.20
CA GLU F 404 -89.03 17.45 -3.95
C GLU F 404 -88.28 18.76 -3.77
N PHE F 405 -87.67 19.26 -4.84
CA PHE F 405 -86.95 20.52 -4.78
C PHE F 405 -87.89 21.67 -4.46
N ALA F 406 -89.07 21.69 -5.08
CA ALA F 406 -90.05 22.73 -4.78
C ALA F 406 -90.53 22.64 -3.33
N ASP F 407 -90.75 21.41 -2.83
CA ASP F 407 -91.21 21.24 -1.45
C ASP F 407 -90.14 21.68 -0.46
N ARG F 408 -88.87 21.40 -0.74
CA ARG F 408 -87.80 21.75 0.18
C ARG F 408 -87.53 23.25 0.24
N ILE F 409 -87.98 24.01 -0.74
CA ILE F 409 -87.71 25.44 -0.82
C ILE F 409 -88.99 26.20 -0.55
N GLY F 410 -88.87 27.52 -0.44
CA GLY F 410 -90.02 28.38 -0.33
C GLY F 410 -90.53 28.76 -1.70
N GLN F 411 -90.64 30.06 -1.97
CA GLN F 411 -91.07 30.50 -3.29
C GLN F 411 -89.96 30.30 -4.30
N THR F 412 -90.34 29.81 -5.48
CA THR F 412 -89.41 29.47 -6.55
C THR F 412 -89.44 30.54 -7.63
N VAL F 413 -88.27 31.07 -7.97
CA VAL F 413 -88.13 32.17 -8.91
C VAL F 413 -87.23 31.74 -10.05
N TYR F 414 -87.63 32.07 -11.29
CA TYR F 414 -86.85 31.75 -12.47
C TYR F 414 -86.54 33.02 -13.24
N LEU F 415 -85.50 32.97 -14.06
CA LEU F 415 -85.11 34.07 -14.95
C LEU F 415 -84.65 33.45 -16.27
N SER F 416 -85.56 33.34 -17.23
CA SER F 416 -85.25 32.69 -18.50
C SER F 416 -85.69 33.58 -19.65
N ALA F 417 -84.99 33.45 -20.77
CA ALA F 417 -85.34 34.21 -21.97
C ALA F 417 -86.57 33.66 -22.68
N THR F 418 -86.96 32.42 -22.39
CA THR F 418 -88.15 31.82 -22.97
C THR F 418 -89.03 31.25 -21.86
N PRO F 419 -90.35 31.27 -22.02
CA PRO F 419 -91.23 30.74 -20.97
C PRO F 419 -91.33 29.22 -21.05
N GLY F 420 -91.08 28.56 -19.92
CA GLY F 420 -91.16 27.12 -19.83
C GLY F 420 -92.60 26.65 -19.71
N PRO F 421 -92.98 25.68 -20.55
CA PRO F 421 -94.39 25.20 -20.52
C PRO F 421 -94.81 24.64 -19.17
N TYR F 422 -93.95 23.86 -18.52
CA TYR F 422 -94.31 23.31 -17.22
C TYR F 422 -94.44 24.39 -16.16
N GLU F 423 -93.55 25.39 -16.19
CA GLU F 423 -93.66 26.50 -15.26
C GLU F 423 -94.94 27.29 -15.49
N LEU F 424 -95.30 27.51 -16.75
CA LEU F 424 -96.55 28.20 -17.07
C LEU F 424 -97.76 27.40 -16.58
N SER F 425 -97.71 26.08 -16.73
CA SER F 425 -98.80 25.24 -16.24
C SER F 425 -98.89 25.31 -14.72
N GLN F 426 -97.74 25.32 -14.03
CA GLN F 426 -97.75 25.42 -12.58
C GLN F 426 -98.30 26.76 -12.12
N THR F 427 -97.91 27.85 -12.79
CA THR F 427 -98.36 29.19 -12.41
C THR F 427 -99.78 29.49 -12.89
N GLY F 428 -100.32 28.70 -13.81
CA GLY F 428 -101.60 28.99 -14.41
C GLY F 428 -101.57 30.01 -15.52
N GLY F 429 -100.40 30.53 -15.87
CA GLY F 429 -100.25 31.51 -16.94
C GLY F 429 -99.62 32.82 -16.50
N GLU F 430 -99.59 33.11 -15.20
CA GLU F 430 -99.05 34.37 -14.73
C GLU F 430 -97.52 34.39 -14.84
N PHE F 431 -96.99 35.56 -15.19
CA PHE F 431 -95.56 35.76 -15.38
C PHE F 431 -95.30 37.26 -15.44
N VAL F 432 -94.05 37.65 -15.19
CA VAL F 432 -93.64 39.05 -15.25
C VAL F 432 -92.54 39.18 -16.30
N GLU F 433 -92.67 40.20 -17.15
CA GLU F 433 -91.81 40.36 -18.32
C GLU F 433 -90.84 41.52 -18.13
N GLN F 434 -89.59 41.29 -18.52
CA GLN F 434 -88.59 42.34 -18.62
C GLN F 434 -87.73 42.15 -19.88
N VAL F 435 -88.17 41.29 -20.80
CA VAL F 435 -87.45 41.08 -22.06
C VAL F 435 -87.30 42.39 -22.82
N ILE F 436 -88.27 43.28 -22.68
CA ILE F 436 -88.25 44.57 -23.35
C ILE F 436 -87.04 45.37 -22.85
N ARG F 437 -86.09 45.60 -23.75
CA ARG F 437 -84.77 46.06 -23.33
C ARG F 437 -84.73 47.57 -23.19
N PRO F 438 -84.38 48.10 -22.01
CA PRO F 438 -84.19 49.56 -21.89
C PRO F 438 -83.07 50.09 -22.76
N THR F 439 -82.04 49.29 -23.03
CA THR F 439 -80.88 49.74 -23.80
C THR F 439 -81.21 50.01 -25.25
N GLY F 440 -82.36 49.56 -25.74
CA GLY F 440 -82.76 49.79 -27.11
C GLY F 440 -82.53 48.62 -28.06
N LEU F 441 -81.78 47.61 -27.64
CA LEU F 441 -81.57 46.45 -28.49
C LEU F 441 -82.88 45.69 -28.69
N VAL F 442 -83.07 45.17 -29.90
CA VAL F 442 -84.30 44.52 -30.29
C VAL F 442 -83.98 43.22 -31.02
N ASP F 443 -85.03 42.45 -31.32
CA ASP F 443 -84.92 41.20 -32.03
C ASP F 443 -84.63 41.44 -33.51
N PRO F 444 -84.12 40.43 -34.23
CA PRO F 444 -83.81 40.62 -35.66
C PRO F 444 -85.04 40.73 -36.54
N LYS F 445 -84.82 40.91 -37.85
CA LYS F 445 -85.90 40.95 -38.83
C LYS F 445 -86.11 39.57 -39.42
N VAL F 446 -87.36 39.16 -39.55
CA VAL F 446 -87.72 37.78 -39.80
C VAL F 446 -88.24 37.64 -41.23
N VAL F 447 -87.68 36.70 -41.99
CA VAL F 447 -88.09 36.47 -43.36
C VAL F 447 -88.20 34.96 -43.60
N VAL F 448 -89.27 34.54 -44.25
CA VAL F 448 -89.57 33.15 -44.52
C VAL F 448 -89.68 32.96 -46.03
N LYS F 449 -88.93 32.02 -46.58
CA LYS F 449 -89.01 31.70 -48.00
C LYS F 449 -88.94 30.19 -48.18
N PRO F 450 -89.50 29.67 -49.27
CA PRO F 450 -89.46 28.22 -49.51
C PRO F 450 -88.06 27.71 -49.81
N THR F 451 -87.91 26.39 -49.91
CA THR F 451 -86.63 25.73 -50.19
C THR F 451 -86.45 25.43 -51.68
N LYS F 452 -87.14 26.16 -52.54
CA LYS F 452 -86.94 26.07 -53.98
C LYS F 452 -85.81 27.02 -54.38
N GLY F 453 -84.69 26.46 -54.80
CA GLY F 453 -83.53 27.25 -55.18
C GLY F 453 -82.96 28.06 -54.04
N GLN F 454 -82.91 27.47 -52.83
CA GLN F 454 -82.43 28.22 -51.67
C GLN F 454 -80.92 28.36 -51.67
N ILE F 455 -80.19 27.46 -52.33
CA ILE F 455 -78.74 27.49 -52.28
C ILE F 455 -78.20 28.72 -53.01
N ASP F 456 -78.71 29.01 -54.20
CA ASP F 456 -78.23 30.15 -54.97
C ASP F 456 -78.50 31.46 -54.23
N ASP F 457 -79.72 31.60 -53.69
CA ASP F 457 -80.06 32.79 -52.92
C ASP F 457 -79.17 32.92 -51.69
N LEU F 458 -78.96 31.81 -50.98
CA LEU F 458 -78.11 31.83 -49.80
C LEU F 458 -76.70 32.28 -50.14
N ILE F 459 -76.14 31.74 -51.23
CA ILE F 459 -74.79 32.11 -51.65
C ILE F 459 -74.74 33.59 -52.02
N GLY F 460 -75.75 34.07 -52.75
CA GLY F 460 -75.77 35.48 -53.11
C GLY F 460 -75.78 36.38 -51.90
N GLU F 461 -76.66 36.10 -50.94
CA GLU F 461 -76.73 36.95 -49.76
C GLU F 461 -75.50 36.86 -48.87
N ILE F 462 -74.90 35.66 -48.74
CA ILE F 462 -73.70 35.60 -47.91
C ILE F 462 -72.56 36.35 -48.59
N ARG F 463 -72.51 36.34 -49.93
CA ARG F 463 -71.51 37.15 -50.61
C ARG F 463 -71.75 38.65 -50.40
N THR F 464 -73.01 39.09 -50.52
CA THR F 464 -73.31 40.51 -50.33
C THR F 464 -73.05 40.97 -48.90
N ARG F 465 -73.19 40.08 -47.93
CA ARG F 465 -72.90 40.44 -46.54
C ARG F 465 -71.46 40.14 -46.14
N ALA F 466 -70.71 39.38 -46.94
CA ALA F 466 -69.32 39.09 -46.66
C ALA F 466 -68.37 40.08 -47.33
N ASP F 467 -68.83 40.78 -48.38
CA ASP F 467 -68.06 41.95 -48.80
C ASP F 467 -68.01 43.00 -47.71
N ALA F 468 -68.96 42.97 -46.78
CA ALA F 468 -68.93 43.77 -45.56
C ALA F 468 -68.42 42.99 -44.35
N ASP F 469 -67.96 41.76 -44.56
CA ASP F 469 -67.35 40.92 -43.52
C ASP F 469 -68.33 40.67 -42.36
N GLN F 470 -69.39 39.95 -42.69
CA GLN F 470 -70.39 39.53 -41.71
C GLN F 470 -70.39 38.01 -41.59
N ARG F 471 -70.70 37.52 -40.39
CA ARG F 471 -70.68 36.09 -40.10
C ARG F 471 -72.06 35.48 -40.27
N VAL F 472 -72.09 34.22 -40.72
CA VAL F 472 -73.34 33.52 -41.01
C VAL F 472 -73.27 32.12 -40.39
N LEU F 473 -74.44 31.63 -39.96
CA LEU F 473 -74.56 30.32 -39.35
C LEU F 473 -75.67 29.55 -40.06
N VAL F 474 -75.42 28.27 -40.31
CA VAL F 474 -76.36 27.38 -40.97
C VAL F 474 -76.61 26.16 -40.08
N THR F 475 -77.81 25.59 -40.19
CA THR F 475 -78.20 24.44 -39.39
C THR F 475 -78.63 23.30 -40.29
N THR F 476 -78.36 22.07 -39.84
CA THR F 476 -78.71 20.87 -40.59
C THR F 476 -79.24 19.82 -39.62
N LEU F 477 -79.64 18.68 -40.18
CA LEU F 477 -80.27 17.61 -39.41
C LEU F 477 -79.40 16.35 -39.34
N THR F 478 -79.02 15.79 -40.48
CA THR F 478 -78.20 14.57 -40.52
C THR F 478 -76.88 14.88 -41.21
N LYS F 479 -75.84 14.12 -40.85
CA LYS F 479 -74.49 14.46 -41.27
C LYS F 479 -74.28 14.28 -42.77
N LYS F 480 -74.99 13.36 -43.41
CA LYS F 480 -74.74 13.03 -44.81
C LYS F 480 -74.97 14.24 -45.73
N MET F 481 -76.23 14.68 -45.84
CA MET F 481 -76.49 15.84 -46.69
C MET F 481 -75.96 17.13 -46.08
N ALA F 482 -75.71 17.18 -44.77
CA ALA F 482 -75.03 18.33 -44.19
C ALA F 482 -73.64 18.49 -44.80
N GLU F 483 -72.85 17.41 -44.82
CA GLU F 483 -71.54 17.46 -45.44
C GLU F 483 -71.64 17.65 -46.95
N ASP F 484 -72.68 17.09 -47.57
CA ASP F 484 -72.87 17.29 -49.01
C ASP F 484 -73.06 18.76 -49.34
N LEU F 485 -73.92 19.45 -48.58
CA LEU F 485 -74.15 20.88 -48.83
C LEU F 485 -72.96 21.72 -48.37
N THR F 486 -72.21 21.26 -47.37
CA THR F 486 -70.98 21.94 -47.00
C THR F 486 -69.98 21.91 -48.15
N ASP F 487 -69.82 20.75 -48.80
CA ASP F 487 -68.98 20.66 -49.97
C ASP F 487 -69.54 21.50 -51.12
N TYR F 488 -70.87 21.53 -51.28
CA TYR F 488 -71.48 22.38 -52.30
C TYR F 488 -71.13 23.85 -52.09
N LEU F 489 -71.18 24.31 -50.84
CA LEU F 489 -70.78 25.68 -50.53
C LEU F 489 -69.29 25.88 -50.79
N LEU F 490 -68.46 24.91 -50.42
CA LEU F 490 -67.03 25.03 -50.61
C LEU F 490 -66.61 24.96 -52.08
N GLU F 491 -67.51 24.50 -52.96
CA GLU F 491 -67.18 24.38 -54.37
C GLU F 491 -66.62 25.67 -54.96
N MET F 492 -67.36 26.78 -54.79
CA MET F 492 -66.92 28.02 -55.40
C MET F 492 -65.76 28.65 -54.62
N GLY F 493 -65.71 28.43 -53.31
CA GLY F 493 -64.63 28.96 -52.49
C GLY F 493 -65.08 29.85 -51.35
N ILE F 494 -66.32 29.69 -50.90
CA ILE F 494 -66.78 30.43 -49.74
C ILE F 494 -66.04 29.96 -48.49
N ARG F 495 -65.80 30.91 -47.57
CA ARG F 495 -65.15 30.61 -46.30
C ARG F 495 -66.16 29.87 -45.42
N VAL F 496 -66.15 28.55 -45.53
CA VAL F 496 -67.12 27.69 -44.86
C VAL F 496 -66.40 26.77 -43.89
N ARG F 497 -66.95 26.61 -42.69
CA ARG F 497 -66.45 25.62 -41.75
C ARG F 497 -67.62 24.80 -41.22
N TYR F 498 -67.34 23.53 -40.92
CA TYR F 498 -68.36 22.55 -40.64
C TYR F 498 -68.16 21.96 -39.24
N LEU F 499 -69.28 21.66 -38.59
CA LEU F 499 -69.28 21.11 -37.24
C LEU F 499 -70.22 19.91 -37.20
N HIS F 500 -69.95 19.00 -36.26
CA HIS F 500 -70.73 17.78 -36.17
C HIS F 500 -71.14 17.48 -34.73
N SER F 501 -71.65 16.26 -34.50
CA SER F 501 -72.33 15.95 -33.24
C SER F 501 -71.39 16.03 -32.04
N GLU F 502 -70.17 15.53 -32.18
CA GLU F 502 -69.29 15.30 -31.03
C GLU F 502 -67.97 16.04 -31.19
N VAL F 503 -68.04 17.32 -31.54
CA VAL F 503 -66.83 18.14 -31.57
C VAL F 503 -66.50 18.65 -30.17
N ASP F 504 -65.22 18.86 -29.92
CA ASP F 504 -64.74 19.24 -28.60
C ASP F 504 -64.63 20.77 -28.49
N THR F 505 -64.44 21.24 -27.26
CA THR F 505 -64.54 22.66 -26.95
C THR F 505 -63.33 23.46 -27.41
N LEU F 506 -62.16 22.83 -27.52
CA LEU F 506 -60.97 23.56 -27.98
C LEU F 506 -61.14 24.01 -29.44
N ARG F 507 -61.74 23.16 -30.27
CA ARG F 507 -62.13 23.60 -31.61
C ARG F 507 -63.12 24.77 -31.55
N ARG F 508 -64.05 24.73 -30.60
CA ARG F 508 -64.99 25.83 -30.44
C ARG F 508 -64.27 27.14 -30.13
N VAL F 509 -63.30 27.11 -29.21
CA VAL F 509 -62.63 28.35 -28.82
C VAL F 509 -61.74 28.87 -29.95
N GLU F 510 -61.09 27.97 -30.69
CA GLU F 510 -60.29 28.45 -31.82
C GLU F 510 -61.19 29.01 -32.92
N LEU F 511 -62.36 28.41 -33.13
CA LEU F 511 -63.33 28.96 -34.07
C LEU F 511 -63.77 30.36 -33.64
N LEU F 512 -64.04 30.53 -32.35
CA LEU F 512 -64.42 31.84 -31.82
C LEU F 512 -63.30 32.86 -32.01
N ARG F 513 -62.05 32.43 -31.77
CA ARG F 513 -60.91 33.33 -31.95
C ARG F 513 -60.79 33.77 -33.40
N GLN F 514 -61.03 32.86 -34.35
CA GLN F 514 -61.00 33.25 -35.74
C GLN F 514 -62.18 34.14 -36.11
N LEU F 515 -63.34 33.93 -35.47
CA LEU F 515 -64.49 34.83 -35.70
C LEU F 515 -64.22 36.25 -35.22
N ARG F 516 -63.55 36.39 -34.08
CA ARG F 516 -63.40 37.71 -33.48
C ARG F 516 -62.58 38.67 -34.32
N LEU F 517 -61.82 38.17 -35.30
CA LEU F 517 -61.08 39.02 -36.22
C LEU F 517 -61.66 38.99 -37.63
N GLY F 518 -62.81 38.35 -37.83
CA GLY F 518 -63.42 38.31 -39.15
C GLY F 518 -62.61 37.57 -40.20
N ASP F 519 -62.10 36.39 -39.86
CA ASP F 519 -61.27 35.64 -40.80
C ASP F 519 -62.14 34.95 -41.86
N TYR F 520 -63.01 34.05 -41.45
CA TYR F 520 -63.91 33.35 -42.34
C TYR F 520 -65.36 33.80 -42.09
N ASP F 521 -66.27 33.30 -42.91
CA ASP F 521 -67.63 33.82 -42.96
C ASP F 521 -68.65 32.93 -42.27
N VAL F 522 -68.78 31.68 -42.68
CA VAL F 522 -69.96 30.89 -42.32
C VAL F 522 -69.55 29.61 -41.60
N LEU F 523 -70.36 29.26 -40.60
CA LEU F 523 -70.22 28.01 -39.84
C LEU F 523 -71.49 27.20 -40.01
N VAL F 524 -71.35 25.87 -39.95
CA VAL F 524 -72.48 24.95 -40.07
C VAL F 524 -72.54 24.08 -38.82
N GLY F 525 -73.72 23.99 -38.21
CA GLY F 525 -73.92 23.14 -37.06
C GLY F 525 -75.11 22.22 -37.28
N ILE F 526 -75.22 21.21 -36.42
CA ILE F 526 -76.26 20.20 -36.58
C ILE F 526 -77.16 20.11 -35.36
N ASN F 527 -76.61 19.67 -34.23
CA ASN F 527 -77.43 19.39 -33.04
C ASN F 527 -77.01 20.18 -31.82
N LEU F 528 -75.72 20.21 -31.50
CA LEU F 528 -75.24 20.81 -30.26
C LEU F 528 -75.09 22.32 -30.37
N LEU F 529 -75.72 22.95 -31.36
CA LEU F 529 -75.60 24.38 -31.57
C LEU F 529 -76.31 25.18 -30.48
N ARG F 530 -77.34 24.60 -29.85
CA ARG F 530 -78.21 25.35 -28.96
C ARG F 530 -77.52 25.83 -27.68
N GLU F 531 -76.36 25.27 -27.33
CA GLU F 531 -75.65 25.70 -26.13
C GLU F 531 -74.16 25.80 -26.44
N GLY F 532 -73.47 26.61 -25.62
CA GLY F 532 -72.03 26.77 -25.75
C GLY F 532 -71.57 27.63 -26.89
N LEU F 533 -72.46 28.42 -27.49
CA LEU F 533 -72.14 29.26 -28.65
C LEU F 533 -72.43 30.71 -28.28
N ASP F 534 -71.38 31.44 -27.89
CA ASP F 534 -71.49 32.87 -27.62
C ASP F 534 -70.94 33.63 -28.82
N LEU F 535 -71.84 34.22 -29.61
CA LEU F 535 -71.49 34.89 -30.86
C LEU F 535 -72.12 36.28 -30.86
N PRO F 536 -71.53 37.24 -30.16
CA PRO F 536 -72.11 38.59 -30.07
C PRO F 536 -71.94 39.44 -31.32
N GLU F 537 -71.56 38.85 -32.45
CA GLU F 537 -71.34 39.59 -33.68
C GLU F 537 -72.15 39.09 -34.87
N VAL F 538 -72.60 37.84 -34.84
CA VAL F 538 -73.28 37.26 -36.00
C VAL F 538 -74.61 37.98 -36.25
N SER F 539 -74.90 38.24 -37.51
CA SER F 539 -76.14 38.91 -37.91
C SER F 539 -77.17 37.98 -38.53
N LEU F 540 -76.75 37.09 -39.42
CA LEU F 540 -77.66 36.24 -40.17
C LEU F 540 -77.53 34.79 -39.74
N VAL F 541 -78.66 34.08 -39.74
CA VAL F 541 -78.72 32.66 -39.48
C VAL F 541 -79.63 32.02 -40.52
N ALA F 542 -79.42 30.71 -40.72
CA ALA F 542 -80.19 29.96 -41.71
C ALA F 542 -80.60 28.63 -41.09
N ILE F 543 -81.89 28.32 -41.15
CA ILE F 543 -82.44 27.08 -40.64
C ILE F 543 -83.09 26.34 -41.81
N LEU F 544 -82.54 25.17 -42.15
CA LEU F 544 -83.02 24.39 -43.28
C LEU F 544 -83.51 23.03 -42.81
N ASP F 545 -84.51 22.50 -43.51
CA ASP F 545 -85.09 21.18 -43.23
C ASP F 545 -85.63 21.06 -41.82
N ALA F 546 -86.16 22.14 -41.25
CA ALA F 546 -86.73 22.06 -39.91
C ALA F 546 -88.19 21.63 -39.92
N ASP F 547 -88.80 21.42 -41.10
CA ASP F 547 -90.17 20.97 -41.16
C ASP F 547 -90.35 19.56 -40.61
N LYS F 548 -89.27 18.81 -40.46
CA LYS F 548 -89.36 17.46 -39.92
C LYS F 548 -89.67 17.51 -38.41
N GLU F 549 -90.19 16.40 -37.91
CA GLU F 549 -90.61 16.31 -36.52
C GLU F 549 -89.37 16.10 -35.64
N GLY F 550 -89.13 17.05 -34.74
CA GLY F 550 -88.00 16.97 -33.83
C GLY F 550 -88.13 17.90 -32.65
N PHE F 551 -87.88 17.37 -31.44
CA PHE F 551 -87.99 18.20 -30.24
C PHE F 551 -86.90 19.26 -30.19
N LEU F 552 -85.69 18.93 -30.64
CA LEU F 552 -84.59 19.88 -30.69
C LEU F 552 -84.60 20.73 -31.95
N ARG F 553 -85.56 20.48 -32.86
CA ARG F 553 -85.76 21.34 -34.01
C ARG F 553 -87.10 22.10 -33.95
N SER F 554 -87.89 21.91 -32.89
CA SER F 554 -89.17 22.58 -32.74
C SER F 554 -88.98 24.00 -32.22
N SER F 555 -90.06 24.60 -31.72
CA SER F 555 -90.09 25.97 -31.22
C SER F 555 -88.90 26.33 -30.35
N ARG F 556 -88.40 25.38 -29.56
CA ARG F 556 -87.27 25.65 -28.65
C ARG F 556 -86.07 26.19 -29.42
N SER F 557 -85.64 25.46 -30.46
CA SER F 557 -84.51 25.91 -31.24
C SER F 557 -84.82 27.17 -32.03
N LEU F 558 -86.09 27.38 -32.39
CA LEU F 558 -86.47 28.60 -33.09
C LEU F 558 -86.26 29.82 -32.20
N ILE F 559 -86.75 29.78 -30.96
CA ILE F 559 -86.50 30.89 -30.04
C ILE F 559 -85.02 31.00 -29.72
N GLN F 560 -84.31 29.86 -29.64
CA GLN F 560 -82.88 29.90 -29.39
C GLN F 560 -82.15 30.66 -30.50
N THR F 561 -82.46 30.36 -31.76
CA THR F 561 -81.82 31.04 -32.87
C THR F 561 -82.26 32.50 -32.96
N ILE F 562 -83.51 32.80 -32.62
CA ILE F 562 -83.96 34.19 -32.60
C ILE F 562 -83.16 34.99 -31.58
N GLY F 563 -82.98 34.42 -30.37
CA GLY F 563 -82.16 35.09 -29.37
C GLY F 563 -80.71 35.20 -29.79
N ARG F 564 -80.20 34.20 -30.50
CA ARG F 564 -78.83 34.25 -31.00
C ARG F 564 -78.65 35.38 -31.99
N ALA F 565 -79.62 35.57 -32.88
CA ALA F 565 -79.54 36.64 -33.88
C ALA F 565 -79.91 38.00 -33.30
N ALA F 566 -80.57 38.05 -32.14
CA ALA F 566 -80.97 39.32 -31.55
C ALA F 566 -79.78 40.14 -31.05
N ARG F 567 -78.63 39.52 -30.84
CA ARG F 567 -77.48 40.26 -30.33
C ARG F 567 -76.97 41.28 -31.34
N ASN F 568 -77.14 41.00 -32.63
CA ASN F 568 -76.77 41.95 -33.67
C ASN F 568 -77.71 43.15 -33.65
N VAL F 569 -77.16 44.32 -33.99
CA VAL F 569 -77.96 45.54 -33.99
C VAL F 569 -79.04 45.47 -35.05
N SER F 570 -78.69 45.03 -36.26
CA SER F 570 -79.61 44.92 -37.38
C SER F 570 -79.56 43.52 -37.97
N GLY F 571 -79.63 42.52 -37.11
CA GLY F 571 -79.57 41.14 -37.55
C GLY F 571 -80.82 40.73 -38.32
N GLU F 572 -80.69 39.61 -39.03
CA GLU F 572 -81.80 39.05 -39.80
C GLU F 572 -81.80 37.53 -39.64
N VAL F 573 -83.00 36.95 -39.70
CA VAL F 573 -83.18 35.51 -39.58
C VAL F 573 -84.07 35.04 -40.73
N HIS F 574 -83.62 33.99 -41.40
CA HIS F 574 -84.28 33.47 -42.59
C HIS F 574 -84.66 32.01 -42.38
N MET F 575 -85.91 31.68 -42.69
CA MET F 575 -86.44 30.34 -42.59
C MET F 575 -86.72 29.74 -43.96
N TYR F 576 -86.41 28.46 -44.10
CA TYR F 576 -86.66 27.69 -45.33
C TYR F 576 -87.28 26.37 -44.92
N ALA F 577 -88.50 26.10 -45.39
CA ALA F 577 -89.17 24.85 -45.07
C ALA F 577 -90.26 24.58 -46.11
N ASP F 578 -90.37 23.32 -46.52
CA ASP F 578 -91.42 22.94 -47.45
C ASP F 578 -92.80 23.13 -46.84
N LYS F 579 -92.98 22.74 -45.59
CA LYS F 579 -94.23 22.90 -44.87
C LYS F 579 -93.97 23.57 -43.54
N ILE F 580 -94.98 24.30 -43.05
CA ILE F 580 -94.85 25.09 -41.83
C ILE F 580 -95.72 24.45 -40.76
N THR F 581 -95.10 24.09 -39.64
CA THR F 581 -95.82 23.62 -38.48
C THR F 581 -96.16 24.79 -37.55
N ASP F 582 -96.87 24.49 -36.46
CA ASP F 582 -97.33 25.54 -35.56
C ASP F 582 -96.17 26.28 -34.93
N SER F 583 -95.11 25.56 -34.55
CA SER F 583 -93.99 26.17 -33.85
C SER F 583 -93.35 27.27 -34.68
N MET F 584 -93.20 27.04 -35.99
CA MET F 584 -92.55 28.00 -36.86
C MET F 584 -93.24 29.36 -36.81
N ARG F 585 -94.49 29.46 -37.26
CA ARG F 585 -95.08 30.79 -37.36
C ARG F 585 -95.52 31.32 -36.00
N GLU F 586 -95.72 30.45 -34.99
CA GLU F 586 -95.92 31.00 -33.65
C GLU F 586 -94.67 31.71 -33.17
N ALA F 587 -93.48 31.12 -33.42
CA ALA F 587 -92.24 31.81 -33.11
C ALA F 587 -92.11 33.09 -33.91
N ILE F 588 -92.44 33.04 -35.21
CA ILE F 588 -92.28 34.21 -36.06
C ILE F 588 -93.12 35.37 -35.54
N ASP F 589 -94.41 35.14 -35.28
CA ASP F 589 -95.26 36.26 -34.92
C ASP F 589 -95.05 36.69 -33.47
N GLU F 590 -94.68 35.78 -32.55
CA GLU F 590 -94.34 36.22 -31.21
C GLU F 590 -93.08 37.09 -31.22
N THR F 591 -92.07 36.70 -32.01
CA THR F 591 -90.88 37.52 -32.14
C THR F 591 -91.21 38.87 -32.75
N GLU F 592 -92.06 38.89 -33.77
CA GLU F 592 -92.41 40.15 -34.41
C GLU F 592 -93.15 41.08 -33.46
N ARG F 593 -94.09 40.55 -32.66
CA ARG F 593 -94.81 41.42 -31.74
C ARG F 593 -93.93 41.90 -30.60
N ARG F 594 -93.04 41.05 -30.08
CA ARG F 594 -92.16 41.53 -29.02
C ARG F 594 -91.14 42.53 -29.54
N ARG F 595 -90.66 42.36 -30.78
CA ARG F 595 -89.83 43.37 -31.40
C ARG F 595 -90.58 44.69 -31.56
N ALA F 596 -91.85 44.62 -31.98
CA ALA F 596 -92.64 45.82 -32.17
C ALA F 596 -92.82 46.56 -30.85
N LYS F 597 -93.15 45.83 -29.77
CA LYS F 597 -93.33 46.49 -28.49
C LYS F 597 -92.01 47.04 -27.95
N GLN F 598 -90.91 46.32 -28.16
CA GLN F 598 -89.60 46.83 -27.75
C GLN F 598 -89.26 48.12 -28.47
N ILE F 599 -89.51 48.17 -29.79
CA ILE F 599 -89.24 49.38 -30.55
C ILE F 599 -90.14 50.51 -30.06
N ALA F 600 -91.41 50.24 -29.82
CA ALA F 600 -92.32 51.27 -29.35
C ALA F 600 -91.86 51.85 -28.02
N TYR F 601 -91.43 50.99 -27.09
CA TYR F 601 -90.91 51.48 -25.82
C TYR F 601 -89.62 52.26 -26.00
N ASN F 602 -88.77 51.83 -26.95
CA ASN F 602 -87.53 52.55 -27.21
C ASN F 602 -87.81 53.96 -27.71
N GLU F 603 -88.78 54.13 -28.61
CA GLU F 603 -89.15 55.48 -29.01
C GLU F 603 -89.86 56.23 -27.90
N ALA F 604 -90.56 55.51 -27.01
CA ALA F 604 -91.17 56.17 -25.86
C ALA F 604 -90.11 56.80 -24.96
N ASN F 605 -89.00 56.08 -24.72
CA ASN F 605 -87.89 56.65 -23.97
C ASN F 605 -86.98 57.53 -24.81
N GLY F 606 -87.14 57.52 -26.13
CA GLY F 606 -86.29 58.32 -27.00
C GLY F 606 -84.83 57.93 -26.95
N ILE F 607 -84.54 56.63 -26.91
CA ILE F 607 -83.17 56.13 -26.82
C ILE F 607 -82.94 55.14 -27.96
N ASP F 608 -81.89 55.37 -28.73
CA ASP F 608 -81.52 54.48 -29.81
C ASP F 608 -80.89 53.21 -29.26
N PRO F 609 -80.88 52.12 -30.06
CA PRO F 609 -80.24 50.89 -29.60
C PRO F 609 -78.77 51.11 -29.29
N GLN F 610 -78.30 50.45 -28.23
CA GLN F 610 -76.93 50.59 -27.74
C GLN F 610 -76.27 49.22 -27.68
N PRO F 611 -75.60 48.79 -28.76
CA PRO F 611 -74.90 47.50 -28.72
C PRO F 611 -73.81 47.44 -27.66
N LEU F 612 -73.12 48.55 -27.40
CA LEU F 612 -72.06 48.62 -26.41
C LEU F 612 -70.97 47.58 -26.67
ZN ZN G . 29.80 -19.17 -14.52
ZN ZN H . 8.77 17.21 19.03
ZN ZN I . -31.47 -1.29 20.42
ZN ZN J . -4.83 2.02 -25.71
#